data_7CM7
#
_entry.id   7CM7
#
_cell.length_a   1.00
_cell.length_b   1.00
_cell.length_c   1.00
_cell.angle_alpha   90.00
_cell.angle_beta   90.00
_cell.angle_gamma   90.00
#
_symmetry.space_group_name_H-M   'P 1'
#
loop_
_entity.id
_entity.type
_entity.pdbx_description
1 polymer 'NAD(+) hydrolase SARM1'
2 non-polymer NICOTINAMIDE-ADENINE-DINUCLEOTIDE
#
_entity_poly.entity_id   1
_entity_poly.type   'polypeptide(L)'
_entity_poly.pdbx_seq_one_letter_code
;MVLTLLLSAYKLCRFFAMSGPRPGAERLAVPGPDGGGGTGPWWAAGGRGPREVSPGAGTEVQDALERALPELQQALSALK
QAGGARAVGAGLAEVFQLVEEAWLLPAVGREVAQGLCDAIRLDGGLDLLLRLLQAPELETRVQAARLLEQILVAENRDRV
ARIGLGVILNLAKEREPVELARSVAGILEHMFKHSEETCQRLVAAGGLDAVLYWCRRTDPALLRHCALALGNCALHGGQA
VQRRMVEKRAAEWLFPLAFSKEDELLRLHACLAVAVLATNKEVEREVERSGTLALVEPLVASLDPGRFARCLVDASDTSQ
GRGPDDLQRLVPLLDSNRLEAQCIGAFYLCAEAAIKSLQGKTKVFSDIGAIQSLKRLVSYSTNGTKSALAKRALRLLGEE
VPRPILPSVPSWKEAEVQTWLQQIGFSKYCESFREQQVDGDLLLRLTEEELQTDLGMKSGITRKRFFRELTELKTFANYS
TCDRSNLADWLGSLDPRFRQYTYGLVSCGLDRSLLHRVSEQQLLEDCGIHLGVHRARILTAAREMLHSPLPCTGGKPSGD
TPDVFISYRRNSGSQLASLLKVHLQLHGFSVFIDVEKLEAGKFEDKLIQSVMGARNFVLVLSPGALDKCMQDHDCKDWVH
KAIVTALSCGKNIVPIIDGFEWPEPQVLPEDMQAVLTFNGIKWSHEYQEATIEKIIRFLQGRSSRDSSAGSDTSLEGAAP
MGPTSNSLEVLFQ
;
_entity_poly.pdbx_strand_id   A,B,C,D,E,F,G,H
#
# COMPACT_ATOMS: atom_id res chain seq x y z
N VAL A 61 50.04 39.00 50.52
CA VAL A 61 49.42 37.74 50.13
C VAL A 61 50.33 36.56 50.49
N GLN A 62 51.56 36.59 49.98
CA GLN A 62 52.53 35.53 50.22
C GLN A 62 53.37 35.77 51.47
N ASP A 63 53.10 36.84 52.23
CA ASP A 63 53.86 37.08 53.45
C ASP A 63 53.43 36.13 54.56
N ALA A 64 52.13 35.85 54.66
CA ALA A 64 51.63 34.93 55.67
C ALA A 64 52.09 33.50 55.40
N LEU A 65 52.28 33.15 54.13
CA LEU A 65 52.84 31.85 53.78
C LEU A 65 54.28 31.73 54.26
N GLU A 66 55.09 32.76 54.02
CA GLU A 66 56.47 32.75 54.48
C GLU A 66 56.60 32.87 55.99
N ARG A 67 55.57 33.39 56.68
CA ARG A 67 55.59 33.40 58.14
C ARG A 67 55.10 32.08 58.72
N ALA A 68 54.24 31.36 58.00
CA ALA A 68 53.60 30.18 58.57
C ALA A 68 54.24 28.85 58.14
N LEU A 69 55.04 28.84 57.07
CA LEU A 69 55.69 27.58 56.68
C LEU A 69 56.79 27.12 57.63
N PRO A 70 57.82 27.92 58.00
CA PRO A 70 58.88 27.35 58.86
C PRO A 70 58.43 27.09 60.29
N GLU A 71 57.41 27.79 60.78
CA GLU A 71 56.85 27.48 62.10
C GLU A 71 56.20 26.11 62.12
N LEU A 72 55.45 25.78 61.05
CA LEU A 72 54.89 24.44 60.95
C LEU A 72 55.95 23.39 60.64
N GLN A 73 57.05 23.77 59.98
CA GLN A 73 58.17 22.85 59.81
C GLN A 73 58.78 22.48 61.15
N GLN A 74 59.04 23.48 62.00
CA GLN A 74 59.57 23.22 63.34
C GLN A 74 58.57 22.45 64.20
N ALA A 75 57.28 22.75 64.08
CA ALA A 75 56.29 22.08 64.89
C ALA A 75 56.08 20.63 64.47
N LEU A 76 56.08 20.36 63.15
CA LEU A 76 55.96 18.98 62.71
C LEU A 76 57.23 18.19 62.94
N SER A 77 58.40 18.85 62.95
CA SER A 77 59.62 18.17 63.36
C SER A 77 59.60 17.84 64.84
N ALA A 78 59.00 18.71 65.67
CA ALA A 78 58.85 18.40 67.09
C ALA A 78 57.85 17.29 67.32
N LEU A 79 56.80 17.23 66.49
CA LEU A 79 55.83 16.13 66.61
C LEU A 79 56.43 14.81 66.12
N LYS A 80 57.29 14.87 65.10
CA LYS A 80 57.91 13.66 64.58
C LYS A 80 59.01 13.14 65.51
N GLN A 81 59.74 14.05 66.17
CA GLN A 81 60.85 13.67 67.04
C GLN A 81 60.39 13.25 68.44
N ALA A 82 59.58 14.07 69.10
CA ALA A 82 59.17 13.76 70.46
C ALA A 82 58.06 12.72 70.48
N GLY A 83 58.17 11.76 71.39
CA GLY A 83 57.17 10.73 71.55
C GLY A 83 56.72 10.56 72.98
N GLY A 84 56.64 11.66 73.73
CA GLY A 84 56.26 11.62 75.12
C GLY A 84 54.77 11.51 75.33
N ALA A 85 54.36 11.80 76.56
CA ALA A 85 52.96 11.68 76.94
C ALA A 85 52.23 13.03 77.01
N ARG A 86 52.96 14.13 77.24
CA ARG A 86 52.33 15.43 77.36
C ARG A 86 52.90 16.48 76.41
N ALA A 87 54.15 16.36 75.97
CA ALA A 87 54.70 17.32 75.03
C ALA A 87 54.15 17.13 73.63
N VAL A 88 53.71 15.91 73.30
CA VAL A 88 53.12 15.64 71.99
C VAL A 88 51.77 16.33 71.87
N GLY A 89 50.97 16.30 72.94
CA GLY A 89 49.71 17.03 72.94
C GLY A 89 49.91 18.54 72.92
N ALA A 90 51.00 19.02 73.53
CA ALA A 90 51.33 20.44 73.46
C ALA A 90 51.72 20.83 72.04
N GLY A 91 52.46 19.97 71.33
CA GLY A 91 52.77 20.25 69.94
C GLY A 91 51.54 20.21 69.05
N LEU A 92 50.61 19.29 69.32
CA LEU A 92 49.34 19.26 68.61
C LEU A 92 48.52 20.53 68.88
N ALA A 93 48.58 21.03 70.12
CA ALA A 93 47.90 22.29 70.45
C ALA A 93 48.54 23.48 69.75
N GLU A 94 49.87 23.47 69.60
CA GLU A 94 50.56 24.54 68.87
C GLU A 94 50.19 24.53 67.39
N VAL A 95 50.16 23.34 66.78
CA VAL A 95 49.77 23.23 65.36
C VAL A 95 48.31 23.62 65.17
N PHE A 96 47.44 23.23 66.11
CA PHE A 96 46.03 23.56 66.00
C PHE A 96 45.77 25.04 66.24
N GLN A 97 46.58 25.68 67.09
CA GLN A 97 46.48 27.12 67.28
C GLN A 97 46.97 27.87 66.05
N LEU A 98 48.01 27.36 65.37
CA LEU A 98 48.44 28.00 64.13
C LEU A 98 47.41 27.79 63.02
N VAL A 99 46.69 26.65 63.04
CA VAL A 99 45.61 26.42 62.11
C VAL A 99 44.44 27.39 62.37
N GLU A 100 44.13 27.63 63.66
CA GLU A 100 43.11 28.63 64.01
C GLU A 100 43.53 30.04 63.59
N GLU A 101 44.81 30.36 63.69
CA GLU A 101 45.29 31.64 63.20
C GLU A 101 45.28 31.70 61.67
N ALA A 102 45.40 30.55 61.01
CA ALA A 102 45.41 30.53 59.55
C ALA A 102 44.01 30.69 58.96
N TRP A 103 42.99 30.08 59.56
CA TRP A 103 41.65 30.17 58.96
C TRP A 103 40.98 31.51 59.23
N LEU A 104 41.46 32.28 60.21
CA LEU A 104 40.80 33.51 60.62
C LEU A 104 41.42 34.76 60.01
N LEU A 105 41.89 34.70 58.76
CA LEU A 105 42.38 35.88 58.07
C LEU A 105 41.34 36.35 57.07
N PRO A 106 40.97 37.63 57.07
CA PRO A 106 39.92 38.12 56.16
C PRO A 106 40.40 38.15 54.72
N ALA A 107 39.83 37.26 53.89
CA ALA A 107 40.05 37.15 52.44
C ALA A 107 41.51 36.89 52.07
N VAL A 108 42.30 36.34 52.99
CA VAL A 108 43.70 36.03 52.76
C VAL A 108 43.93 34.55 53.07
N GLY A 109 43.47 34.13 54.25
CA GLY A 109 43.78 32.84 54.84
C GLY A 109 43.15 31.63 54.19
N ARG A 110 42.36 31.79 53.12
CA ARG A 110 41.80 30.64 52.43
C ARG A 110 42.89 29.86 51.68
N GLU A 111 43.57 30.54 50.74
CA GLU A 111 44.67 29.92 50.02
C GLU A 111 45.86 29.66 50.93
N VAL A 112 46.02 30.47 51.98
CA VAL A 112 47.08 30.25 52.96
C VAL A 112 46.83 28.96 53.73
N ALA A 113 45.59 28.73 54.16
CA ALA A 113 45.25 27.50 54.88
C ALA A 113 45.30 26.29 53.96
N GLN A 114 44.93 26.45 52.69
CA GLN A 114 45.10 25.35 51.74
C GLN A 114 46.57 25.01 51.51
N GLY A 115 47.44 26.02 51.43
CA GLY A 115 48.86 25.77 51.30
C GLY A 115 49.47 25.13 52.53
N LEU A 116 48.98 25.51 53.72
CA LEU A 116 49.49 24.90 54.94
C LEU A 116 49.01 23.46 55.08
N CYS A 117 47.78 23.17 54.62
CA CYS A 117 47.33 21.78 54.59
C CYS A 117 48.12 20.96 53.58
N ASP A 118 48.51 21.57 52.45
CA ASP A 118 49.39 20.90 51.50
C ASP A 118 50.77 20.64 52.10
N ALA A 119 51.26 21.58 52.93
CA ALA A 119 52.56 21.40 53.58
C ALA A 119 52.50 20.32 54.66
N ILE A 120 51.36 20.21 55.35
CA ILE A 120 51.18 19.12 56.31
C ILE A 120 51.09 17.78 55.60
N ARG A 121 50.43 17.74 54.44
CA ARG A 121 50.28 16.48 53.70
C ARG A 121 51.59 16.02 53.09
N LEU A 122 52.34 16.93 52.47
CA LEU A 122 53.60 16.57 51.82
C LEU A 122 54.71 16.25 52.80
N ASP A 123 54.60 16.70 54.06
CA ASP A 123 55.59 16.34 55.07
C ASP A 123 55.37 14.92 55.58
N GLY A 124 54.16 14.40 55.48
CA GLY A 124 53.82 13.12 56.05
C GLY A 124 53.13 13.19 57.40
N GLY A 125 52.64 14.38 57.78
CA GLY A 125 51.99 14.54 59.07
C GLY A 125 50.59 13.95 59.15
N LEU A 126 49.97 13.66 58.00
CA LEU A 126 48.65 13.04 58.02
C LEU A 126 48.74 11.60 58.49
N ASP A 127 49.77 10.87 58.03
CA ASP A 127 50.03 9.54 58.58
C ASP A 127 50.42 9.58 60.05
N LEU A 128 51.08 10.67 60.47
CA LEU A 128 51.38 10.85 61.88
C LEU A 128 50.10 11.03 62.70
N LEU A 129 49.14 11.80 62.16
CA LEU A 129 47.86 11.95 62.86
C LEU A 129 47.06 10.65 62.85
N LEU A 130 47.14 9.87 61.76
CA LEU A 130 46.51 8.56 61.75
C LEU A 130 47.15 7.58 62.72
N ARG A 131 48.45 7.75 63.01
CA ARG A 131 49.08 6.94 64.05
C ARG A 131 48.65 7.39 65.44
N LEU A 132 48.56 8.72 65.65
CA LEU A 132 48.16 9.24 66.96
C LEU A 132 46.67 9.05 67.25
N LEU A 133 45.84 8.81 66.24
CA LEU A 133 44.45 8.44 66.49
C LEU A 133 44.33 7.03 67.06
N GLN A 134 45.32 6.17 66.88
CA GLN A 134 45.35 4.86 67.50
C GLN A 134 46.15 4.81 68.78
N ALA A 135 46.42 5.97 69.39
CA ALA A 135 47.15 6.01 70.65
C ALA A 135 46.22 5.61 71.79
N PRO A 136 46.74 4.89 72.79
CA PRO A 136 45.89 4.48 73.92
C PRO A 136 45.55 5.62 74.88
N GLU A 137 46.29 6.73 74.83
CA GLU A 137 45.98 7.86 75.68
C GLU A 137 44.80 8.64 75.12
N LEU A 138 44.03 9.28 76.00
CA LEU A 138 42.81 9.96 75.56
C LEU A 138 43.10 11.40 75.12
N GLU A 139 44.02 12.07 75.80
CA GLU A 139 44.27 13.49 75.56
C GLU A 139 44.93 13.74 74.20
N THR A 140 45.99 12.98 73.89
CA THR A 140 46.60 13.09 72.57
C THR A 140 45.66 12.61 71.48
N ARG A 141 44.73 11.72 71.81
CA ARG A 141 43.72 11.29 70.85
C ARG A 141 42.74 12.41 70.53
N VAL A 142 42.28 13.15 71.55
CA VAL A 142 41.32 14.21 71.26
C VAL A 142 42.01 15.42 70.60
N GLN A 143 43.28 15.71 70.94
CA GLN A 143 43.94 16.77 70.20
C GLN A 143 44.29 16.37 68.77
N ALA A 144 44.63 15.10 68.53
CA ALA A 144 44.88 14.65 67.17
C ALA A 144 43.60 14.65 66.33
N ALA A 145 42.47 14.31 66.97
CA ALA A 145 41.18 14.35 66.27
C ALA A 145 40.77 15.78 65.95
N ARG A 146 40.95 16.71 66.90
CA ARG A 146 40.58 18.10 66.63
C ARG A 146 41.54 18.77 65.65
N LEU A 147 42.77 18.27 65.55
CA LEU A 147 43.68 18.77 64.51
C LEU A 147 43.32 18.19 63.15
N LEU A 148 42.90 16.92 63.11
CA LEU A 148 42.52 16.31 61.83
C LEU A 148 41.19 16.85 61.32
N GLU A 149 40.37 17.39 62.22
CA GLU A 149 39.07 17.93 61.83
C GLU A 149 39.19 19.15 60.91
N GLN A 150 40.15 20.04 61.19
CA GLN A 150 40.22 21.33 60.52
C GLN A 150 41.11 21.33 59.29
N ILE A 151 41.59 20.18 58.82
CA ILE A 151 42.50 20.11 57.70
C ILE A 151 41.98 19.23 56.57
N LEU A 152 40.68 18.90 56.57
CA LEU A 152 40.12 17.98 55.58
C LEU A 152 39.73 18.76 54.32
N VAL A 153 40.74 19.06 53.50
CA VAL A 153 40.53 19.70 52.21
C VAL A 153 40.52 18.62 51.14
N ALA A 154 40.15 19.01 49.90
CA ALA A 154 39.89 18.04 48.84
C ALA A 154 41.10 17.22 48.44
N GLU A 155 42.31 17.73 48.70
CA GLU A 155 43.49 16.92 48.46
C GLU A 155 43.81 16.02 49.65
N ASN A 156 43.47 16.43 50.88
CA ASN A 156 43.65 15.56 52.03
C ASN A 156 42.61 14.45 52.09
N ARG A 157 41.40 14.72 51.58
CA ARG A 157 40.32 13.74 51.66
C ARG A 157 40.60 12.52 50.80
N ASP A 158 41.37 12.69 49.72
CA ASP A 158 41.79 11.54 48.93
C ASP A 158 42.73 10.63 49.72
N ARG A 159 43.65 11.23 50.47
CA ARG A 159 44.58 10.45 51.30
C ARG A 159 43.86 9.75 52.45
N VAL A 160 42.85 10.42 53.04
CA VAL A 160 42.09 9.80 54.12
C VAL A 160 41.19 8.70 53.56
N ALA A 161 40.68 8.86 52.34
CA ALA A 161 39.93 7.78 51.70
C ALA A 161 40.83 6.61 51.32
N ARG A 162 42.11 6.88 51.04
CA ARG A 162 43.04 5.79 50.77
C ARG A 162 43.38 5.00 52.04
N ILE A 163 43.83 5.69 53.09
CA ILE A 163 44.35 5.02 54.28
C ILE A 163 43.44 5.23 55.49
N GLY A 164 43.07 6.48 55.78
CA GLY A 164 42.40 6.86 57.01
C GLY A 164 41.03 6.27 57.27
N LEU A 165 40.39 5.63 56.29
CA LEU A 165 39.15 4.92 56.55
C LEU A 165 39.44 3.63 57.30
N GLY A 166 38.71 3.43 58.40
CA GLY A 166 38.96 2.31 59.29
C GLY A 166 39.58 2.69 60.61
N VAL A 167 40.29 3.81 60.68
CA VAL A 167 40.86 4.32 61.93
C VAL A 167 39.85 5.27 62.55
N ILE A 168 39.29 6.16 61.72
CA ILE A 168 38.22 7.04 62.16
C ILE A 168 36.95 6.25 62.43
N LEU A 169 36.73 5.21 61.62
CA LEU A 169 35.64 4.25 61.83
C LEU A 169 35.78 3.49 63.15
N ASN A 170 37.01 3.27 63.62
CA ASN A 170 37.23 2.69 64.94
C ASN A 170 36.88 3.68 66.04
N LEU A 171 37.08 4.99 65.78
CA LEU A 171 36.66 6.00 66.75
C LEU A 171 35.15 6.22 66.72
N ALA A 172 34.49 5.81 65.64
CA ALA A 172 33.04 5.92 65.57
C ALA A 172 32.33 4.98 66.53
N LYS A 173 33.01 3.94 67.02
CA LYS A 173 32.40 3.05 68.01
C LYS A 173 32.49 3.60 69.42
N GLU A 174 33.56 4.32 69.76
CA GLU A 174 33.70 4.93 71.08
C GLU A 174 32.90 6.23 71.06
N ARG A 175 31.79 6.25 71.79
CA ARG A 175 30.77 7.28 71.65
C ARG A 175 30.48 8.04 72.93
N GLU A 176 30.87 7.51 74.08
CA GLU A 176 30.50 8.10 75.38
C GLU A 176 31.17 9.44 75.72
N PRO A 177 32.48 9.67 75.52
CA PRO A 177 33.01 11.01 75.82
C PRO A 177 32.60 12.03 74.75
N VAL A 178 32.38 13.28 75.19
CA VAL A 178 31.90 14.32 74.30
C VAL A 178 33.06 14.91 73.50
N GLU A 179 34.25 15.00 74.09
CA GLU A 179 35.40 15.63 73.44
C GLU A 179 35.92 14.84 72.25
N LEU A 180 35.74 13.52 72.24
CA LEU A 180 35.99 12.76 71.01
C LEU A 180 34.89 13.02 69.99
N ALA A 181 33.63 12.92 70.44
CA ALA A 181 32.49 12.87 69.53
C ALA A 181 32.28 14.19 68.78
N ARG A 182 32.56 15.32 69.43
CA ARG A 182 32.39 16.63 68.82
C ARG A 182 33.29 16.82 67.62
N SER A 183 34.49 16.23 67.65
CA SER A 183 35.41 16.30 66.53
C SER A 183 35.23 15.16 65.53
N VAL A 184 34.91 13.95 65.99
CA VAL A 184 34.75 12.82 65.07
C VAL A 184 33.49 13.00 64.23
N ALA A 185 32.47 13.68 64.77
CA ALA A 185 31.30 14.05 63.97
C ALA A 185 31.67 15.00 62.84
N GLY A 186 32.56 15.96 63.09
CA GLY A 186 32.99 16.86 62.03
C GLY A 186 33.92 16.19 61.02
N ILE A 187 34.74 15.24 61.48
CA ILE A 187 35.59 14.49 60.58
C ILE A 187 34.75 13.64 59.63
N LEU A 188 33.72 12.97 60.16
CA LEU A 188 32.83 12.19 59.31
C LEU A 188 31.98 13.10 58.42
N GLU A 189 31.59 14.27 58.94
CA GLU A 189 30.92 15.31 58.16
C GLU A 189 31.69 15.69 56.91
N HIS A 190 32.97 16.00 57.07
CA HIS A 190 33.76 16.40 55.91
C HIS A 190 34.13 15.19 55.05
N MET A 191 34.18 13.98 55.63
CA MET A 191 34.46 12.80 54.83
C MET A 191 33.25 12.27 54.06
N PHE A 192 32.04 12.75 54.36
CA PHE A 192 30.93 12.40 53.47
C PHE A 192 30.96 13.16 52.14
N LYS A 193 31.82 14.17 51.99
CA LYS A 193 31.87 14.99 50.80
C LYS A 193 32.87 14.49 49.75
N HIS A 194 33.48 13.32 49.96
CA HIS A 194 34.52 12.86 49.05
C HIS A 194 33.94 12.26 47.77
N SER A 195 33.23 11.14 47.91
CA SER A 195 32.69 10.42 46.75
C SER A 195 31.58 9.49 47.22
N GLU A 196 31.01 8.75 46.28
CA GLU A 196 29.96 7.80 46.62
C GLU A 196 30.52 6.54 47.26
N GLU A 197 31.77 6.18 46.92
CA GLU A 197 32.39 4.98 47.49
C GLU A 197 32.66 5.16 48.98
N THR A 198 33.15 6.34 49.38
CA THR A 198 33.35 6.64 50.79
C THR A 198 32.04 6.70 51.56
N CYS A 199 30.97 7.19 50.91
CA CYS A 199 29.66 7.18 51.55
C CYS A 199 29.14 5.76 51.75
N GLN A 200 29.37 4.87 50.76
CA GLN A 200 28.98 3.47 50.92
C GLN A 200 29.79 2.79 52.01
N ARG A 201 31.08 3.09 52.09
CA ARG A 201 31.93 2.46 53.11
C ARG A 201 31.62 2.99 54.51
N LEU A 202 31.14 4.22 54.61
CA LEU A 202 30.77 4.74 55.93
C LEU A 202 29.37 4.30 56.34
N VAL A 203 28.41 4.26 55.42
CA VAL A 203 27.04 3.88 55.77
C VAL A 203 26.91 2.37 55.97
N ALA A 204 27.59 1.56 55.15
CA ALA A 204 27.52 0.11 55.31
C ALA A 204 28.23 -0.35 56.58
N ALA A 205 29.25 0.38 57.02
CA ALA A 205 29.90 0.11 58.28
C ALA A 205 29.25 0.98 59.36
N GLY A 206 29.87 1.07 60.54
CA GLY A 206 29.31 1.82 61.64
C GLY A 206 29.65 3.29 61.67
N GLY A 207 29.54 3.96 60.52
CA GLY A 207 29.78 5.40 60.46
C GLY A 207 28.49 6.19 60.50
N LEU A 208 27.43 5.63 59.91
CA LEU A 208 26.11 6.25 59.98
C LEU A 208 25.48 6.08 61.35
N ASP A 209 25.71 4.93 61.99
CA ASP A 209 25.16 4.66 63.31
C ASP A 209 25.74 5.59 64.37
N ALA A 210 27.00 6.02 64.20
CA ALA A 210 27.59 6.98 65.12
C ALA A 210 26.89 8.33 65.06
N VAL A 211 26.58 8.80 63.84
CA VAL A 211 25.86 10.07 63.68
C VAL A 211 24.43 9.94 64.19
N LEU A 212 23.76 8.82 63.89
CA LEU A 212 22.39 8.63 64.33
C LEU A 212 22.30 8.40 65.84
N TYR A 213 23.38 7.99 66.50
CA TYR A 213 23.37 7.91 67.95
C TYR A 213 23.75 9.26 68.57
N TRP A 214 24.64 10.02 67.91
CA TRP A 214 25.05 11.32 68.40
C TRP A 214 23.99 12.40 68.18
N CYS A 215 22.97 12.13 67.37
CA CYS A 215 21.83 13.04 67.29
C CYS A 215 21.03 13.13 68.60
N ARG A 216 21.22 12.19 69.53
CA ARG A 216 20.53 12.21 70.82
C ARG A 216 21.09 13.26 71.77
N ARG A 217 22.27 13.81 71.48
CA ARG A 217 22.95 14.68 72.43
C ARG A 217 22.33 16.08 72.44
N THR A 218 22.80 16.91 73.36
CA THR A 218 22.34 18.28 73.51
C THR A 218 23.44 19.31 73.24
N ASP A 219 24.57 18.88 72.71
CA ASP A 219 25.67 19.78 72.39
C ASP A 219 25.30 20.63 71.18
N PRO A 220 25.27 21.97 71.30
CA PRO A 220 24.82 22.80 70.17
C PRO A 220 25.79 22.90 69.01
N ALA A 221 26.97 22.29 69.07
CA ALA A 221 27.88 22.22 67.93
C ALA A 221 27.97 20.81 67.35
N LEU A 222 27.89 19.79 68.21
CA LEU A 222 27.91 18.41 67.75
C LEU A 222 26.67 18.09 66.92
N LEU A 223 25.53 18.67 67.28
CA LEU A 223 24.31 18.50 66.48
C LEU A 223 24.41 19.24 65.14
N ARG A 224 25.13 20.36 65.10
CA ARG A 224 25.43 21.02 63.83
C ARG A 224 26.29 20.14 62.94
N HIS A 225 27.32 19.52 63.52
CA HIS A 225 28.17 18.60 62.77
C HIS A 225 27.39 17.39 62.28
N CYS A 226 26.46 16.87 63.08
CA CYS A 226 25.65 15.73 62.66
C CYS A 226 24.66 16.12 61.56
N ALA A 227 24.08 17.32 61.66
CA ALA A 227 23.16 17.79 60.63
C ALA A 227 23.88 18.00 59.30
N LEU A 228 25.07 18.61 59.35
CA LEU A 228 25.86 18.78 58.13
C LEU A 228 26.39 17.44 57.60
N ALA A 229 26.66 16.49 58.50
CA ALA A 229 27.08 15.15 58.08
C ALA A 229 25.98 14.43 57.32
N LEU A 230 24.75 14.46 57.86
CA LEU A 230 23.63 13.81 57.17
C LEU A 230 23.25 14.55 55.89
N GLY A 231 23.40 15.88 55.87
CA GLY A 231 23.15 16.62 54.64
C GLY A 231 24.16 16.32 53.55
N ASN A 232 25.44 16.24 53.90
CA ASN A 232 26.48 15.93 52.92
C ASN A 232 26.39 14.47 52.48
N CYS A 233 25.97 13.58 53.38
CA CYS A 233 25.78 12.18 53.01
C CYS A 233 24.57 12.00 52.11
N ALA A 234 23.53 12.83 52.28
CA ALA A 234 22.41 12.79 51.37
C ALA A 234 22.74 13.43 50.02
N LEU A 235 23.61 14.43 50.01
CA LEU A 235 24.01 15.06 48.75
C LEU A 235 24.96 14.20 47.94
N HIS A 236 25.94 13.55 48.58
CA HIS A 236 27.00 12.85 47.86
C HIS A 236 26.92 11.34 48.00
N GLY A 237 25.82 10.78 48.50
CA GLY A 237 25.77 9.35 48.72
C GLY A 237 25.30 8.53 47.53
N GLY A 238 24.10 8.79 47.03
CA GLY A 238 23.55 7.99 45.96
C GLY A 238 22.32 7.21 46.39
N GLN A 239 21.90 6.32 45.48
CA GLN A 239 20.63 5.59 45.65
C GLN A 239 20.69 4.60 46.81
N ALA A 240 21.70 3.73 46.80
CA ALA A 240 21.82 2.71 47.86
C ALA A 240 22.14 3.36 49.20
N VAL A 241 22.85 4.49 49.19
CA VAL A 241 23.16 5.19 50.43
C VAL A 241 21.90 5.82 51.00
N GLN A 242 21.05 6.41 50.16
CA GLN A 242 19.77 6.95 50.63
C GLN A 242 18.84 5.85 51.11
N ARG A 243 18.88 4.68 50.46
CA ARG A 243 18.05 3.56 50.93
C ARG A 243 18.52 3.05 52.28
N ARG A 244 19.84 2.93 52.48
CA ARG A 244 20.34 2.43 53.75
C ARG A 244 20.24 3.49 54.85
N MET A 245 20.13 4.76 54.49
CA MET A 245 19.82 5.77 55.50
C MET A 245 18.34 5.75 55.90
N VAL A 246 17.44 5.79 54.94
CA VAL A 246 16.02 5.97 55.25
C VAL A 246 15.37 4.67 55.73
N GLU A 247 15.82 3.50 55.24
CA GLU A 247 15.36 2.24 55.81
C GLU A 247 15.85 2.03 57.23
N LYS A 248 16.97 2.66 57.60
CA LYS A 248 17.41 2.74 58.98
C LYS A 248 16.93 4.00 59.68
N ARG A 249 15.98 4.72 59.05
CA ARG A 249 15.24 5.84 59.64
C ARG A 249 16.15 7.01 60.02
N ALA A 250 16.97 7.47 59.06
CA ALA A 250 17.83 8.61 59.30
C ALA A 250 17.05 9.92 59.27
N ALA A 251 15.88 9.94 58.65
CA ALA A 251 15.09 11.17 58.61
C ALA A 251 14.39 11.43 59.94
N GLU A 252 14.14 10.37 60.72
CA GLU A 252 13.44 10.55 61.99
C GLU A 252 14.35 11.13 63.07
N TRP A 253 15.67 10.88 62.99
CA TRP A 253 16.58 11.46 63.96
C TRP A 253 16.85 12.94 63.73
N LEU A 254 16.47 13.47 62.57
CA LEU A 254 16.56 14.89 62.27
C LEU A 254 15.42 15.70 62.87
N PHE A 255 14.44 15.05 63.49
CA PHE A 255 13.30 15.77 64.06
C PHE A 255 13.66 16.61 65.29
N PRO A 256 14.48 16.16 66.26
CA PRO A 256 14.96 17.12 67.27
C PRO A 256 15.95 18.12 66.71
N LEU A 257 16.58 17.83 65.58
CA LEU A 257 17.50 18.76 64.95
C LEU A 257 16.77 19.79 64.08
N ALA A 258 15.52 19.52 63.72
CA ALA A 258 14.74 20.49 62.96
C ALA A 258 13.83 21.34 63.85
N PHE A 259 13.75 21.04 65.15
CA PHE A 259 12.81 21.74 66.02
C PHE A 259 13.51 22.53 67.13
N SER A 260 14.79 22.27 67.37
CA SER A 260 15.50 22.85 68.50
C SER A 260 15.67 24.36 68.35
N LYS A 261 15.05 25.12 69.26
CA LYS A 261 14.99 26.58 69.20
C LYS A 261 16.23 27.26 69.75
N GLU A 262 17.32 26.51 70.00
CA GLU A 262 18.56 27.09 70.49
C GLU A 262 19.46 27.60 69.38
N ASP A 263 19.45 26.95 68.22
CA ASP A 263 20.25 27.36 67.07
C ASP A 263 19.36 27.47 65.84
N GLU A 264 19.67 28.45 64.99
CA GLU A 264 18.89 28.67 63.78
C GLU A 264 19.55 28.05 62.55
N LEU A 265 20.88 27.96 62.52
CA LEU A 265 21.56 27.28 61.42
C LEU A 265 21.30 25.77 61.46
N LEU A 266 21.16 25.22 62.67
CA LEU A 266 21.03 23.77 62.87
C LEU A 266 19.73 23.25 62.29
N ARG A 267 18.62 23.96 62.52
CA ARG A 267 17.34 23.58 61.94
C ARG A 267 17.35 23.73 60.43
N LEU A 268 18.07 24.74 59.91
CA LEU A 268 18.15 24.92 58.47
C LEU A 268 18.93 23.79 57.79
N HIS A 269 20.03 23.34 58.39
CA HIS A 269 20.77 22.24 57.78
C HIS A 269 20.04 20.91 57.97
N ALA A 270 19.29 20.76 59.06
CA ALA A 270 18.44 19.59 59.23
C ALA A 270 17.33 19.53 58.18
N CYS A 271 16.67 20.66 57.91
CA CYS A 271 15.65 20.71 56.86
C CYS A 271 16.26 20.57 55.47
N LEU A 272 17.52 21.00 55.29
CA LEU A 272 18.23 20.72 54.04
C LEU A 272 18.42 19.23 53.83
N ALA A 273 18.85 18.51 54.88
CA ALA A 273 19.02 17.07 54.77
C ALA A 273 17.68 16.36 54.53
N VAL A 274 16.62 16.84 55.19
CA VAL A 274 15.28 16.30 54.99
C VAL A 274 14.81 16.52 53.54
N ALA A 275 15.08 17.71 52.99
CA ALA A 275 14.66 18.01 51.62
C ALA A 275 15.44 17.20 50.59
N VAL A 276 16.74 17.02 50.81
CA VAL A 276 17.55 16.25 49.86
C VAL A 276 17.18 14.77 49.92
N LEU A 277 16.83 14.27 51.11
CA LEU A 277 16.26 12.92 51.19
C LEU A 277 14.87 12.86 50.57
N ALA A 278 14.13 13.96 50.58
CA ALA A 278 12.78 14.00 50.01
C ALA A 278 12.77 14.27 48.51
N THR A 279 13.92 14.50 47.88
CA THR A 279 13.96 14.61 46.43
C THR A 279 13.94 13.26 45.71
N ASN A 280 14.00 12.15 46.44
CA ASN A 280 13.99 10.82 45.84
C ASN A 280 12.57 10.27 45.89
N LYS A 281 12.06 9.82 44.73
CA LYS A 281 10.65 9.46 44.61
C LYS A 281 10.31 8.16 45.31
N GLU A 282 11.29 7.28 45.50
CA GLU A 282 11.10 6.03 46.24
C GLU A 282 11.21 6.20 47.75
N VAL A 283 11.36 7.43 48.22
CA VAL A 283 11.68 7.73 49.61
C VAL A 283 10.61 8.59 50.29
N GLU A 284 9.84 9.36 49.50
CA GLU A 284 9.00 10.45 50.02
C GLU A 284 7.90 9.97 50.96
N ARG A 285 7.47 8.71 50.82
CA ARG A 285 6.40 8.19 51.67
C ARG A 285 6.85 8.04 53.12
N GLU A 286 8.04 7.47 53.33
CA GLU A 286 8.55 7.32 54.69
C GLU A 286 8.99 8.67 55.27
N VAL A 287 9.33 9.64 54.43
CA VAL A 287 9.66 10.97 54.91
C VAL A 287 8.40 11.71 55.36
N GLU A 288 7.29 11.54 54.62
CA GLU A 288 6.01 12.10 55.06
C GLU A 288 5.49 11.40 56.30
N ARG A 289 5.78 10.09 56.43
CA ARG A 289 5.42 9.40 57.66
C ARG A 289 6.34 9.76 58.82
N SER A 290 7.53 10.30 58.54
CA SER A 290 8.43 10.74 59.60
C SER A 290 7.91 12.01 60.27
N GLY A 291 7.31 12.91 59.49
CA GLY A 291 6.76 14.13 60.02
C GLY A 291 7.70 15.32 60.05
N THR A 292 8.89 15.20 59.46
CA THR A 292 9.85 16.29 59.46
C THR A 292 9.64 17.30 58.34
N LEU A 293 8.76 16.99 57.38
CA LEU A 293 8.45 17.95 56.32
C LEU A 293 7.50 19.04 56.79
N ALA A 294 6.80 18.83 57.90
CA ALA A 294 5.87 19.85 58.40
C ALA A 294 6.60 21.02 59.07
N LEU A 295 7.84 20.83 59.51
CA LEU A 295 8.61 21.89 60.15
C LEU A 295 9.49 22.67 59.19
N VAL A 296 9.45 22.35 57.90
CA VAL A 296 10.33 23.01 56.94
C VAL A 296 9.80 24.37 56.55
N GLU A 297 8.55 24.43 56.06
CA GLU A 297 7.94 25.64 55.52
C GLU A 297 7.71 26.75 56.56
N PRO A 298 7.26 26.50 57.81
CA PRO A 298 7.25 27.62 58.77
C PRO A 298 8.64 28.10 59.16
N LEU A 299 9.65 27.23 59.12
CA LEU A 299 11.02 27.65 59.40
C LEU A 299 11.54 28.58 58.32
N VAL A 300 11.30 28.22 57.05
CA VAL A 300 11.73 29.06 55.93
C VAL A 300 10.93 30.35 55.88
N ALA A 301 9.64 30.30 56.23
CA ALA A 301 8.81 31.50 56.22
C ALA A 301 9.14 32.42 57.39
N SER A 302 9.65 31.86 58.49
CA SER A 302 9.91 32.67 59.68
C SER A 302 11.30 33.30 59.69
N LEU A 303 12.16 32.97 58.74
CA LEU A 303 13.53 33.48 58.72
C LEU A 303 13.74 34.39 57.51
N ASP A 304 14.85 35.13 57.56
CA ASP A 304 15.21 36.07 56.50
C ASP A 304 16.56 35.68 55.91
N PRO A 305 16.69 35.61 54.58
CA PRO A 305 17.96 35.15 53.99
C PRO A 305 19.11 36.16 54.11
N GLY A 306 18.82 37.44 54.34
CA GLY A 306 19.88 38.42 54.45
C GLY A 306 20.72 38.26 55.69
N ARG A 307 20.09 37.92 56.83
CA ARG A 307 20.83 37.72 58.07
C ARG A 307 21.71 36.47 57.99
N PHE A 308 21.21 35.40 57.39
CA PHE A 308 21.98 34.19 57.21
C PHE A 308 23.01 34.31 56.07
N ALA A 309 22.86 35.30 55.20
CA ALA A 309 23.91 35.61 54.24
C ALA A 309 25.01 36.46 54.85
N ARG A 310 24.65 37.35 55.79
CA ARG A 310 25.67 38.10 56.52
C ARG A 310 26.37 37.22 57.55
N CYS A 311 25.71 36.17 58.03
CA CYS A 311 26.31 35.30 59.03
C CYS A 311 27.35 34.38 58.42
N LEU A 312 27.02 33.75 57.30
CA LEU A 312 27.96 32.86 56.62
C LEU A 312 29.04 33.67 55.89
N GLN A 320 31.75 31.88 53.66
CA GLN A 320 31.71 32.93 52.65
C GLN A 320 31.15 32.39 51.35
N GLY A 321 30.10 31.59 51.44
CA GLY A 321 29.46 30.99 50.28
C GLY A 321 29.98 29.61 49.97
N ARG A 322 29.50 29.07 48.86
CA ARG A 322 29.90 27.75 48.40
C ARG A 322 30.31 27.83 46.94
N GLY A 323 31.13 26.87 46.51
CA GLY A 323 31.67 26.86 45.18
C GLY A 323 30.65 26.39 44.16
N PRO A 324 31.06 26.43 42.88
CA PRO A 324 30.15 26.00 41.80
C PRO A 324 29.82 24.52 41.81
N ASP A 325 30.66 23.68 42.44
CA ASP A 325 30.33 22.26 42.54
C ASP A 325 29.17 22.05 43.51
N ASP A 326 29.14 22.81 44.61
CA ASP A 326 28.07 22.67 45.59
C ASP A 326 26.83 23.46 45.16
N LEU A 327 27.00 24.48 44.30
CA LEU A 327 25.84 25.18 43.75
C LEU A 327 25.04 24.31 42.78
N GLN A 328 25.67 23.30 42.18
CA GLN A 328 24.94 22.37 41.33
C GLN A 328 24.08 21.39 42.12
N ARG A 329 24.28 21.31 43.44
CA ARG A 329 23.45 20.45 44.27
C ARG A 329 22.15 21.13 44.68
N LEU A 330 22.10 22.46 44.65
CA LEU A 330 20.90 23.19 45.04
C LEU A 330 19.91 23.37 43.90
N VAL A 331 20.34 23.15 42.66
CA VAL A 331 19.50 23.32 41.47
C VAL A 331 18.43 22.22 41.32
N PRO A 332 18.71 20.90 41.47
CA PRO A 332 17.60 19.94 41.37
C PRO A 332 16.67 19.91 42.57
N LEU A 333 16.94 20.71 43.61
CA LEU A 333 15.95 20.90 44.68
C LEU A 333 14.72 21.65 44.18
N LEU A 334 14.87 22.47 43.13
CA LEU A 334 13.76 23.27 42.65
C LEU A 334 12.95 22.53 41.60
N ASP A 335 13.57 21.64 40.85
CA ASP A 335 12.92 20.89 39.78
C ASP A 335 12.51 19.49 40.21
N SER A 336 12.30 19.26 41.50
CA SER A 336 11.86 17.97 42.01
C SER A 336 10.46 18.02 42.59
N ASN A 337 9.63 18.98 42.16
CA ASN A 337 8.19 19.18 42.39
C ASN A 337 7.69 18.91 43.81
N ARG A 338 8.54 19.15 44.81
CA ARG A 338 8.13 19.09 46.20
C ARG A 338 8.22 20.50 46.79
N LEU A 339 7.24 20.86 47.62
CA LEU A 339 7.14 22.23 48.12
C LEU A 339 8.28 22.57 49.08
N GLU A 340 8.61 21.64 49.98
CA GLU A 340 9.64 21.91 51.00
C GLU A 340 11.02 21.99 50.37
N ALA A 341 11.31 21.13 49.39
CA ALA A 341 12.60 21.17 48.70
C ALA A 341 12.75 22.44 47.89
N GLN A 342 11.66 22.92 47.27
CA GLN A 342 11.70 24.18 46.54
C GLN A 342 11.88 25.36 47.47
N CYS A 343 11.28 25.30 48.67
CA CYS A 343 11.48 26.38 49.64
C CYS A 343 12.92 26.42 50.15
N ILE A 344 13.50 25.25 50.45
CA ILE A 344 14.89 25.18 50.90
C ILE A 344 15.84 25.67 49.80
N GLY A 345 15.59 25.24 48.55
CA GLY A 345 16.45 25.67 47.45
C GLY A 345 16.33 27.14 47.15
N ALA A 346 15.11 27.70 47.21
CA ALA A 346 14.92 29.12 46.98
C ALA A 346 15.55 29.96 48.09
N PHE A 347 15.45 29.51 49.34
CA PHE A 347 16.06 30.23 50.46
C PHE A 347 17.58 30.23 50.36
N TYR A 348 18.17 29.06 50.06
CA TYR A 348 19.62 28.98 49.99
C TYR A 348 20.18 29.70 48.77
N LEU A 349 19.49 29.61 47.62
CA LEU A 349 19.94 30.34 46.45
C LEU A 349 19.72 31.84 46.59
N CYS A 350 18.72 32.27 47.36
CA CYS A 350 18.54 33.71 47.61
C CYS A 350 19.65 34.24 48.51
N ALA A 351 19.98 33.51 49.58
CA ALA A 351 21.06 33.95 50.48
C ALA A 351 22.41 33.94 49.77
N GLU A 352 22.70 32.88 49.01
CA GLU A 352 23.97 32.82 48.31
C GLU A 352 24.00 33.71 47.07
N ALA A 353 22.83 34.10 46.53
CA ALA A 353 22.81 35.13 45.50
C ALA A 353 23.08 36.51 46.09
N ALA A 354 22.64 36.75 47.33
CA ALA A 354 23.04 37.96 48.04
C ALA A 354 24.55 37.97 48.29
N ILE A 355 25.11 36.80 48.62
CA ILE A 355 26.55 36.67 48.82
C ILE A 355 27.32 36.95 47.53
N LYS A 356 26.90 36.33 46.43
CA LYS A 356 27.56 36.56 45.14
C LYS A 356 27.27 37.93 44.54
N SER A 357 26.20 38.60 44.96
CA SER A 357 25.94 39.98 44.56
C SER A 357 26.73 40.99 45.39
N LEU A 358 27.12 40.62 46.61
CA LEU A 358 28.13 41.41 47.32
C LEU A 358 29.47 41.36 46.61
N GLN A 359 29.81 40.22 46.02
CA GLN A 359 31.00 40.06 45.20
C GLN A 359 30.64 40.34 43.74
N GLY A 360 31.53 39.99 42.81
CA GLY A 360 31.30 40.23 41.40
C GLY A 360 31.31 38.98 40.54
N LYS A 361 30.70 37.90 41.04
CA LYS A 361 30.72 36.62 40.34
C LYS A 361 29.31 36.08 40.13
N THR A 362 28.41 36.92 39.63
CA THR A 362 27.02 36.53 39.41
C THR A 362 26.81 35.74 38.12
N LYS A 363 27.86 35.45 37.36
CA LYS A 363 27.74 34.67 36.14
C LYS A 363 27.75 33.17 36.37
N VAL A 364 27.89 32.72 37.62
CA VAL A 364 27.90 31.29 37.91
C VAL A 364 26.49 30.72 37.81
N PHE A 365 25.49 31.50 38.22
CA PHE A 365 24.09 31.05 38.15
C PHE A 365 23.61 30.98 36.72
N SER A 366 24.18 31.78 35.82
CA SER A 366 23.83 31.67 34.40
C SER A 366 24.57 30.53 33.73
N ASP A 367 25.74 30.16 34.24
CA ASP A 367 26.47 29.02 33.69
C ASP A 367 25.81 27.71 34.13
N ILE A 368 25.40 27.62 35.39
CA ILE A 368 24.73 26.41 35.87
C ILE A 368 23.28 26.36 35.41
N GLY A 369 22.52 27.43 35.61
CA GLY A 369 21.15 27.48 35.14
C GLY A 369 20.07 27.51 36.19
N ALA A 370 20.31 28.17 37.32
CA ALA A 370 19.28 28.26 38.35
C ALA A 370 18.30 29.40 38.10
N ILE A 371 18.64 30.32 37.19
CA ILE A 371 17.82 31.50 36.93
C ILE A 371 16.51 31.11 36.24
N GLN A 372 16.59 30.20 35.26
CA GLN A 372 15.37 29.75 34.59
C GLN A 372 14.50 28.90 35.51
N SER A 373 15.12 28.18 36.46
CA SER A 373 14.34 27.47 37.47
C SER A 373 13.64 28.42 38.43
N LEU A 374 14.30 29.52 38.81
CA LEU A 374 13.63 30.54 39.61
C LEU A 374 12.50 31.23 38.84
N LYS A 375 12.68 31.42 37.53
CA LYS A 375 11.60 31.96 36.71
C LYS A 375 10.42 30.98 36.61
N ARG A 376 10.71 29.68 36.56
CA ARG A 376 9.64 28.69 36.61
C ARG A 376 8.95 28.67 37.98
N LEU A 377 9.71 28.94 39.04
CA LEU A 377 9.10 29.02 40.37
C LEU A 377 8.18 30.23 40.49
N VAL A 378 8.58 31.37 39.93
CA VAL A 378 7.73 32.56 39.99
C VAL A 378 6.51 32.39 39.10
N SER A 379 6.69 31.93 37.87
CA SER A 379 5.60 31.84 36.91
C SER A 379 4.63 30.69 37.20
N TYR A 380 5.03 29.73 38.05
CA TYR A 380 4.14 28.64 38.44
C TYR A 380 4.04 28.50 39.96
N SER A 381 3.79 29.60 40.66
CA SER A 381 3.80 29.58 42.12
C SER A 381 2.41 29.29 42.67
N THR A 382 2.36 28.38 43.64
CA THR A 382 1.17 28.13 44.45
C THR A 382 1.42 28.45 45.91
N ASN A 383 2.61 28.98 46.21
CA ASN A 383 3.01 29.35 47.56
C ASN A 383 3.61 30.75 47.52
N GLY A 384 3.31 31.54 48.56
CA GLY A 384 3.83 32.90 48.61
C GLY A 384 5.26 32.99 49.07
N THR A 385 5.70 32.05 49.91
CA THR A 385 7.03 32.12 50.49
C THR A 385 8.13 31.82 49.47
N LYS A 386 7.99 30.72 48.72
CA LYS A 386 8.99 30.38 47.72
C LYS A 386 8.96 31.35 46.55
N SER A 387 7.78 31.92 46.24
CA SER A 387 7.70 32.95 45.22
C SER A 387 8.37 34.24 45.64
N ALA A 388 8.20 34.65 46.90
CA ALA A 388 8.87 35.85 47.40
C ALA A 388 10.37 35.66 47.45
N LEU A 389 10.82 34.46 47.84
CA LEU A 389 12.26 34.19 47.86
C LEU A 389 12.85 34.13 46.47
N ALA A 390 12.11 33.58 45.50
CA ALA A 390 12.61 33.54 44.12
C ALA A 390 12.61 34.92 43.48
N LYS A 391 11.62 35.76 43.81
CA LYS A 391 11.62 37.13 43.32
C LYS A 391 12.76 37.94 43.93
N ARG A 392 13.07 37.72 45.22
CA ARG A 392 14.19 38.41 45.84
C ARG A 392 15.52 37.92 45.27
N ALA A 393 15.60 36.62 44.94
CA ALA A 393 16.82 36.08 44.36
C ALA A 393 17.05 36.59 42.95
N LEU A 394 15.98 36.73 42.16
CA LEU A 394 16.11 37.29 40.83
C LEU A 394 16.29 38.81 40.86
N ARG A 395 15.85 39.48 41.93
CA ARG A 395 16.09 40.90 42.10
C ARG A 395 17.52 41.20 42.51
N LEU A 396 18.12 40.36 43.35
CA LEU A 396 19.52 40.55 43.74
C LEU A 396 20.48 40.19 42.61
N LEU A 397 20.03 39.47 41.59
CA LEU A 397 20.82 39.23 40.39
C LEU A 397 20.60 40.40 39.41
N GLY A 398 21.04 40.24 38.17
CA GLY A 398 21.01 41.30 37.19
C GLY A 398 19.90 41.22 36.16
N GLU A 399 18.86 40.43 36.39
CA GLU A 399 17.75 40.30 35.46
C GLU A 399 16.43 40.66 36.13
N GLU A 400 15.40 40.79 35.31
CA GLU A 400 14.08 41.18 35.78
C GLU A 400 13.33 40.00 36.37
N VAL A 401 12.34 40.28 37.20
CA VAL A 401 11.48 39.25 37.76
C VAL A 401 10.28 39.06 36.84
N PRO A 402 9.79 37.84 36.66
CA PRO A 402 8.57 37.62 35.87
C PRO A 402 7.32 37.79 36.72
N ARG A 403 6.18 37.74 36.05
CA ARG A 403 4.88 37.85 36.69
C ARG A 403 4.22 36.48 36.82
N PRO A 404 3.39 36.27 37.85
CA PRO A 404 2.58 35.06 37.90
C PRO A 404 1.52 35.07 36.80
N ILE A 405 1.42 33.95 36.08
CA ILE A 405 0.53 33.84 34.94
C ILE A 405 -0.91 33.71 35.40
N LEU A 406 -1.82 34.07 34.52
CA LEU A 406 -3.24 33.85 34.78
C LEU A 406 -3.57 32.38 34.52
N PRO A 407 -4.11 31.66 35.51
CA PRO A 407 -4.34 30.22 35.33
C PRO A 407 -5.47 29.87 34.37
N SER A 408 -6.37 30.80 34.07
CA SER A 408 -7.49 30.53 33.15
C SER A 408 -6.96 30.62 31.72
N VAL A 409 -6.33 29.52 31.29
CA VAL A 409 -5.70 29.40 29.97
C VAL A 409 -6.74 29.38 28.83
N PRO A 410 -7.92 28.74 28.92
CA PRO A 410 -8.94 28.98 27.89
C PRO A 410 -9.48 30.41 27.86
N SER A 411 -9.29 31.20 28.91
CA SER A 411 -9.68 32.60 28.90
C SER A 411 -8.55 33.53 28.47
N TRP A 412 -7.45 33.00 27.96
CA TRP A 412 -6.34 33.83 27.52
C TRP A 412 -6.62 34.49 26.18
N LYS A 413 -6.23 35.75 26.07
CA LYS A 413 -6.11 36.43 24.80
C LYS A 413 -4.67 36.34 24.31
N GLU A 414 -4.31 37.14 23.31
CA GLU A 414 -2.99 37.04 22.70
C GLU A 414 -1.88 37.54 23.61
N ALA A 415 -2.16 38.57 24.43
CA ALA A 415 -1.13 39.19 25.25
C ALA A 415 -0.66 38.28 26.37
N GLU A 416 -1.57 37.47 26.93
CA GLU A 416 -1.17 36.48 27.93
C GLU A 416 -0.30 35.39 27.33
N VAL A 417 -0.57 35.01 26.07
CA VAL A 417 0.26 34.04 25.38
C VAL A 417 1.65 34.62 25.11
N GLN A 418 1.72 35.90 24.73
CA GLN A 418 3.01 36.56 24.52
C GLN A 418 3.79 36.69 25.82
N THR A 419 3.10 36.97 26.92
CA THR A 419 3.75 37.05 28.23
C THR A 419 4.27 35.68 28.67
N TRP A 420 3.48 34.62 28.43
CA TRP A 420 3.92 33.27 28.73
C TRP A 420 5.11 32.84 27.88
N LEU A 421 5.18 33.35 26.64
CA LEU A 421 6.38 33.13 25.82
C LEU A 421 7.59 33.87 26.40
N GLN A 422 7.39 35.11 26.86
CA GLN A 422 8.52 35.90 27.34
C GLN A 422 9.03 35.42 28.69
N GLN A 423 8.20 34.72 29.46
CA GLN A 423 8.65 34.36 30.81
C GLN A 423 9.41 33.03 30.88
N ILE A 424 9.29 32.16 29.88
CA ILE A 424 9.89 30.83 29.98
C ILE A 424 11.02 30.61 28.99
N GLY A 425 11.28 31.58 28.11
CA GLY A 425 12.42 31.47 27.21
C GLY A 425 12.10 31.18 25.76
N PHE A 426 10.96 31.67 25.26
CA PHE A 426 10.62 31.56 23.84
C PHE A 426 10.50 32.95 23.20
N SER A 427 11.47 33.81 23.47
CA SER A 427 11.49 35.16 22.92
C SER A 427 11.72 35.20 21.41
N LYS A 428 12.26 34.12 20.83
CA LYS A 428 12.45 34.09 19.38
C LYS A 428 11.14 33.92 18.64
N TYR A 429 10.20 33.17 19.23
CA TYR A 429 8.92 32.86 18.59
C TYR A 429 7.79 33.76 19.05
N CYS A 430 8.10 34.96 19.58
CA CYS A 430 7.04 35.89 19.96
C CYS A 430 6.38 36.53 18.74
N GLU A 431 7.16 36.85 17.71
CA GLU A 431 6.58 37.40 16.49
C GLU A 431 5.92 36.33 15.64
N SER A 432 6.21 35.05 15.91
CA SER A 432 5.61 33.97 15.14
C SER A 432 4.16 33.73 15.54
N PHE A 433 3.87 33.81 16.85
CA PHE A 433 2.50 33.54 17.30
C PHE A 433 1.61 34.76 17.11
N ARG A 434 2.20 35.96 17.06
CA ARG A 434 1.40 37.18 16.96
C ARG A 434 0.83 37.35 15.55
N GLU A 435 1.60 37.00 14.53
CA GLU A 435 1.12 37.08 13.16
C GLU A 435 0.06 36.01 12.87
N GLN A 436 0.14 34.87 13.56
CA GLN A 436 -0.82 33.80 13.40
C GLN A 436 -2.03 33.95 14.31
N GLN A 437 -2.01 34.93 15.22
CA GLN A 437 -3.11 35.24 16.15
C GLN A 437 -3.47 34.05 17.04
N VAL A 438 -2.44 33.50 17.70
CA VAL A 438 -2.64 32.35 18.58
C VAL A 438 -3.03 32.83 19.97
N ASP A 439 -4.23 32.48 20.40
CA ASP A 439 -4.70 32.77 21.74
C ASP A 439 -4.57 31.52 22.62
N GLY A 440 -5.16 31.58 23.82
CA GLY A 440 -5.07 30.45 24.73
C GLY A 440 -5.86 29.23 24.27
N ASP A 441 -6.89 29.44 23.44
CA ASP A 441 -7.65 28.31 22.92
C ASP A 441 -6.85 27.56 21.85
N LEU A 442 -6.04 28.29 21.07
CA LEU A 442 -5.20 27.65 20.07
C LEU A 442 -3.91 27.11 20.65
N LEU A 443 -3.49 27.63 21.81
CA LEU A 443 -2.28 27.13 22.45
C LEU A 443 -2.51 25.77 23.10
N LEU A 444 -3.71 25.55 23.64
CA LEU A 444 -4.07 24.26 24.20
C LEU A 444 -4.31 23.20 23.14
N ARG A 445 -4.47 23.58 21.87
CA ARG A 445 -4.80 22.67 20.79
C ARG A 445 -3.76 22.77 19.66
N LEU A 446 -2.49 22.79 20.02
CA LEU A 446 -1.40 22.93 19.04
C LEU A 446 -0.66 21.60 18.91
N THR A 447 -0.28 21.25 17.68
CA THR A 447 0.25 19.94 17.37
C THR A 447 1.62 20.03 16.70
N GLU A 448 2.07 18.90 16.16
CA GLU A 448 3.37 18.82 15.50
C GLU A 448 3.38 19.60 14.19
N GLU A 449 2.35 19.41 13.36
CA GLU A 449 2.40 19.91 11.99
C GLU A 449 2.24 21.43 11.94
N GLU A 450 1.43 22.00 12.84
CA GLU A 450 1.27 23.44 12.86
C GLU A 450 2.51 24.14 13.40
N LEU A 451 3.23 23.48 14.32
CA LEU A 451 4.53 23.99 14.76
C LEU A 451 5.57 23.90 13.65
N GLN A 452 5.53 22.82 12.86
CA GLN A 452 6.56 22.61 11.86
C GLN A 452 6.36 23.52 10.64
N THR A 453 5.13 23.59 10.12
CA THR A 453 4.91 24.27 8.85
C THR A 453 4.55 25.74 9.04
N ASP A 454 3.53 26.02 9.85
CA ASP A 454 2.95 27.36 9.94
C ASP A 454 3.73 28.31 10.83
N LEU A 455 4.49 27.80 11.80
CA LEU A 455 5.10 28.62 12.82
C LEU A 455 6.60 28.77 12.67
N GLY A 456 7.21 28.11 11.68
CA GLY A 456 8.63 28.25 11.44
C GLY A 456 9.51 27.58 12.47
N MET A 457 8.97 26.64 13.24
CA MET A 457 9.73 25.89 14.23
C MET A 457 10.09 24.56 13.59
N LYS A 458 11.17 24.56 12.81
CA LYS A 458 11.54 23.40 12.01
C LYS A 458 12.20 22.31 12.84
N SER A 459 12.93 22.68 13.89
CA SER A 459 13.66 21.70 14.69
C SER A 459 12.71 20.95 15.61
N GLY A 460 12.82 19.62 15.58
CA GLY A 460 12.01 18.78 16.45
C GLY A 460 12.42 18.84 17.90
N ILE A 461 13.67 19.18 18.19
CA ILE A 461 14.12 19.33 19.57
C ILE A 461 13.52 20.59 20.19
N THR A 462 13.44 21.67 19.41
CA THR A 462 12.76 22.88 19.86
C THR A 462 11.26 22.64 20.04
N ARG A 463 10.66 21.85 19.15
CA ARG A 463 9.26 21.46 19.31
C ARG A 463 9.06 20.60 20.56
N LYS A 464 10.03 19.74 20.88
CA LYS A 464 9.88 18.88 22.05
C LYS A 464 10.07 19.66 23.35
N ARG A 465 10.96 20.66 23.33
CA ARG A 465 11.06 21.58 24.46
C ARG A 465 9.79 22.41 24.62
N PHE A 466 9.16 22.78 23.49
CA PHE A 466 7.89 23.50 23.55
C PHE A 466 6.78 22.61 24.09
N PHE A 467 6.80 21.31 23.76
CA PHE A 467 5.80 20.41 24.33
C PHE A 467 6.07 20.08 25.80
N ARG A 468 7.33 20.12 26.24
CA ARG A 468 7.60 20.01 27.67
C ARG A 468 7.06 21.23 28.42
N GLU A 469 7.27 22.43 27.87
CA GLU A 469 6.71 23.63 28.47
C GLU A 469 5.18 23.64 28.38
N LEU A 470 4.63 23.02 27.33
CA LEU A 470 3.18 22.91 27.20
C LEU A 470 2.61 21.91 28.21
N THR A 471 3.35 20.83 28.51
CA THR A 471 2.96 19.91 29.56
C THR A 471 2.97 20.61 30.92
N GLU A 472 4.00 21.42 31.17
CA GLU A 472 4.08 22.18 32.42
C GLU A 472 2.97 23.23 32.51
N LEU A 473 2.56 23.79 31.37
CA LEU A 473 1.46 24.76 31.37
C LEU A 473 0.12 24.08 31.59
N LYS A 474 -0.14 22.98 30.87
CA LYS A 474 -1.44 22.33 30.95
C LYS A 474 -1.59 21.50 32.23
N THR A 475 -0.51 21.28 32.97
CA THR A 475 -0.65 20.79 34.34
C THR A 475 -1.21 21.86 35.26
N PHE A 476 -0.62 23.06 35.25
CA PHE A 476 -1.08 24.18 36.08
C PHE A 476 -1.97 25.10 35.25
N ALA A 477 -3.25 24.75 35.20
CA ALA A 477 -4.20 25.49 34.38
C ALA A 477 -5.59 25.43 35.00
N ASN A 478 -6.34 26.52 34.83
CA ASN A 478 -7.73 26.60 35.30
C ASN A 478 -8.65 26.30 34.13
N TYR A 479 -9.46 25.25 34.27
CA TYR A 479 -10.42 24.85 33.24
C TYR A 479 -11.86 25.08 33.69
N SER A 480 -12.10 26.14 34.48
CA SER A 480 -13.43 26.37 35.02
C SER A 480 -14.43 26.84 33.97
N THR A 481 -13.95 27.36 32.83
CA THR A 481 -14.85 27.84 31.79
C THR A 481 -15.40 26.73 30.91
N CYS A 482 -14.88 25.50 31.01
CA CYS A 482 -15.33 24.42 30.15
C CYS A 482 -15.57 23.08 30.83
N ASP A 483 -15.07 22.85 32.05
CA ASP A 483 -15.16 21.55 32.70
C ASP A 483 -16.47 21.52 33.50
N ARG A 484 -17.38 20.63 33.10
CA ARG A 484 -18.68 20.55 33.75
C ARG A 484 -18.69 19.53 34.88
N SER A 485 -17.96 18.44 34.75
CA SER A 485 -18.05 17.31 35.68
C SER A 485 -16.77 17.09 36.49
N ASN A 486 -15.87 18.07 36.51
CA ASN A 486 -14.57 18.02 37.21
C ASN A 486 -13.73 16.83 36.73
N LEU A 487 -13.37 16.89 35.45
CA LEU A 487 -12.58 15.82 34.83
C LEU A 487 -11.09 15.94 35.16
N ALA A 488 -10.63 17.14 35.50
CA ALA A 488 -9.22 17.34 35.83
C ALA A 488 -8.84 16.66 37.14
N ASP A 489 -9.75 16.66 38.12
CA ASP A 489 -9.52 15.92 39.34
C ASP A 489 -9.67 14.42 39.16
N TRP A 490 -10.42 13.98 38.15
CA TRP A 490 -10.45 12.57 37.81
C TRP A 490 -9.13 12.13 37.18
N LEU A 491 -8.55 12.98 36.33
CA LEU A 491 -7.26 12.66 35.74
C LEU A 491 -6.13 12.78 36.75
N GLY A 492 -6.27 13.69 37.72
CA GLY A 492 -5.23 13.88 38.73
C GLY A 492 -5.18 12.81 39.79
N SER A 493 -6.30 12.10 40.01
CA SER A 493 -6.35 11.03 41.00
C SER A 493 -5.63 9.77 40.54
N LEU A 494 -5.37 9.64 39.24
CA LEU A 494 -4.65 8.48 38.72
C LEU A 494 -3.14 8.75 38.70
N ASP A 495 -2.75 9.89 38.14
CA ASP A 495 -1.37 10.29 37.91
C ASP A 495 -1.39 11.79 37.68
N PRO A 496 -0.58 12.57 38.42
CA PRO A 496 -0.61 14.04 38.24
C PRO A 496 -0.10 14.54 36.89
N ARG A 497 0.47 13.68 36.04
CA ARG A 497 0.82 14.07 34.68
C ARG A 497 -0.30 13.78 33.68
N PHE A 498 -1.45 13.28 34.14
CA PHE A 498 -2.60 13.05 33.28
C PHE A 498 -3.48 14.27 33.09
N ARG A 499 -3.22 15.36 33.82
CA ARG A 499 -4.10 16.52 33.78
C ARG A 499 -3.84 17.39 32.55
N GLN A 500 -2.85 17.05 31.72
CA GLN A 500 -2.63 17.80 30.48
C GLN A 500 -3.70 17.51 29.43
N TYR A 501 -4.35 16.35 29.47
CA TYR A 501 -5.35 16.02 28.48
C TYR A 501 -6.76 16.44 28.87
N THR A 502 -6.89 17.33 29.87
CA THR A 502 -8.20 17.80 30.31
C THR A 502 -8.91 18.56 29.20
N TYR A 503 -8.20 19.47 28.53
CA TYR A 503 -8.79 20.20 27.40
C TYR A 503 -9.05 19.29 26.21
N GLY A 504 -8.20 18.28 26.01
CA GLY A 504 -8.39 17.37 24.89
C GLY A 504 -9.58 16.46 25.05
N LEU A 505 -9.92 16.11 26.29
CA LEU A 505 -11.09 15.27 26.53
C LEU A 505 -12.36 16.11 26.69
N VAL A 506 -12.23 17.34 27.22
CA VAL A 506 -13.41 18.18 27.36
C VAL A 506 -13.84 18.78 26.02
N SER A 507 -12.88 19.12 25.16
CA SER A 507 -13.19 19.75 23.88
C SER A 507 -13.88 18.80 22.90
N CYS A 508 -13.81 17.49 23.15
CA CYS A 508 -14.57 16.52 22.37
C CYS A 508 -16.00 16.34 22.87
N GLY A 509 -16.38 17.02 23.95
CA GLY A 509 -17.72 16.92 24.49
C GLY A 509 -17.91 15.87 25.57
N LEU A 510 -16.84 15.40 26.19
CA LEU A 510 -16.95 14.32 27.15
C LEU A 510 -17.08 14.86 28.58
N ASP A 511 -17.57 13.99 29.46
CA ASP A 511 -17.64 14.22 30.89
C ASP A 511 -17.50 12.88 31.60
N ARG A 512 -17.90 12.83 32.87
CA ARG A 512 -17.78 11.58 33.63
C ARG A 512 -18.76 10.52 33.16
N SER A 513 -19.88 10.93 32.57
CA SER A 513 -20.94 9.99 32.19
C SER A 513 -20.82 9.50 30.75
N LEU A 514 -19.72 9.78 30.05
CA LEU A 514 -19.57 9.37 28.67
C LEU A 514 -18.25 8.68 28.35
N LEU A 515 -17.40 8.43 29.34
CA LEU A 515 -16.09 7.84 29.07
C LEU A 515 -16.16 6.33 28.88
N HIS A 516 -17.28 5.69 29.22
CA HIS A 516 -17.37 4.23 29.10
C HIS A 516 -17.63 3.76 27.68
N ARG A 517 -17.93 4.66 26.75
CA ARG A 517 -18.14 4.30 25.36
C ARG A 517 -17.07 4.90 24.44
N VAL A 518 -15.95 5.33 24.99
CA VAL A 518 -14.85 5.90 24.22
C VAL A 518 -13.87 4.77 23.89
N SER A 519 -13.39 4.75 22.66
CA SER A 519 -12.39 3.77 22.22
C SER A 519 -11.00 4.39 22.21
N GLU A 520 -10.03 3.58 21.76
CA GLU A 520 -8.65 4.05 21.69
C GLU A 520 -8.43 4.97 20.51
N GLN A 521 -9.15 4.75 19.40
CA GLN A 521 -9.01 5.61 18.22
C GLN A 521 -9.58 7.00 18.49
N GLN A 522 -10.61 7.07 19.33
CA GLN A 522 -11.18 8.38 19.69
C GLN A 522 -10.24 9.15 20.61
N LEU A 523 -9.42 8.45 21.40
CA LEU A 523 -8.43 9.13 22.22
C LEU A 523 -7.20 9.51 21.40
N LEU A 524 -6.88 8.72 20.37
CA LEU A 524 -5.71 9.03 19.53
C LEU A 524 -6.00 10.19 18.58
N GLU A 525 -7.05 10.07 17.77
CA GLU A 525 -7.31 11.05 16.72
C GLU A 525 -7.92 12.32 17.27
N ASP A 526 -8.96 12.21 18.10
CA ASP A 526 -9.69 13.38 18.54
C ASP A 526 -9.10 14.02 19.80
N CYS A 527 -8.88 13.23 20.85
CA CYS A 527 -8.32 13.75 22.09
C CYS A 527 -6.83 14.04 22.00
N GLY A 528 -6.14 13.43 21.05
CA GLY A 528 -4.73 13.71 20.84
C GLY A 528 -3.79 13.14 21.88
N ILE A 529 -4.05 11.92 22.34
CA ILE A 529 -3.17 11.24 23.29
C ILE A 529 -2.22 10.38 22.48
N HIS A 530 -0.94 10.79 22.44
CA HIS A 530 0.04 10.12 21.59
C HIS A 530 0.66 8.89 22.25
N LEU A 531 0.64 8.80 23.57
CA LEU A 531 1.23 7.66 24.27
C LEU A 531 0.17 6.58 24.45
N GLY A 532 0.48 5.36 24.01
CA GLY A 532 -0.48 4.27 24.11
C GLY A 532 -0.64 3.72 25.51
N VAL A 533 0.39 3.88 26.34
CA VAL A 533 0.30 3.48 27.75
C VAL A 533 -0.73 4.33 28.46
N HIS A 534 -0.71 5.65 28.21
CA HIS A 534 -1.69 6.55 28.81
C HIS A 534 -3.09 6.28 28.27
N ARG A 535 -3.19 5.91 26.98
CA ARG A 535 -4.48 5.55 26.42
C ARG A 535 -5.04 4.29 27.07
N ALA A 536 -4.18 3.29 27.31
CA ALA A 536 -4.63 2.06 27.95
C ALA A 536 -5.03 2.30 29.40
N ARG A 537 -4.29 3.17 30.11
CA ARG A 537 -4.64 3.47 31.50
C ARG A 537 -5.94 4.27 31.59
N ILE A 538 -6.16 5.21 30.67
CA ILE A 538 -7.40 5.99 30.67
C ILE A 538 -8.59 5.11 30.31
N LEU A 539 -8.43 4.19 29.35
CA LEU A 539 -9.52 3.28 29.00
C LEU A 539 -9.82 2.30 30.14
N THR A 540 -8.78 1.80 30.80
CA THR A 540 -8.98 0.88 31.92
C THR A 540 -9.67 1.56 33.09
N ALA A 541 -9.24 2.78 33.43
CA ALA A 541 -9.86 3.51 34.53
C ALA A 541 -11.25 4.03 34.15
N ALA A 542 -11.53 4.20 32.86
CA ALA A 542 -12.87 4.58 32.46
C ALA A 542 -13.81 3.39 32.48
N ARG A 543 -13.29 2.18 32.28
CA ARG A 543 -14.16 1.01 32.25
C ARG A 543 -14.37 0.41 33.65
N GLU A 544 -13.36 0.44 34.51
CA GLU A 544 -13.43 -0.38 35.72
C GLU A 544 -14.09 0.30 36.91
N MET A 545 -14.09 1.64 36.99
CA MET A 545 -14.60 2.31 38.17
C MET A 545 -15.73 3.30 37.89
N LEU A 546 -15.89 3.76 36.65
CA LEU A 546 -16.98 4.68 36.35
C LEU A 546 -18.30 3.92 36.20
N HIS A 547 -18.34 2.94 35.30
CA HIS A 547 -19.54 2.13 35.10
C HIS A 547 -19.19 0.66 34.95
N THR A 561 -44.00 24.94 41.20
CA THR A 561 -44.99 24.99 42.26
C THR A 561 -44.35 25.35 43.60
N PRO A 562 -44.45 26.62 43.99
CA PRO A 562 -43.89 27.04 45.27
C PRO A 562 -44.75 26.58 46.44
N ASP A 563 -44.14 26.56 47.62
CA ASP A 563 -44.82 26.13 48.83
C ASP A 563 -45.06 27.24 49.84
N VAL A 564 -44.26 28.31 49.81
CA VAL A 564 -44.39 29.41 50.75
C VAL A 564 -44.53 30.71 49.96
N PHE A 565 -45.66 31.40 50.15
CA PHE A 565 -45.86 32.69 49.52
C PHE A 565 -45.65 33.81 50.54
N ILE A 566 -44.92 34.84 50.12
CA ILE A 566 -44.60 35.97 51.00
C ILE A 566 -45.10 37.25 50.34
N SER A 567 -45.97 37.96 51.05
CA SER A 567 -46.40 39.30 50.67
C SER A 567 -45.71 40.31 51.57
N TYR A 568 -45.35 41.46 51.00
CA TYR A 568 -44.56 42.43 51.72
C TYR A 568 -44.91 43.83 51.25
N ARG A 569 -44.50 44.82 52.04
CA ARG A 569 -44.68 46.23 51.71
C ARG A 569 -43.49 46.73 50.90
N ARG A 570 -43.77 47.61 49.92
CA ARG A 570 -42.76 48.09 48.99
C ARG A 570 -41.67 48.92 49.67
N ASN A 571 -42.03 49.65 50.74
CA ASN A 571 -41.09 50.60 51.35
C ASN A 571 -40.02 49.91 52.19
N SER A 572 -40.43 49.20 53.25
CA SER A 572 -39.47 48.65 54.20
C SER A 572 -39.73 47.16 54.48
N GLY A 573 -40.14 46.40 53.47
CA GLY A 573 -40.42 44.99 53.67
C GLY A 573 -39.68 44.07 52.73
N SER A 574 -38.69 44.58 52.01
CA SER A 574 -38.01 43.77 50.99
C SER A 574 -36.91 42.92 51.61
N GLN A 575 -36.09 43.51 52.49
CA GLN A 575 -34.94 42.81 53.05
C GLN A 575 -35.37 41.69 53.98
N LEU A 576 -36.40 41.92 54.80
CA LEU A 576 -36.91 40.88 55.68
C LEU A 576 -37.54 39.74 54.90
N ALA A 577 -38.25 40.04 53.80
CA ALA A 577 -38.84 39.00 52.97
C ALA A 577 -37.78 38.17 52.27
N SER A 578 -36.72 38.83 51.76
CA SER A 578 -35.62 38.11 51.12
C SER A 578 -34.86 37.26 52.14
N LEU A 579 -34.72 37.75 53.37
CA LEU A 579 -34.04 36.99 54.41
C LEU A 579 -34.85 35.78 54.84
N LEU A 580 -36.18 35.94 54.94
CA LEU A 580 -37.05 34.80 55.22
C LEU A 580 -37.01 33.78 54.09
N LYS A 581 -36.96 34.24 52.83
CA LYS A 581 -36.86 33.32 51.70
C LYS A 581 -35.55 32.55 51.71
N VAL A 582 -34.44 33.21 52.06
CA VAL A 582 -33.15 32.52 52.13
C VAL A 582 -33.14 31.51 53.27
N HIS A 583 -33.64 31.90 54.46
CA HIS A 583 -33.63 30.98 55.59
C HIS A 583 -34.63 29.84 55.43
N LEU A 584 -35.63 30.01 54.56
CA LEU A 584 -36.51 28.87 54.27
C LEU A 584 -35.96 27.99 53.15
N GLN A 585 -35.22 28.58 52.19
CA GLN A 585 -34.60 27.75 51.15
C GLN A 585 -33.32 27.08 51.62
N LEU A 586 -32.79 27.45 52.78
CA LEU A 586 -31.73 26.66 53.38
C LEU A 586 -32.23 25.30 53.86
N HIS A 587 -33.53 25.18 54.14
CA HIS A 587 -34.12 23.93 54.59
C HIS A 587 -34.97 23.26 53.52
N GLY A 588 -34.85 23.70 52.26
CA GLY A 588 -35.51 23.04 51.16
C GLY A 588 -36.94 23.47 50.88
N PHE A 589 -37.41 24.56 51.50
CA PHE A 589 -38.77 25.05 51.30
C PHE A 589 -38.80 25.95 50.07
N SER A 590 -39.60 25.59 49.07
CA SER A 590 -39.72 26.40 47.87
C SER A 590 -40.57 27.63 48.15
N VAL A 591 -39.98 28.81 47.96
CA VAL A 591 -40.60 30.08 48.33
C VAL A 591 -40.73 30.95 47.08
N PHE A 592 -41.92 31.52 46.87
CA PHE A 592 -42.16 32.46 45.78
C PHE A 592 -42.00 33.89 46.27
N ILE A 593 -41.38 34.72 45.43
CA ILE A 593 -41.12 36.12 45.75
C ILE A 593 -41.47 36.92 44.50
N ASP A 594 -41.19 38.24 44.50
CA ASP A 594 -41.42 39.20 43.42
C ASP A 594 -42.91 39.38 43.14
N VAL A 595 -43.65 39.83 44.14
CA VAL A 595 -45.01 40.31 43.92
C VAL A 595 -44.99 41.58 43.10
N GLU A 596 -43.96 42.43 43.31
CA GLU A 596 -43.79 43.67 42.56
C GLU A 596 -43.54 43.45 41.08
N LYS A 597 -43.00 42.29 40.71
CA LYS A 597 -42.86 41.95 39.30
C LYS A 597 -44.23 41.72 38.64
N LEU A 598 -45.19 41.21 39.40
CA LEU A 598 -46.55 41.03 38.92
C LEU A 598 -47.40 42.28 39.05
N GLU A 599 -46.83 43.40 39.50
CA GLU A 599 -47.54 44.67 39.62
C GLU A 599 -47.39 45.54 38.38
N ALA A 600 -47.12 44.94 37.23
CA ALA A 600 -46.95 45.67 35.98
C ALA A 600 -48.21 45.67 35.12
N GLY A 601 -49.39 45.66 35.73
CA GLY A 601 -50.64 45.61 35.00
C GLY A 601 -51.32 44.26 34.99
N LYS A 602 -50.65 43.22 35.49
CA LYS A 602 -51.23 41.88 35.55
C LYS A 602 -52.14 41.82 36.78
N PHE A 603 -53.45 41.79 36.55
CA PHE A 603 -54.41 42.03 37.63
C PHE A 603 -54.57 40.81 38.53
N GLU A 604 -55.09 39.71 37.98
CA GLU A 604 -55.25 38.47 38.75
C GLU A 604 -54.90 37.23 37.93
N ASP A 605 -54.08 37.34 36.89
CA ASP A 605 -53.82 36.19 36.04
C ASP A 605 -52.79 35.25 36.66
N LYS A 606 -51.87 35.76 37.48
CA LYS A 606 -50.84 34.94 38.09
C LYS A 606 -50.86 34.93 39.61
N LEU A 607 -51.52 35.89 40.25
CA LEU A 607 -51.61 35.89 41.71
C LEU A 607 -52.46 34.72 42.20
N ILE A 608 -53.53 34.38 41.46
CA ILE A 608 -54.37 33.24 41.83
C ILE A 608 -53.62 31.94 41.64
N GLN A 609 -52.86 31.84 40.53
CA GLN A 609 -52.05 30.65 40.29
C GLN A 609 -50.87 30.53 41.26
N SER A 610 -50.44 31.64 41.84
CA SER A 610 -49.39 31.58 42.86
C SER A 610 -49.94 31.16 44.22
N VAL A 611 -51.06 31.77 44.63
CA VAL A 611 -51.59 31.51 45.97
C VAL A 611 -52.27 30.15 46.05
N MET A 612 -53.00 29.74 45.01
CA MET A 612 -53.63 28.42 44.99
C MET A 612 -52.59 27.30 44.98
N GLY A 613 -51.44 27.54 44.36
CA GLY A 613 -50.36 26.58 44.41
C GLY A 613 -49.52 26.64 45.68
N ALA A 614 -49.62 27.74 46.42
CA ALA A 614 -48.82 27.94 47.63
C ALA A 614 -49.36 27.09 48.76
N ARG A 615 -48.49 26.29 49.38
CA ARG A 615 -48.89 25.48 50.52
C ARG A 615 -49.08 26.32 51.79
N ASN A 616 -48.29 27.39 51.95
CA ASN A 616 -48.38 28.21 53.15
C ASN A 616 -48.45 29.69 52.80
N PHE A 617 -48.38 30.56 53.81
CA PHE A 617 -48.44 32.00 53.60
C PHE A 617 -47.69 32.69 54.72
N VAL A 618 -46.83 33.64 54.37
CA VAL A 618 -46.07 34.45 55.32
C VAL A 618 -46.38 35.91 55.02
N LEU A 619 -46.84 36.64 56.04
CA LEU A 619 -47.18 38.05 55.90
C LEU A 619 -46.12 38.88 56.63
N VAL A 620 -45.22 39.49 55.87
CA VAL A 620 -44.20 40.36 56.43
C VAL A 620 -44.85 41.68 56.85
N LEU A 621 -44.81 41.97 58.15
CA LEU A 621 -45.40 43.19 58.70
C LEU A 621 -44.27 44.17 58.99
N SER A 622 -44.01 45.06 58.02
CA SER A 622 -43.05 46.13 58.18
C SER A 622 -43.66 47.22 59.06
N PRO A 623 -42.84 48.16 59.58
CA PRO A 623 -43.42 49.36 60.21
C PRO A 623 -44.19 50.21 59.21
N GLY A 624 -45.51 50.24 59.37
CA GLY A 624 -46.37 50.85 58.37
C GLY A 624 -46.77 49.91 57.26
N ALA A 625 -47.05 48.65 57.59
CA ALA A 625 -47.37 47.66 56.55
C ALA A 625 -48.83 47.80 56.11
N LEU A 626 -49.76 47.83 57.06
CA LEU A 626 -51.18 47.88 56.75
C LEU A 626 -51.71 49.30 56.67
N ASP A 627 -50.86 50.27 56.35
CA ASP A 627 -51.33 51.66 56.21
C ASP A 627 -52.13 51.83 54.92
N LYS A 628 -51.65 51.27 53.82
CA LYS A 628 -52.35 51.39 52.54
C LYS A 628 -53.54 50.45 52.44
N CYS A 629 -53.63 49.44 53.31
CA CYS A 629 -54.79 48.55 53.32
C CYS A 629 -55.99 49.17 54.03
N MET A 630 -55.79 50.24 54.79
CA MET A 630 -56.89 50.92 55.46
C MET A 630 -57.67 51.75 54.45
N GLN A 631 -59.01 51.72 54.57
CA GLN A 631 -59.96 52.43 53.71
C GLN A 631 -59.82 52.06 52.23
N ASP A 632 -59.41 50.82 51.95
CA ASP A 632 -59.28 50.34 50.57
C ASP A 632 -60.51 49.52 50.24
N HIS A 633 -61.61 50.22 49.96
CA HIS A 633 -62.90 49.60 49.68
C HIS A 633 -63.11 49.32 48.20
N ASP A 634 -62.05 49.34 47.40
CA ASP A 634 -62.15 49.08 45.97
C ASP A 634 -61.23 47.95 45.50
N CYS A 635 -60.46 47.35 46.40
CA CYS A 635 -59.53 46.24 46.13
C CYS A 635 -58.49 46.64 45.08
N LYS A 636 -57.67 47.62 45.46
CA LYS A 636 -56.63 48.16 44.58
C LYS A 636 -55.23 47.88 45.08
N ASP A 637 -55.03 47.85 46.40
CA ASP A 637 -53.71 47.58 46.94
C ASP A 637 -53.36 46.10 46.81
N TRP A 638 -52.12 45.82 46.40
CA TRP A 638 -51.71 44.46 46.09
C TRP A 638 -51.55 43.60 47.33
N VAL A 639 -51.10 44.20 48.45
CA VAL A 639 -51.02 43.47 49.71
C VAL A 639 -52.43 43.14 50.20
N HIS A 640 -53.38 44.04 49.98
CA HIS A 640 -54.79 43.77 50.29
C HIS A 640 -55.33 42.64 49.42
N LYS A 641 -54.93 42.61 48.14
CA LYS A 641 -55.33 41.51 47.26
C LYS A 641 -54.75 40.19 47.72
N ALA A 642 -53.50 40.19 48.20
CA ALA A 642 -52.88 38.98 48.72
C ALA A 642 -53.57 38.49 49.99
N ILE A 643 -53.95 39.42 50.88
CA ILE A 643 -54.63 39.05 52.12
C ILE A 643 -56.04 38.50 51.83
N VAL A 644 -56.77 39.14 50.91
CA VAL A 644 -58.11 38.66 50.54
C VAL A 644 -58.03 37.30 49.85
N THR A 645 -57.01 37.09 49.00
CA THR A 645 -56.86 35.81 48.32
C THR A 645 -56.45 34.71 49.30
N ALA A 646 -55.61 35.04 50.28
CA ALA A 646 -55.18 34.06 51.27
C ALA A 646 -56.31 33.70 52.22
N LEU A 647 -57.18 34.66 52.55
CA LEU A 647 -58.35 34.35 53.36
C LEU A 647 -59.43 33.63 52.57
N SER A 648 -59.49 33.82 51.25
CA SER A 648 -60.41 33.04 50.43
C SER A 648 -59.91 31.59 50.29
N CYS A 649 -58.59 31.41 50.23
CA CYS A 649 -58.03 30.06 50.21
C CYS A 649 -58.09 29.38 51.57
N GLY A 650 -57.87 30.12 52.64
CA GLY A 650 -57.84 29.53 53.96
C GLY A 650 -56.51 28.91 54.34
N LYS A 651 -55.41 29.42 53.81
CA LYS A 651 -54.10 28.85 54.07
C LYS A 651 -53.58 29.27 55.44
N ASN A 652 -52.47 28.65 55.84
CA ASN A 652 -51.84 28.94 57.12
C ASN A 652 -51.11 30.27 57.09
N ILE A 653 -51.74 31.32 57.63
CA ILE A 653 -51.14 32.65 57.61
C ILE A 653 -50.24 32.81 58.82
N VAL A 654 -48.95 33.02 58.57
CA VAL A 654 -47.97 33.20 59.64
C VAL A 654 -47.42 34.62 59.53
N PRO A 655 -47.90 35.57 60.34
CA PRO A 655 -47.36 36.93 60.27
C PRO A 655 -45.99 37.03 60.91
N ILE A 656 -45.17 37.92 60.35
CA ILE A 656 -43.84 38.21 60.87
C ILE A 656 -43.80 39.70 61.21
N ILE A 657 -43.64 40.00 62.50
CA ILE A 657 -43.72 41.37 63.01
C ILE A 657 -42.30 41.88 63.24
N ASP A 658 -41.96 43.00 62.60
CA ASP A 658 -40.68 43.66 62.79
C ASP A 658 -40.97 45.07 63.30
N GLY A 659 -41.19 45.17 64.62
CA GLY A 659 -41.48 46.45 65.26
C GLY A 659 -42.74 47.13 64.78
N PHE A 660 -43.86 46.41 64.79
CA PHE A 660 -45.12 46.93 64.25
C PHE A 660 -46.25 46.60 65.20
N GLU A 661 -47.00 47.63 65.60
CA GLU A 661 -48.12 47.45 66.52
C GLU A 661 -49.33 46.90 65.77
N TRP A 662 -50.15 46.14 66.48
CA TRP A 662 -51.34 45.55 65.88
C TRP A 662 -52.39 46.62 65.61
N PRO A 663 -52.90 46.75 64.39
CA PRO A 663 -53.89 47.79 64.09
C PRO A 663 -55.28 47.46 64.61
N GLU A 664 -56.18 48.41 64.43
CA GLU A 664 -57.55 48.25 64.90
C GLU A 664 -58.34 47.37 63.93
N PRO A 665 -59.30 46.60 64.45
CA PRO A 665 -60.13 45.79 63.55
C PRO A 665 -61.13 46.61 62.75
N GLN A 666 -61.60 47.73 63.29
CA GLN A 666 -62.67 48.49 62.65
C GLN A 666 -62.18 49.40 61.53
N VAL A 667 -60.87 49.70 61.47
CA VAL A 667 -60.36 50.58 60.43
C VAL A 667 -60.05 49.83 59.14
N LEU A 668 -60.07 48.51 59.15
CA LEU A 668 -59.84 47.64 58.00
C LEU A 668 -61.17 47.20 57.40
N PRO A 669 -61.20 46.92 56.09
CA PRO A 669 -62.43 46.39 55.49
C PRO A 669 -62.73 44.97 55.98
N GLU A 670 -63.99 44.56 55.79
CA GLU A 670 -64.48 43.33 56.42
C GLU A 670 -63.92 42.08 55.76
N ASP A 671 -63.34 42.19 54.57
CA ASP A 671 -62.74 41.05 53.90
C ASP A 671 -61.30 40.77 54.37
N MET A 672 -60.79 41.52 55.34
CA MET A 672 -59.45 41.28 55.86
C MET A 672 -59.35 41.37 57.38
N GLN A 673 -60.46 41.41 58.11
CA GLN A 673 -60.43 41.54 59.56
C GLN A 673 -60.06 40.25 60.28
N ALA A 674 -59.96 39.13 59.57
CA ALA A 674 -59.61 37.86 60.21
C ALA A 674 -58.11 37.65 60.36
N VAL A 675 -57.28 38.57 59.85
CA VAL A 675 -55.84 38.40 59.92
C VAL A 675 -55.32 38.66 61.33
N LEU A 676 -56.09 39.34 62.17
CA LEU A 676 -55.66 39.68 63.52
C LEU A 676 -55.80 38.53 64.51
N THR A 677 -56.30 37.38 64.08
CA THR A 677 -56.52 36.23 64.95
C THR A 677 -55.54 35.09 64.67
N PHE A 678 -54.44 35.37 63.98
CA PHE A 678 -53.42 34.37 63.70
C PHE A 678 -52.23 34.57 64.62
N ASN A 679 -51.53 33.46 64.91
CA ASN A 679 -50.40 33.47 65.82
C ASN A 679 -49.19 34.05 65.09
N GLY A 680 -48.94 35.34 65.30
CA GLY A 680 -47.78 35.98 64.73
C GLY A 680 -46.50 35.68 65.49
N ILE A 681 -45.38 35.87 64.81
CA ILE A 681 -44.06 35.61 65.37
C ILE A 681 -43.24 36.89 65.32
N LYS A 682 -42.78 37.33 66.49
CA LYS A 682 -41.92 38.50 66.56
C LYS A 682 -40.52 38.18 66.03
N TRP A 683 -39.94 39.15 65.33
CA TRP A 683 -38.65 38.97 64.68
C TRP A 683 -37.54 39.59 65.51
N SER A 684 -36.46 38.83 65.69
CA SER A 684 -35.26 39.31 66.37
C SER A 684 -34.11 39.30 65.36
N HIS A 685 -33.46 40.45 65.20
CA HIS A 685 -32.42 40.59 64.19
C HIS A 685 -31.10 39.95 64.60
N GLU A 686 -30.88 39.73 65.90
CA GLU A 686 -29.63 39.14 66.38
C GLU A 686 -29.81 37.72 66.89
N TYR A 687 -31.02 37.17 66.84
CA TYR A 687 -31.33 35.80 67.25
C TYR A 687 -32.19 35.13 66.20
N GLN A 688 -31.73 35.21 64.95
CA GLN A 688 -32.58 34.86 63.80
C GLN A 688 -32.79 33.35 63.69
N GLU A 689 -31.82 32.53 64.13
CA GLU A 689 -31.87 31.10 63.86
C GLU A 689 -32.97 30.41 64.66
N ALA A 690 -33.15 30.79 65.93
CA ALA A 690 -34.23 30.23 66.73
C ALA A 690 -35.59 30.69 66.22
N THR A 691 -35.66 31.90 65.68
CA THR A 691 -36.92 32.39 65.11
C THR A 691 -37.27 31.64 63.83
N ILE A 692 -36.28 31.34 62.99
CA ILE A 692 -36.51 30.56 61.78
C ILE A 692 -36.89 29.12 62.12
N GLU A 693 -36.28 28.56 63.18
CA GLU A 693 -36.70 27.23 63.64
C GLU A 693 -38.12 27.25 64.21
N LYS A 694 -38.52 28.35 64.84
CA LYS A 694 -39.90 28.49 65.30
C LYS A 694 -40.87 28.60 64.14
N ILE A 695 -40.43 29.24 63.05
CA ILE A 695 -41.24 29.30 61.83
C ILE A 695 -41.39 27.92 61.20
N ILE A 696 -40.29 27.17 61.13
CA ILE A 696 -40.31 25.82 60.56
C ILE A 696 -41.16 24.87 61.40
N ARG A 697 -41.15 25.03 62.72
CA ARG A 697 -42.05 24.26 63.57
C ARG A 697 -43.52 24.66 63.43
N PHE A 698 -43.81 25.79 62.78
CA PHE A 698 -45.18 26.26 62.60
C PHE A 698 -45.62 26.20 61.14
N LEU A 699 -45.02 25.30 60.36
CA LEU A 699 -45.40 25.11 58.97
C LEU A 699 -45.64 23.63 58.70
N GLN A 700 -46.11 23.34 57.50
CA GLN A 700 -46.39 21.96 57.09
C GLN A 700 -45.25 21.41 56.23
N VAL B 61 2.42 68.59 43.42
CA VAL B 61 2.41 67.14 43.41
C VAL B 61 3.13 66.59 44.65
N GLN B 62 4.38 66.97 44.81
CA GLN B 62 5.20 66.53 45.93
C GLN B 62 5.09 67.43 47.16
N ASP B 63 4.22 68.45 47.11
CA ASP B 63 4.05 69.32 48.28
C ASP B 63 3.23 68.63 49.36
N ALA B 64 2.20 67.88 48.96
CA ALA B 64 1.38 67.15 49.93
C ALA B 64 2.17 66.03 50.59
N LEU B 65 3.13 65.45 49.87
CA LEU B 65 4.02 64.45 50.46
C LEU B 65 4.88 65.08 51.56
N GLU B 66 5.48 66.24 51.28
CA GLU B 66 6.29 66.93 52.26
C GLU B 66 5.47 67.51 53.41
N ARG B 67 4.16 67.72 53.22
CA ARG B 67 3.32 68.14 54.33
C ARG B 67 2.83 66.96 55.16
N ALA B 68 2.72 65.77 54.54
CA ALA B 68 2.09 64.65 55.23
C ALA B 68 3.09 63.65 55.81
N LEU B 69 4.37 63.67 55.37
CA LEU B 69 5.33 62.74 55.96
C LEU B 69 5.73 63.06 57.40
N PRO B 70 6.16 64.27 57.78
CA PRO B 70 6.59 64.45 59.19
C PRO B 70 5.44 64.44 60.18
N GLU B 71 4.22 64.75 59.76
CA GLU B 71 3.07 64.64 60.64
C GLU B 71 2.79 63.18 60.98
N LEU B 72 2.89 62.28 59.99
CA LEU B 72 2.76 60.86 60.28
C LEU B 72 3.96 60.30 61.01
N GLN B 73 5.14 60.91 60.84
CA GLN B 73 6.30 60.52 61.65
C GLN B 73 6.07 60.83 63.13
N GLN B 74 5.58 62.04 63.43
CA GLN B 74 5.25 62.40 64.80
C GLN B 74 4.11 61.56 65.36
N ALA B 75 3.11 61.26 64.53
CA ALA B 75 1.96 60.49 64.99
C ALA B 75 2.32 59.03 65.24
N LEU B 76 3.14 58.43 64.38
CA LEU B 76 3.58 57.05 64.61
C LEU B 76 4.59 56.96 65.75
N SER B 77 5.37 58.03 65.98
CA SER B 77 6.21 58.05 67.18
C SER B 77 5.37 58.16 68.45
N ALA B 78 4.26 58.90 68.39
CA ALA B 78 3.36 58.97 69.54
C ALA B 78 2.64 57.65 69.76
N LEU B 79 2.31 56.94 68.68
CA LEU B 79 1.70 55.62 68.83
C LEU B 79 2.69 54.59 69.34
N LYS B 80 3.96 54.71 68.95
CA LYS B 80 4.98 53.77 69.41
C LYS B 80 5.39 54.03 70.85
N GLN B 81 5.40 55.30 71.26
CA GLN B 81 5.83 55.67 72.60
C GLN B 81 4.73 55.51 73.65
N ALA B 82 3.55 56.07 73.40
CA ALA B 82 2.48 56.01 74.39
C ALA B 82 1.77 54.66 74.36
N GLY B 83 1.51 54.12 75.55
CA GLY B 83 0.82 52.86 75.69
C GLY B 83 -0.34 52.92 76.64
N GLY B 84 -1.05 54.05 76.66
CA GLY B 84 -2.16 54.24 77.57
C GLY B 84 -3.44 53.60 77.08
N ALA B 85 -4.55 54.02 77.69
CA ALA B 85 -5.85 53.45 77.39
C ALA B 85 -6.70 54.33 76.48
N ARG B 86 -6.48 55.65 76.48
CA ARG B 86 -7.28 56.56 75.69
C ARG B 86 -6.47 57.44 74.74
N ALA B 87 -5.21 57.73 75.04
CA ALA B 87 -4.39 58.53 74.15
C ALA B 87 -3.96 57.74 72.91
N VAL B 88 -3.88 56.41 73.03
CA VAL B 88 -3.53 55.57 71.88
C VAL B 88 -4.65 55.59 70.85
N GLY B 89 -5.90 55.53 71.30
CA GLY B 89 -7.03 55.64 70.39
C GLY B 89 -7.14 57.02 69.78
N ALA B 90 -6.73 58.06 70.52
CA ALA B 90 -6.68 59.40 69.96
C ALA B 90 -5.61 59.52 68.88
N GLY B 91 -4.46 58.87 69.08
CA GLY B 91 -3.45 58.85 68.05
C GLY B 91 -3.88 58.07 66.82
N LEU B 92 -4.60 56.96 67.02
CA LEU B 92 -5.17 56.22 65.91
C LEU B 92 -6.20 57.05 65.15
N ALA B 93 -6.99 57.85 65.88
CA ALA B 93 -7.94 58.75 65.24
C ALA B 93 -7.24 59.85 64.46
N GLU B 94 -6.11 60.36 64.96
CA GLU B 94 -5.35 61.37 64.23
C GLU B 94 -4.76 60.79 62.94
N VAL B 95 -4.19 59.58 63.00
CA VAL B 95 -3.64 58.93 61.82
C VAL B 95 -4.75 58.62 60.82
N PHE B 96 -5.92 58.18 61.30
CA PHE B 96 -7.03 57.84 60.42
C PHE B 96 -7.64 59.10 59.79
N GLN B 97 -7.63 60.21 60.52
CA GLN B 97 -8.08 61.48 59.95
C GLN B 97 -7.11 61.99 58.90
N LEU B 98 -5.80 61.79 59.10
CA LEU B 98 -4.85 62.17 58.06
C LEU B 98 -4.96 61.25 56.85
N VAL B 99 -5.32 59.99 57.07
CA VAL B 99 -5.59 59.08 55.95
C VAL B 99 -6.83 59.51 55.17
N GLU B 100 -7.87 59.95 55.88
CA GLU B 100 -9.07 60.50 55.23
C GLU B 100 -8.76 61.76 54.44
N GLU B 101 -7.86 62.60 54.97
CA GLU B 101 -7.44 63.78 54.22
C GLU B 101 -6.55 63.40 53.04
N ALA B 102 -5.86 62.27 53.12
CA ALA B 102 -4.99 61.85 52.03
C ALA B 102 -5.76 61.25 50.87
N TRP B 103 -6.81 60.47 51.13
CA TRP B 103 -7.52 59.82 50.03
C TRP B 103 -8.46 60.78 49.29
N LEU B 104 -8.79 61.92 49.90
CA LEU B 104 -9.79 62.83 49.33
C LEU B 104 -9.16 64.00 48.59
N LEU B 105 -8.05 63.79 47.88
CA LEU B 105 -7.47 64.83 47.04
C LEU B 105 -7.79 64.53 45.59
N PRO B 106 -8.32 65.49 44.82
CA PRO B 106 -8.69 65.22 43.43
C PRO B 106 -7.47 65.05 42.53
N ALA B 107 -7.27 63.82 42.06
CA ALA B 107 -6.21 63.40 41.11
C ALA B 107 -4.80 63.68 41.63
N VAL B 108 -4.62 63.78 42.94
CA VAL B 108 -3.32 64.02 43.55
C VAL B 108 -3.06 62.93 44.58
N GLY B 109 -4.05 62.70 45.46
CA GLY B 109 -3.91 61.87 46.64
C GLY B 109 -3.79 60.38 46.41
N ARG B 110 -3.81 59.89 45.17
CA ARG B 110 -3.63 58.47 44.92
C ARG B 110 -2.19 58.05 45.22
N GLU B 111 -1.23 58.65 44.49
CA GLU B 111 0.18 58.37 44.74
C GLU B 111 0.62 58.88 46.11
N VAL B 112 -0.02 59.95 46.60
CA VAL B 112 0.28 60.45 47.94
C VAL B 112 -0.14 59.45 49.00
N ALA B 113 -1.33 58.87 48.87
CA ALA B 113 -1.80 57.85 49.81
C ALA B 113 -0.99 56.58 49.71
N GLN B 114 -0.55 56.20 48.50
CA GLN B 114 0.35 55.06 48.36
C GLN B 114 1.69 55.30 49.03
N GLY B 115 2.23 56.52 48.89
CA GLY B 115 3.49 56.84 49.56
C GLY B 115 3.35 56.90 51.08
N LEU B 116 2.19 57.34 51.57
CA LEU B 116 1.99 57.36 53.02
C LEU B 116 1.78 55.96 53.57
N CYS B 117 1.15 55.07 52.78
CA CYS B 117 1.07 53.66 53.20
C CYS B 117 2.45 53.00 53.18
N ASP B 118 3.30 53.38 52.22
CA ASP B 118 4.67 52.89 52.21
C ASP B 118 5.44 53.41 53.43
N ALA B 119 5.18 54.65 53.84
CA ALA B 119 5.84 55.21 55.02
C ALA B 119 5.36 54.55 56.31
N ILE B 120 4.08 54.18 56.36
CA ILE B 120 3.56 53.43 57.51
C ILE B 120 4.16 52.03 57.55
N ARG B 121 4.34 51.39 56.38
CA ARG B 121 4.89 50.05 56.33
C ARG B 121 6.36 50.02 56.69
N LEU B 122 7.15 50.94 56.14
CA LEU B 122 8.58 50.97 56.40
C LEU B 122 8.94 51.42 57.80
N ASP B 123 8.03 52.12 58.50
CA ASP B 123 8.28 52.50 59.88
C ASP B 123 8.07 51.32 60.83
N GLY B 124 7.27 50.34 60.43
CA GLY B 124 6.90 49.24 61.30
C GLY B 124 5.54 49.40 61.96
N GLY B 125 4.71 50.33 61.48
CA GLY B 125 3.42 50.55 62.08
C GLY B 125 2.38 49.50 61.77
N LEU B 126 2.63 48.66 60.75
CA LEU B 126 1.69 47.59 60.44
C LEU B 126 1.75 46.50 61.50
N ASP B 127 2.96 46.17 61.98
CA ASP B 127 3.09 45.26 63.12
C ASP B 127 2.52 45.88 64.39
N LEU B 128 2.59 47.21 64.51
CA LEU B 128 1.95 47.89 65.65
C LEU B 128 0.43 47.75 65.58
N LEU B 129 -0.15 47.86 64.38
CA LEU B 129 -1.58 47.66 64.24
C LEU B 129 -1.97 46.21 64.47
N LEU B 130 -1.13 45.26 64.05
CA LEU B 130 -1.37 43.86 64.36
C LEU B 130 -1.25 43.55 65.84
N ARG B 131 -0.44 44.31 66.58
CA ARG B 131 -0.40 44.15 68.03
C ARG B 131 -1.66 44.76 68.68
N LEU B 132 -2.09 45.92 68.18
CA LEU B 132 -3.27 46.58 68.74
C LEU B 132 -4.58 45.87 68.37
N LEU B 133 -4.60 45.05 67.32
CA LEU B 133 -5.76 44.21 67.05
C LEU B 133 -5.94 43.09 68.08
N GLN B 134 -4.88 42.72 68.79
CA GLN B 134 -4.99 41.76 69.88
C GLN B 134 -5.12 42.42 71.24
N ALA B 135 -5.48 43.69 71.29
CA ALA B 135 -5.65 44.38 72.56
C ALA B 135 -6.98 43.97 73.19
N PRO B 136 -7.03 43.83 74.52
CA PRO B 136 -8.29 43.44 75.17
C PRO B 136 -9.33 44.55 75.21
N GLU B 137 -8.94 45.80 75.00
CA GLU B 137 -9.89 46.91 74.99
C GLU B 137 -10.63 46.94 73.65
N LEU B 138 -11.86 47.42 73.68
CA LEU B 138 -12.69 47.38 72.46
C LEU B 138 -12.47 48.62 71.60
N GLU B 139 -12.27 49.78 72.23
CA GLU B 139 -12.19 51.04 71.51
C GLU B 139 -10.92 51.15 70.67
N THR B 140 -9.77 50.84 71.27
CA THR B 140 -8.53 50.84 70.50
C THR B 140 -8.53 49.73 69.45
N ARG B 141 -9.28 48.65 69.69
CA ARG B 141 -9.44 47.59 68.70
C ARG B 141 -10.23 48.08 67.48
N VAL B 142 -11.32 48.82 67.70
CA VAL B 142 -12.10 49.26 66.55
C VAL B 142 -11.40 50.40 65.82
N GLN B 143 -10.66 51.28 66.53
CA GLN B 143 -9.89 52.28 65.78
C GLN B 143 -8.69 51.66 65.04
N ALA B 144 -8.05 50.64 65.60
CA ALA B 144 -6.97 49.97 64.88
C ALA B 144 -7.49 49.21 63.68
N ALA B 145 -8.69 48.62 63.79
CA ALA B 145 -9.29 47.94 62.64
C ALA B 145 -9.68 48.92 61.55
N ARG B 146 -10.28 50.06 61.93
CA ARG B 146 -10.67 51.04 60.91
C ARG B 146 -9.46 51.74 60.31
N LEU B 147 -8.34 51.80 61.02
CA LEU B 147 -7.12 52.31 60.42
C LEU B 147 -6.48 51.28 59.49
N LEU B 148 -6.56 50.00 59.85
CA LEU B 148 -5.98 48.95 59.00
C LEU B 148 -6.82 48.73 57.75
N GLU B 149 -8.10 49.11 57.80
CA GLU B 149 -8.99 48.94 56.64
C GLU B 149 -8.58 49.80 55.46
N GLN B 150 -8.15 51.03 55.69
CA GLN B 150 -7.94 51.99 54.63
C GLN B 150 -6.50 52.03 54.09
N ILE B 151 -5.65 51.09 54.50
CA ILE B 151 -4.25 51.10 54.09
C ILE B 151 -3.83 49.79 53.41
N LEU B 152 -4.79 48.99 52.96
CA LEU B 152 -4.48 47.68 52.37
C LEU B 152 -4.19 47.85 50.88
N VAL B 153 -2.96 48.28 50.60
CA VAL B 153 -2.49 48.40 49.22
C VAL B 153 -1.67 47.16 48.91
N ALA B 154 -1.29 47.01 47.62
CA ALA B 154 -0.70 45.76 47.13
C ALA B 154 0.65 45.43 47.78
N GLU B 155 1.35 46.44 48.28
CA GLU B 155 2.57 46.17 49.04
C GLU B 155 2.28 45.85 50.50
N ASN B 156 1.21 46.40 51.08
CA ASN B 156 0.84 46.05 52.44
C ASN B 156 0.20 44.67 52.52
N ARG B 157 -0.51 44.26 51.45
CA ARG B 157 -1.23 42.99 51.46
C ARG B 157 -0.27 41.81 51.51
N ASP B 158 0.94 41.97 50.97
CA ASP B 158 1.95 40.93 51.09
C ASP B 158 2.39 40.74 52.54
N ARG B 159 2.56 41.86 53.26
CA ARG B 159 2.94 41.79 54.67
C ARG B 159 1.82 41.20 55.53
N VAL B 160 0.57 41.54 55.20
CA VAL B 160 -0.56 40.98 55.96
C VAL B 160 -0.74 39.50 55.63
N ALA B 161 -0.45 39.09 54.40
CA ALA B 161 -0.46 37.67 54.06
C ALA B 161 0.69 36.93 54.73
N ARG B 162 1.80 37.61 54.99
CA ARG B 162 2.90 36.97 55.71
C ARG B 162 2.57 36.78 57.19
N ILE B 163 2.16 37.85 57.88
CA ILE B 163 2.00 37.82 59.33
C ILE B 163 0.53 37.96 59.73
N GLY B 164 -0.16 38.97 59.22
CA GLY B 164 -1.49 39.37 59.65
C GLY B 164 -2.62 38.37 59.49
N LEU B 165 -2.41 37.28 58.74
CA LEU B 165 -3.41 36.23 58.70
C LEU B 165 -3.39 35.42 60.00
N GLY B 166 -4.57 35.25 60.59
CA GLY B 166 -4.70 34.64 61.89
C GLY B 166 -5.06 35.59 63.01
N VAL B 167 -4.74 36.88 62.86
CA VAL B 167 -5.13 37.90 63.84
C VAL B 167 -6.46 38.48 63.40
N ILE B 168 -6.58 38.78 62.11
CA ILE B 168 -7.84 39.24 61.54
C ILE B 168 -8.85 38.09 61.52
N LEU B 169 -8.36 36.88 61.29
CA LEU B 169 -9.16 35.65 61.40
C LEU B 169 -9.69 35.42 62.81
N ASN B 170 -8.96 35.86 63.83
CA ASN B 170 -9.46 35.83 65.20
C ASN B 170 -10.58 36.85 65.41
N LEU B 171 -10.50 37.98 64.71
CA LEU B 171 -11.58 38.96 64.78
C LEU B 171 -12.79 38.52 63.96
N ALA B 172 -12.60 37.60 63.02
CA ALA B 172 -13.72 37.07 62.25
C ALA B 172 -14.68 36.24 63.09
N LYS B 173 -14.23 35.74 64.26
CA LYS B 173 -15.13 35.00 65.13
C LYS B 173 -16.00 35.91 65.99
N GLU B 174 -15.49 37.06 66.42
CA GLU B 174 -16.28 38.02 67.19
C GLU B 174 -17.13 38.81 66.21
N ARG B 175 -18.45 38.57 66.25
CA ARG B 175 -19.34 39.01 65.18
C ARG B 175 -20.47 39.90 65.67
N GLU B 176 -20.75 39.92 66.97
CA GLU B 176 -21.90 40.64 67.50
C GLU B 176 -21.83 42.17 67.46
N PRO B 177 -20.72 42.86 67.80
CA PRO B 177 -20.73 44.32 67.65
C PRO B 177 -20.61 44.75 66.19
N VAL B 178 -21.28 45.85 65.85
CA VAL B 178 -21.32 46.32 64.47
C VAL B 178 -20.05 47.09 64.11
N GLU B 179 -19.48 47.82 65.07
CA GLU B 179 -18.31 48.65 64.82
C GLU B 179 -17.05 47.85 64.52
N LEU B 180 -16.93 46.63 65.05
CA LEU B 180 -15.89 45.73 64.58
C LEU B 180 -16.19 45.21 63.18
N ALA B 181 -17.42 44.74 62.98
CA ALA B 181 -17.77 43.97 61.78
C ALA B 181 -17.74 44.81 60.52
N ARG B 182 -18.11 46.10 60.62
CA ARG B 182 -18.13 46.99 59.46
C ARG B 182 -16.74 47.21 58.89
N SER B 183 -15.71 47.19 59.73
CA SER B 183 -14.34 47.32 59.28
C SER B 183 -13.68 45.98 58.96
N VAL B 184 -13.97 44.93 59.73
CA VAL B 184 -13.36 43.62 59.47
C VAL B 184 -13.88 43.03 58.18
N ALA B 185 -15.13 43.34 57.81
CA ALA B 185 -15.64 42.96 56.48
C ALA B 185 -14.86 43.63 55.36
N GLY B 186 -14.48 44.90 55.52
CA GLY B 186 -13.69 45.56 54.50
C GLY B 186 -12.25 45.08 54.47
N ILE B 187 -11.70 44.72 55.64
CA ILE B 187 -10.35 44.17 55.69
C ILE B 187 -10.29 42.82 54.97
N LEU B 188 -11.28 41.96 55.22
CA LEU B 188 -11.35 40.68 54.52
C LEU B 188 -11.65 40.87 53.03
N GLU B 189 -12.48 41.87 52.71
CA GLU B 189 -12.74 42.28 51.33
C GLU B 189 -11.47 42.58 50.56
N HIS B 190 -10.61 43.44 51.12
CA HIS B 190 -9.38 43.76 50.43
C HIS B 190 -8.36 42.64 50.51
N MET B 191 -8.43 41.77 51.53
CA MET B 191 -7.53 40.63 51.60
C MET B 191 -7.92 39.47 50.69
N PHE B 192 -9.15 39.46 50.14
CA PHE B 192 -9.42 38.46 49.12
C PHE B 192 -8.76 38.76 47.78
N LYS B 193 -8.18 39.94 47.60
CA LYS B 193 -7.58 40.34 46.33
C LYS B 193 -6.09 40.03 46.23
N HIS B 194 -5.52 39.33 47.21
CA HIS B 194 -4.08 39.10 47.21
C HIS B 194 -3.68 37.98 46.25
N SER B 195 -4.10 36.76 46.54
CA SER B 195 -3.71 35.60 45.76
C SER B 195 -4.69 34.48 46.03
N GLU B 196 -4.44 33.32 45.40
CA GLU B 196 -5.29 32.16 45.61
C GLU B 196 -5.00 31.48 46.93
N GLU B 197 -3.76 31.58 47.42
CA GLU B 197 -3.38 30.96 48.69
C GLU B 197 -4.08 31.64 49.86
N THR B 198 -4.15 32.98 49.84
CA THR B 198 -4.88 33.71 50.87
C THR B 198 -6.38 33.43 50.82
N CYS B 199 -6.92 33.24 49.61
CA CYS B 199 -8.33 32.87 49.48
C CYS B 199 -8.59 31.48 50.05
N GLN B 200 -7.66 30.54 49.83
CA GLN B 200 -7.81 29.21 50.41
C GLN B 200 -7.68 29.24 51.93
N ARG B 201 -6.77 30.06 52.45
CA ARG B 201 -6.60 30.15 53.90
C ARG B 201 -7.76 30.87 54.58
N LEU B 202 -8.44 31.77 53.86
CA LEU B 202 -9.60 32.43 54.44
C LEU B 202 -10.86 31.58 54.32
N VAL B 203 -11.05 30.89 53.19
CA VAL B 203 -12.27 30.10 53.01
C VAL B 203 -12.22 28.80 53.81
N ALA B 204 -11.04 28.14 53.86
CA ALA B 204 -10.92 26.90 54.62
C ALA B 204 -11.04 27.15 56.13
N ALA B 205 -10.62 28.32 56.58
CA ALA B 205 -10.81 28.72 57.97
C ALA B 205 -12.12 29.50 58.09
N GLY B 206 -12.34 30.17 59.22
CA GLY B 206 -13.58 30.88 59.45
C GLY B 206 -13.59 32.31 58.95
N GLY B 207 -13.12 32.52 57.72
CA GLY B 207 -13.17 33.85 57.12
C GLY B 207 -14.35 34.01 56.19
N LEU B 208 -14.73 32.93 55.52
CA LEU B 208 -15.92 32.94 54.67
C LEU B 208 -17.20 32.91 55.50
N ASP B 209 -17.19 32.19 56.62
CA ASP B 209 -18.35 32.10 57.49
C ASP B 209 -18.69 33.44 58.13
N ALA B 210 -17.68 34.28 58.38
CA ALA B 210 -17.93 35.62 58.92
C ALA B 210 -18.69 36.48 57.92
N VAL B 211 -18.31 36.42 56.64
CA VAL B 211 -19.01 37.18 55.61
C VAL B 211 -20.42 36.63 55.38
N LEU B 212 -20.55 35.29 55.37
CA LEU B 212 -21.86 34.68 55.16
C LEU B 212 -22.79 34.86 56.37
N TYR B 213 -22.24 35.14 57.55
CA TYR B 213 -23.09 35.48 58.69
C TYR B 213 -23.40 36.96 58.70
N TRP B 214 -22.46 37.80 58.26
CA TRP B 214 -22.67 39.24 58.21
C TRP B 214 -23.56 39.69 57.07
N CYS B 215 -23.84 38.80 56.10
CA CYS B 215 -24.86 39.10 55.10
C CYS B 215 -26.27 39.22 55.68
N ARG B 216 -26.50 38.73 56.91
CA ARG B 216 -27.81 38.82 57.55
C ARG B 216 -28.13 40.24 58.05
N ARG B 217 -27.13 41.11 58.12
CA ARG B 217 -27.32 42.42 58.75
C ARG B 217 -28.07 43.37 57.83
N THR B 218 -28.40 44.55 58.37
CA THR B 218 -29.09 45.59 57.63
C THR B 218 -28.27 46.86 57.46
N ASP B 219 -26.98 46.81 57.78
CA ASP B 219 -26.09 47.95 57.62
C ASP B 219 -25.83 48.20 56.15
N PRO B 220 -26.17 49.38 55.60
CA PRO B 220 -26.02 49.60 54.15
C PRO B 220 -24.57 49.77 53.67
N ALA B 221 -23.58 49.74 54.55
CA ALA B 221 -22.18 49.73 54.13
C ALA B 221 -21.50 48.40 54.39
N LEU B 222 -21.88 47.71 55.47
CA LEU B 222 -21.34 46.39 55.77
C LEU B 222 -21.76 45.38 54.71
N LEU B 223 -22.99 45.51 54.19
CA LEU B 223 -23.42 44.64 53.11
C LEU B 223 -22.69 44.94 51.81
N ARG B 224 -22.31 46.20 51.59
CA ARG B 224 -21.46 46.55 50.44
C ARG B 224 -20.09 45.90 50.58
N HIS B 225 -19.51 45.94 51.78
CA HIS B 225 -18.22 45.29 52.03
C HIS B 225 -18.33 43.77 51.86
N CYS B 226 -19.45 43.17 52.28
CA CYS B 226 -19.62 41.72 52.11
C CYS B 226 -19.82 41.34 50.64
N ALA B 227 -20.55 42.17 49.89
CA ALA B 227 -20.75 41.92 48.47
C ALA B 227 -19.43 42.02 47.71
N LEU B 228 -18.65 43.05 47.99
CA LEU B 228 -17.34 43.19 47.36
C LEU B 228 -16.37 42.11 47.83
N ALA B 229 -16.51 41.64 49.08
CA ALA B 229 -15.68 40.53 49.57
C ALA B 229 -15.97 39.25 48.82
N LEU B 230 -17.26 38.91 48.65
CA LEU B 230 -17.61 37.70 47.91
C LEU B 230 -17.28 37.83 46.42
N GLY B 231 -17.40 39.04 45.86
CA GLY B 231 -17.01 39.23 44.47
C GLY B 231 -15.51 39.08 44.25
N ASN B 232 -14.70 39.65 45.14
CA ASN B 232 -13.25 39.53 45.02
C ASN B 232 -12.79 38.11 45.32
N CYS B 233 -13.50 37.41 46.22
CA CYS B 233 -13.16 36.02 46.50
C CYS B 233 -13.55 35.10 45.35
N ALA B 234 -14.61 35.45 44.62
CA ALA B 234 -14.96 34.69 43.42
C ALA B 234 -14.02 35.01 42.26
N LEU B 235 -13.51 36.24 42.19
CA LEU B 235 -12.57 36.59 41.12
C LEU B 235 -11.17 36.01 41.35
N HIS B 236 -10.67 36.04 42.59
CA HIS B 236 -9.29 35.66 42.85
C HIS B 236 -9.14 34.36 43.62
N GLY B 237 -10.20 33.56 43.75
CA GLY B 237 -10.12 32.36 44.55
C GLY B 237 -9.63 31.13 43.82
N GLY B 238 -10.32 30.72 42.76
CA GLY B 238 -9.98 29.49 42.07
C GLY B 238 -11.05 28.43 42.19
N GLN B 239 -10.69 27.23 41.71
CA GLN B 239 -11.64 26.12 41.59
C GLN B 239 -12.09 25.62 42.95
N ALA B 240 -11.14 25.27 43.82
CA ALA B 240 -11.48 24.74 45.15
C ALA B 240 -12.15 25.80 46.01
N VAL B 241 -11.78 27.07 45.82
CA VAL B 241 -12.41 28.16 46.56
C VAL B 241 -13.85 28.34 46.13
N GLN B 242 -14.13 28.26 44.82
CA GLN B 242 -15.51 28.34 44.35
C GLN B 242 -16.33 27.13 44.79
N ARG B 243 -15.70 25.95 44.85
CA ARG B 243 -16.42 24.77 45.34
C ARG B 243 -16.75 24.89 46.82
N ARG B 244 -15.81 25.40 47.63
CA ARG B 244 -16.08 25.52 49.06
C ARG B 244 -17.00 26.69 49.36
N MET B 245 -17.11 27.66 48.44
CA MET B 245 -18.13 28.68 48.60
C MET B 245 -19.52 28.17 48.24
N VAL B 246 -19.67 27.56 47.07
CA VAL B 246 -21.00 27.22 46.57
C VAL B 246 -21.56 25.95 47.23
N GLU B 247 -20.71 25.00 47.61
CA GLU B 247 -21.17 23.87 48.41
C GLU B 247 -21.59 24.30 49.81
N LYS B 248 -21.03 25.40 50.31
CA LYS B 248 -21.52 26.03 51.53
C LYS B 248 -22.55 27.12 51.25
N ARG B 249 -23.05 27.18 50.01
CA ARG B 249 -24.19 28.01 49.60
C ARG B 249 -23.90 29.51 49.76
N ALA B 250 -22.78 29.96 49.21
CA ALA B 250 -22.47 31.39 49.25
C ALA B 250 -23.30 32.20 48.27
N ALA B 251 -23.86 31.56 47.24
CA ALA B 251 -24.68 32.29 46.28
C ALA B 251 -26.06 32.59 46.84
N GLU B 252 -26.53 31.79 47.81
CA GLU B 252 -27.85 32.00 48.37
C GLU B 252 -27.88 33.19 49.34
N TRP B 253 -26.77 33.49 50.00
CA TRP B 253 -26.73 34.64 50.89
C TRP B 253 -26.64 35.96 50.15
N LEU B 254 -26.35 35.95 48.85
CA LEU B 254 -26.37 37.14 48.02
C LEU B 254 -27.77 37.53 47.57
N PHE B 255 -28.79 36.73 47.88
CA PHE B 255 -30.15 37.05 47.46
C PHE B 255 -30.75 38.27 48.18
N PRO B 256 -30.59 38.48 49.49
CA PRO B 256 -30.99 39.80 50.03
C PRO B 256 -30.07 40.93 49.61
N LEU B 257 -28.85 40.62 49.17
CA LEU B 257 -27.93 41.63 48.68
C LEU B 257 -28.18 41.97 47.22
N ALA B 258 -28.90 41.12 46.49
CA ALA B 258 -29.25 41.44 45.11
C ALA B 258 -30.64 42.05 44.97
N PHE B 259 -31.42 42.11 46.06
CA PHE B 259 -32.80 42.57 45.96
C PHE B 259 -33.05 43.85 46.75
N SER B 260 -32.14 44.23 47.65
CA SER B 260 -32.36 45.34 48.56
C SER B 260 -32.41 46.67 47.83
N LYS B 261 -33.57 47.33 47.88
CA LYS B 261 -33.85 48.55 47.14
C LYS B 261 -33.32 49.81 47.81
N GLU B 262 -32.48 49.67 48.84
CA GLU B 262 -31.91 50.83 49.52
C GLU B 262 -30.63 51.33 48.86
N ASP B 263 -29.84 50.44 48.27
CA ASP B 263 -28.61 50.80 47.59
C ASP B 263 -28.60 50.19 46.19
N GLU B 264 -28.03 50.93 45.24
CA GLU B 264 -27.97 50.47 43.86
C GLU B 264 -26.61 49.87 43.51
N LEU B 265 -25.53 50.32 44.16
CA LEU B 265 -24.22 49.69 43.96
C LEU B 265 -24.18 48.31 44.56
N LEU B 266 -24.90 48.11 45.67
CA LEU B 266 -24.85 46.86 46.42
C LEU B 266 -25.43 45.70 45.64
N ARG B 267 -26.57 45.93 44.96
CA ARG B 267 -27.17 44.91 44.11
C ARG B 267 -26.30 44.61 42.90
N LEU B 268 -25.61 45.64 42.37
CA LEU B 268 -24.72 45.43 41.23
C LEU B 268 -23.52 44.59 41.60
N HIS B 269 -22.91 44.82 42.77
CA HIS B 269 -21.77 44.00 43.16
C HIS B 269 -22.20 42.60 43.57
N ALA B 270 -23.42 42.47 44.13
CA ALA B 270 -23.96 41.14 44.40
C ALA B 270 -24.20 40.35 43.12
N CYS B 271 -24.77 40.98 42.09
CA CYS B 271 -24.96 40.30 40.82
C CYS B 271 -23.64 40.05 40.10
N LEU B 272 -22.62 40.89 40.34
CA LEU B 272 -21.28 40.59 39.85
C LEU B 272 -20.73 39.32 40.47
N ALA B 273 -20.87 39.17 41.80
CA ALA B 273 -20.41 37.96 42.47
C ALA B 273 -21.19 36.73 41.99
N VAL B 274 -22.50 36.89 41.77
CA VAL B 274 -23.34 35.80 41.24
C VAL B 274 -22.90 35.41 39.85
N ALA B 275 -22.57 36.39 38.99
CA ALA B 275 -22.16 36.10 37.63
C ALA B 275 -20.79 35.43 37.58
N VAL B 276 -19.85 35.87 38.42
CA VAL B 276 -18.52 35.27 38.44
C VAL B 276 -18.57 33.85 39.00
N LEU B 277 -19.46 33.60 39.97
CA LEU B 277 -19.70 32.22 40.39
C LEU B 277 -20.42 31.42 39.31
N ALA B 278 -21.21 32.08 38.46
CA ALA B 278 -21.93 31.39 37.40
C ALA B 278 -21.10 31.21 36.12
N THR B 279 -19.87 31.71 36.08
CA THR B 279 -19.00 31.42 34.94
C THR B 279 -18.35 30.04 35.02
N ASN B 280 -18.53 29.30 36.11
CA ASN B 280 -17.94 27.98 36.26
C ASN B 280 -18.99 26.93 35.89
N LYS B 281 -18.62 26.00 35.00
CA LYS B 281 -19.58 25.09 34.41
C LYS B 281 -20.03 24.00 35.40
N GLU B 282 -19.21 23.70 36.40
CA GLU B 282 -19.56 22.73 37.44
C GLU B 282 -20.39 23.36 38.56
N VAL B 283 -20.79 24.63 38.41
CA VAL B 283 -21.41 25.39 39.48
C VAL B 283 -22.81 25.89 39.10
N GLU B 284 -23.10 26.02 37.80
CA GLU B 284 -24.26 26.77 37.29
C GLU B 284 -25.60 26.15 37.73
N ARG B 285 -25.61 24.85 38.00
CA ARG B 285 -26.86 24.19 38.39
C ARG B 285 -27.33 24.64 39.77
N GLU B 286 -26.42 24.70 40.75
CA GLU B 286 -26.80 25.16 42.07
C GLU B 286 -27.04 26.66 42.10
N VAL B 287 -26.45 27.41 41.16
CA VAL B 287 -26.73 28.84 41.07
C VAL B 287 -28.12 29.08 40.48
N GLU B 288 -28.52 28.27 39.49
CA GLU B 288 -29.88 28.36 38.97
C GLU B 288 -30.90 27.88 40.00
N ARG B 289 -30.52 26.91 40.83
CA ARG B 289 -31.39 26.49 41.92
C ARG B 289 -31.42 27.52 43.05
N SER B 290 -30.41 28.39 43.14
CA SER B 290 -30.42 29.44 44.15
C SER B 290 -31.46 30.51 43.84
N GLY B 291 -31.63 30.84 42.55
CA GLY B 291 -32.61 31.80 42.13
C GLY B 291 -32.10 33.23 42.05
N THR B 292 -30.80 33.46 42.20
CA THR B 292 -30.24 34.80 42.15
C THR B 292 -29.94 35.27 40.73
N LEU B 293 -30.00 34.38 39.74
CA LEU B 293 -29.80 34.79 38.35
C LEU B 293 -31.02 35.48 37.76
N ALA B 294 -32.19 35.33 38.38
CA ALA B 294 -33.40 35.96 37.87
C ALA B 294 -33.43 37.45 38.16
N LEU B 295 -32.69 37.92 39.15
CA LEU B 295 -32.66 39.33 39.51
C LEU B 295 -31.54 40.10 38.82
N VAL B 296 -30.75 39.46 37.97
CA VAL B 296 -29.61 40.12 37.36
C VAL B 296 -30.05 40.98 36.17
N GLU B 297 -30.75 40.38 35.21
CA GLU B 297 -31.14 41.02 33.96
C GLU B 297 -32.14 42.19 34.12
N PRO B 298 -33.18 42.14 34.98
CA PRO B 298 -33.97 43.36 35.19
C PRO B 298 -33.20 44.47 35.91
N LEU B 299 -32.22 44.11 36.74
CA LEU B 299 -31.38 45.12 37.39
C LEU B 299 -30.51 45.84 36.37
N VAL B 300 -29.87 45.09 35.47
CA VAL B 300 -29.03 45.67 34.44
C VAL B 300 -29.88 46.45 33.43
N ALA B 301 -31.08 45.96 33.12
CA ALA B 301 -31.95 46.66 32.19
C ALA B 301 -32.54 47.93 32.79
N SER B 302 -32.70 47.97 34.12
CA SER B 302 -33.34 49.10 34.77
C SER B 302 -32.38 50.22 35.12
N LEU B 303 -31.07 50.02 34.96
CA LEU B 303 -30.08 51.02 35.33
C LEU B 303 -29.37 51.56 34.10
N ASP B 304 -28.66 52.68 34.30
CA ASP B 304 -27.93 53.34 33.23
C ASP B 304 -26.46 53.39 33.59
N PRO B 305 -25.54 53.03 32.68
CA PRO B 305 -24.12 52.99 33.03
C PRO B 305 -23.47 54.36 33.17
N GLY B 306 -24.06 55.42 32.63
CA GLY B 306 -23.47 56.74 32.75
C GLY B 306 -23.52 57.30 34.16
N ARG B 307 -24.62 57.05 34.87
CA ARG B 307 -24.74 57.53 36.24
C ARG B 307 -23.78 56.79 37.18
N PHE B 308 -23.62 55.48 36.97
CA PHE B 308 -22.68 54.70 37.76
C PHE B 308 -21.23 54.92 37.32
N ALA B 309 -21.00 55.47 36.12
CA ALA B 309 -19.67 55.90 35.74
C ALA B 309 -19.33 57.27 36.32
N ARG B 310 -20.32 58.15 36.45
CA ARG B 310 -20.10 59.42 37.13
C ARG B 310 -19.99 59.24 38.64
N CYS B 311 -20.61 58.18 39.18
CA CYS B 311 -20.57 57.96 40.62
C CYS B 311 -19.21 57.43 41.06
N LEU B 312 -18.69 56.43 40.35
CA LEU B 312 -17.38 55.86 40.68
C LEU B 312 -16.26 56.79 40.25
N GLN B 320 -12.48 55.75 40.65
CA GLN B 320 -12.11 56.36 39.38
C GLN B 320 -11.68 55.30 38.38
N GLY B 321 -12.42 54.20 38.34
CA GLY B 321 -12.13 53.09 37.44
C GLY B 321 -11.28 52.02 38.09
N ARG B 322 -10.91 51.04 37.27
CA ARG B 322 -10.07 49.94 37.72
C ARG B 322 -8.90 49.78 36.76
N GLY B 323 -7.83 49.15 37.26
CA GLY B 323 -6.62 49.00 36.49
C GLY B 323 -6.72 47.89 35.47
N PRO B 324 -5.65 47.73 34.68
CA PRO B 324 -5.65 46.69 33.63
C PRO B 324 -5.64 45.27 34.18
N ASP B 325 -5.21 45.06 35.42
CA ASP B 325 -5.27 43.73 36.01
C ASP B 325 -6.71 43.33 36.31
N ASP B 326 -7.51 44.28 36.78
CA ASP B 326 -8.91 43.99 37.08
C ASP B 326 -9.78 44.05 35.83
N LEU B 327 -9.33 44.76 34.79
CA LEU B 327 -10.03 44.74 33.51
C LEU B 327 -9.94 43.39 32.82
N GLN B 328 -8.90 42.61 33.11
CA GLN B 328 -8.80 41.26 32.56
C GLN B 328 -9.76 40.28 33.21
N ARG B 329 -10.37 40.66 34.34
CA ARG B 329 -11.35 39.80 34.98
C ARG B 329 -12.74 39.96 34.38
N LEU B 330 -13.01 41.08 33.72
CA LEU B 330 -14.32 41.34 33.13
C LEU B 330 -14.45 40.77 31.72
N VAL B 331 -13.34 40.40 31.09
CA VAL B 331 -13.33 39.87 29.71
C VAL B 331 -13.88 38.44 29.63
N PRO B 332 -13.50 37.45 30.47
CA PRO B 332 -14.15 36.13 30.33
C PRO B 332 -15.58 36.06 30.82
N LEU B 333 -16.13 37.16 31.36
CA LEU B 333 -17.57 37.21 31.63
C LEU B 333 -18.38 37.21 30.34
N LEU B 334 -17.79 37.69 29.24
CA LEU B 334 -18.54 37.80 27.99
C LEU B 334 -18.42 36.53 27.15
N ASP B 335 -17.31 35.80 27.29
CA ASP B 335 -17.06 34.59 26.52
C ASP B 335 -17.37 33.32 27.31
N SER B 336 -18.26 33.40 28.29
CA SER B 336 -18.67 32.24 29.07
C SER B 336 -20.13 31.85 28.85
N ASN B 337 -20.70 32.22 27.69
CA ASN B 337 -22.00 31.88 27.11
C ASN B 337 -23.18 31.83 28.09
N ARG B 338 -23.15 32.67 29.11
CA ARG B 338 -24.28 32.84 30.01
C ARG B 338 -24.81 34.26 29.85
N LEU B 339 -26.14 34.39 29.86
CA LEU B 339 -26.77 35.68 29.56
C LEU B 339 -26.50 36.71 30.66
N GLU B 340 -26.60 36.29 31.93
CA GLU B 340 -26.44 37.22 33.03
C GLU B 340 -25.00 37.70 33.16
N ALA B 341 -24.03 36.80 32.95
CA ALA B 341 -22.63 37.18 33.01
C ALA B 341 -22.26 38.12 31.87
N GLN B 342 -22.84 37.90 30.68
CA GLN B 342 -22.61 38.81 29.56
C GLN B 342 -23.24 40.18 29.81
N CYS B 343 -24.41 40.22 30.47
CA CYS B 343 -25.02 41.50 30.80
C CYS B 343 -24.20 42.27 31.82
N ILE B 344 -23.71 41.57 32.86
CA ILE B 344 -22.86 42.20 33.87
C ILE B 344 -21.56 42.71 33.25
N GLY B 345 -20.94 41.90 32.39
CA GLY B 345 -19.69 42.31 31.75
C GLY B 345 -19.88 43.47 30.79
N ALA B 346 -20.97 43.45 30.02
CA ALA B 346 -21.25 44.56 29.10
C ALA B 346 -21.57 45.85 29.84
N PHE B 347 -22.31 45.77 30.95
CA PHE B 347 -22.62 46.96 31.74
C PHE B 347 -21.36 47.55 32.37
N TYR B 348 -20.51 46.70 32.96
CA TYR B 348 -19.31 47.20 33.61
C TYR B 348 -18.29 47.72 32.60
N LEU B 349 -18.13 47.03 31.46
CA LEU B 349 -17.22 47.54 30.45
C LEU B 349 -17.75 48.78 29.76
N CYS B 350 -19.08 48.96 29.68
CA CYS B 350 -19.62 50.20 29.13
C CYS B 350 -19.38 51.38 30.07
N ALA B 351 -19.62 51.18 31.37
CA ALA B 351 -19.38 52.25 32.35
C ALA B 351 -17.90 52.60 32.44
N GLU B 352 -17.03 51.58 32.49
CA GLU B 352 -15.61 51.86 32.56
C GLU B 352 -15.02 52.30 31.23
N ALA B 353 -15.69 52.01 30.11
CA ALA B 353 -15.29 52.61 28.84
C ALA B 353 -15.68 54.07 28.77
N ALA B 354 -16.80 54.44 29.39
CA ALA B 354 -17.12 55.87 29.56
C ALA B 354 -16.09 56.56 30.45
N ILE B 355 -15.63 55.86 31.49
CA ILE B 355 -14.59 56.41 32.36
C ILE B 355 -13.28 56.61 31.62
N LYS B 356 -12.84 55.59 30.87
CA LYS B 356 -11.61 55.70 30.09
C LYS B 356 -11.73 56.61 28.87
N SER B 357 -12.94 56.87 28.39
CA SER B 357 -13.17 57.85 27.33
C SER B 357 -13.22 59.27 27.85
N LEU B 358 -13.57 59.46 29.13
CA LEU B 358 -13.35 60.76 29.76
C LEU B 358 -11.85 61.07 29.87
N GLN B 359 -11.03 60.04 30.10
CA GLN B 359 -9.58 60.18 30.11
C GLN B 359 -9.05 59.86 28.71
N GLY B 360 -7.74 59.67 28.57
CA GLY B 360 -7.14 59.39 27.29
C GLY B 360 -6.39 58.08 27.22
N LYS B 361 -6.96 57.03 27.82
CA LYS B 361 -6.30 55.73 27.89
C LYS B 361 -7.19 54.63 27.33
N THR B 362 -7.75 54.83 26.15
CA THR B 362 -8.64 53.86 25.51
C THR B 362 -7.90 52.74 24.80
N LYS B 363 -6.57 52.70 24.86
CA LYS B 363 -5.80 51.64 24.23
C LYS B 363 -5.66 50.40 25.11
N VAL B 364 -6.20 50.43 26.33
CA VAL B 364 -6.10 49.27 27.21
C VAL B 364 -7.04 48.16 26.75
N PHE B 365 -8.22 48.55 26.24
CA PHE B 365 -9.18 47.57 25.75
C PHE B 365 -8.71 46.89 24.46
N SER B 366 -7.87 47.57 23.68
CA SER B 366 -7.30 46.95 22.50
C SER B 366 -6.10 46.06 22.86
N ASP B 367 -5.42 46.38 23.96
CA ASP B 367 -4.32 45.52 24.40
C ASP B 367 -4.84 44.24 25.04
N ILE B 368 -5.90 44.35 25.84
CA ILE B 368 -6.49 43.16 26.46
C ILE B 368 -7.35 42.39 25.47
N GLY B 369 -8.26 43.06 24.77
CA GLY B 369 -9.06 42.41 23.75
C GLY B 369 -10.53 42.28 24.05
N ALA B 370 -11.14 43.27 24.71
CA ALA B 370 -12.58 43.21 24.97
C ALA B 370 -13.40 43.73 23.80
N ILE B 371 -12.76 44.41 22.84
CA ILE B 371 -13.48 45.02 21.72
C ILE B 371 -14.02 43.95 20.78
N GLN B 372 -13.22 42.93 20.49
CA GLN B 372 -13.69 41.84 19.63
C GLN B 372 -14.77 41.01 20.32
N SER B 373 -14.71 40.89 21.65
CA SER B 373 -15.78 40.24 22.39
C SER B 373 -17.08 41.04 22.36
N LEU B 374 -16.98 42.38 22.43
CA LEU B 374 -18.18 43.20 22.26
C LEU B 374 -18.73 43.11 20.85
N LYS B 375 -17.86 42.99 19.84
CA LYS B 375 -18.32 42.79 18.47
C LYS B 375 -19.01 41.43 18.31
N ARG B 376 -18.51 40.40 19.00
CA ARG B 376 -19.20 39.12 19.01
C ARG B 376 -20.54 39.19 19.73
N LEU B 377 -20.63 40.04 20.76
CA LEU B 377 -21.90 40.24 21.46
C LEU B 377 -22.92 40.92 20.56
N VAL B 378 -22.48 41.92 19.80
CA VAL B 378 -23.40 42.62 18.90
C VAL B 378 -23.82 41.73 17.74
N SER B 379 -22.85 41.06 17.10
CA SER B 379 -23.13 40.26 15.92
C SER B 379 -23.85 38.96 16.22
N TYR B 380 -23.87 38.52 17.49
CA TYR B 380 -24.59 37.31 17.88
C TYR B 380 -25.53 37.58 19.05
N SER B 381 -26.35 38.62 18.96
CA SER B 381 -27.20 39.01 20.08
C SER B 381 -28.57 38.34 19.99
N THR B 382 -29.02 37.80 21.13
CA THR B 382 -30.38 37.32 21.29
C THR B 382 -31.10 38.11 22.37
N ASN B 383 -30.44 39.14 22.91
CA ASN B 383 -30.99 40.00 23.94
C ASN B 383 -30.76 41.45 23.55
N GLY B 384 -31.74 42.30 23.82
CA GLY B 384 -31.63 43.70 23.47
C GLY B 384 -30.78 44.51 24.44
N THR B 385 -30.76 44.10 25.71
CA THR B 385 -30.07 44.88 26.74
C THR B 385 -28.56 44.79 26.60
N LYS B 386 -28.02 43.56 26.49
CA LYS B 386 -26.58 43.39 26.34
C LYS B 386 -26.09 43.90 25.00
N SER B 387 -26.93 43.83 23.96
CA SER B 387 -26.59 44.40 22.67
C SER B 387 -26.56 45.92 22.70
N ALA B 388 -27.51 46.56 23.38
CA ALA B 388 -27.50 48.01 23.51
C ALA B 388 -26.31 48.48 24.33
N LEU B 389 -25.96 47.73 25.40
CA LEU B 389 -24.80 48.09 26.21
C LEU B 389 -23.50 47.90 25.43
N ALA B 390 -23.40 46.84 24.62
CA ALA B 390 -22.19 46.63 23.82
C ALA B 390 -22.08 47.66 22.70
N LYS B 391 -23.19 48.07 22.11
CA LYS B 391 -23.16 49.13 21.10
C LYS B 391 -22.77 50.47 21.71
N ARG B 392 -23.26 50.76 22.94
CA ARG B 392 -22.87 51.99 23.60
C ARG B 392 -21.39 51.95 24.02
N ALA B 393 -20.90 50.78 24.40
CA ALA B 393 -19.49 50.64 24.78
C ALA B 393 -18.58 50.78 23.57
N LEU B 394 -18.98 50.24 22.42
CA LEU B 394 -18.20 50.42 21.21
C LEU B 394 -18.35 51.83 20.62
N ARG B 395 -19.45 52.52 20.92
CA ARG B 395 -19.62 53.90 20.49
C ARG B 395 -18.80 54.87 21.32
N LEU B 396 -18.67 54.61 22.64
CA LEU B 396 -17.83 55.45 23.48
C LEU B 396 -16.34 55.24 23.24
N LEU B 397 -15.97 54.14 22.58
CA LEU B 397 -14.59 53.93 22.15
C LEU B 397 -14.40 54.57 20.77
N GLY B 398 -13.29 54.27 20.11
CA GLY B 398 -12.93 54.90 18.86
C GLY B 398 -13.18 54.09 17.60
N GLU B 399 -13.99 53.04 17.67
CA GLU B 399 -14.28 52.21 16.51
C GLU B 399 -15.78 52.17 16.24
N GLU B 400 -16.13 51.62 15.08
CA GLU B 400 -17.53 51.56 14.65
C GLU B 400 -18.23 50.38 15.30
N VAL B 401 -19.56 50.46 15.34
CA VAL B 401 -20.38 49.35 15.84
C VAL B 401 -20.75 48.43 14.68
N PRO B 402 -20.80 47.13 14.88
CA PRO B 402 -21.24 46.23 13.83
C PRO B 402 -22.76 46.08 13.82
N ARG B 403 -23.25 45.38 12.80
CA ARG B 403 -24.68 45.13 12.64
C ARG B 403 -25.01 43.70 13.05
N PRO B 404 -26.23 43.47 13.56
CA PRO B 404 -26.68 42.09 13.78
C PRO B 404 -26.87 41.34 12.47
N ILE B 405 -26.32 40.14 12.39
CA ILE B 405 -26.30 39.36 11.16
C ILE B 405 -27.69 38.78 10.91
N LEU B 406 -27.96 38.47 9.65
CA LEU B 406 -29.19 37.77 9.29
C LEU B 406 -29.02 36.29 9.63
N PRO B 407 -29.90 35.71 10.46
CA PRO B 407 -29.71 34.31 10.88
C PRO B 407 -29.96 33.29 9.80
N SER B 408 -30.67 33.64 8.72
CA SER B 408 -30.95 32.69 7.64
C SER B 408 -29.70 32.57 6.75
N VAL B 409 -28.75 31.78 7.23
CA VAL B 409 -27.46 31.56 6.57
C VAL B 409 -27.60 30.80 5.24
N PRO B 410 -28.46 29.78 5.07
CA PRO B 410 -28.69 29.29 3.70
C PRO B 410 -29.37 30.28 2.76
N SER B 411 -29.98 31.35 3.28
CA SER B 411 -30.55 32.40 2.46
C SER B 411 -29.58 33.55 2.21
N TRP B 412 -28.30 33.40 2.58
CA TRP B 412 -27.34 34.46 2.38
C TRP B 412 -26.88 34.53 0.93
N LYS B 413 -26.74 35.77 0.45
CA LYS B 413 -26.03 36.05 -0.79
C LYS B 413 -24.58 36.42 -0.44
N GLU B 414 -23.86 36.99 -1.41
CA GLU B 414 -22.44 37.28 -1.22
C GLU B 414 -22.20 38.44 -0.24
N ALA B 415 -23.10 39.43 -0.23
CA ALA B 415 -22.88 40.62 0.58
C ALA B 415 -23.02 40.34 2.08
N GLU B 416 -23.91 39.41 2.45
CA GLU B 416 -24.00 39.01 3.84
C GLU B 416 -22.76 38.25 4.29
N VAL B 417 -22.16 37.46 3.39
CA VAL B 417 -20.91 36.77 3.70
C VAL B 417 -19.78 37.77 3.88
N GLN B 418 -19.74 38.81 3.02
CA GLN B 418 -18.71 39.84 3.15
C GLN B 418 -18.89 40.65 4.44
N THR B 419 -20.14 40.91 4.82
CA THR B 419 -20.41 41.60 6.08
C THR B 419 -20.01 40.76 7.29
N TRP B 420 -20.30 39.44 7.23
CA TRP B 420 -19.88 38.54 8.29
C TRP B 420 -18.36 38.43 8.38
N LEU B 421 -17.67 38.54 7.24
CA LEU B 421 -16.21 38.63 7.27
C LEU B 421 -15.73 39.93 7.92
N GLN B 422 -16.39 41.04 7.61
CA GLN B 422 -15.92 42.33 8.12
C GLN B 422 -16.23 42.50 9.61
N GLN B 423 -17.21 41.77 10.14
CA GLN B 423 -17.60 42.01 11.53
C GLN B 423 -16.79 41.20 12.55
N ILE B 424 -16.14 40.10 12.15
CA ILE B 424 -15.48 39.23 13.11
C ILE B 424 -13.97 39.24 12.99
N GLY B 425 -13.42 39.94 11.99
CA GLY B 425 -11.98 40.05 11.88
C GLY B 425 -11.32 39.28 10.77
N PHE B 426 -12.00 39.09 9.64
CA PHE B 426 -11.42 38.47 8.46
C PHE B 426 -11.39 39.43 7.28
N SER B 427 -10.94 40.67 7.53
CA SER B 427 -10.86 41.69 6.50
C SER B 427 -9.79 41.39 5.45
N LYS B 428 -8.82 40.53 5.75
CA LYS B 428 -7.80 40.18 4.75
C LYS B 428 -8.38 39.27 3.67
N TYR B 429 -9.33 38.40 4.02
CA TYR B 429 -9.89 37.44 3.10
C TYR B 429 -11.22 37.87 2.51
N CYS B 430 -11.50 39.18 2.49
CA CYS B 430 -12.73 39.66 1.87
C CYS B 430 -12.65 39.61 0.34
N GLU B 431 -11.48 39.91 -0.22
CA GLU B 431 -11.32 39.81 -1.67
C GLU B 431 -11.15 38.37 -2.12
N SER B 432 -10.83 37.47 -1.19
CA SER B 432 -10.65 36.06 -1.56
C SER B 432 -11.99 35.38 -1.80
N PHE B 433 -13.00 35.68 -0.99
CA PHE B 433 -14.29 35.01 -1.15
C PHE B 433 -15.11 35.65 -2.27
N ARG B 434 -14.83 36.92 -2.59
CA ARG B 434 -15.63 37.61 -3.60
C ARG B 434 -15.28 37.14 -5.01
N GLU B 435 -14.00 36.87 -5.26
CA GLU B 435 -13.59 36.35 -6.57
C GLU B 435 -14.04 34.91 -6.77
N GLN B 436 -14.18 34.15 -5.69
CA GLN B 436 -14.65 32.77 -5.76
C GLN B 436 -16.17 32.66 -5.69
N GLN B 437 -16.86 33.77 -5.45
CA GLN B 437 -18.33 33.85 -5.40
C GLN B 437 -18.91 32.91 -4.33
N VAL B 438 -18.41 33.05 -3.11
CA VAL B 438 -18.87 32.21 -2.01
C VAL B 438 -20.08 32.85 -1.36
N ASP B 439 -21.22 32.17 -1.42
CA ASP B 439 -22.44 32.61 -0.76
C ASP B 439 -22.62 31.82 0.54
N GLY B 440 -23.80 31.96 1.16
CA GLY B 440 -24.06 31.27 2.41
C GLY B 440 -24.19 29.77 2.26
N ASP B 441 -24.55 29.29 1.06
CA ASP B 441 -24.62 27.85 0.84
C ASP B 441 -23.23 27.23 0.74
N LEU B 442 -22.27 27.98 0.19
CA LEU B 442 -20.89 27.49 0.11
C LEU B 442 -20.13 27.72 1.40
N LEU B 443 -20.58 28.66 2.23
CA LEU B 443 -19.92 28.91 3.50
C LEU B 443 -20.22 27.82 4.52
N LEU B 444 -21.45 27.28 4.48
CA LEU B 444 -21.83 26.17 5.33
C LEU B 444 -21.19 24.85 4.91
N ARG B 445 -20.63 24.77 3.70
CA ARG B 445 -20.09 23.54 3.16
C ARG B 445 -18.63 23.74 2.73
N LEU B 446 -17.83 24.39 3.57
CA LEU B 446 -16.43 24.67 3.26
C LEU B 446 -15.53 23.80 4.13
N THR B 447 -14.44 23.31 3.53
CA THR B 447 -13.59 22.30 4.15
C THR B 447 -12.14 22.77 4.22
N GLU B 448 -11.26 21.81 4.54
CA GLU B 448 -9.84 22.10 4.69
C GLU B 448 -9.20 22.43 3.34
N GLU B 449 -9.48 21.61 2.33
CA GLU B 449 -8.73 21.67 1.07
C GLU B 449 -9.10 22.90 0.26
N GLU B 450 -10.37 23.31 0.31
CA GLU B 450 -10.78 24.51 -0.42
C GLU B 450 -10.24 25.78 0.24
N LEU B 451 -10.10 25.75 1.57
CA LEU B 451 -9.44 26.86 2.26
C LEU B 451 -7.95 26.90 1.96
N GLN B 452 -7.32 25.74 1.83
CA GLN B 452 -5.87 25.69 1.63
C GLN B 452 -5.49 26.06 0.21
N THR B 453 -6.14 25.46 -0.78
CA THR B 453 -5.71 25.61 -2.17
C THR B 453 -6.37 26.80 -2.86
N ASP B 454 -7.70 26.85 -2.85
CA ASP B 454 -8.45 27.79 -3.67
C ASP B 454 -8.54 29.18 -3.08
N LEU B 455 -8.42 29.32 -1.76
CA LEU B 455 -8.70 30.57 -1.08
C LEU B 455 -7.45 31.28 -0.57
N GLY B 456 -6.28 30.68 -0.74
CA GLY B 456 -5.04 31.32 -0.32
C GLY B 456 -4.84 31.39 1.18
N MET B 457 -5.54 30.57 1.94
CA MET B 457 -5.39 30.50 3.39
C MET B 457 -4.48 29.32 3.68
N LYS B 458 -3.18 29.56 3.59
CA LYS B 458 -2.20 28.48 3.69
C LYS B 458 -1.97 28.03 5.13
N SER B 459 -2.09 28.95 6.09
CA SER B 459 -1.81 28.63 7.48
C SER B 459 -2.95 27.83 8.10
N GLY B 460 -2.60 26.71 8.73
CA GLY B 460 -3.60 25.89 9.40
C GLY B 460 -4.15 26.51 10.67
N ILE B 461 -3.40 27.40 11.30
CA ILE B 461 -3.89 28.10 12.50
C ILE B 461 -4.96 29.12 12.10
N THR B 462 -4.76 29.81 10.97
CA THR B 462 -5.78 30.71 10.44
C THR B 462 -7.02 29.93 10.00
N ARG B 463 -6.81 28.74 9.42
CA ARG B 463 -7.94 27.88 9.07
C ARG B 463 -8.68 27.40 10.31
N LYS B 464 -7.95 27.14 11.41
CA LYS B 464 -8.59 26.66 12.62
C LYS B 464 -9.36 27.77 13.32
N ARG B 465 -8.84 29.00 13.26
CA ARG B 465 -9.59 30.16 13.75
C ARG B 465 -10.84 30.40 12.89
N PHE B 466 -10.74 30.15 11.58
CA PHE B 466 -11.90 30.26 10.71
C PHE B 466 -12.93 29.18 11.01
N PHE B 467 -12.48 27.97 11.37
CA PHE B 467 -13.44 26.94 11.75
C PHE B 467 -14.03 27.17 13.15
N ARG B 468 -13.31 27.85 14.04
CA ARG B 468 -13.92 28.26 15.31
C ARG B 468 -15.02 29.30 15.06
N GLU B 469 -14.74 30.27 14.19
CA GLU B 469 -15.77 31.25 13.82
C GLU B 469 -16.91 30.61 13.05
N LEU B 470 -16.61 29.55 12.28
CA LEU B 470 -17.65 28.82 11.57
C LEU B 470 -18.50 27.99 12.53
N THR B 471 -17.90 27.45 13.59
CA THR B 471 -18.66 26.79 14.64
C THR B 471 -19.59 27.78 15.35
N GLU B 472 -19.08 28.97 15.65
CA GLU B 472 -19.90 30.01 16.27
C GLU B 472 -21.02 30.48 15.34
N LEU B 473 -20.77 30.49 14.03
CA LEU B 473 -21.81 30.88 13.08
C LEU B 473 -22.86 29.79 12.94
N LYS B 474 -22.44 28.54 12.80
CA LYS B 474 -23.38 27.45 12.56
C LYS B 474 -24.11 27.02 13.82
N THR B 475 -23.65 27.50 15.00
CA THR B 475 -24.48 27.39 16.19
C THR B 475 -25.67 28.35 16.13
N PHE B 476 -25.42 29.62 15.85
CA PHE B 476 -26.47 30.63 15.75
C PHE B 476 -26.85 30.84 14.28
N ALA B 477 -27.76 29.99 13.81
CA ALA B 477 -28.16 30.02 12.42
C ALA B 477 -29.61 29.56 12.27
N ASN B 478 -30.30 30.14 11.30
CA ASN B 478 -31.68 29.77 10.98
C ASN B 478 -31.66 28.81 9.80
N TYR B 479 -32.18 27.60 10.01
CA TYR B 479 -32.26 26.58 8.99
C TYR B 479 -33.70 26.31 8.54
N SER B 480 -34.54 27.34 8.54
CA SER B 480 -35.96 27.15 8.23
C SER B 480 -36.20 26.84 6.76
N THR B 481 -35.26 27.18 5.88
CA THR B 481 -35.43 26.93 4.46
C THR B 481 -35.14 25.50 4.06
N CYS B 482 -34.56 24.68 4.94
CA CYS B 482 -34.21 23.32 4.57
C CYS B 482 -34.56 22.25 5.60
N ASP B 483 -34.84 22.59 6.85
CA ASP B 483 -35.06 21.60 7.90
C ASP B 483 -36.55 21.26 7.93
N ARG B 484 -36.86 20.00 7.62
CA ARG B 484 -38.26 19.58 7.54
C ARG B 484 -38.75 19.01 8.86
N SER B 485 -37.89 18.32 9.61
CA SER B 485 -38.31 17.57 10.80
C SER B 485 -37.74 18.13 12.09
N ASN B 486 -37.22 19.36 12.08
CA ASN B 486 -36.61 20.03 13.23
C ASN B 486 -35.44 19.22 13.80
N LEU B 487 -34.41 19.07 12.98
CA LEU B 487 -33.23 18.30 13.35
C LEU B 487 -32.29 19.11 14.24
N ALA B 488 -32.34 20.44 14.16
CA ALA B 488 -31.45 21.27 14.96
C ALA B 488 -31.82 21.21 16.44
N ASP B 489 -33.11 21.10 16.76
CA ASP B 489 -33.50 20.89 18.14
C ASP B 489 -33.24 19.48 18.64
N TRP B 490 -33.15 18.51 17.71
CA TRP B 490 -32.72 17.17 18.10
C TRP B 490 -31.23 17.16 18.44
N LEU B 491 -30.44 17.91 17.66
CA LEU B 491 -29.00 18.00 17.95
C LEU B 491 -28.74 18.85 19.20
N GLY B 492 -29.59 19.86 19.45
CA GLY B 492 -29.39 20.72 20.60
C GLY B 492 -29.79 20.10 21.92
N SER B 493 -30.67 19.11 21.90
CA SER B 493 -31.10 18.43 23.12
C SER B 493 -30.03 17.50 23.68
N LEU B 494 -29.03 17.12 22.88
CA LEU B 494 -27.94 16.28 23.36
C LEU B 494 -26.79 17.12 23.90
N ASP B 495 -26.37 18.13 23.14
CA ASP B 495 -25.22 18.97 23.42
C ASP B 495 -25.38 20.21 22.55
N PRO B 496 -25.32 21.42 23.12
CA PRO B 496 -25.51 22.64 22.29
C PRO B 496 -24.41 22.90 21.26
N ARG B 497 -23.31 22.15 21.28
CA ARG B 497 -22.30 22.25 20.23
C ARG B 497 -22.53 21.27 19.09
N PHE B 498 -23.61 20.49 19.14
CA PHE B 498 -23.95 19.57 18.06
C PHE B 498 -24.77 20.22 16.96
N ARG B 499 -25.20 21.47 17.13
CA ARG B 499 -26.07 22.11 16.14
C ARG B 499 -25.31 22.62 14.94
N GLN B 500 -23.97 22.50 14.92
CA GLN B 500 -23.21 22.90 13.74
C GLN B 500 -23.38 21.92 12.59
N TYR B 501 -23.70 20.66 12.85
CA TYR B 501 -23.84 19.68 11.78
C TYR B 501 -25.26 19.57 11.24
N THR B 502 -26.11 20.56 11.53
CA THR B 502 -27.48 20.56 11.04
C THR B 502 -27.53 20.62 9.52
N TYR B 503 -26.73 21.51 8.92
CA TYR B 503 -26.67 21.59 7.47
C TYR B 503 -26.00 20.36 6.86
N GLY B 504 -25.03 19.78 7.57
CA GLY B 504 -24.35 18.60 7.04
C GLY B 504 -25.22 17.36 7.04
N LEU B 505 -26.15 17.27 7.99
CA LEU B 505 -27.05 16.12 8.01
C LEU B 505 -28.30 16.37 7.17
N VAL B 506 -28.75 17.63 7.05
CA VAL B 506 -29.91 17.92 6.22
C VAL B 506 -29.56 17.89 4.74
N SER B 507 -28.36 18.34 4.37
CA SER B 507 -27.95 18.40 2.96
C SER B 507 -27.75 17.02 2.34
N CYS B 508 -27.60 15.98 3.17
CA CYS B 508 -27.56 14.62 2.67
C CYS B 508 -28.94 14.01 2.49
N GLY B 509 -30.01 14.74 2.81
CA GLY B 509 -31.36 14.25 2.64
C GLY B 509 -31.95 13.57 3.86
N LEU B 510 -31.39 13.77 5.05
CA LEU B 510 -31.85 13.06 6.23
C LEU B 510 -32.90 13.86 6.99
N ASP B 511 -33.64 13.15 7.83
CA ASP B 511 -34.58 13.73 8.78
C ASP B 511 -34.64 12.81 10.00
N ARG B 512 -35.71 12.95 10.80
CA ARG B 512 -35.82 12.14 12.01
C ARG B 512 -36.11 10.68 11.69
N SER B 513 -36.72 10.41 10.54
CA SER B 513 -37.16 9.06 10.20
C SER B 513 -36.13 8.27 9.39
N LEU B 514 -34.90 8.78 9.24
CA LEU B 514 -33.89 8.10 8.44
C LEU B 514 -32.54 7.94 9.14
N LEU B 515 -32.41 8.36 10.40
CA LEU B 515 -31.12 8.31 11.07
C LEU B 515 -30.77 6.93 11.59
N HIS B 516 -31.74 6.00 11.62
CA HIS B 516 -31.47 4.67 12.17
C HIS B 516 -30.75 3.76 11.19
N ARG B 517 -30.61 4.16 9.92
CA ARG B 517 -29.88 3.37 8.94
C ARG B 517 -28.61 4.08 8.46
N VAL B 518 -28.13 5.07 9.20
CA VAL B 518 -26.92 5.80 8.86
C VAL B 518 -25.75 5.14 9.58
N SER B 519 -24.63 4.97 8.88
CA SER B 519 -23.42 4.41 9.46
C SER B 519 -22.42 5.52 9.80
N GLU B 520 -21.26 5.10 10.29
CA GLU B 520 -20.21 6.05 10.66
C GLU B 520 -19.50 6.61 9.43
N GLN B 521 -19.37 5.81 8.37
CA GLN B 521 -18.73 6.29 7.14
C GLN B 521 -19.60 7.33 6.45
N GLN B 522 -20.92 7.21 6.56
CA GLN B 522 -21.82 8.21 5.98
C GLN B 522 -21.76 9.52 6.75
N LEU B 523 -21.46 9.46 8.05
CA LEU B 523 -21.28 10.69 8.80
C LEU B 523 -19.91 11.31 8.58
N LEU B 524 -18.90 10.47 8.32
CA LEU B 524 -17.56 10.99 8.08
C LEU B 524 -17.43 11.61 6.69
N GLU B 525 -17.76 10.84 5.65
CA GLU B 525 -17.52 11.28 4.28
C GLU B 525 -18.55 12.30 3.82
N ASP B 526 -19.83 12.00 4.03
CA ASP B 526 -20.90 12.83 3.48
C ASP B 526 -21.28 13.98 4.41
N CYS B 527 -21.60 13.68 5.67
CA CYS B 527 -21.98 14.71 6.63
C CYS B 527 -20.81 15.55 7.11
N GLY B 528 -19.58 15.04 7.00
CA GLY B 528 -18.40 15.82 7.35
C GLY B 528 -18.19 16.00 8.84
N ILE B 529 -18.42 14.96 9.63
CA ILE B 529 -18.18 15.00 11.07
C ILE B 529 -16.79 14.42 11.30
N HIS B 530 -15.85 15.28 11.67
CA HIS B 530 -14.44 14.87 11.79
C HIS B 530 -14.12 14.24 13.14
N LEU B 531 -14.90 14.53 14.17
CA LEU B 531 -14.64 13.97 15.50
C LEU B 531 -15.38 12.65 15.64
N GLY B 532 -14.65 11.59 16.02
CA GLY B 532 -15.26 10.29 16.15
C GLY B 532 -16.11 10.13 17.39
N VAL B 533 -15.83 10.92 18.43
CA VAL B 533 -16.65 10.93 19.63
C VAL B 533 -18.05 11.46 19.31
N HIS B 534 -18.12 12.53 18.51
CA HIS B 534 -19.41 13.07 18.10
C HIS B 534 -20.13 12.11 17.17
N ARG B 535 -19.39 11.39 16.32
CA ARG B 535 -20.01 10.37 15.46
C ARG B 535 -20.60 9.24 16.29
N ALA B 536 -19.88 8.79 17.33
CA ALA B 536 -20.39 7.72 18.18
C ALA B 536 -21.60 8.17 18.97
N ARG B 537 -21.60 9.42 19.45
CA ARG B 537 -22.75 9.92 20.21
C ARG B 537 -23.97 10.10 19.31
N ILE B 538 -23.77 10.58 18.07
CA ILE B 538 -24.89 10.74 17.14
C ILE B 538 -25.45 9.39 16.72
N LEU B 539 -24.58 8.39 16.49
CA LEU B 539 -25.07 7.06 16.15
C LEU B 539 -25.80 6.40 17.32
N THR B 540 -25.28 6.58 18.54
CA THR B 540 -25.92 6.01 19.72
C THR B 540 -27.29 6.64 19.97
N ALA B 541 -27.37 7.98 19.86
CA ALA B 541 -28.65 8.65 20.07
C ALA B 541 -29.61 8.43 18.91
N ALA B 542 -29.10 8.10 17.72
CA ALA B 542 -29.99 7.77 16.62
C ALA B 542 -30.52 6.34 16.75
N ARG B 543 -29.76 5.46 17.40
CA ARG B 543 -30.22 4.07 17.53
C ARG B 543 -31.10 3.87 18.75
N GLU B 544 -30.82 4.54 19.87
CA GLU B 544 -31.43 4.14 21.13
C GLU B 544 -32.79 4.79 21.40
N MET B 545 -33.07 5.97 20.85
CA MET B 545 -34.31 6.67 21.21
C MET B 545 -35.21 6.99 20.02
N LEU B 546 -34.69 6.97 18.79
CA LEU B 546 -35.54 7.23 17.63
C LEU B 546 -36.34 5.99 17.26
N HIS B 547 -35.66 4.88 17.01
CA HIS B 547 -36.33 3.62 16.69
C HIS B 547 -35.69 2.45 17.42
N THR B 561 -63.35 15.02 -0.52
CA THR B 561 -64.77 14.94 -0.19
C THR B 561 -65.13 15.89 0.95
N PRO B 562 -65.66 17.06 0.61
CA PRO B 562 -66.06 18.01 1.65
C PRO B 562 -67.34 17.59 2.34
N ASP B 563 -67.56 18.15 3.54
CA ASP B 563 -68.72 17.82 4.34
C ASP B 563 -69.71 18.98 4.48
N VAL B 564 -69.26 20.22 4.33
CA VAL B 564 -70.13 21.39 4.47
C VAL B 564 -70.02 22.23 3.21
N PHE B 565 -71.13 22.42 2.52
CA PHE B 565 -71.16 23.28 1.34
C PHE B 565 -71.81 24.62 1.69
N ILE B 566 -71.18 25.70 1.23
CA ILE B 566 -71.64 27.06 1.53
C ILE B 566 -71.89 27.79 0.22
N SER B 567 -73.12 28.23 0.01
CA SER B 567 -73.48 29.11 -1.09
C SER B 567 -73.66 30.52 -0.56
N TYR B 568 -73.25 31.51 -1.35
CA TYR B 568 -73.23 32.89 -0.88
C TYR B 568 -73.50 33.82 -2.06
N ARG B 569 -73.81 35.07 -1.72
CA ARG B 569 -74.02 36.11 -2.71
C ARG B 569 -72.70 36.82 -3.00
N ARG B 570 -72.50 37.19 -4.27
CA ARG B 570 -71.25 37.77 -4.75
C ARG B 570 -70.96 39.13 -4.11
N ASN B 571 -71.99 39.91 -3.80
CA ASN B 571 -71.80 41.28 -3.35
C ASN B 571 -71.32 41.36 -1.90
N SER B 572 -72.13 40.89 -0.96
CA SER B 572 -71.85 41.05 0.46
C SER B 572 -71.93 39.75 1.24
N GLY B 573 -71.54 38.63 0.64
CA GLY B 573 -71.61 37.35 1.32
C GLY B 573 -70.30 36.59 1.38
N SER B 574 -69.19 37.25 1.04
CA SER B 574 -67.91 36.55 0.96
C SER B 574 -67.25 36.43 2.33
N GLN B 575 -67.24 37.52 3.10
CA GLN B 575 -66.53 37.55 4.38
C GLN B 575 -67.20 36.66 5.41
N LEU B 576 -68.54 36.66 5.44
CA LEU B 576 -69.27 35.80 6.36
C LEU B 576 -69.10 34.31 6.00
N ALA B 577 -69.07 34.00 4.70
CA ALA B 577 -68.85 32.61 4.29
C ALA B 577 -67.44 32.14 4.62
N SER B 578 -66.43 33.00 4.42
CA SER B 578 -65.07 32.65 4.79
C SER B 578 -64.91 32.50 6.29
N LEU B 579 -65.62 33.34 7.07
CA LEU B 579 -65.56 33.25 8.52
C LEU B 579 -66.23 31.98 9.03
N LEU B 580 -67.35 31.59 8.42
CA LEU B 580 -68.00 30.33 8.75
C LEU B 580 -67.11 29.14 8.38
N LYS B 581 -66.41 29.22 7.24
CA LYS B 581 -65.50 28.14 6.86
C LYS B 581 -64.33 28.01 7.83
N VAL B 582 -63.79 29.14 8.30
CA VAL B 582 -62.70 29.10 9.26
C VAL B 582 -63.17 28.55 10.61
N HIS B 583 -64.33 29.00 11.09
CA HIS B 583 -64.82 28.53 12.38
C HIS B 583 -65.31 27.09 12.32
N LEU B 584 -65.60 26.57 11.12
CA LEU B 584 -65.91 25.15 11.03
C LEU B 584 -64.65 24.30 10.83
N GLN B 585 -63.62 24.85 10.18
CA GLN B 585 -62.37 24.10 10.05
C GLN B 585 -61.51 24.17 11.31
N LEU B 586 -61.86 25.03 12.26
CA LEU B 586 -61.22 24.95 13.58
C LEU B 586 -61.64 23.69 14.33
N HIS B 587 -62.82 23.14 14.00
CA HIS B 587 -63.32 21.94 14.65
C HIS B 587 -63.23 20.71 13.75
N GLY B 588 -62.48 20.79 12.66
CA GLY B 588 -62.22 19.63 11.82
C GLY B 588 -63.26 19.35 10.75
N PHE B 589 -64.18 20.26 10.50
CA PHE B 589 -65.23 20.06 9.50
C PHE B 589 -64.70 20.50 8.13
N SER B 590 -64.67 19.58 7.18
CA SER B 590 -64.21 19.90 5.83
C SER B 590 -65.26 20.70 5.09
N VAL B 591 -64.90 21.91 4.66
CA VAL B 591 -65.84 22.87 4.07
C VAL B 591 -65.37 23.21 2.67
N PHE B 592 -66.28 23.15 1.70
CA PHE B 592 -66.00 23.56 0.33
C PHE B 592 -66.43 25.01 0.11
N ILE B 593 -65.59 25.76 -0.62
CA ILE B 593 -65.84 27.16 -0.90
C ILE B 593 -65.52 27.37 -2.39
N ASP B 594 -65.55 28.62 -2.87
CA ASP B 594 -65.27 29.06 -4.24
C ASP B 594 -66.31 28.52 -5.22
N VAL B 595 -67.58 28.89 -5.01
CA VAL B 595 -68.60 28.68 -6.02
C VAL B 595 -68.32 29.58 -7.22
N GLU B 596 -67.80 30.78 -6.98
CA GLU B 596 -67.46 31.73 -8.04
C GLU B 596 -66.33 31.23 -8.95
N LYS B 597 -65.47 30.33 -8.45
CA LYS B 597 -64.47 29.70 -9.29
C LYS B 597 -65.12 28.78 -10.31
N LEU B 598 -66.22 28.13 -9.94
CA LEU B 598 -66.98 27.28 -10.85
C LEU B 598 -67.96 28.05 -11.73
N GLU B 599 -67.98 29.39 -11.64
CA GLU B 599 -68.84 30.24 -12.45
C GLU B 599 -68.16 30.70 -13.73
N ALA B 600 -67.15 29.97 -14.21
CA ALA B 600 -66.42 30.32 -15.41
C ALA B 600 -66.90 29.56 -16.64
N GLY B 601 -68.18 29.25 -16.73
CA GLY B 601 -68.72 28.48 -17.83
C GLY B 601 -69.00 27.02 -17.51
N LYS B 602 -68.58 26.54 -16.36
CA LYS B 602 -68.83 25.16 -15.95
C LYS B 602 -70.25 25.08 -15.41
N PHE B 603 -71.14 24.43 -16.18
CA PHE B 603 -72.57 24.54 -15.92
C PHE B 603 -73.00 23.67 -14.75
N GLU B 604 -72.88 22.35 -14.89
CA GLU B 604 -73.24 21.42 -13.82
C GLU B 604 -72.26 20.26 -13.69
N ASP B 605 -71.02 20.42 -14.17
CA ASP B 605 -70.09 19.28 -14.15
C ASP B 605 -69.48 19.06 -12.77
N LYS B 606 -69.35 20.12 -11.97
CA LYS B 606 -68.73 20.01 -10.66
C LYS B 606 -69.65 20.41 -9.50
N LEU B 607 -70.72 21.15 -9.76
CA LEU B 607 -71.65 21.51 -8.70
C LEU B 607 -72.40 20.28 -8.18
N ILE B 608 -72.73 19.35 -9.07
CA ILE B 608 -73.41 18.12 -8.66
C ILE B 608 -72.45 17.24 -7.85
N GLN B 609 -71.20 17.15 -8.29
CA GLN B 609 -70.19 16.38 -7.56
C GLN B 609 -69.83 17.04 -6.23
N SER B 610 -70.02 18.35 -6.09
CA SER B 610 -69.79 19.01 -4.81
C SER B 610 -70.96 18.80 -3.85
N VAL B 611 -72.20 18.97 -4.34
CA VAL B 611 -73.35 18.91 -3.44
C VAL B 611 -73.68 17.47 -3.06
N MET B 612 -73.56 16.52 -4.00
CA MET B 612 -73.80 15.12 -3.70
C MET B 612 -72.78 14.57 -2.70
N GLY B 613 -71.55 15.08 -2.75
CA GLY B 613 -70.55 14.70 -1.77
C GLY B 613 -70.66 15.46 -0.46
N ALA B 614 -71.37 16.57 -0.44
CA ALA B 614 -71.49 17.42 0.75
C ALA B 614 -72.43 16.76 1.75
N ARG B 615 -71.97 16.61 2.99
CA ARG B 615 -72.81 16.06 4.04
C ARG B 615 -73.85 17.05 4.53
N ASN B 616 -73.53 18.35 4.52
CA ASN B 616 -74.46 19.36 5.00
C ASN B 616 -74.58 20.52 4.02
N PHE B 617 -75.29 21.58 4.42
CA PHE B 617 -75.47 22.75 3.56
C PHE B 617 -75.68 23.98 4.44
N VAL B 618 -74.96 25.05 4.13
CA VAL B 618 -75.08 26.32 4.83
C VAL B 618 -75.40 27.40 3.79
N LEU B 619 -76.50 28.12 4.01
CA LEU B 619 -76.95 29.16 3.10
C LEU B 619 -76.70 30.52 3.75
N VAL B 620 -75.67 31.21 3.31
CA VAL B 620 -75.36 32.54 3.80
C VAL B 620 -76.36 33.53 3.21
N LEU B 621 -77.15 34.16 4.08
CA LEU B 621 -78.15 35.13 3.66
C LEU B 621 -77.62 36.53 3.94
N SER B 622 -77.01 37.13 2.92
CA SER B 622 -76.55 38.51 2.99
C SER B 622 -77.75 39.44 2.87
N PRO B 623 -77.58 40.75 3.21
CA PRO B 623 -78.63 41.71 2.87
C PRO B 623 -78.80 41.85 1.37
N GLY B 624 -79.94 41.39 0.86
CA GLY B 624 -80.14 41.29 -0.57
C GLY B 624 -79.62 40.00 -1.16
N ALA B 625 -79.80 38.88 -0.46
CA ALA B 625 -79.26 37.61 -0.94
C ALA B 625 -80.16 37.00 -2.01
N LEU B 626 -81.47 36.90 -1.74
CA LEU B 626 -82.42 36.27 -2.64
C LEU B 626 -83.05 37.27 -3.61
N ASP B 627 -82.37 38.37 -3.92
CA ASP B 627 -82.91 39.33 -4.87
C ASP B 627 -82.81 38.80 -6.30
N LYS B 628 -81.67 38.20 -6.65
CA LYS B 628 -81.49 37.66 -7.99
C LYS B 628 -82.19 36.32 -8.19
N CYS B 629 -82.60 35.65 -7.10
CA CYS B 629 -83.35 34.41 -7.21
C CYS B 629 -84.83 34.65 -7.52
N MET B 630 -85.31 35.87 -7.34
CA MET B 630 -86.70 36.20 -7.67
C MET B 630 -86.86 36.31 -9.17
N GLN B 631 -87.98 35.78 -9.68
CA GLN B 631 -88.35 35.75 -11.10
C GLN B 631 -87.30 35.08 -11.98
N ASP B 632 -86.58 34.09 -11.44
CA ASP B 632 -85.57 33.35 -12.20
C ASP B 632 -86.19 32.04 -12.64
N HIS B 633 -87.03 32.11 -13.69
CA HIS B 633 -87.76 30.97 -14.20
C HIS B 633 -87.00 30.22 -15.29
N ASP B 634 -85.69 30.46 -15.42
CA ASP B 634 -84.88 29.78 -16.43
C ASP B 634 -83.67 29.07 -15.85
N CYS B 635 -83.49 29.11 -14.52
CA CYS B 635 -82.40 28.45 -13.78
C CYS B 635 -81.03 28.94 -14.29
N LYS B 636 -80.79 30.23 -14.06
CA LYS B 636 -79.56 30.88 -14.51
C LYS B 636 -78.71 31.36 -13.36
N ASP B 637 -79.32 31.78 -12.25
CA ASP B 637 -78.56 32.25 -11.10
C ASP B 637 -77.93 31.07 -10.36
N TRP B 638 -76.66 31.23 -9.97
CA TRP B 638 -75.90 30.12 -9.39
C TRP B 638 -76.34 29.80 -7.97
N VAL B 639 -76.77 30.80 -7.20
CA VAL B 639 -77.32 30.55 -5.88
C VAL B 639 -78.65 29.82 -5.99
N HIS B 640 -79.43 30.15 -7.02
CA HIS B 640 -80.66 29.43 -7.30
C HIS B 640 -80.38 27.98 -7.69
N LYS B 641 -79.31 27.76 -8.46
CA LYS B 641 -78.90 26.39 -8.81
C LYS B 641 -78.47 25.62 -7.57
N ALA B 642 -77.78 26.27 -6.64
CA ALA B 642 -77.37 25.61 -5.41
C ALA B 642 -78.57 25.27 -4.53
N ILE B 643 -79.57 26.16 -4.47
CA ILE B 643 -80.76 25.89 -3.67
C ILE B 643 -81.60 24.77 -4.28
N VAL B 644 -81.74 24.76 -5.61
CA VAL B 644 -82.49 23.69 -6.28
C VAL B 644 -81.77 22.35 -6.14
N THR B 645 -80.43 22.36 -6.22
CA THR B 645 -79.68 21.11 -6.07
C THR B 645 -79.72 20.61 -4.63
N ALA B 646 -79.70 21.52 -3.66
CA ALA B 646 -79.77 21.11 -2.25
C ALA B 646 -81.16 20.59 -1.89
N LEU B 647 -82.21 21.16 -2.49
CA LEU B 647 -83.55 20.64 -2.28
C LEU B 647 -83.80 19.34 -3.04
N SER B 648 -83.10 19.12 -4.14
CA SER B 648 -83.19 17.84 -4.83
C SER B 648 -82.46 16.75 -4.05
N CYS B 649 -81.35 17.11 -3.38
CA CYS B 649 -80.65 16.16 -2.54
C CYS B 649 -81.36 15.93 -1.22
N GLY B 650 -81.97 16.97 -0.64
CA GLY B 650 -82.62 16.84 0.65
C GLY B 650 -81.68 16.94 1.83
N LYS B 651 -80.60 17.71 1.70
CA LYS B 651 -79.61 17.82 2.76
C LYS B 651 -80.10 18.78 3.86
N ASN B 652 -79.34 18.81 4.96
CA ASN B 652 -79.66 19.67 6.09
C ASN B 652 -79.32 21.13 5.77
N ILE B 653 -80.31 21.92 5.40
CA ILE B 653 -80.09 23.32 5.06
C ILE B 653 -80.12 24.16 6.33
N VAL B 654 -78.99 24.80 6.63
CA VAL B 654 -78.89 25.68 7.80
C VAL B 654 -78.65 27.10 7.32
N PRO B 655 -79.68 27.95 7.27
CA PRO B 655 -79.48 29.33 6.84
C PRO B 655 -78.79 30.16 7.92
N ILE B 656 -77.98 31.11 7.46
CA ILE B 656 -77.30 32.07 8.32
C ILE B 656 -77.74 33.46 7.92
N ILE B 657 -78.42 34.15 8.82
CA ILE B 657 -79.04 35.44 8.54
C ILE B 657 -78.17 36.53 9.13
N ASP B 658 -77.72 37.47 8.29
CA ASP B 658 -76.95 38.62 8.72
C ASP B 658 -77.74 39.86 8.33
N GLY B 659 -78.71 40.24 9.16
CA GLY B 659 -79.54 41.40 8.93
C GLY B 659 -80.39 41.34 7.68
N PHE B 660 -81.13 40.25 7.49
CA PHE B 660 -81.90 40.04 6.27
C PHE B 660 -83.30 39.55 6.62
N GLU B 661 -84.31 40.24 6.10
CA GLU B 661 -85.69 39.87 6.36
C GLU B 661 -86.10 38.70 5.49
N TRP B 662 -87.03 37.90 5.99
CA TRP B 662 -87.51 36.72 5.27
C TRP B 662 -88.37 37.15 4.08
N PRO B 663 -88.07 36.70 2.87
CA PRO B 663 -88.85 37.12 1.71
C PRO B 663 -90.20 36.40 1.62
N GLU B 664 -90.97 36.81 0.62
CA GLU B 664 -92.29 36.24 0.42
C GLU B 664 -92.19 34.87 -0.26
N PRO B 665 -93.11 33.95 0.03
CA PRO B 665 -93.08 32.65 -0.66
C PRO B 665 -93.53 32.72 -2.10
N GLN B 666 -94.43 33.66 -2.42
CA GLN B 666 -95.03 33.70 -3.75
C GLN B 666 -94.16 34.38 -4.80
N VAL B 667 -93.15 35.16 -4.38
CA VAL B 667 -92.28 35.85 -5.34
C VAL B 667 -91.15 34.97 -5.84
N LEU B 668 -90.93 33.82 -5.22
CA LEU B 668 -89.91 32.85 -5.58
C LEU B 668 -90.52 31.74 -6.45
N PRO B 669 -89.72 31.12 -7.33
CA PRO B 669 -90.23 29.98 -8.10
C PRO B 669 -90.50 28.77 -7.21
N GLU B 670 -91.30 27.84 -7.74
CA GLU B 670 -91.82 26.75 -6.93
C GLU B 670 -90.78 25.71 -6.59
N ASP B 671 -89.63 25.72 -7.27
CA ASP B 671 -88.55 24.79 -6.97
C ASP B 671 -87.64 25.26 -5.83
N MET B 672 -87.96 26.40 -5.20
CA MET B 672 -87.17 26.89 -4.08
C MET B 672 -88.00 27.43 -2.93
N GLN B 673 -89.31 27.20 -2.91
CA GLN B 673 -90.17 27.73 -1.86
C GLN B 673 -90.07 26.97 -0.54
N ALA B 674 -89.37 25.85 -0.51
CA ALA B 674 -89.23 25.06 0.71
C ALA B 674 -88.10 25.55 1.62
N VAL B 675 -87.33 26.54 1.19
CA VAL B 675 -86.19 27.01 1.99
C VAL B 675 -86.66 27.84 3.18
N LEU B 676 -87.89 28.36 3.13
CA LEU B 676 -88.42 29.20 4.21
C LEU B 676 -88.90 28.42 5.41
N THR B 677 -88.82 27.08 5.40
CA THR B 677 -89.31 26.25 6.49
C THR B 677 -88.16 25.59 7.26
N PHE B 678 -86.94 26.08 7.11
CA PHE B 678 -85.78 25.56 7.82
C PHE B 678 -85.43 26.48 8.98
N ASN B 679 -84.86 25.89 10.03
CA ASN B 679 -84.49 26.62 11.25
C ASN B 679 -83.22 27.41 10.98
N GLY B 680 -83.39 28.69 10.66
CA GLY B 680 -82.25 29.57 10.46
C GLY B 680 -81.66 30.05 11.77
N ILE B 681 -80.40 30.49 11.68
CA ILE B 681 -79.64 30.97 12.83
C ILE B 681 -79.21 32.40 12.59
N LYS B 682 -79.61 33.30 13.49
CA LYS B 682 -79.20 34.69 13.39
C LYS B 682 -77.73 34.83 13.77
N TRP B 683 -77.04 35.72 13.06
CA TRP B 683 -75.61 35.91 13.25
C TRP B 683 -75.34 37.15 14.11
N SER B 684 -74.46 36.99 15.10
CA SER B 684 -74.00 38.07 15.94
C SER B 684 -72.51 38.28 15.71
N HIS B 685 -72.11 39.50 15.36
CA HIS B 685 -70.72 39.76 15.01
C HIS B 685 -69.81 39.86 16.22
N GLU B 686 -70.36 40.13 17.40
CA GLU B 686 -69.56 40.26 18.62
C GLU B 686 -69.74 39.10 19.58
N TYR B 687 -70.56 38.11 19.23
CA TYR B 687 -70.79 36.91 20.05
C TYR B 687 -70.72 35.67 19.16
N GLN B 688 -69.63 35.58 18.38
CA GLN B 688 -69.57 34.61 17.30
C GLN B 688 -69.37 33.18 17.80
N GLU B 689 -68.73 33.00 18.96
CA GLU B 689 -68.35 31.66 19.41
C GLU B 689 -69.56 30.83 19.81
N ALA B 690 -70.51 31.43 20.52
CA ALA B 690 -71.74 30.73 20.88
C ALA B 690 -72.58 30.42 19.66
N THR B 691 -72.55 31.29 18.65
CA THR B 691 -73.29 31.05 17.41
C THR B 691 -72.67 29.89 16.63
N ILE B 692 -71.33 29.81 16.60
CA ILE B 692 -70.67 28.70 15.93
C ILE B 692 -70.90 27.39 16.68
N GLU B 693 -70.94 27.44 18.02
CA GLU B 693 -71.30 26.25 18.79
C GLU B 693 -72.76 25.83 18.56
N LYS B 694 -73.65 26.80 18.34
CA LYS B 694 -75.03 26.48 18.00
C LYS B 694 -75.12 25.85 16.61
N ILE B 695 -74.25 26.28 15.69
CA ILE B 695 -74.18 25.67 14.36
C ILE B 695 -73.68 24.24 14.46
N ILE B 696 -72.62 24.01 15.26
CA ILE B 696 -72.05 22.68 15.44
C ILE B 696 -73.04 21.74 16.13
N ARG B 697 -73.84 22.25 17.06
CA ARG B 697 -74.91 21.44 17.65
C ARG B 697 -76.06 21.15 16.69
N PHE B 698 -76.11 21.83 15.53
CA PHE B 698 -77.18 21.62 14.54
C PHE B 698 -76.64 20.98 13.26
N LEU B 699 -75.54 20.23 13.36
CA LEU B 699 -74.97 19.52 12.22
C LEU B 699 -74.74 18.07 12.59
N GLN B 700 -74.35 17.28 11.59
CA GLN B 700 -74.07 15.86 11.80
C GLN B 700 -72.57 15.62 11.93
N VAL C 61 -35.94 72.64 2.49
CA VAL C 61 -35.69 71.36 3.14
C VAL C 61 -35.75 71.53 4.66
N GLN C 62 -34.93 72.42 5.19
CA GLN C 62 -34.87 72.68 6.62
C GLN C 62 -35.84 73.76 7.08
N ASP C 63 -36.67 74.29 6.19
CA ASP C 63 -37.65 75.30 6.58
C ASP C 63 -38.81 74.67 7.34
N ALA C 64 -39.25 73.48 6.91
CA ALA C 64 -40.34 72.79 7.59
C ALA C 64 -39.91 72.32 8.98
N LEU C 65 -38.63 72.00 9.15
CA LEU C 65 -38.10 71.67 10.46
C LEU C 65 -38.17 72.86 11.41
N GLU C 66 -37.75 74.03 10.94
CA GLU C 66 -37.81 75.24 11.74
C GLU C 66 -39.23 75.74 11.97
N ARG C 67 -40.19 75.33 11.12
CA ARG C 67 -41.59 75.67 11.37
C ARG C 67 -42.24 74.67 12.32
N ALA C 68 -41.77 73.43 12.35
CA ALA C 68 -42.46 72.39 13.10
C ALA C 68 -41.83 72.08 14.45
N LEU C 69 -40.58 72.50 14.71
CA LEU C 69 -40.00 72.23 16.02
C LEU C 69 -40.59 73.08 17.16
N PRO C 70 -40.68 74.43 17.09
CA PRO C 70 -41.21 75.15 18.27
C PRO C 70 -42.70 74.95 18.50
N GLU C 71 -43.48 74.62 17.46
CA GLU C 71 -44.88 74.29 17.65
C GLU C 71 -45.04 73.00 18.46
N LEU C 72 -44.21 71.99 18.17
CA LEU C 72 -44.24 70.77 18.97
C LEU C 72 -43.62 70.99 20.34
N GLN C 73 -42.69 71.94 20.48
CA GLN C 73 -42.19 72.30 21.80
C GLN C 73 -43.31 72.88 22.68
N GLN C 74 -44.09 73.82 22.12
CA GLN C 74 -45.21 74.41 22.85
C GLN C 74 -46.29 73.36 23.13
N ALA C 75 -46.53 72.45 22.17
CA ALA C 75 -47.57 71.45 22.34
C ALA C 75 -47.18 70.39 23.37
N LEU C 76 -45.92 69.96 23.38
CA LEU C 76 -45.48 69.01 24.39
C LEU C 76 -45.33 69.66 25.76
N SER C 77 -45.04 70.97 25.81
CA SER C 77 -45.08 71.66 27.09
C SER C 77 -46.51 71.78 27.61
N ALA C 78 -47.49 71.96 26.72
CA ALA C 78 -48.88 71.98 27.14
C ALA C 78 -49.35 70.59 27.58
N LEU C 79 -48.84 69.54 26.94
CA LEU C 79 -49.19 68.19 27.37
C LEU C 79 -48.52 67.83 28.69
N LYS C 80 -47.31 68.34 28.93
CA LYS C 80 -46.60 68.07 30.18
C LYS C 80 -47.19 68.87 31.34
N GLN C 81 -47.64 70.09 31.08
CA GLN C 81 -48.16 70.97 32.12
C GLN C 81 -49.62 70.66 32.48
N ALA C 82 -50.50 70.60 31.48
CA ALA C 82 -51.92 70.40 31.76
C ALA C 82 -52.21 68.93 32.05
N GLY C 83 -53.02 68.69 33.06
CA GLY C 83 -53.42 67.35 33.43
C GLY C 83 -54.92 67.20 33.59
N GLY C 84 -55.69 67.91 32.75
CA GLY C 84 -57.13 67.88 32.83
C GLY C 84 -57.73 66.65 32.17
N ALA C 85 -59.04 66.74 31.93
CA ALA C 85 -59.80 65.63 31.36
C ALA C 85 -60.08 65.80 29.87
N ARG C 86 -60.14 67.04 29.38
CA ARG C 86 -60.46 67.28 27.98
C ARG C 86 -59.43 68.11 27.23
N ALA C 87 -58.65 68.96 27.92
CA ALA C 87 -57.62 69.74 27.23
C ALA C 87 -56.42 68.88 26.87
N VAL C 88 -56.20 67.79 27.60
CA VAL C 88 -55.09 66.88 27.29
C VAL C 88 -55.37 66.14 25.98
N GLY C 89 -56.61 65.72 25.77
CA GLY C 89 -56.98 65.10 24.51
C GLY C 89 -56.95 66.08 23.35
N ALA C 90 -57.25 67.35 23.63
CA ALA C 90 -57.13 68.39 22.61
C ALA C 90 -55.66 68.63 22.24
N GLY C 91 -54.77 68.58 23.22
CA GLY C 91 -53.35 68.68 22.92
C GLY C 91 -52.83 67.49 22.14
N LEU C 92 -53.32 66.29 22.48
CA LEU C 92 -52.98 65.10 21.70
C LEU C 92 -53.49 65.20 20.27
N ALA C 93 -54.69 65.77 20.10
CA ALA C 93 -55.22 65.99 18.75
C ALA C 93 -54.41 67.02 17.97
N GLU C 94 -53.90 68.06 18.65
CA GLU C 94 -53.04 69.04 17.98
C GLU C 94 -51.72 68.42 17.53
N VAL C 95 -51.11 67.60 18.41
CA VAL C 95 -49.85 66.94 18.06
C VAL C 95 -50.08 65.93 16.93
N PHE C 96 -51.20 65.22 16.97
CA PHE C 96 -51.50 64.22 15.94
C PHE C 96 -51.84 64.88 14.61
N GLN C 97 -52.45 66.07 14.65
CA GLN C 97 -52.70 66.83 13.42
C GLN C 97 -51.40 67.37 12.84
N LEU C 98 -50.46 67.78 13.69
CA LEU C 98 -49.16 68.22 13.17
C LEU C 98 -48.36 67.03 12.61
N VAL C 99 -48.56 65.84 13.19
CA VAL C 99 -47.95 64.63 12.65
C VAL C 99 -48.55 64.28 11.28
N GLU C 100 -49.87 64.44 11.14
CA GLU C 100 -50.52 64.24 9.84
C GLU C 100 -50.04 65.25 8.80
N GLU C 101 -49.80 66.50 9.23
CA GLU C 101 -49.23 67.49 8.32
C GLU C 101 -47.77 67.18 8.01
N ALA C 102 -47.07 66.49 8.91
CA ALA C 102 -45.66 66.18 8.69
C ALA C 102 -45.48 65.02 7.72
N TRP C 103 -46.32 63.99 7.80
CA TRP C 103 -46.11 62.83 6.92
C TRP C 103 -46.59 63.08 5.49
N LEU C 104 -47.42 64.10 5.27
CA LEU C 104 -48.02 64.33 3.96
C LEU C 104 -47.30 65.40 3.15
N LEU C 105 -45.97 65.46 3.23
CA LEU C 105 -45.20 66.37 2.39
C LEU C 105 -44.56 65.57 1.27
N PRO C 106 -44.68 65.98 0.01
CA PRO C 106 -44.11 65.20 -1.11
C PRO C 106 -42.58 65.30 -1.13
N ALA C 107 -41.93 64.17 -0.83
CA ALA C 107 -40.47 63.98 -0.88
C ALA C 107 -39.70 64.93 0.04
N VAL C 108 -40.36 65.47 1.07
CA VAL C 108 -39.73 66.37 2.03
C VAL C 108 -39.94 65.82 3.43
N GLY C 109 -41.20 65.47 3.74
CA GLY C 109 -41.63 65.13 5.08
C GLY C 109 -41.14 63.81 5.66
N ARG C 110 -40.35 63.03 4.92
CA ARG C 110 -39.80 61.80 5.48
C ARG C 110 -38.77 62.10 6.56
N GLU C 111 -37.69 62.80 6.19
CA GLU C 111 -36.68 63.20 7.16
C GLU C 111 -37.22 64.22 8.16
N VAL C 112 -38.20 65.03 7.74
CA VAL C 112 -38.85 65.96 8.66
C VAL C 112 -39.63 65.21 9.73
N ALA C 113 -40.38 64.18 9.35
CA ALA C 113 -41.13 63.38 10.32
C ALA C 113 -40.20 62.56 11.20
N GLN C 114 -39.07 62.08 10.66
CA GLN C 114 -38.09 61.41 11.49
C GLN C 114 -37.45 62.36 12.51
N GLY C 115 -37.17 63.60 12.10
CA GLY C 115 -36.64 64.57 13.03
C GLY C 115 -37.64 64.98 14.10
N LEU C 116 -38.93 65.05 13.73
CA LEU C 116 -39.95 65.38 14.72
C LEU C 116 -40.18 64.23 15.68
N CYS C 117 -40.06 62.99 15.22
CA CYS C 117 -40.12 61.85 16.13
C CYS C 117 -38.91 61.82 17.06
N ASP C 118 -37.74 62.23 16.56
CA ASP C 118 -36.57 62.36 17.41
C ASP C 118 -36.75 63.46 18.45
N ALA C 119 -37.44 64.54 18.07
CA ALA C 119 -37.70 65.63 19.01
C ALA C 119 -38.73 65.23 20.06
N ILE C 120 -39.71 64.40 19.68
CA ILE C 120 -40.65 63.86 20.66
C ILE C 120 -39.95 62.89 21.61
N ARG C 121 -39.02 62.08 21.10
CA ARG C 121 -38.32 61.12 21.94
C ARG C 121 -37.36 61.79 22.91
N LEU C 122 -36.57 62.77 22.44
CA LEU C 122 -35.60 63.45 23.29
C LEU C 122 -36.24 64.38 24.31
N ASP C 123 -37.48 64.81 24.08
CA ASP C 123 -38.18 65.63 25.07
C ASP C 123 -38.69 64.79 26.23
N GLY C 124 -38.90 63.49 26.01
CA GLY C 124 -39.51 62.63 27.00
C GLY C 124 -41.00 62.41 26.81
N GLY C 125 -41.53 62.74 25.64
CA GLY C 125 -42.96 62.58 25.39
C GLY C 125 -43.39 61.16 25.16
N LEU C 126 -42.45 60.25 24.88
CA LEU C 126 -42.82 58.84 24.70
C LEU C 126 -43.20 58.21 26.04
N ASP C 127 -42.47 58.55 27.11
CA ASP C 127 -42.88 58.14 28.45
C ASP C 127 -44.19 58.79 28.86
N LEU C 128 -44.45 60.03 28.38
CA LEU C 128 -45.73 60.67 28.63
C LEU C 128 -46.87 59.91 27.95
N LEU C 129 -46.64 59.44 26.72
CA LEU C 129 -47.65 58.65 26.03
C LEU C 129 -47.83 57.28 26.71
N LEU C 130 -46.75 56.69 27.21
CA LEU C 130 -46.88 55.45 27.97
C LEU C 130 -47.61 55.64 29.29
N ARG C 131 -47.54 56.84 29.88
CA ARG C 131 -48.33 57.14 31.06
C ARG C 131 -49.80 57.34 30.70
N LEU C 132 -50.07 58.02 29.59
CA LEU C 132 -51.45 58.27 29.16
C LEU C 132 -52.13 57.03 28.59
N LEU C 133 -51.38 56.02 28.18
CA LEU C 133 -51.99 54.74 27.81
C LEU C 133 -52.53 53.98 29.02
N GLN C 134 -52.06 54.28 30.23
CA GLN C 134 -52.62 53.70 31.45
C GLN C 134 -53.63 54.61 32.12
N ALA C 135 -54.17 55.59 31.40
CA ALA C 135 -55.18 56.47 31.97
C ALA C 135 -56.53 55.75 32.02
N PRO C 136 -57.32 55.98 33.07
CA PRO C 136 -58.63 55.32 33.16
C PRO C 136 -59.67 55.87 32.20
N GLU C 137 -59.46 57.07 31.64
CA GLU C 137 -60.40 57.64 30.68
C GLU C 137 -60.19 56.99 29.32
N LEU C 138 -61.27 56.91 28.54
CA LEU C 138 -61.20 56.20 27.26
C LEU C 138 -60.74 57.13 26.13
N GLU C 139 -61.16 58.39 26.17
CA GLU C 139 -60.89 59.33 25.08
C GLU C 139 -59.42 59.70 24.98
N THR C 140 -58.81 60.07 26.11
CA THR C 140 -57.38 60.35 26.11
C THR C 140 -56.56 59.08 25.82
N ARG C 141 -57.12 57.91 26.14
CA ARG C 141 -56.45 56.65 25.81
C ARG C 141 -56.45 56.41 24.29
N VAL C 142 -57.58 56.67 23.62
CA VAL C 142 -57.59 56.42 22.18
C VAL C 142 -56.80 57.49 21.43
N GLN C 143 -56.80 58.75 21.90
CA GLN C 143 -55.92 59.72 21.23
C GLN C 143 -54.45 59.47 21.51
N ALA C 144 -54.08 58.98 22.71
CA ALA C 144 -52.68 58.65 22.97
C ALA C 144 -52.25 57.43 22.16
N ALA C 145 -53.15 56.46 21.97
CA ALA C 145 -52.83 55.31 21.14
C ALA C 145 -52.68 55.69 19.67
N ARG C 146 -53.57 56.55 19.15
CA ARG C 146 -53.45 56.97 17.75
C ARG C 146 -52.27 57.90 17.53
N LEU C 147 -51.82 58.61 18.57
CA LEU C 147 -50.58 59.38 18.45
C LEU C 147 -49.36 58.48 18.50
N LEU C 148 -49.39 57.43 19.33
CA LEU C 148 -48.26 56.51 19.44
C LEU C 148 -48.14 55.63 18.20
N GLU C 149 -49.25 55.45 17.46
CA GLU C 149 -49.24 54.62 16.27
C GLU C 149 -48.37 55.20 15.16
N GLN C 150 -48.39 56.51 14.97
CA GLN C 150 -47.76 57.14 13.81
C GLN C 150 -46.33 57.60 14.06
N ILE C 151 -45.72 57.25 15.19
CA ILE C 151 -44.39 57.71 15.53
C ILE C 151 -43.43 56.55 15.81
N LEU C 152 -43.76 55.33 15.40
CA LEU C 152 -42.95 54.16 15.69
C LEU C 152 -41.86 53.99 14.63
N VAL C 153 -40.81 54.80 14.77
CA VAL C 153 -39.65 54.71 13.90
C VAL C 153 -38.59 53.88 14.60
N ALA C 154 -37.51 53.53 13.89
CA ALA C 154 -36.53 52.54 14.36
C ALA C 154 -35.80 52.99 15.62
N GLU C 155 -35.72 54.30 15.87
CA GLU C 155 -35.15 54.77 17.12
C GLU C 155 -36.18 54.77 18.26
N ASN C 156 -37.47 54.99 17.93
CA ASN C 156 -38.50 54.91 18.96
C ASN C 156 -38.81 53.48 19.35
N ARG C 157 -38.66 52.54 18.41
CA ARG C 157 -39.01 51.14 18.66
C ARG C 157 -38.07 50.51 19.68
N ASP C 158 -36.84 50.99 19.76
CA ASP C 158 -35.93 50.53 20.80
C ASP C 158 -36.40 50.95 22.19
N ARG C 159 -36.89 52.19 22.30
CA ARG C 159 -37.40 52.68 23.58
C ARG C 159 -38.68 51.97 23.98
N VAL C 160 -39.54 51.66 23.00
CA VAL C 160 -40.78 50.92 23.30
C VAL C 160 -40.46 49.47 23.66
N ALA C 161 -39.43 48.89 23.04
CA ALA C 161 -39.00 47.55 23.43
C ALA C 161 -38.36 47.55 24.81
N ARG C 162 -37.74 48.67 25.22
CA ARG C 162 -37.20 48.76 26.57
C ARG C 162 -38.30 48.88 27.62
N ILE C 163 -39.21 49.84 27.47
CA ILE C 163 -40.19 50.15 28.50
C ILE C 163 -41.61 49.80 28.06
N GLY C 164 -42.03 50.25 26.88
CA GLY C 164 -43.39 50.18 26.41
C GLY C 164 -44.01 48.80 26.23
N LEU C 165 -43.22 47.74 26.26
CA LEU C 165 -43.80 46.40 26.25
C LEU C 165 -44.40 46.07 27.62
N GLY C 166 -45.65 45.62 27.60
CA GLY C 166 -46.41 45.39 28.81
C GLY C 166 -47.53 46.38 29.05
N VAL C 167 -47.42 47.59 28.48
CA VAL C 167 -48.47 48.60 28.58
C VAL C 167 -49.38 48.44 27.36
N ILE C 168 -48.75 48.30 26.19
CA ILE C 168 -49.50 48.02 24.97
C ILE C 168 -50.08 46.61 25.02
N LEU C 169 -49.34 45.68 25.63
CA LEU C 169 -49.81 44.33 25.89
C LEU C 169 -51.02 44.31 26.83
N ASN C 170 -51.13 45.28 27.74
CA ASN C 170 -52.33 45.42 28.56
C ASN C 170 -53.50 45.92 27.74
N LEU C 171 -53.24 46.73 26.71
CA LEU C 171 -54.31 47.17 25.82
C LEU C 171 -54.70 46.08 24.84
N ALA C 172 -53.83 45.08 24.64
CA ALA C 172 -54.16 43.95 23.78
C ALA C 172 -55.27 43.07 24.37
N LYS C 173 -55.52 43.15 25.67
CA LYS C 173 -56.61 42.38 26.28
C LYS C 173 -57.96 43.06 26.09
N GLU C 174 -58.02 44.38 26.12
CA GLU C 174 -59.26 45.12 25.90
C GLU C 174 -59.50 45.19 24.40
N ARG C 175 -60.51 44.45 23.93
CA ARG C 175 -60.67 44.17 22.50
C ARG C 175 -62.01 44.63 21.94
N GLU C 176 -62.99 44.90 22.79
CA GLU C 176 -64.35 45.21 22.33
C GLU C 176 -64.53 46.56 21.62
N PRO C 177 -63.98 47.70 22.08
CA PRO C 177 -64.17 48.93 21.28
C PRO C 177 -63.28 48.93 20.04
N VAL C 178 -63.80 49.53 18.97
CA VAL C 178 -63.11 49.53 17.68
C VAL C 178 -62.03 50.61 17.66
N GLU C 179 -62.27 51.75 18.31
CA GLU C 179 -61.35 52.88 18.27
C GLU C 179 -60.04 52.61 19.00
N LEU C 180 -60.05 51.74 20.02
CA LEU C 180 -58.78 51.27 20.56
C LEU C 180 -58.11 50.30 19.60
N ALA C 181 -58.87 49.32 19.09
CA ALA C 181 -58.30 48.18 18.37
C ALA C 181 -57.69 48.58 17.05
N ARG C 182 -58.27 49.57 16.36
CA ARG C 182 -57.76 50.02 15.07
C ARG C 182 -56.36 50.60 15.18
N SER C 183 -56.06 51.24 16.30
CA SER C 183 -54.72 51.78 16.53
C SER C 183 -53.78 50.80 17.22
N VAL C 184 -54.27 49.97 18.14
CA VAL C 184 -53.40 49.02 18.83
C VAL C 184 -52.94 47.92 17.87
N ALA C 185 -53.77 47.59 16.86
CA ALA C 185 -53.33 46.68 15.81
C ALA C 185 -52.17 47.26 15.01
N GLY C 186 -52.19 48.56 14.73
CA GLY C 186 -51.07 49.18 14.02
C GLY C 186 -49.84 49.33 14.89
N ILE C 187 -50.03 49.57 16.19
CA ILE C 187 -48.89 49.66 17.11
C ILE C 187 -48.19 48.31 17.21
N LEU C 188 -48.98 47.22 17.33
CA LEU C 188 -48.38 45.89 17.35
C LEU C 188 -47.78 45.51 16.01
N GLU C 189 -48.42 45.95 14.91
CA GLU C 189 -47.89 45.81 13.56
C GLU C 189 -46.47 46.39 13.43
N HIS C 190 -46.29 47.63 13.86
CA HIS C 190 -44.96 48.22 13.75
C HIS C 190 -44.00 47.68 14.81
N MET C 191 -44.51 47.18 15.94
CA MET C 191 -43.64 46.57 16.93
C MET C 191 -43.21 45.15 16.60
N PHE C 192 -43.85 44.49 15.63
CA PHE C 192 -43.29 43.21 15.18
C PHE C 192 -42.03 43.37 14.33
N LYS C 193 -41.67 44.59 13.92
CA LYS C 193 -40.53 44.83 13.05
C LYS C 193 -39.25 45.13 13.81
N HIS C 194 -39.25 45.02 15.14
CA HIS C 194 -38.07 45.41 15.91
C HIS C 194 -36.99 44.34 15.88
N SER C 195 -37.28 43.17 16.47
CA SER C 195 -36.30 42.11 16.60
C SER C 195 -37.03 40.81 16.86
N GLU C 196 -36.25 39.73 17.03
CA GLU C 196 -36.84 38.42 17.33
C GLU C 196 -37.28 38.33 18.79
N GLU C 197 -36.60 39.06 19.68
CA GLU C 197 -36.95 39.03 21.10
C GLU C 197 -38.30 39.66 21.36
N THR C 198 -38.58 40.78 20.69
CA THR C 198 -39.89 41.43 20.80
C THR C 198 -40.99 40.56 20.19
N CYS C 199 -40.68 39.83 19.11
CA CYS C 199 -41.65 38.91 18.54
C CYS C 199 -41.94 37.75 19.48
N GLN C 200 -40.91 37.23 20.18
CA GLN C 200 -41.13 36.18 21.16
C GLN C 200 -41.93 36.69 22.35
N ARG C 201 -41.67 37.92 22.80
CA ARG C 201 -42.40 38.48 23.93
C ARG C 201 -43.84 38.81 23.58
N LEU C 202 -44.11 39.12 22.31
CA LEU C 202 -45.49 39.39 21.91
C LEU C 202 -46.27 38.11 21.62
N VAL C 203 -45.63 37.11 20.99
CA VAL C 203 -46.34 35.88 20.65
C VAL C 203 -46.53 34.99 21.88
N ALA C 204 -45.53 34.91 22.77
CA ALA C 204 -45.67 34.10 23.97
C ALA C 204 -46.68 34.68 24.94
N ALA C 205 -46.84 36.00 24.95
CA ALA C 205 -47.87 36.66 25.73
C ALA C 205 -49.11 36.85 24.84
N GLY C 206 -50.07 37.65 25.30
CA GLY C 206 -51.31 37.84 24.57
C GLY C 206 -51.28 38.94 23.53
N GLY C 207 -50.22 38.96 22.71
CA GLY C 207 -50.14 39.93 21.63
C GLY C 207 -50.55 39.33 20.30
N LEU C 208 -50.26 38.04 20.11
CA LEU C 208 -50.70 37.34 18.92
C LEU C 208 -52.19 37.03 18.96
N ASP C 209 -52.71 36.72 20.16
CA ASP C 209 -54.13 36.41 20.31
C ASP C 209 -55.01 37.62 20.03
N ALA C 210 -54.51 38.83 20.29
CA ALA C 210 -55.26 40.04 19.97
C ALA C 210 -55.43 40.20 18.47
N VAL C 211 -54.36 39.95 17.71
CA VAL C 211 -54.44 40.04 16.24
C VAL C 211 -55.31 38.92 15.68
N LEU C 212 -55.18 37.70 16.22
CA LEU C 212 -55.98 36.58 15.75
C LEU C 212 -57.45 36.70 16.14
N TYR C 213 -57.77 37.49 17.16
CA TYR C 213 -59.17 37.77 17.48
C TYR C 213 -59.70 38.94 16.66
N TRP C 214 -58.83 39.92 16.38
CA TRP C 214 -59.24 41.08 15.59
C TRP C 214 -59.33 40.78 14.10
N CYS C 215 -58.83 39.63 13.64
CA CYS C 215 -59.10 39.19 12.27
C CYS C 215 -60.57 38.88 12.01
N ARG C 216 -61.38 38.71 13.05
CA ARG C 216 -62.81 38.44 12.89
C ARG C 216 -63.61 39.68 12.48
N ARG C 217 -63.03 40.88 12.58
CA ARG C 217 -63.77 42.11 12.38
C ARG C 217 -63.98 42.38 10.89
N THR C 218 -64.78 43.41 10.60
CA THR C 218 -65.08 43.83 9.24
C THR C 218 -64.54 45.22 8.91
N ASP C 219 -63.71 45.79 9.77
CA ASP C 219 -63.13 47.11 9.54
C ASP C 219 -62.09 47.01 8.43
N PRO C 220 -62.24 47.75 7.32
CA PRO C 220 -61.30 47.59 6.19
C PRO C 220 -59.92 48.19 6.41
N ALA C 221 -59.64 48.81 7.56
CA ALA C 221 -58.30 49.26 7.89
C ALA C 221 -57.67 48.44 9.01
N LEU C 222 -58.49 47.99 9.97
CA LEU C 222 -58.00 47.15 11.05
C LEU C 222 -57.54 45.80 10.53
N LEU C 223 -58.21 45.27 9.51
CA LEU C 223 -57.77 44.03 8.89
C LEU C 223 -56.48 44.23 8.09
N ARG C 224 -56.28 45.42 7.51
CA ARG C 224 -55.00 45.74 6.90
C ARG C 224 -53.87 45.77 7.92
N HIS C 225 -54.14 46.38 9.09
CA HIS C 225 -53.16 46.40 10.17
C HIS C 225 -52.87 44.99 10.70
N CYS C 226 -53.89 44.13 10.76
CA CYS C 226 -53.66 42.77 11.23
C CYS C 226 -52.89 41.94 10.20
N ALA C 227 -53.17 42.15 8.91
CA ALA C 227 -52.44 41.45 7.85
C ALA C 227 -50.98 41.87 7.83
N LEU C 228 -50.71 43.17 7.95
CA LEU C 228 -49.33 43.64 8.01
C LEU C 228 -48.65 43.21 9.32
N ALA C 229 -49.41 43.10 10.41
CA ALA C 229 -48.86 42.62 11.67
C ALA C 229 -48.41 41.17 11.56
N LEU C 230 -49.26 40.30 10.99
CA LEU C 230 -48.89 38.90 10.82
C LEU C 230 -47.78 38.73 9.79
N GLY C 231 -47.75 39.58 8.76
CA GLY C 231 -46.66 39.51 7.79
C GLY C 231 -45.32 39.93 8.39
N ASN C 232 -45.31 40.99 9.18
CA ASN C 232 -44.08 41.45 9.81
C ASN C 232 -43.64 40.48 10.91
N CYS C 233 -44.60 39.84 11.59
CA CYS C 233 -44.26 38.84 12.59
C CYS C 233 -43.71 37.57 11.95
N ALA C 234 -44.19 37.23 10.75
CA ALA C 234 -43.62 36.10 10.03
C ALA C 234 -42.26 36.43 9.44
N LEU C 235 -42.03 37.68 9.06
CA LEU C 235 -40.72 38.08 8.52
C LEU C 235 -39.66 38.20 9.60
N HIS C 236 -39.99 38.78 10.76
CA HIS C 236 -38.99 39.08 11.78
C HIS C 236 -39.09 38.22 13.03
N GLY C 237 -39.87 37.14 13.00
CA GLY C 237 -40.06 36.35 14.20
C GLY C 237 -39.03 35.28 14.44
N GLY C 238 -38.88 34.34 13.50
CA GLY C 238 -37.98 33.22 13.71
C GLY C 238 -38.70 31.89 13.79
N GLN C 239 -37.93 30.86 14.15
CA GLN C 239 -38.41 29.48 14.12
C GLN C 239 -39.49 29.24 15.18
N ALA C 240 -39.18 29.56 16.44
CA ALA C 240 -40.13 29.33 17.52
C ALA C 240 -41.36 30.23 17.39
N VAL C 241 -41.18 31.43 16.82
CA VAL C 241 -42.30 32.33 16.61
C VAL C 241 -43.22 31.78 15.52
N GLN C 242 -42.65 31.23 14.43
CA GLN C 242 -43.48 30.61 13.40
C GLN C 242 -44.16 29.35 13.91
N ARG C 243 -43.50 28.59 14.79
CA ARG C 243 -44.14 27.41 15.38
C ARG C 243 -45.31 27.80 16.29
N ARG C 244 -45.13 28.84 17.11
CA ARG C 244 -46.20 29.25 18.01
C ARG C 244 -47.32 29.98 17.26
N MET C 245 -47.03 30.52 16.07
CA MET C 245 -48.12 31.04 15.25
C MET C 245 -48.90 29.92 14.57
N VAL C 246 -48.22 29.00 13.90
CA VAL C 246 -48.92 28.03 13.06
C VAL C 246 -49.53 26.89 13.88
N GLU C 247 -48.90 26.51 15.01
CA GLU C 247 -49.53 25.56 15.92
C GLU C 247 -50.77 26.16 16.59
N LYS C 248 -50.83 27.48 16.72
CA LYS C 248 -52.04 28.17 17.12
C LYS C 248 -52.87 28.62 15.93
N ARG C 249 -52.55 28.12 14.73
CA ARG C 249 -53.36 28.27 13.50
C ARG C 249 -53.50 29.74 13.08
N ALA C 250 -52.36 30.43 12.97
CA ALA C 250 -52.39 31.82 12.49
C ALA C 250 -52.62 31.91 10.99
N ALA C 251 -52.33 30.83 10.25
CA ALA C 251 -52.54 30.86 8.81
C ALA C 251 -54.02 30.73 8.45
N GLU C 252 -54.80 30.11 9.34
CA GLU C 252 -56.23 29.92 9.05
C GLU C 252 -57.03 31.21 9.22
N TRP C 253 -56.59 32.11 10.10
CA TRP C 253 -57.29 33.37 10.27
C TRP C 253 -57.02 34.35 9.14
N LEU C 254 -56.03 34.08 8.29
CA LEU C 254 -55.76 34.89 7.11
C LEU C 254 -56.67 34.53 5.94
N PHE C 255 -57.51 33.52 6.07
CA PHE C 255 -58.40 33.12 4.97
C PHE C 255 -59.51 34.14 4.68
N PRO C 256 -60.20 34.76 5.64
CA PRO C 256 -61.06 35.89 5.27
C PRO C 256 -60.28 37.12 4.86
N LEU C 257 -59.02 37.23 5.24
CA LEU C 257 -58.18 38.34 4.83
C LEU C 257 -57.58 38.14 3.45
N ALA C 258 -57.56 36.90 2.94
CA ALA C 258 -57.08 36.64 1.60
C ALA C 258 -58.21 36.57 0.57
N PHE C 259 -59.46 36.62 1.00
CA PHE C 259 -60.58 36.43 0.08
C PHE C 259 -61.46 37.67 -0.03
N SER C 260 -61.35 38.62 0.91
CA SER C 260 -62.26 39.75 0.98
C SER C 260 -62.10 40.67 -0.22
N LYS C 261 -63.17 40.80 -1.01
CA LYS C 261 -63.17 41.53 -2.27
C LYS C 261 -63.37 43.04 -2.09
N GLU C 262 -63.29 43.55 -0.87
CA GLU C 262 -63.44 44.97 -0.61
C GLU C 262 -62.14 45.75 -0.75
N ASP C 263 -61.01 45.12 -0.42
CA ASP C 263 -59.70 45.75 -0.54
C ASP C 263 -58.77 44.83 -1.31
N GLU C 264 -57.89 45.44 -2.12
CA GLU C 264 -56.93 44.68 -2.91
C GLU C 264 -55.56 44.60 -2.27
N LEU C 265 -55.17 45.61 -1.49
CA LEU C 265 -53.91 45.55 -0.76
C LEU C 265 -53.98 44.52 0.37
N LEU C 266 -55.17 44.36 0.96
CA LEU C 266 -55.35 43.51 2.14
C LEU C 266 -55.14 42.05 1.80
N ARG C 267 -55.68 41.60 0.66
CA ARG C 267 -55.46 40.22 0.21
C ARG C 267 -54.00 39.98 -0.18
N LEU C 268 -53.33 41.01 -0.73
CA LEU C 268 -51.94 40.87 -1.09
C LEU C 268 -51.05 40.72 0.14
N HIS C 269 -51.30 41.50 1.19
CA HIS C 269 -50.49 41.36 2.40
C HIS C 269 -50.83 40.08 3.16
N ALA C 270 -52.08 39.63 3.08
CA ALA C 270 -52.44 38.33 3.64
C ALA C 270 -51.74 37.18 2.93
N CYS C 271 -51.69 37.22 1.60
CA CYS C 271 -50.96 36.19 0.85
C CYS C 271 -49.46 36.31 1.03
N LEU C 272 -48.95 37.52 1.30
CA LEU C 272 -47.55 37.67 1.68
C LEU C 272 -47.25 36.96 3.00
N ALA C 273 -48.11 37.14 4.00
CA ALA C 273 -47.94 36.45 5.28
C ALA C 273 -48.06 34.94 5.13
N VAL C 274 -48.99 34.49 4.28
CA VAL C 274 -49.14 33.06 4.00
C VAL C 274 -47.89 32.50 3.32
N ALA C 275 -47.32 33.25 2.38
CA ALA C 275 -46.13 32.77 1.66
C ALA C 275 -44.90 32.74 2.57
N VAL C 276 -44.75 33.74 3.44
CA VAL C 276 -43.59 33.76 4.35
C VAL C 276 -43.72 32.66 5.40
N LEU C 277 -44.95 32.36 5.84
CA LEU C 277 -45.14 31.18 6.68
C LEU C 277 -44.92 29.88 5.90
N ALA C 278 -45.16 29.90 4.58
CA ALA C 278 -44.99 28.72 3.75
C ALA C 278 -43.56 28.53 3.26
N THR C 279 -42.64 29.46 3.56
CA THR C 279 -41.23 29.23 3.25
C THR C 279 -40.52 28.31 4.24
N ASN C 280 -41.17 27.91 5.32
CA ASN C 280 -40.56 27.03 6.32
C ASN C 280 -40.99 25.60 6.04
N LYS C 281 -40.01 24.70 5.96
CA LYS C 281 -40.25 23.34 5.48
C LYS C 281 -40.99 22.49 6.52
N GLU C 282 -40.89 22.84 7.80
CA GLU C 282 -41.61 22.16 8.86
C GLU C 282 -43.03 22.67 9.04
N VAL C 283 -43.48 23.56 8.17
CA VAL C 283 -44.74 24.29 8.34
C VAL C 283 -45.71 24.04 7.18
N GLU C 284 -45.18 23.67 5.99
CA GLU C 284 -45.94 23.71 4.73
C GLU C 284 -47.14 22.76 4.73
N ARG C 285 -47.08 21.69 5.52
CA ARG C 285 -48.18 20.72 5.54
C ARG C 285 -49.44 21.31 6.15
N GLU C 286 -49.31 22.01 7.29
CA GLU C 286 -50.47 22.63 7.92
C GLU C 286 -50.95 23.85 7.13
N VAL C 287 -50.05 24.48 6.35
CA VAL C 287 -50.48 25.58 5.49
C VAL C 287 -51.27 25.05 4.30
N GLU C 288 -50.86 23.92 3.73
CA GLU C 288 -51.64 23.29 2.67
C GLU C 288 -52.96 22.74 3.19
N ARG C 289 -52.98 22.29 4.44
CA ARG C 289 -54.24 21.88 5.07
C ARG C 289 -55.11 23.07 5.44
N SER C 290 -54.52 24.27 5.57
CA SER C 290 -55.30 25.46 5.85
C SER C 290 -56.13 25.89 4.63
N GLY C 291 -55.57 25.74 3.44
CA GLY C 291 -56.26 26.07 2.22
C GLY C 291 -56.06 27.49 1.73
N THR C 292 -55.17 28.26 2.34
CA THR C 292 -54.94 29.64 1.95
C THR C 292 -53.94 29.78 0.80
N LEU C 293 -53.25 28.69 0.42
CA LEU C 293 -52.35 28.74 -0.72
C LEU C 293 -53.08 28.69 -2.05
N ALA C 294 -54.35 28.25 -2.05
CA ALA C 294 -55.11 28.16 -3.30
C ALA C 294 -55.58 29.53 -3.78
N LEU C 295 -55.66 30.52 -2.89
CA LEU C 295 -56.09 31.85 -3.26
C LEU C 295 -54.95 32.79 -3.61
N VAL C 296 -53.71 32.31 -3.60
CA VAL C 296 -52.56 33.18 -3.85
C VAL C 296 -52.37 33.42 -5.34
N GLU C 297 -52.24 32.34 -6.12
CA GLU C 297 -51.93 32.40 -7.54
C GLU C 297 -53.01 33.04 -8.42
N PRO C 298 -54.33 32.82 -8.22
CA PRO C 298 -55.30 33.63 -8.99
C PRO C 298 -55.31 35.10 -8.60
N LEU C 299 -54.96 35.43 -7.35
CA LEU C 299 -54.87 36.82 -6.94
C LEU C 299 -53.70 37.52 -7.63
N VAL C 300 -52.54 36.86 -7.68
CA VAL C 300 -51.37 37.42 -8.34
C VAL C 300 -51.58 37.48 -9.85
N ALA C 301 -52.26 36.48 -10.42
CA ALA C 301 -52.52 36.47 -11.86
C ALA C 301 -53.58 37.51 -12.25
N SER C 302 -54.48 37.85 -11.33
CA SER C 302 -55.57 38.75 -11.66
C SER C 302 -55.22 40.22 -11.46
N LEU C 303 -54.06 40.53 -10.89
CA LEU C 303 -53.67 41.90 -10.61
C LEU C 303 -52.49 42.32 -11.46
N ASP C 304 -52.25 43.63 -11.49
CA ASP C 304 -51.15 44.21 -12.27
C ASP C 304 -50.21 44.96 -11.34
N PRO C 305 -48.89 44.74 -11.44
CA PRO C 305 -47.97 45.39 -10.49
C PRO C 305 -47.79 46.89 -10.72
N GLY C 306 -48.12 47.42 -11.89
CA GLY C 306 -47.96 48.84 -12.14
C GLY C 306 -48.93 49.70 -11.35
N ARG C 307 -50.18 49.24 -11.20
CA ARG C 307 -51.16 49.99 -10.44
C ARG C 307 -50.83 50.00 -8.95
N PHE C 308 -50.35 48.87 -8.43
CA PHE C 308 -49.92 48.79 -7.04
C PHE C 308 -48.56 49.43 -6.80
N ALA C 309 -47.78 49.67 -7.85
CA ALA C 309 -46.58 50.49 -7.73
C ALA C 309 -46.89 51.98 -7.76
N ARG C 310 -47.91 52.38 -8.52
CA ARG C 310 -48.36 53.77 -8.48
C ARG C 310 -49.14 54.07 -7.20
N CYS C 311 -49.76 53.06 -6.60
CA CYS C 311 -50.53 53.28 -5.39
C CYS C 311 -49.62 53.49 -4.18
N LEU C 312 -48.61 52.64 -4.02
CA LEU C 312 -47.68 52.76 -2.90
C LEU C 312 -46.71 53.91 -3.13
N GLN C 320 -43.78 54.64 -0.61
CA GLN C 320 -42.84 54.97 -1.68
C GLN C 320 -41.72 53.94 -1.75
N GLY C 321 -42.09 52.67 -1.61
CA GLY C 321 -41.13 51.58 -1.66
C GLY C 321 -40.65 51.17 -0.28
N ARG C 322 -39.71 50.25 -0.27
CA ARG C 322 -39.12 49.75 0.96
C ARG C 322 -37.60 49.81 0.85
N GLY C 323 -36.94 49.85 2.01
CA GLY C 323 -35.51 49.98 2.06
C GLY C 323 -34.79 48.70 1.75
N PRO C 324 -33.45 48.77 1.71
CA PRO C 324 -32.66 47.56 1.41
C PRO C 324 -32.71 46.49 2.48
N ASP C 325 -33.07 46.83 3.72
CA ASP C 325 -33.22 45.81 4.75
C ASP C 325 -34.46 44.97 4.49
N ASP C 326 -35.54 45.60 4.04
CA ASP C 326 -36.77 44.86 3.75
C ASP C 326 -36.72 44.21 2.37
N LEU C 327 -35.89 44.72 1.47
CA LEU C 327 -35.68 44.06 0.18
C LEU C 327 -34.96 42.73 0.32
N GLN C 328 -34.17 42.55 1.38
CA GLN C 328 -33.53 41.27 1.63
C GLN C 328 -34.51 40.21 2.13
N ARG C 329 -35.71 40.61 2.54
CA ARG C 329 -36.71 39.64 2.96
C ARG C 329 -37.48 39.05 1.79
N LEU C 330 -37.51 39.73 0.64
CA LEU C 330 -38.23 39.26 -0.53
C LEU C 330 -37.41 38.31 -1.39
N VAL C 331 -36.10 38.26 -1.19
CA VAL C 331 -35.19 37.42 -1.98
C VAL C 331 -35.31 35.93 -1.64
N PRO C 332 -35.33 35.46 -0.38
CA PRO C 332 -35.52 34.00 -0.18
C PRO C 332 -36.93 33.51 -0.44
N LEU C 333 -37.88 34.39 -0.78
CA LEU C 333 -39.18 33.93 -1.27
C LEU C 333 -39.06 33.24 -2.62
N LEU C 334 -38.04 33.58 -3.41
CA LEU C 334 -37.90 33.03 -4.75
C LEU C 334 -37.09 31.73 -4.74
N ASP C 335 -36.16 31.59 -3.79
CA ASP C 335 -35.31 30.42 -3.70
C ASP C 335 -35.79 29.41 -2.66
N SER C 336 -37.08 29.40 -2.36
CA SER C 336 -37.66 28.44 -1.43
C SER C 336 -38.59 27.45 -2.10
N ASN C 337 -38.44 27.22 -3.40
CA ASN C 337 -39.06 26.22 -4.28
C ASN C 337 -40.56 25.97 -4.08
N ARG C 338 -41.29 27.00 -3.67
CA ARG C 338 -42.74 26.95 -3.59
C ARG C 338 -43.32 27.92 -4.61
N LEU C 339 -44.39 27.51 -5.29
CA LEU C 339 -44.95 28.29 -6.40
C LEU C 339 -45.56 29.60 -5.91
N GLU C 340 -46.30 29.55 -4.81
CA GLU C 340 -47.01 30.73 -4.32
C GLU C 340 -46.03 31.78 -3.77
N ALA C 341 -44.98 31.31 -3.07
CA ALA C 341 -43.97 32.23 -2.55
C ALA C 341 -43.18 32.89 -3.68
N GLN C 342 -42.90 32.12 -4.75
CA GLN C 342 -42.22 32.70 -5.90
C GLN C 342 -43.11 33.70 -6.64
N CYS C 343 -44.42 33.44 -6.70
CA CYS C 343 -45.32 34.40 -7.32
C CYS C 343 -45.43 35.69 -6.52
N ILE C 344 -45.52 35.58 -5.18
CA ILE C 344 -45.55 36.76 -4.31
C ILE C 344 -44.26 37.55 -4.42
N GLY C 345 -43.12 36.86 -4.40
CA GLY C 345 -41.84 37.54 -4.51
C GLY C 345 -41.61 38.20 -5.85
N ALA C 346 -42.02 37.52 -6.94
CA ALA C 346 -41.90 38.11 -8.27
C ALA C 346 -42.81 39.32 -8.45
N PHE C 347 -44.04 39.26 -7.92
CA PHE C 347 -44.96 40.38 -8.00
C PHE C 347 -44.44 41.60 -7.22
N TYR C 348 -43.97 41.37 -5.99
CA TYR C 348 -43.49 42.47 -5.16
C TYR C 348 -42.19 43.05 -5.70
N LEU C 349 -41.28 42.20 -6.17
CA LEU C 349 -40.04 42.73 -6.75
C LEU C 349 -40.28 43.39 -8.10
N CYS C 350 -41.31 42.99 -8.86
CA CYS C 350 -41.63 43.69 -10.10
C CYS C 350 -42.21 45.08 -9.80
N ALA C 351 -43.13 45.18 -8.84
CA ALA C 351 -43.70 46.47 -8.48
C ALA C 351 -42.65 47.41 -7.88
N GLU C 352 -41.82 46.89 -6.99
CA GLU C 352 -40.78 47.73 -6.39
C GLU C 352 -39.62 47.98 -7.33
N ALA C 353 -39.43 47.15 -8.36
CA ALA C 353 -38.47 47.47 -9.41
C ALA C 353 -39.00 48.56 -10.32
N ALA C 354 -40.32 48.61 -10.54
CA ALA C 354 -40.92 49.76 -11.22
C ALA C 354 -40.76 51.03 -10.38
N ILE C 355 -40.88 50.90 -9.06
CA ILE C 355 -40.68 52.04 -8.16
C ILE C 355 -39.23 52.53 -8.22
N LYS C 356 -38.27 51.62 -8.11
CA LYS C 356 -36.86 52.00 -8.17
C LYS C 356 -36.40 52.40 -9.58
N SER C 357 -37.12 52.00 -10.63
CA SER C 357 -36.84 52.46 -11.98
C SER C 357 -37.44 53.83 -12.27
N LEU C 358 -38.50 54.20 -11.54
CA LEU C 358 -38.93 55.60 -11.56
C LEU C 358 -37.88 56.50 -10.94
N GLN C 359 -37.19 56.02 -9.91
CA GLN C 359 -36.06 56.72 -9.29
C GLN C 359 -34.76 56.27 -9.96
N GLY C 360 -33.62 56.59 -9.36
CA GLY C 360 -32.34 56.24 -9.93
C GLY C 360 -31.48 55.37 -9.03
N LYS C 361 -32.10 54.40 -8.36
CA LYS C 361 -31.39 53.55 -7.41
C LYS C 361 -31.56 52.08 -7.73
N THR C 362 -31.34 51.70 -8.99
CA THR C 362 -31.50 50.32 -9.43
C THR C 362 -30.30 49.44 -9.11
N LYS C 363 -29.27 49.96 -8.44
CA LYS C 363 -28.11 49.18 -8.06
C LYS C 363 -28.28 48.40 -6.77
N VAL C 364 -29.44 48.54 -6.11
CA VAL C 364 -29.68 47.83 -4.85
C VAL C 364 -29.95 46.35 -5.13
N PHE C 365 -30.65 46.07 -6.24
CA PHE C 365 -30.95 44.69 -6.61
C PHE C 365 -29.69 43.93 -7.05
N SER C 366 -28.70 44.64 -7.58
CA SER C 366 -27.42 44.00 -7.92
C SER C 366 -26.55 43.82 -6.69
N ASP C 367 -26.71 44.68 -5.68
CA ASP C 367 -25.95 44.51 -4.43
C ASP C 367 -26.51 43.36 -3.61
N ILE C 368 -27.84 43.25 -3.54
CA ILE C 368 -28.45 42.15 -2.79
C ILE C 368 -28.41 40.85 -3.59
N GLY C 369 -28.83 40.87 -4.85
CA GLY C 369 -28.76 39.69 -5.69
C GLY C 369 -30.07 39.06 -6.09
N ALA C 370 -31.12 39.86 -6.32
CA ALA C 370 -32.39 39.31 -6.76
C ALA C 370 -32.44 39.09 -8.26
N ILE C 371 -31.50 39.67 -9.02
CA ILE C 371 -31.51 39.60 -10.47
C ILE C 371 -31.19 38.19 -10.95
N GLN C 372 -30.21 37.53 -10.33
CA GLN C 372 -29.88 36.16 -10.69
C GLN C 372 -30.99 35.20 -10.28
N SER C 373 -31.70 35.49 -9.20
CA SER C 373 -32.87 34.69 -8.83
C SER C 373 -34.01 34.85 -9.82
N LEU C 374 -34.22 36.07 -10.34
CA LEU C 374 -35.21 36.27 -11.40
C LEU C 374 -34.79 35.57 -12.70
N LYS C 375 -33.49 35.53 -12.99
CA LYS C 375 -33.01 34.78 -14.15
C LYS C 375 -33.21 33.29 -13.97
N ARG C 376 -33.05 32.78 -12.74
CA ARG C 376 -33.37 31.38 -12.47
C ARG C 376 -34.86 31.11 -12.58
N LEU C 377 -35.70 32.10 -12.21
CA LEU C 377 -37.14 31.95 -12.37
C LEU C 377 -37.54 31.89 -13.84
N VAL C 378 -36.92 32.71 -14.69
CA VAL C 378 -37.24 32.70 -16.11
C VAL C 378 -36.72 31.43 -16.77
N SER C 379 -35.46 31.07 -16.50
CA SER C 379 -34.85 29.92 -17.15
C SER C 379 -35.36 28.57 -16.65
N TYR C 380 -36.04 28.54 -15.50
CA TYR C 380 -36.63 27.31 -14.98
C TYR C 380 -38.11 27.49 -14.66
N SER C 381 -38.89 28.04 -15.58
CA SER C 381 -40.29 28.35 -15.31
C SER C 381 -41.20 27.19 -15.70
N THR C 382 -42.12 26.86 -14.80
CA THR C 382 -43.21 25.93 -15.07
C THR C 382 -44.56 26.63 -14.96
N ASN C 383 -44.52 27.94 -14.72
CA ASN C 383 -45.73 28.75 -14.60
C ASN C 383 -45.57 30.00 -15.45
N GLY C 384 -46.66 30.41 -16.09
CA GLY C 384 -46.60 31.58 -16.94
C GLY C 384 -46.66 32.90 -16.19
N THR C 385 -47.31 32.91 -15.02
CA THR C 385 -47.51 34.16 -14.29
C THR C 385 -46.22 34.65 -13.65
N LYS C 386 -45.52 33.77 -12.93
CA LYS C 386 -44.27 34.17 -12.29
C LYS C 386 -43.18 34.43 -13.33
N SER C 387 -43.22 33.73 -14.46
CA SER C 387 -42.28 34.01 -15.55
C SER C 387 -42.55 35.35 -16.20
N ALA C 388 -43.82 35.71 -16.42
CA ALA C 388 -44.14 37.02 -16.98
C ALA C 388 -43.78 38.14 -16.02
N LEU C 389 -43.99 37.94 -14.72
CA LEU C 389 -43.61 38.94 -13.73
C LEU C 389 -42.10 39.08 -13.62
N ALA C 390 -41.36 37.98 -13.71
CA ALA C 390 -39.90 38.06 -13.66
C ALA C 390 -39.32 38.69 -14.92
N LYS C 391 -39.94 38.42 -16.09
CA LYS C 391 -39.50 39.08 -17.32
C LYS C 391 -39.80 40.57 -17.29
N ARG C 392 -40.95 40.96 -16.73
CA ARG C 392 -41.25 42.38 -16.60
C ARG C 392 -40.33 43.07 -15.59
N ALA C 393 -39.96 42.35 -14.53
CA ALA C 393 -39.05 42.91 -13.53
C ALA C 393 -37.63 43.07 -14.08
N LEU C 394 -37.18 42.11 -14.90
CA LEU C 394 -35.88 42.24 -15.54
C LEU C 394 -35.90 43.23 -16.70
N ARG C 395 -37.07 43.47 -17.29
CA ARG C 395 -37.20 44.49 -18.34
C ARG C 395 -37.22 45.90 -17.77
N LEU C 396 -37.83 46.09 -16.60
CA LEU C 396 -37.82 47.41 -15.96
C LEU C 396 -36.47 47.76 -15.35
N LEU C 397 -35.59 46.76 -15.17
CA LEU C 397 -34.22 47.02 -14.76
C LEU C 397 -33.37 47.27 -16.01
N GLY C 398 -32.05 47.28 -15.86
CA GLY C 398 -31.14 47.62 -16.94
C GLY C 398 -30.45 46.46 -17.63
N GLU C 399 -30.94 45.24 -17.48
CA GLU C 399 -30.34 44.08 -18.11
C GLU C 399 -31.36 43.35 -18.98
N GLU C 400 -30.85 42.41 -19.77
CA GLU C 400 -31.69 41.67 -20.71
C GLU C 400 -32.42 40.53 -20.01
N VAL C 401 -33.50 40.07 -20.63
CA VAL C 401 -34.25 38.92 -20.12
C VAL C 401 -33.69 37.65 -20.74
N PRO C 402 -33.62 36.55 -20.01
CA PRO C 402 -33.19 35.28 -20.61
C PRO C 402 -34.35 34.54 -21.25
N ARG C 403 -34.01 33.45 -21.93
CA ARG C 403 -35.00 32.61 -22.59
C ARG C 403 -35.26 31.34 -21.77
N PRO C 404 -36.46 30.79 -21.85
CA PRO C 404 -36.71 29.46 -21.25
C PRO C 404 -35.95 28.38 -22.00
N ILE C 405 -35.26 27.54 -21.25
CA ILE C 405 -34.39 26.51 -21.81
C ILE C 405 -35.23 25.38 -22.38
N LEU C 406 -34.64 24.65 -23.32
CA LEU C 406 -35.28 23.44 -23.82
C LEU C 406 -35.08 22.31 -22.82
N PRO C 407 -36.16 21.68 -22.33
CA PRO C 407 -36.01 20.67 -21.27
C PRO C 407 -35.39 19.37 -21.74
N SER C 408 -35.36 19.08 -23.05
CA SER C 408 -34.79 17.85 -23.56
C SER C 408 -33.27 18.00 -23.60
N VAL C 409 -32.66 17.82 -22.44
CA VAL C 409 -31.22 17.97 -22.24
C VAL C 409 -30.40 16.89 -22.96
N PRO C 410 -30.80 15.59 -23.02
CA PRO C 410 -30.09 14.68 -23.94
C PRO C 410 -30.24 15.02 -25.42
N SER C 411 -31.22 15.84 -25.80
CA SER C 411 -31.36 16.30 -27.17
C SER C 411 -30.66 17.62 -27.43
N TRP C 412 -29.85 18.11 -26.49
CA TRP C 412 -29.15 19.38 -26.69
C TRP C 412 -27.95 19.22 -27.62
N LYS C 413 -27.78 20.21 -28.49
CA LYS C 413 -26.54 20.41 -29.22
C LYS C 413 -25.67 21.41 -28.46
N GLU C 414 -24.63 21.93 -29.12
CA GLU C 414 -23.68 22.81 -28.45
C GLU C 414 -24.27 24.17 -28.13
N ALA C 415 -25.16 24.68 -28.99
CA ALA C 415 -25.68 26.03 -28.82
C ALA C 415 -26.61 26.15 -27.63
N GLU C 416 -27.37 25.10 -27.32
CA GLU C 416 -28.21 25.10 -26.12
C GLU C 416 -27.35 25.05 -24.86
N VAL C 417 -26.20 24.36 -24.91
CA VAL C 417 -25.28 24.35 -23.78
C VAL C 417 -24.66 25.74 -23.58
N GLN C 418 -24.32 26.41 -24.68
CA GLN C 418 -23.77 27.77 -24.59
C GLN C 418 -24.81 28.75 -24.07
N THR C 419 -26.06 28.59 -24.47
CA THR C 419 -27.15 29.44 -23.96
C THR C 419 -27.39 29.19 -22.48
N TRP C 420 -27.35 27.92 -22.05
CA TRP C 420 -27.49 27.59 -20.63
C TRP C 420 -26.33 28.15 -19.82
N LEU C 421 -25.13 28.21 -20.41
CA LEU C 421 -24.01 28.88 -19.75
C LEU C 421 -24.24 30.38 -19.63
N GLN C 422 -24.79 31.01 -20.69
CA GLN C 422 -24.95 32.46 -20.67
C GLN C 422 -26.09 32.91 -19.77
N GLN C 423 -27.05 32.02 -19.49
CA GLN C 423 -28.21 32.45 -18.72
C GLN C 423 -28.04 32.36 -17.20
N ILE C 424 -27.09 31.56 -16.70
CA ILE C 424 -26.98 31.34 -15.25
C ILE C 424 -25.71 31.93 -14.67
N GLY C 425 -24.82 32.47 -15.48
CA GLY C 425 -23.64 33.13 -14.96
C GLY C 425 -22.33 32.41 -15.13
N PHE C 426 -22.17 31.65 -16.22
CA PHE C 426 -20.90 31.02 -16.56
C PHE C 426 -20.35 31.54 -17.88
N SER C 427 -20.37 32.86 -18.05
CA SER C 427 -19.88 33.50 -19.27
C SER C 427 -18.36 33.39 -19.43
N LYS C 428 -17.63 33.11 -18.36
CA LYS C 428 -16.18 32.93 -18.48
C LYS C 428 -15.83 31.61 -19.15
N TYR C 429 -16.62 30.57 -18.92
CA TYR C 429 -16.35 29.24 -19.44
C TYR C 429 -17.13 28.91 -20.70
N CYS C 430 -17.58 29.93 -21.45
CA CYS C 430 -18.26 29.67 -22.71
C CYS C 430 -17.29 29.23 -23.79
N GLU C 431 -16.10 29.81 -23.83
CA GLU C 431 -15.10 29.39 -24.81
C GLU C 431 -14.44 28.08 -24.41
N SER C 432 -14.57 27.68 -23.15
CA SER C 432 -13.97 26.43 -22.69
C SER C 432 -14.76 25.22 -23.18
N PHE C 433 -16.09 25.30 -23.17
CA PHE C 433 -16.89 24.16 -23.59
C PHE C 433 -16.99 24.06 -25.10
N ARG C 434 -16.81 25.19 -25.80
CA ARG C 434 -16.96 25.19 -27.26
C ARG C 434 -15.77 24.53 -27.94
N GLU C 435 -14.56 24.74 -27.41
CA GLU C 435 -13.39 24.08 -27.98
C GLU C 435 -13.36 22.59 -27.68
N GLN C 436 -13.98 22.18 -26.57
CA GLN C 436 -14.06 20.77 -26.22
C GLN C 436 -15.27 20.07 -26.82
N GLN C 437 -16.17 20.83 -27.47
CA GLN C 437 -17.37 20.31 -28.14
C GLN C 437 -18.29 19.56 -27.17
N VAL C 438 -18.63 20.22 -26.06
CA VAL C 438 -19.49 19.62 -25.06
C VAL C 438 -20.95 19.87 -25.43
N ASP C 439 -21.70 18.80 -25.68
CA ASP C 439 -23.12 18.87 -25.95
C ASP C 439 -23.89 18.47 -24.69
N GLY C 440 -25.21 18.29 -24.83
CA GLY C 440 -26.03 17.93 -23.69
C GLY C 440 -25.77 16.53 -23.16
N ASP C 441 -25.26 15.64 -24.02
CA ASP C 441 -24.94 14.29 -23.56
C ASP C 441 -23.67 14.29 -22.71
N LEU C 442 -22.72 15.17 -23.02
CA LEU C 442 -21.50 15.29 -22.22
C LEU C 442 -21.71 16.16 -20.99
N LEU C 443 -22.72 17.02 -21.01
CA LEU C 443 -22.98 17.87 -19.85
C LEU C 443 -23.63 17.08 -18.72
N LEU C 444 -24.47 16.10 -19.08
CA LEU C 444 -25.09 15.22 -18.09
C LEU C 444 -24.09 14.22 -17.50
N ARG C 445 -22.93 14.03 -18.13
CA ARG C 445 -21.96 13.03 -17.72
C ARG C 445 -20.59 13.67 -17.46
N LEU C 446 -20.58 14.79 -16.75
CA LEU C 446 -19.35 15.52 -16.48
C LEU C 446 -18.99 15.38 -14.99
N THR C 447 -17.69 15.22 -14.72
CA THR C 447 -17.21 14.86 -13.40
C THR C 447 -16.19 15.88 -12.89
N GLU C 448 -15.51 15.49 -11.79
CA GLU C 448 -14.53 16.35 -11.16
C GLU C 448 -13.29 16.52 -12.03
N GLU C 449 -12.77 15.41 -12.56
CA GLU C 449 -11.45 15.42 -13.18
C GLU C 449 -11.48 16.12 -14.54
N GLU C 450 -12.58 15.98 -15.28
CA GLU C 450 -12.68 16.65 -16.57
C GLU C 450 -12.89 18.14 -16.40
N LEU C 451 -13.55 18.56 -15.32
CA LEU C 451 -13.64 19.98 -15.00
C LEU C 451 -12.29 20.54 -14.56
N GLN C 452 -11.51 19.74 -13.83
CA GLN C 452 -10.24 20.24 -13.29
C GLN C 452 -9.16 20.32 -14.36
N THR C 453 -8.99 19.25 -15.14
CA THR C 453 -7.86 19.18 -16.05
C THR C 453 -8.18 19.74 -17.43
N ASP C 454 -9.24 19.24 -18.06
CA ASP C 454 -9.52 19.53 -19.47
C ASP C 454 -10.19 20.88 -19.70
N LEU C 455 -10.90 21.41 -18.71
CA LEU C 455 -11.74 22.59 -18.89
C LEU C 455 -11.17 23.84 -18.26
N GLY C 456 -10.05 23.75 -17.56
CA GLY C 456 -9.43 24.92 -16.98
C GLY C 456 -10.16 25.50 -15.78
N MET C 457 -11.03 24.70 -15.15
CA MET C 457 -11.75 25.12 -13.95
C MET C 457 -11.00 24.53 -12.76
N LYS C 458 -9.96 25.25 -12.33
CA LYS C 458 -9.06 24.73 -11.31
C LYS C 458 -9.64 24.84 -9.91
N SER C 459 -10.46 25.86 -9.66
CA SER C 459 -11.01 26.08 -8.32
C SER C 459 -12.12 25.09 -8.02
N GLY C 460 -12.03 24.44 -6.86
CA GLY C 460 -13.06 23.51 -6.43
C GLY C 460 -14.36 24.18 -6.02
N ILE C 461 -14.29 25.45 -5.60
CA ILE C 461 -15.51 26.18 -5.26
C ILE C 461 -16.30 26.53 -6.51
N THR C 462 -15.60 26.89 -7.59
CA THR C 462 -16.25 27.12 -8.88
C THR C 462 -16.83 25.81 -9.43
N ARG C 463 -16.11 24.69 -9.24
CA ARG C 463 -16.64 23.39 -9.61
C ARG C 463 -17.87 23.02 -8.80
N LYS C 464 -17.90 23.40 -7.51
CA LYS C 464 -19.04 23.05 -6.67
C LYS C 464 -20.25 23.91 -7.00
N ARG C 465 -20.02 25.18 -7.38
CA ARG C 465 -21.10 26.01 -7.89
C ARG C 465 -21.62 25.48 -9.22
N PHE C 466 -20.73 24.93 -10.05
CA PHE C 466 -21.15 24.32 -11.30
C PHE C 466 -21.95 23.04 -11.05
N PHE C 467 -21.59 22.28 -10.02
CA PHE C 467 -22.39 21.10 -9.69
C PHE C 467 -23.71 21.45 -9.01
N ARG C 468 -23.80 22.59 -8.32
CA ARG C 468 -25.10 23.05 -7.84
C ARG C 468 -26.01 23.44 -9.01
N GLU C 469 -25.45 24.15 -9.98
CA GLU C 469 -26.22 24.49 -11.19
C GLU C 469 -26.54 23.24 -12.01
N LEU C 470 -25.67 22.23 -11.96
CA LEU C 470 -25.94 20.97 -12.65
C LEU C 470 -27.03 20.17 -11.94
N THR C 471 -27.08 20.25 -10.61
CA THR C 471 -28.18 19.65 -9.86
C THR C 471 -29.51 20.33 -10.20
N GLU C 472 -29.49 21.67 -10.29
CA GLU C 472 -30.69 22.41 -10.68
C GLU C 472 -31.11 22.11 -12.11
N LEU C 473 -30.14 21.86 -12.99
CA LEU C 473 -30.46 21.50 -14.37
C LEU C 473 -31.02 20.08 -14.47
N LYS C 474 -30.38 19.13 -13.81
CA LYS C 474 -30.79 17.73 -13.93
C LYS C 474 -32.03 17.42 -13.09
N THR C 475 -32.45 18.34 -12.22
CA THR C 475 -33.78 18.25 -11.65
C THR C 475 -34.86 18.59 -12.68
N PHE C 476 -34.72 19.72 -13.37
CA PHE C 476 -35.67 20.14 -14.39
C PHE C 476 -35.14 19.75 -15.78
N ALA C 477 -35.44 18.51 -16.17
CA ALA C 477 -34.93 17.98 -17.43
C ALA C 477 -35.91 16.97 -18.00
N ASN C 478 -35.98 16.92 -19.32
CA ASN C 478 -36.81 15.94 -20.03
C ASN C 478 -35.93 14.77 -20.47
N TYR C 479 -36.26 13.58 -19.99
CA TYR C 479 -35.53 12.37 -20.34
C TYR C 479 -36.36 11.43 -21.20
N SER C 480 -37.20 11.99 -22.08
CA SER C 480 -38.10 11.16 -22.89
C SER C 480 -37.37 10.38 -23.97
N THR C 481 -36.17 10.81 -24.35
CA THR C 481 -35.43 10.12 -25.40
C THR C 481 -34.70 8.87 -24.91
N CYS C 482 -34.62 8.65 -23.60
CA CYS C 482 -33.88 7.50 -23.09
C CYS C 482 -34.57 6.72 -21.98
N ASP C 483 -35.60 7.25 -21.32
CA ASP C 483 -36.22 6.60 -20.16
C ASP C 483 -37.35 5.70 -20.68
N ARG C 484 -37.19 4.39 -20.49
CA ARG C 484 -38.16 3.44 -20.99
C ARG C 484 -39.24 3.11 -19.95
N SER C 485 -38.87 3.08 -18.67
CA SER C 485 -39.76 2.58 -17.62
C SER C 485 -40.17 3.67 -16.63
N ASN C 486 -39.98 4.94 -16.96
CA ASN C 486 -40.29 6.11 -16.14
C ASN C 486 -39.57 6.02 -14.78
N LEU C 487 -38.24 6.08 -14.86
CA LEU C 487 -37.41 6.00 -13.67
C LEU C 487 -37.31 7.33 -12.93
N ALA C 488 -37.55 8.44 -13.63
CA ALA C 488 -37.47 9.75 -13.00
C ALA C 488 -38.62 9.97 -12.01
N ASP C 489 -39.80 9.44 -12.32
CA ASP C 489 -40.90 9.49 -11.36
C ASP C 489 -40.72 8.50 -10.22
N TRP C 490 -39.94 7.44 -10.42
CA TRP C 490 -39.58 6.55 -9.32
C TRP C 490 -38.62 7.25 -8.37
N LEU C 491 -37.67 8.00 -8.93
CA LEU C 491 -36.73 8.74 -8.10
C LEU C 491 -37.41 9.93 -7.42
N GLY C 492 -38.40 10.54 -8.08
CA GLY C 492 -39.07 11.69 -7.52
C GLY C 492 -40.06 11.37 -6.42
N SER C 493 -40.56 10.13 -6.38
CA SER C 493 -41.49 9.71 -5.34
C SER C 493 -40.81 9.50 -3.99
N LEU C 494 -39.49 9.36 -3.97
CA LEU C 494 -38.77 9.19 -2.71
C LEU C 494 -38.34 10.54 -2.16
N ASP C 495 -37.72 11.37 -3.00
CA ASP C 495 -37.14 12.65 -2.64
C ASP C 495 -36.97 13.42 -3.95
N PRO C 496 -37.47 14.65 -4.05
CA PRO C 496 -37.35 15.40 -5.32
C PRO C 496 -35.92 15.79 -5.71
N ARG C 497 -34.93 15.60 -4.84
CA ARG C 497 -33.54 15.80 -5.22
C ARG C 497 -32.87 14.53 -5.74
N PHE C 498 -33.61 13.43 -5.83
CA PHE C 498 -33.09 12.18 -6.40
C PHE C 498 -33.20 12.11 -7.91
N ARG C 499 -33.85 13.08 -8.55
CA ARG C 499 -34.08 13.00 -9.99
C ARG C 499 -32.85 13.41 -10.80
N GLN C 500 -31.77 13.85 -10.14
CA GLN C 500 -30.55 14.17 -10.85
C GLN C 500 -29.83 12.93 -11.36
N TYR C 501 -30.01 11.77 -10.72
CA TYR C 501 -29.31 10.57 -11.15
C TYR C 501 -30.10 9.75 -12.15
N THR C 502 -31.11 10.35 -12.79
CA THR C 502 -31.91 9.64 -13.80
C THR C 502 -31.05 9.25 -15.00
N TYR C 503 -30.24 10.19 -15.50
CA TYR C 503 -29.34 9.87 -16.61
C TYR C 503 -28.24 8.90 -16.19
N GLY C 504 -27.78 8.99 -14.94
CA GLY C 504 -26.73 8.10 -14.48
C GLY C 504 -27.20 6.66 -14.32
N LEU C 505 -28.47 6.47 -13.98
CA LEU C 505 -29.00 5.11 -13.86
C LEU C 505 -29.53 4.58 -15.19
N VAL C 506 -30.03 5.47 -16.06
CA VAL C 506 -30.51 5.02 -17.36
C VAL C 506 -29.35 4.71 -18.31
N SER C 507 -28.27 5.49 -18.24
CA SER C 507 -27.14 5.31 -19.15
C SER C 507 -26.37 4.03 -18.89
N CYS C 508 -26.55 3.41 -17.72
CA CYS C 508 -25.98 2.10 -17.44
C CYS C 508 -26.85 0.96 -17.95
N GLY C 509 -28.02 1.25 -18.53
CA GLY C 509 -28.89 0.23 -19.06
C GLY C 509 -29.95 -0.27 -18.10
N LEU C 510 -30.25 0.48 -17.03
CA LEU C 510 -31.18 0.00 -16.02
C LEU C 510 -32.60 0.49 -16.30
N ASP C 511 -33.55 -0.19 -15.67
CA ASP C 511 -34.96 0.19 -15.66
C ASP C 511 -35.56 -0.29 -14.34
N ARG C 512 -36.90 -0.38 -14.29
CA ARG C 512 -37.56 -0.79 -13.06
C ARG C 512 -37.34 -2.27 -12.76
N SER C 513 -37.09 -3.08 -13.79
CA SER C 513 -37.00 -4.52 -13.63
C SER C 513 -35.57 -5.02 -13.41
N LEU C 514 -34.60 -4.12 -13.19
CA LEU C 514 -33.22 -4.52 -13.01
C LEU C 514 -32.54 -3.91 -11.79
N LEU C 515 -33.25 -3.14 -10.96
CA LEU C 515 -32.61 -2.48 -9.83
C LEU C 515 -32.41 -3.40 -8.63
N HIS C 516 -33.02 -4.59 -8.64
CA HIS C 516 -32.90 -5.48 -7.49
C HIS C 516 -31.59 -6.25 -7.48
N ARG C 517 -30.81 -6.21 -8.55
CA ARG C 517 -29.50 -6.86 -8.60
C ARG C 517 -28.35 -5.87 -8.70
N VAL C 518 -28.58 -4.61 -8.37
CA VAL C 518 -27.54 -3.58 -8.40
C VAL C 518 -26.94 -3.48 -7.01
N SER C 519 -25.61 -3.37 -6.95
CA SER C 519 -24.91 -3.20 -5.69
C SER C 519 -24.52 -1.74 -5.48
N GLU C 520 -23.81 -1.49 -4.38
CA GLU C 520 -23.37 -0.13 -4.05
C GLU C 520 -22.20 0.30 -4.91
N GLN C 521 -21.32 -0.64 -5.29
CA GLN C 521 -20.18 -0.32 -6.15
C GLN C 521 -20.64 0.04 -7.55
N GLN C 522 -21.72 -0.57 -8.02
CA GLN C 522 -22.27 -0.23 -9.33
C GLN C 522 -22.91 1.15 -9.33
N LEU C 523 -23.43 1.59 -8.18
CA LEU C 523 -23.96 2.95 -8.08
C LEU C 523 -22.85 3.98 -7.91
N LEU C 524 -21.75 3.58 -7.26
CA LEU C 524 -20.63 4.51 -7.05
C LEU C 524 -19.83 4.71 -8.33
N GLU C 525 -19.34 3.62 -8.92
CA GLU C 525 -18.41 3.72 -10.04
C GLU C 525 -19.15 4.06 -11.34
N ASP C 526 -20.23 3.34 -11.64
CA ASP C 526 -20.88 3.48 -12.93
C ASP C 526 -21.94 4.58 -12.94
N CYS C 527 -22.88 4.55 -11.98
CA CYS C 527 -23.93 5.55 -11.91
C CYS C 527 -23.45 6.89 -11.38
N GLY C 528 -22.32 6.91 -10.67
CA GLY C 528 -21.74 8.17 -10.21
C GLY C 528 -22.47 8.83 -9.07
N ILE C 529 -22.94 8.05 -8.10
CA ILE C 529 -23.60 8.58 -6.92
C ILE C 529 -22.55 8.72 -5.83
N HIS C 530 -22.16 9.95 -5.52
CA HIS C 530 -21.07 10.19 -4.59
C HIS C 530 -21.48 10.16 -3.13
N LEU C 531 -22.77 10.38 -2.82
CA LEU C 531 -23.24 10.37 -1.44
C LEU C 531 -23.68 8.96 -1.07
N GLY C 532 -23.14 8.45 0.04
CA GLY C 532 -23.46 7.09 0.45
C GLY C 532 -24.84 6.96 1.07
N VAL C 533 -25.36 8.07 1.63
CA VAL C 533 -26.72 8.07 2.15
C VAL C 533 -27.72 7.87 1.01
N HIS C 534 -27.51 8.55 -0.11
CA HIS C 534 -28.37 8.39 -1.27
C HIS C 534 -28.23 7.00 -1.87
N ARG C 535 -27.02 6.43 -1.84
CA ARG C 535 -26.82 5.05 -2.31
C ARG C 535 -27.58 4.06 -1.43
N ALA C 536 -27.53 4.25 -0.11
CA ALA C 536 -28.24 3.36 0.79
C ALA C 536 -29.75 3.47 0.64
N ARG C 537 -30.25 4.70 0.41
CA ARG C 537 -31.69 4.88 0.22
C ARG C 537 -32.16 4.30 -1.10
N ILE C 538 -31.35 4.44 -2.17
CA ILE C 538 -31.72 3.87 -3.46
C ILE C 538 -31.68 2.34 -3.42
N LEU C 539 -30.67 1.77 -2.74
CA LEU C 539 -30.62 0.31 -2.60
C LEU C 539 -31.77 -0.22 -1.76
N THR C 540 -32.11 0.48 -0.67
CA THR C 540 -33.21 0.05 0.19
C THR C 540 -34.54 0.11 -0.54
N ALA C 541 -34.79 1.21 -1.27
CA ALA C 541 -36.03 1.34 -2.03
C ALA C 541 -36.07 0.44 -3.25
N ALA C 542 -34.90 0.03 -3.76
CA ALA C 542 -34.90 -0.94 -4.85
C ALA C 542 -35.14 -2.35 -4.35
N ARG C 543 -34.78 -2.63 -3.10
CA ARG C 543 -34.96 -3.99 -2.58
C ARG C 543 -36.34 -4.19 -1.96
N GLU C 544 -36.89 -3.16 -1.29
CA GLU C 544 -38.05 -3.42 -0.43
C GLU C 544 -39.39 -3.32 -1.15
N MET C 545 -39.51 -2.56 -2.24
CA MET C 545 -40.81 -2.36 -2.87
C MET C 545 -40.87 -2.78 -4.34
N LEU C 546 -39.74 -2.91 -5.02
CA LEU C 546 -39.77 -3.37 -6.40
C LEU C 546 -39.96 -4.88 -6.49
N HIS C 547 -39.08 -5.64 -5.85
CA HIS C 547 -39.20 -7.10 -5.84
C HIS C 547 -38.92 -7.65 -4.44
N THR C 561 -52.39 -12.96 -36.61
CA THR C 561 -53.68 -13.52 -36.99
C THR C 561 -54.80 -12.51 -36.73
N PRO C 562 -55.24 -11.80 -37.77
CA PRO C 562 -56.32 -10.84 -37.60
C PRO C 562 -57.68 -11.54 -37.48
N ASP C 563 -58.64 -10.81 -36.93
CA ASP C 563 -59.98 -11.34 -36.72
C ASP C 563 -61.04 -10.69 -37.59
N VAL C 564 -60.83 -9.47 -38.07
CA VAL C 564 -61.80 -8.76 -38.90
C VAL C 564 -61.12 -8.35 -40.19
N PHE C 565 -61.62 -8.82 -41.32
CA PHE C 565 -61.11 -8.42 -42.62
C PHE C 565 -62.06 -7.42 -43.27
N ILE C 566 -61.49 -6.35 -43.82
CA ILE C 566 -62.27 -5.28 -44.43
C ILE C 566 -61.81 -5.12 -45.88
N SER C 567 -62.75 -5.28 -46.81
CA SER C 567 -62.54 -4.97 -48.22
C SER C 567 -63.24 -3.66 -48.54
N TYR C 568 -62.63 -2.87 -49.41
CA TYR C 568 -63.13 -1.52 -49.69
C TYR C 568 -62.81 -1.15 -51.12
N ARG C 569 -63.48 -0.10 -51.59
CA ARG C 569 -63.25 0.45 -52.92
C ARG C 569 -62.16 1.52 -52.85
N ARG C 570 -61.33 1.56 -53.89
CA ARG C 570 -60.16 2.45 -53.94
C ARG C 570 -60.54 3.92 -53.94
N ASN C 571 -61.68 4.27 -54.55
CA ASN C 571 -62.04 5.68 -54.75
C ASN C 571 -62.53 6.34 -53.47
N SER C 572 -63.64 5.86 -52.91
CA SER C 572 -64.28 6.52 -51.78
C SER C 572 -64.57 5.56 -50.63
N GLY C 573 -63.70 4.59 -50.39
CA GLY C 573 -63.94 3.64 -49.32
C GLY C 573 -62.81 3.52 -48.32
N SER C 574 -61.85 4.45 -48.36
CA SER C 574 -60.68 4.33 -47.50
C SER C 574 -60.93 4.88 -46.10
N GLN C 575 -61.58 6.06 -46.03
CA GLN C 575 -61.78 6.72 -44.74
C GLN C 575 -62.76 5.96 -43.86
N LEU C 576 -63.82 5.43 -44.47
CA LEU C 576 -64.79 4.64 -43.70
C LEU C 576 -64.19 3.33 -43.21
N ALA C 577 -63.33 2.69 -44.03
CA ALA C 577 -62.67 1.46 -43.62
C ALA C 577 -61.67 1.72 -42.49
N SER C 578 -60.92 2.82 -42.57
CA SER C 578 -59.99 3.17 -41.50
C SER C 578 -60.73 3.52 -40.21
N LEU C 579 -61.89 4.18 -40.35
CA LEU C 579 -62.68 4.54 -39.18
C LEU C 579 -63.29 3.30 -38.52
N LEU C 580 -63.74 2.34 -39.32
CA LEU C 580 -64.23 1.07 -38.78
C LEU C 580 -63.10 0.30 -38.11
N LYS C 581 -61.89 0.34 -38.68
CA LYS C 581 -60.76 -0.34 -38.06
C LYS C 581 -60.37 0.29 -36.72
N VAL C 582 -60.44 1.62 -36.64
CA VAL C 582 -60.12 2.30 -35.38
C VAL C 582 -61.19 2.00 -34.33
N HIS C 583 -62.47 2.06 -34.71
CA HIS C 583 -63.54 1.82 -33.74
C HIS C 583 -63.63 0.34 -33.34
N LEU C 584 -63.07 -0.56 -34.15
CA LEU C 584 -63.00 -1.95 -33.71
C LEU C 584 -61.75 -2.23 -32.89
N GLN C 585 -60.64 -1.53 -33.15
CA GLN C 585 -59.45 -1.70 -32.33
C GLN C 585 -59.53 -0.94 -31.01
N LEU C 586 -60.51 -0.06 -30.85
CA LEU C 586 -60.78 0.50 -29.52
C LEU C 586 -61.33 -0.56 -28.57
N HIS C 587 -61.96 -1.61 -29.10
CA HIS C 587 -62.53 -2.68 -28.29
C HIS C 587 -61.71 -3.96 -28.37
N GLY C 588 -60.48 -3.90 -28.88
CA GLY C 588 -59.58 -5.04 -28.87
C GLY C 588 -59.71 -6.00 -30.03
N PHE C 589 -60.47 -5.65 -31.07
CA PHE C 589 -60.66 -6.53 -32.22
C PHE C 589 -59.52 -6.30 -33.21
N SER C 590 -58.76 -7.37 -33.49
CA SER C 590 -57.67 -7.28 -34.44
C SER C 590 -58.20 -7.23 -35.87
N VAL C 591 -57.88 -6.15 -36.58
CA VAL C 591 -58.45 -5.87 -37.90
C VAL C 591 -57.31 -5.76 -38.91
N PHE C 592 -57.45 -6.45 -40.03
CA PHE C 592 -56.48 -6.36 -41.12
C PHE C 592 -56.95 -5.34 -42.16
N ILE C 593 -56.00 -4.56 -42.67
CA ILE C 593 -56.28 -3.51 -43.65
C ILE C 593 -55.19 -3.63 -44.72
N ASP C 594 -55.14 -2.68 -45.67
CA ASP C 594 -54.20 -2.57 -46.78
C ASP C 594 -54.34 -3.73 -47.76
N VAL C 595 -55.53 -3.86 -48.35
CA VAL C 595 -55.71 -4.74 -49.49
C VAL C 595 -54.94 -4.20 -50.70
N GLU C 596 -54.87 -2.86 -50.82
CA GLU C 596 -54.15 -2.20 -51.90
C GLU C 596 -52.65 -2.43 -51.83
N LYS C 597 -52.11 -2.72 -50.65
CA LYS C 597 -50.70 -3.10 -50.53
C LYS C 597 -50.45 -4.46 -51.18
N LEU C 598 -51.43 -5.36 -51.12
CA LEU C 598 -51.33 -6.66 -51.76
C LEU C 598 -51.72 -6.63 -53.24
N GLU C 599 -52.03 -5.45 -53.78
CA GLU C 599 -52.38 -5.29 -55.20
C GLU C 599 -51.17 -4.98 -56.07
N ALA C 600 -49.97 -5.33 -55.62
CA ALA C 600 -48.74 -5.07 -56.36
C ALA C 600 -48.26 -6.27 -57.16
N GLY C 601 -49.17 -7.08 -57.68
CA GLY C 601 -48.81 -8.28 -58.41
C GLY C 601 -48.95 -9.57 -57.63
N LYS C 602 -49.22 -9.50 -56.33
CA LYS C 602 -49.41 -10.69 -55.51
C LYS C 602 -50.83 -11.18 -55.72
N PHE C 603 -50.97 -12.32 -56.42
CA PHE C 603 -52.27 -12.73 -56.94
C PHE C 603 -53.14 -13.33 -55.85
N GLU C 604 -52.73 -14.48 -55.30
CA GLU C 604 -53.48 -15.12 -54.22
C GLU C 604 -52.57 -15.70 -53.14
N ASP C 605 -51.35 -15.20 -52.99
CA ASP C 605 -50.42 -15.80 -52.03
C ASP C 605 -50.72 -15.36 -50.60
N LYS C 606 -51.26 -14.17 -50.41
CA LYS C 606 -51.54 -13.65 -49.08
C LYS C 606 -53.00 -13.35 -48.82
N LEU C 607 -53.83 -13.20 -49.85
CA LEU C 607 -55.27 -12.98 -49.64
C LEU C 607 -55.93 -14.20 -49.03
N ILE C 608 -55.51 -15.40 -49.43
CA ILE C 608 -56.07 -16.63 -48.87
C ILE C 608 -55.64 -16.77 -47.41
N GLN C 609 -54.37 -16.46 -47.12
CA GLN C 609 -53.87 -16.52 -45.75
C GLN C 609 -54.48 -15.44 -44.87
N SER C 610 -54.95 -14.33 -45.46
CA SER C 610 -55.63 -13.30 -44.68
C SER C 610 -57.08 -13.69 -44.40
N VAL C 611 -57.81 -14.18 -45.42
CA VAL C 611 -59.23 -14.45 -45.25
C VAL C 611 -59.47 -15.73 -44.45
N MET C 612 -58.64 -16.77 -44.68
CA MET C 612 -58.76 -18.01 -43.90
C MET C 612 -58.45 -17.79 -42.43
N GLY C 613 -57.54 -16.85 -42.13
CA GLY C 613 -57.27 -16.51 -40.75
C GLY C 613 -58.25 -15.53 -40.15
N ALA C 614 -59.03 -14.84 -40.99
CA ALA C 614 -59.97 -13.82 -40.52
C ALA C 614 -61.19 -14.49 -39.91
N ARG C 615 -61.52 -14.08 -38.68
CA ARG C 615 -62.70 -14.62 -38.01
C ARG C 615 -63.99 -14.04 -38.59
N ASN C 616 -63.96 -12.78 -39.04
CA ASN C 616 -65.17 -12.13 -39.57
C ASN C 616 -64.89 -11.45 -40.91
N PHE C 617 -65.87 -10.71 -41.41
CA PHE C 617 -65.72 -10.01 -42.69
C PHE C 617 -66.61 -8.77 -42.68
N VAL C 618 -66.06 -7.64 -43.07
CA VAL C 618 -66.78 -6.38 -43.19
C VAL C 618 -66.63 -5.88 -44.62
N LEU C 619 -67.75 -5.63 -45.29
CA LEU C 619 -67.75 -5.16 -46.68
C LEU C 619 -68.18 -3.70 -46.69
N VAL C 620 -67.22 -2.80 -46.86
CA VAL C 620 -67.50 -1.37 -46.96
C VAL C 620 -68.12 -1.09 -48.32
N LEU C 621 -69.36 -0.61 -48.32
CA LEU C 621 -70.09 -0.29 -49.55
C LEU C 621 -70.08 1.22 -49.74
N SER C 622 -69.10 1.70 -50.51
CA SER C 622 -69.02 3.11 -50.88
C SER C 622 -70.07 3.41 -51.95
N PRO C 623 -70.37 4.70 -52.20
CA PRO C 623 -71.16 5.02 -53.40
C PRO C 623 -70.43 4.65 -54.68
N GLY C 624 -70.96 3.64 -55.37
CA GLY C 624 -70.25 3.08 -56.51
C GLY C 624 -69.26 1.99 -56.12
N ALA C 625 -69.62 1.15 -55.16
CA ALA C 625 -68.70 0.12 -54.69
C ALA C 625 -68.66 -1.08 -55.64
N LEU C 626 -69.83 -1.61 -55.98
CA LEU C 626 -69.92 -2.80 -56.83
C LEU C 626 -70.04 -2.46 -58.31
N ASP C 627 -69.52 -1.31 -58.73
CA ASP C 627 -69.55 -0.95 -60.14
C ASP C 627 -68.54 -1.78 -60.94
N LYS C 628 -67.33 -1.93 -60.41
CA LYS C 628 -66.31 -2.71 -61.09
C LYS C 628 -66.51 -4.22 -60.95
N CYS C 629 -67.33 -4.65 -60.00
CA CYS C 629 -67.65 -6.07 -59.87
C CYS C 629 -68.67 -6.55 -60.89
N MET C 630 -69.38 -5.64 -61.55
CA MET C 630 -70.33 -6.01 -62.58
C MET C 630 -69.59 -6.40 -63.85
N GLN C 631 -70.08 -7.46 -64.50
CA GLN C 631 -69.53 -8.04 -65.74
C GLN C 631 -68.07 -8.43 -65.61
N ASP C 632 -67.64 -8.84 -64.42
CA ASP C 632 -66.27 -9.30 -64.19
C ASP C 632 -66.26 -10.82 -64.20
N HIS C 633 -66.32 -11.37 -65.41
CA HIS C 633 -66.39 -12.82 -65.62
C HIS C 633 -65.01 -13.46 -65.75
N ASP C 634 -63.96 -12.77 -65.35
CA ASP C 634 -62.60 -13.30 -65.43
C ASP C 634 -61.87 -13.28 -64.10
N CYS C 635 -62.51 -12.80 -63.02
CA CYS C 635 -61.97 -12.71 -61.66
C CYS C 635 -60.67 -11.89 -61.63
N LYS C 636 -60.84 -10.60 -61.95
CA LYS C 636 -59.73 -9.65 -62.02
C LYS C 636 -59.82 -8.57 -60.96
N ASP C 637 -61.03 -8.14 -60.60
CA ASP C 637 -61.19 -7.10 -59.60
C ASP C 637 -60.93 -7.67 -58.20
N TRP C 638 -60.18 -6.90 -57.39
CA TRP C 638 -59.73 -7.39 -56.10
C TRP C 638 -60.86 -7.46 -55.08
N VAL C 639 -61.82 -6.54 -55.15
CA VAL C 639 -63.00 -6.61 -54.28
C VAL C 639 -63.84 -7.82 -54.66
N HIS C 640 -63.92 -8.13 -55.95
CA HIS C 640 -64.60 -9.35 -56.40
C HIS C 640 -63.88 -10.60 -55.89
N LYS C 641 -62.54 -10.57 -55.88
CA LYS C 641 -61.77 -11.69 -55.32
C LYS C 641 -62.03 -11.85 -53.83
N ALA C 642 -62.14 -10.73 -53.11
CA ALA C 642 -62.44 -10.79 -51.68
C ALA C 642 -63.83 -11.34 -51.41
N ILE C 643 -64.81 -10.95 -52.23
CA ILE C 643 -66.18 -11.44 -52.07
C ILE C 643 -66.28 -12.93 -52.39
N VAL C 644 -65.61 -13.37 -53.47
CA VAL C 644 -65.61 -14.79 -53.83
C VAL C 644 -64.88 -15.63 -52.77
N THR C 645 -63.78 -15.11 -52.22
CA THR C 645 -63.06 -15.84 -51.19
C THR C 645 -63.86 -15.89 -49.88
N ALA C 646 -64.57 -14.81 -49.54
CA ALA C 646 -65.38 -14.81 -48.33
C ALA C 646 -66.60 -15.72 -48.46
N LEU C 647 -67.17 -15.81 -49.66
CA LEU C 647 -68.27 -16.75 -49.88
C LEU C 647 -67.79 -18.20 -49.98
N SER C 648 -66.53 -18.42 -50.39
CA SER C 648 -65.98 -19.76 -50.36
C SER C 648 -65.67 -20.18 -48.93
N CYS C 649 -65.26 -19.23 -48.09
CA CYS C 649 -65.03 -19.54 -46.67
C CYS C 649 -66.33 -19.67 -45.90
N GLY C 650 -67.34 -18.85 -46.22
CA GLY C 650 -68.58 -18.86 -45.48
C GLY C 650 -68.56 -18.06 -44.21
N LYS C 651 -67.76 -17.00 -44.15
CA LYS C 651 -67.63 -16.21 -42.93
C LYS C 651 -68.82 -15.26 -42.77
N ASN C 652 -68.89 -14.61 -41.61
CA ASN C 652 -69.96 -13.68 -41.31
C ASN C 652 -69.76 -12.37 -42.04
N ILE C 653 -70.47 -12.18 -43.15
CA ILE C 653 -70.33 -10.96 -43.96
C ILE C 653 -71.25 -9.89 -43.39
N VAL C 654 -70.67 -8.78 -42.94
CA VAL C 654 -71.43 -7.66 -42.40
C VAL C 654 -71.21 -6.46 -43.31
N PRO C 655 -72.14 -6.15 -44.22
CA PRO C 655 -71.97 -4.98 -45.09
C PRO C 655 -72.21 -3.69 -44.34
N ILE C 656 -71.47 -2.65 -44.75
CA ILE C 656 -71.61 -1.30 -44.21
C ILE C 656 -71.97 -0.38 -45.36
N ILE C 657 -73.17 0.18 -45.32
CA ILE C 657 -73.72 0.98 -46.40
C ILE C 657 -73.56 2.46 -46.05
N ASP C 658 -72.88 3.21 -46.91
CA ASP C 658 -72.74 4.65 -46.76
C ASP C 658 -73.35 5.30 -48.00
N GLY C 659 -74.67 5.46 -47.99
CA GLY C 659 -75.41 6.08 -49.08
C GLY C 659 -75.31 5.33 -50.40
N PHE C 660 -75.60 4.02 -50.38
CA PHE C 660 -75.44 3.19 -51.56
C PHE C 660 -76.66 2.29 -51.72
N GLU C 661 -77.29 2.34 -52.90
CA GLU C 661 -78.46 1.53 -53.18
C GLU C 661 -78.06 0.10 -53.49
N TRP C 662 -78.95 -0.84 -53.16
CA TRP C 662 -78.68 -2.25 -53.38
C TRP C 662 -78.75 -2.56 -54.89
N PRO C 663 -77.71 -3.18 -55.46
CA PRO C 663 -77.72 -3.45 -56.90
C PRO C 663 -78.59 -4.65 -57.26
N GLU C 664 -78.69 -4.88 -58.57
CA GLU C 664 -79.51 -5.97 -59.06
C GLU C 664 -78.78 -7.31 -58.90
N PRO C 665 -79.52 -8.40 -58.68
CA PRO C 665 -78.86 -9.71 -58.59
C PRO C 665 -78.39 -10.24 -59.93
N GLN C 666 -79.06 -9.88 -61.03
CA GLN C 666 -78.77 -10.46 -62.33
C GLN C 666 -77.58 -9.80 -63.02
N VAL C 667 -77.17 -8.60 -62.60
CA VAL C 667 -76.04 -7.92 -63.24
C VAL C 667 -74.71 -8.36 -62.69
N LEU C 668 -74.69 -9.10 -61.58
CA LEU C 668 -73.50 -9.64 -60.94
C LEU C 668 -73.27 -11.10 -61.38
N PRO C 669 -72.02 -11.55 -61.38
CA PRO C 669 -71.76 -12.97 -61.67
C PRO C 669 -72.29 -13.88 -60.58
N GLU C 670 -72.43 -15.16 -60.92
CA GLU C 670 -73.13 -16.10 -60.05
C GLU C 670 -72.32 -16.48 -58.82
N ASP C 671 -71.02 -16.20 -58.82
CA ASP C 671 -70.17 -16.49 -57.66
C ASP C 671 -70.22 -15.39 -56.59
N MET C 672 -71.04 -14.35 -56.79
CA MET C 672 -71.16 -13.29 -55.80
C MET C 672 -72.60 -12.84 -55.56
N GLN C 673 -73.60 -13.55 -56.05
CA GLN C 673 -75.00 -13.15 -55.89
C GLN C 673 -75.55 -13.40 -54.50
N ALA C 674 -74.82 -14.09 -53.63
CA ALA C 674 -75.29 -14.37 -52.28
C ALA C 674 -75.02 -13.25 -51.29
N VAL C 675 -74.33 -12.18 -51.71
CA VAL C 675 -73.99 -11.09 -50.80
C VAL C 675 -75.21 -10.22 -50.51
N LEU C 676 -76.25 -10.28 -51.34
CA LEU C 676 -77.45 -9.46 -51.17
C LEU C 676 -78.40 -10.01 -50.11
N THR C 677 -78.08 -11.14 -49.48
CA THR C 677 -78.96 -11.75 -48.49
C THR C 677 -78.40 -11.65 -47.07
N PHE C 678 -77.43 -10.76 -46.85
CA PHE C 678 -76.85 -10.55 -45.53
C PHE C 678 -77.41 -9.28 -44.90
N ASN C 679 -77.47 -9.26 -43.58
CA ASN C 679 -78.04 -8.15 -42.82
C ASN C 679 -77.02 -7.01 -42.80
N GLY C 680 -77.19 -6.05 -43.71
CA GLY C 680 -76.34 -4.90 -43.74
C GLY C 680 -76.72 -3.86 -42.69
N ILE C 681 -75.76 -2.99 -42.37
CA ILE C 681 -75.93 -1.95 -41.37
C ILE C 681 -75.70 -0.60 -42.02
N LYS C 682 -76.70 0.27 -41.94
CA LYS C 682 -76.57 1.62 -42.46
C LYS C 682 -75.67 2.46 -41.56
N TRP C 683 -74.85 3.31 -42.18
CA TRP C 683 -73.87 4.11 -41.46
C TRP C 683 -74.38 5.53 -41.26
N SER C 684 -74.25 6.02 -40.04
CA SER C 684 -74.58 7.40 -39.68
C SER C 684 -73.29 8.10 -39.26
N HIS C 685 -73.00 9.23 -39.90
CA HIS C 685 -71.73 9.93 -39.64
C HIS C 685 -71.75 10.73 -38.34
N GLU C 686 -72.93 11.06 -37.82
CA GLU C 686 -73.04 11.84 -36.60
C GLU C 686 -73.54 11.03 -35.41
N TYR C 687 -73.80 9.74 -35.60
CA TYR C 687 -74.26 8.83 -34.55
C TYR C 687 -73.45 7.54 -34.61
N GLN C 688 -72.13 7.67 -34.66
CA GLN C 688 -71.25 6.56 -35.00
C GLN C 688 -71.14 5.53 -33.88
N GLU C 689 -71.29 5.96 -32.61
CA GLU C 689 -71.01 5.07 -31.49
C GLU C 689 -72.06 3.98 -31.35
N ALA C 690 -73.34 4.32 -31.54
CA ALA C 690 -74.40 3.30 -31.51
C ALA C 690 -74.28 2.35 -32.68
N THR C 691 -73.82 2.85 -33.84
CA THR C 691 -73.63 1.98 -34.99
C THR C 691 -72.47 1.00 -34.78
N ILE C 692 -71.39 1.47 -34.14
CA ILE C 692 -70.27 0.59 -33.83
C ILE C 692 -70.67 -0.44 -32.77
N GLU C 693 -71.50 -0.04 -31.80
CA GLU C 693 -72.02 -1.00 -30.83
C GLU C 693 -72.96 -2.01 -31.48
N LYS C 694 -73.71 -1.60 -32.50
CA LYS C 694 -74.53 -2.54 -33.26
C LYS C 694 -73.68 -3.51 -34.07
N ILE C 695 -72.52 -3.04 -34.57
CA ILE C 695 -71.58 -3.92 -35.25
C ILE C 695 -70.99 -4.93 -34.28
N ILE C 696 -70.58 -4.48 -33.09
CA ILE C 696 -70.00 -5.35 -32.06
C ILE C 696 -71.02 -6.38 -31.57
N ARG C 697 -72.30 -6.00 -31.48
CA ARG C 697 -73.34 -6.97 -31.16
C ARG C 697 -73.62 -7.96 -32.28
N PHE C 698 -73.11 -7.71 -33.50
CA PHE C 698 -73.32 -8.60 -34.63
C PHE C 698 -72.04 -9.30 -35.06
N LEU C 699 -71.10 -9.48 -34.14
CA LEU C 699 -69.84 -10.19 -34.41
C LEU C 699 -69.62 -11.26 -33.36
N GLN C 700 -68.59 -12.06 -33.56
CA GLN C 700 -68.24 -13.13 -32.64
C GLN C 700 -67.08 -12.70 -31.72
N VAL D 61 -43.09 48.99 -48.24
CA VAL D 61 -43.04 48.18 -47.05
C VAL D 61 -44.01 48.72 -45.99
N GLN D 62 -43.83 49.99 -45.62
CA GLN D 62 -44.67 50.63 -44.63
C GLN D 62 -45.90 51.30 -45.23
N ASP D 63 -46.14 51.16 -46.53
CA ASP D 63 -47.32 51.75 -47.14
C ASP D 63 -48.57 50.93 -46.80
N ALA D 64 -48.45 49.60 -46.79
CA ALA D 64 -49.58 48.75 -46.44
C ALA D 64 -49.97 48.91 -44.98
N LEU D 65 -49.00 49.21 -44.11
CA LEU D 65 -49.29 49.51 -42.72
C LEU D 65 -50.12 50.78 -42.58
N GLU D 66 -49.72 51.83 -43.30
CA GLU D 66 -50.46 53.09 -43.28
C GLU D 66 -51.82 52.99 -43.98
N ARG D 67 -51.99 52.01 -44.88
CA ARG D 67 -53.30 51.80 -45.48
C ARG D 67 -54.19 50.92 -44.59
N ALA D 68 -53.61 50.05 -43.77
CA ALA D 68 -54.40 49.07 -43.05
C ALA D 68 -54.65 49.45 -41.59
N LEU D 69 -53.89 50.40 -41.02
CA LEU D 69 -54.15 50.79 -39.62
C LEU D 69 -55.43 51.59 -39.43
N PRO D 70 -55.72 52.70 -40.15
CA PRO D 70 -56.96 53.44 -39.83
C PRO D 70 -58.23 52.72 -40.23
N GLU D 71 -58.17 51.82 -41.22
CA GLU D 71 -59.34 51.01 -41.56
C GLU D 71 -59.69 50.05 -40.43
N LEU D 72 -58.68 49.43 -39.82
CA LEU D 72 -58.96 48.60 -38.65
C LEU D 72 -59.31 49.43 -37.42
N GLN D 73 -58.83 50.68 -37.34
CA GLN D 73 -59.29 51.57 -36.27
C GLN D 73 -60.78 51.86 -36.39
N GLN D 74 -61.24 52.20 -37.60
CA GLN D 74 -62.67 52.44 -37.83
C GLN D 74 -63.48 51.16 -37.63
N ALA D 75 -62.95 50.01 -38.04
CA ALA D 75 -63.69 48.77 -37.92
C ALA D 75 -63.80 48.30 -36.47
N LEU D 76 -62.71 48.45 -35.69
CA LEU D 76 -62.78 48.09 -34.28
C LEU D 76 -63.59 49.10 -33.48
N SER D 77 -63.64 50.36 -33.91
CA SER D 77 -64.55 51.31 -33.28
C SER D 77 -66.00 50.97 -33.59
N ALA D 78 -66.27 50.47 -34.79
CA ALA D 78 -67.63 50.03 -35.12
C ALA D 78 -68.00 48.77 -34.36
N LEU D 79 -67.04 47.88 -34.12
CA LEU D 79 -67.31 46.68 -33.33
C LEU D 79 -67.49 47.03 -31.85
N LYS D 80 -66.76 48.04 -31.36
CA LYS D 80 -66.89 48.43 -29.97
C LYS D 80 -68.17 49.22 -29.72
N GLN D 81 -68.62 50.02 -30.68
CA GLN D 81 -69.80 50.85 -30.54
C GLN D 81 -71.10 50.10 -30.79
N ALA D 82 -71.20 49.40 -31.92
CA ALA D 82 -72.44 48.72 -32.27
C ALA D 82 -72.57 47.41 -31.50
N GLY D 83 -73.77 47.15 -30.99
CA GLY D 83 -74.04 45.93 -30.27
C GLY D 83 -75.29 45.22 -30.77
N GLY D 84 -75.54 45.28 -32.07
CA GLY D 84 -76.71 44.69 -32.66
C GLY D 84 -76.59 43.20 -32.87
N ALA D 85 -77.49 42.67 -33.69
CA ALA D 85 -77.54 41.24 -33.96
C ALA D 85 -76.93 40.85 -35.29
N ARG D 86 -76.92 41.75 -36.28
CA ARG D 86 -76.39 41.44 -37.60
C ARG D 86 -75.29 42.38 -38.08
N ALA D 87 -75.24 43.61 -37.59
CA ALA D 87 -74.17 44.53 -38.00
C ALA D 87 -72.85 44.17 -37.33
N VAL D 88 -72.90 43.53 -36.17
CA VAL D 88 -71.69 43.10 -35.48
C VAL D 88 -70.99 41.98 -36.26
N GLY D 89 -71.78 41.04 -36.79
CA GLY D 89 -71.21 40.00 -37.63
C GLY D 89 -70.69 40.54 -38.95
N ALA D 90 -71.32 41.60 -39.46
CA ALA D 90 -70.81 42.26 -40.66
C ALA D 90 -69.49 42.95 -40.39
N GLY D 91 -69.34 43.57 -39.22
CA GLY D 91 -68.07 44.15 -38.85
C GLY D 91 -66.98 43.12 -38.64
N LEU D 92 -67.34 41.96 -38.05
CA LEU D 92 -66.41 40.86 -37.93
C LEU D 92 -65.99 40.33 -39.30
N ALA D 93 -66.94 40.29 -40.25
CA ALA D 93 -66.61 39.88 -41.61
C ALA D 93 -65.69 40.88 -42.30
N GLU D 94 -65.89 42.19 -42.04
CA GLU D 94 -65.00 43.20 -42.61
C GLU D 94 -63.58 43.08 -42.06
N VAL D 95 -63.46 42.87 -40.74
CA VAL D 95 -62.15 42.71 -40.12
C VAL D 95 -61.47 41.42 -40.61
N PHE D 96 -62.25 40.36 -40.77
CA PHE D 96 -61.69 39.08 -41.23
C PHE D 96 -61.31 39.14 -42.70
N GLN D 97 -62.03 39.93 -43.50
CA GLN D 97 -61.65 40.14 -44.89
C GLN D 97 -60.38 40.98 -45.00
N LEU D 98 -60.21 41.96 -44.11
CA LEU D 98 -58.97 42.73 -44.11
C LEU D 98 -57.80 41.87 -43.62
N VAL D 99 -58.06 40.92 -42.72
CA VAL D 99 -57.04 39.97 -42.30
C VAL D 99 -56.65 39.04 -43.45
N GLU D 100 -57.64 38.59 -44.24
CA GLU D 100 -57.35 37.79 -45.42
C GLU D 100 -56.55 38.57 -46.45
N GLU D 101 -56.84 39.86 -46.60
CA GLU D 101 -56.04 40.70 -47.48
C GLU D 101 -54.65 40.95 -46.92
N ALA D 102 -54.49 40.90 -45.59
CA ALA D 102 -53.20 41.14 -44.98
C ALA D 102 -52.28 39.94 -45.10
N TRP D 103 -52.79 38.71 -44.95
CA TRP D 103 -51.91 37.55 -44.98
C TRP D 103 -51.49 37.17 -46.39
N LEU D 104 -52.20 37.66 -47.41
CA LEU D 104 -51.96 37.23 -48.79
C LEU D 104 -51.10 38.22 -49.58
N LEU D 105 -50.11 38.86 -48.94
CA LEU D 105 -49.18 39.71 -49.64
C LEU D 105 -47.86 38.98 -49.82
N PRO D 106 -47.30 38.92 -51.03
CA PRO D 106 -46.05 38.18 -51.25
C PRO D 106 -44.86 38.88 -50.62
N ALA D 107 -44.30 38.26 -49.57
CA ALA D 107 -43.09 38.67 -48.85
C ALA D 107 -43.20 40.07 -48.25
N VAL D 108 -44.43 40.56 -48.01
CA VAL D 108 -44.65 41.87 -47.41
C VAL D 108 -45.55 41.69 -46.19
N GLY D 109 -46.64 40.97 -46.36
CA GLY D 109 -47.72 40.88 -45.39
C GLY D 109 -47.42 40.09 -44.12
N ARG D 110 -46.23 39.54 -43.96
CA ARG D 110 -45.89 38.85 -42.71
C ARG D 110 -45.76 39.84 -41.55
N GLU D 111 -44.83 40.79 -41.68
CA GLU D 111 -44.67 41.82 -40.66
C GLU D 111 -45.87 42.76 -40.62
N VAL D 112 -46.55 42.94 -41.76
CA VAL D 112 -47.77 43.74 -41.80
C VAL D 112 -48.88 43.08 -40.98
N ALA D 113 -49.05 41.76 -41.15
CA ALA D 113 -50.06 41.04 -40.37
C ALA D 113 -49.71 40.95 -38.90
N GLN D 114 -48.41 40.84 -38.57
CA GLN D 114 -48.00 40.91 -37.18
C GLN D 114 -48.26 42.28 -36.56
N GLY D 115 -48.03 43.35 -37.31
CA GLY D 115 -48.35 44.68 -36.81
C GLY D 115 -49.83 44.92 -36.66
N LEU D 116 -50.64 44.34 -37.55
CA LEU D 116 -52.09 44.50 -37.43
C LEU D 116 -52.63 43.68 -36.26
N CYS D 117 -52.02 42.51 -35.99
CA CYS D 117 -52.40 41.76 -34.79
C CYS D 117 -51.99 42.49 -33.52
N ASP D 118 -50.85 43.19 -33.56
CA ASP D 118 -50.44 44.03 -32.44
C ASP D 118 -51.40 45.20 -32.24
N ALA D 119 -51.92 45.75 -33.34
CA ALA D 119 -52.88 46.84 -33.25
C ALA D 119 -54.23 46.37 -32.74
N ILE D 120 -54.63 45.14 -33.08
CA ILE D 120 -55.84 44.57 -32.52
C ILE D 120 -55.67 44.28 -31.02
N ARG D 121 -54.48 43.81 -30.62
CA ARG D 121 -54.24 43.51 -29.21
C ARG D 121 -54.18 44.76 -28.35
N LEU D 122 -53.46 45.79 -28.81
CA LEU D 122 -53.33 47.02 -28.03
C LEU D 122 -54.59 47.85 -27.98
N ASP D 123 -55.52 47.64 -28.92
CA ASP D 123 -56.79 48.35 -28.87
C ASP D 123 -57.73 47.74 -27.83
N GLY D 124 -57.54 46.46 -27.49
CA GLY D 124 -58.44 45.76 -26.62
C GLY D 124 -59.45 44.90 -27.33
N GLY D 125 -59.26 44.63 -28.63
CA GLY D 125 -60.20 43.84 -29.40
C GLY D 125 -60.15 42.35 -29.10
N LEU D 126 -59.08 41.87 -28.47
CA LEU D 126 -59.00 40.46 -28.12
C LEU D 126 -59.97 40.13 -26.99
N ASP D 127 -60.09 41.03 -26.00
CA ASP D 127 -61.11 40.87 -24.97
C ASP D 127 -62.51 41.02 -25.56
N LEU D 128 -62.66 41.84 -26.61
CA LEU D 128 -63.94 41.95 -27.31
C LEU D 128 -64.29 40.63 -28.00
N LEU D 129 -63.31 39.97 -28.61
CA LEU D 129 -63.56 38.67 -29.22
C LEU D 129 -63.85 37.61 -28.17
N LEU D 130 -63.17 37.68 -27.01
CA LEU D 130 -63.49 36.77 -25.91
C LEU D 130 -64.88 37.01 -25.33
N ARG D 131 -65.38 38.24 -25.42
CA ARG D 131 -66.76 38.50 -25.01
C ARG D 131 -67.75 37.96 -26.05
N LEU D 132 -67.43 38.14 -27.34
CA LEU D 132 -68.31 37.67 -28.40
C LEU D 132 -68.30 36.15 -28.57
N LEU D 133 -67.27 35.46 -28.08
CA LEU D 133 -67.30 34.01 -28.03
C LEU D 133 -68.30 33.46 -27.02
N GLN D 134 -68.69 34.26 -26.02
CA GLN D 134 -69.73 33.87 -25.08
C GLN D 134 -71.10 34.43 -25.46
N ALA D 135 -71.29 34.85 -26.71
CA ALA D 135 -72.57 35.36 -27.14
C ALA D 135 -73.54 34.19 -27.39
N PRO D 136 -74.82 34.37 -27.05
CA PRO D 136 -75.79 33.28 -27.28
C PRO D 136 -76.15 33.06 -28.74
N GLU D 137 -75.87 34.03 -29.62
CA GLU D 137 -76.15 33.86 -31.04
C GLU D 137 -75.07 33.00 -31.69
N LEU D 138 -75.45 32.27 -32.73
CA LEU D 138 -74.51 31.32 -33.34
C LEU D 138 -73.65 32.00 -34.42
N GLU D 139 -74.25 32.94 -35.16
CA GLU D 139 -73.56 33.54 -36.31
C GLU D 139 -72.42 34.45 -35.88
N THR D 140 -72.67 35.34 -34.91
CA THR D 140 -71.58 36.17 -34.39
C THR D 140 -70.55 35.33 -33.65
N ARG D 141 -70.95 34.18 -33.12
CA ARG D 141 -70.00 33.26 -32.48
C ARG D 141 -69.06 32.63 -33.52
N VAL D 142 -69.60 32.20 -34.67
CA VAL D 142 -68.73 31.57 -35.65
C VAL D 142 -67.86 32.61 -36.37
N GLN D 143 -68.36 33.84 -36.58
CA GLN D 143 -67.47 34.85 -37.14
C GLN D 143 -66.41 35.32 -36.14
N ALA D 144 -66.74 35.38 -34.85
CA ALA D 144 -65.73 35.75 -33.85
C ALA D 144 -64.69 34.65 -33.70
N ALA D 145 -65.11 33.38 -33.81
CA ALA D 145 -64.16 32.27 -33.76
C ALA D 145 -63.25 32.26 -34.98
N ARG D 146 -63.80 32.48 -36.18
CA ARG D 146 -62.97 32.49 -37.38
C ARG D 146 -62.07 33.73 -37.44
N LEU D 147 -62.46 34.82 -36.77
CA LEU D 147 -61.56 35.96 -36.66
C LEU D 147 -60.46 35.70 -35.64
N LEU D 148 -60.78 35.01 -34.54
CA LEU D 148 -59.77 34.72 -33.52
C LEU D 148 -58.80 33.65 -34.00
N GLU D 149 -59.21 32.83 -34.97
CA GLU D 149 -58.35 31.78 -35.50
C GLU D 149 -57.11 32.32 -36.21
N GLN D 150 -57.27 33.41 -36.97
CA GLN D 150 -56.20 33.88 -37.86
C GLN D 150 -55.30 34.93 -37.23
N ILE D 151 -55.42 35.20 -35.93
CA ILE D 151 -54.65 36.24 -35.27
C ILE D 151 -53.84 35.71 -34.09
N LEU D 152 -53.64 34.40 -33.99
CA LEU D 152 -52.96 33.81 -32.84
C LEU D 152 -51.45 33.82 -33.08
N VAL D 153 -50.84 34.98 -32.87
CA VAL D 153 -49.40 35.15 -32.97
C VAL D 153 -48.82 35.05 -31.56
N ALA D 154 -47.49 34.99 -31.45
CA ALA D 154 -46.82 34.68 -30.18
C ALA D 154 -47.06 35.71 -29.10
N GLU D 155 -47.39 36.95 -29.49
CA GLU D 155 -47.76 37.95 -28.49
C GLU D 155 -49.24 37.85 -28.11
N ASN D 156 -50.09 37.42 -29.03
CA ASN D 156 -51.50 37.22 -28.69
C ASN D 156 -51.71 35.95 -27.87
N ARG D 157 -50.87 34.92 -28.08
CA ARG D 157 -51.04 33.65 -27.39
C ARG D 157 -50.79 33.78 -25.90
N ASP D 158 -49.94 34.73 -25.50
CA ASP D 158 -49.74 34.98 -24.07
C ASP D 158 -51.01 35.55 -23.44
N ARG D 159 -51.70 36.46 -24.16
CA ARG D 159 -52.94 37.03 -23.65
C ARG D 159 -54.05 35.99 -23.59
N VAL D 160 -54.11 35.10 -24.59
CA VAL D 160 -55.12 34.04 -24.58
C VAL D 160 -54.81 33.00 -23.49
N ALA D 161 -53.52 32.76 -23.22
CA ALA D 161 -53.16 31.90 -22.11
C ALA D 161 -53.46 32.54 -20.76
N ARG D 162 -53.43 33.88 -20.69
CA ARG D 162 -53.80 34.56 -19.47
C ARG D 162 -55.31 34.50 -19.22
N ILE D 163 -56.12 34.92 -20.20
CA ILE D 163 -57.56 35.08 -20.01
C ILE D 163 -58.35 34.06 -20.82
N GLY D 164 -58.07 33.95 -22.12
CA GLY D 164 -58.86 33.19 -23.06
C GLY D 164 -58.99 31.70 -22.85
N LEU D 165 -58.19 31.11 -21.97
CA LEU D 165 -58.40 29.71 -21.62
C LEU D 165 -59.61 29.57 -20.71
N GLY D 166 -60.49 28.65 -21.09
CA GLY D 166 -61.76 28.47 -20.40
C GLY D 166 -62.98 28.95 -21.19
N VAL D 167 -62.79 29.88 -22.13
CA VAL D 167 -63.85 30.34 -23.00
C VAL D 167 -63.82 29.49 -24.27
N ILE D 168 -62.62 29.29 -24.80
CA ILE D 168 -62.43 28.41 -25.95
C ILE D 168 -62.66 26.96 -25.53
N LEU D 169 -62.27 26.62 -24.29
CA LEU D 169 -62.55 25.34 -23.67
C LEU D 169 -64.04 25.08 -23.52
N ASN D 170 -64.84 26.13 -23.32
CA ASN D 170 -66.30 26.00 -23.30
C ASN D 170 -66.83 25.71 -24.70
N LEU D 171 -66.17 26.25 -25.74
CA LEU D 171 -66.58 25.93 -27.10
C LEU D 171 -66.11 24.54 -27.52
N ALA D 172 -65.12 23.98 -26.81
CA ALA D 172 -64.67 22.61 -27.09
C ALA D 172 -65.72 21.57 -26.75
N LYS D 173 -66.70 21.90 -25.90
CA LYS D 173 -67.77 20.96 -25.59
C LYS D 173 -68.85 20.94 -26.66
N GLU D 174 -69.16 22.07 -27.28
CA GLU D 174 -70.15 22.14 -28.35
C GLU D 174 -69.47 21.67 -29.64
N ARG D 175 -69.85 20.49 -30.11
CA ARG D 175 -69.10 19.78 -31.14
C ARG D 175 -69.90 19.47 -32.39
N GLU D 176 -71.23 19.53 -32.31
CA GLU D 176 -72.09 19.11 -33.42
C GLU D 176 -72.07 20.01 -34.67
N PRO D 177 -72.11 21.36 -34.61
CA PRO D 177 -72.01 22.12 -35.86
C PRO D 177 -70.58 22.13 -36.40
N VAL D 178 -70.47 22.14 -37.73
CA VAL D 178 -69.18 22.06 -38.40
C VAL D 178 -68.51 23.44 -38.42
N GLU D 179 -69.30 24.51 -38.56
CA GLU D 179 -68.75 25.86 -38.69
C GLU D 179 -68.10 26.37 -37.42
N LEU D 180 -68.53 25.90 -36.25
CA LEU D 180 -67.77 26.15 -35.04
C LEU D 180 -66.49 25.32 -35.01
N ALA D 181 -66.62 24.01 -35.30
CA ALA D 181 -65.55 23.06 -35.05
C ALA D 181 -64.35 23.29 -35.96
N ARG D 182 -64.59 23.71 -37.21
CA ARG D 182 -63.51 23.94 -38.17
C ARG D 182 -62.58 25.06 -37.71
N SER D 183 -63.12 26.06 -37.01
CA SER D 183 -62.29 27.14 -36.48
C SER D 183 -61.78 26.87 -35.09
N VAL D 184 -62.56 26.21 -34.23
CA VAL D 184 -62.11 25.94 -32.86
C VAL D 184 -60.98 24.90 -32.86
N ALA D 185 -60.98 23.99 -33.84
CA ALA D 185 -59.84 23.09 -34.03
C ALA D 185 -58.56 23.84 -34.38
N GLY D 186 -58.66 24.88 -35.21
CA GLY D 186 -57.47 25.68 -35.52
C GLY D 186 -57.03 26.56 -34.37
N ILE D 187 -57.99 27.05 -33.58
CA ILE D 187 -57.65 27.86 -32.40
C ILE D 187 -56.91 27.00 -31.38
N LEU D 188 -57.39 25.77 -31.15
CA LEU D 188 -56.70 24.87 -30.23
C LEU D 188 -55.36 24.41 -30.81
N GLU D 189 -55.31 24.22 -32.13
CA GLU D 189 -54.06 23.94 -32.85
C GLU D 189 -52.98 24.97 -32.57
N HIS D 190 -53.32 26.26 -32.74
CA HIS D 190 -52.32 27.28 -32.49
C HIS D 190 -52.08 27.50 -30.99
N MET D 191 -53.06 27.18 -30.14
CA MET D 191 -52.83 27.30 -28.71
C MET D 191 -52.05 26.14 -28.10
N PHE D 192 -51.85 25.04 -28.84
CA PHE D 192 -50.92 24.03 -28.32
C PHE D 192 -49.46 24.46 -28.46
N LYS D 193 -49.15 25.54 -29.17
CA LYS D 193 -47.78 25.97 -29.42
C LYS D 193 -47.27 26.96 -28.40
N HIS D 194 -48.04 27.26 -27.34
CA HIS D 194 -47.63 28.29 -26.40
C HIS D 194 -46.56 27.80 -25.43
N SER D 195 -46.92 26.84 -24.57
CA SER D 195 -46.02 26.35 -23.54
C SER D 195 -46.52 25.00 -23.06
N GLU D 196 -45.80 24.43 -22.09
CA GLU D 196 -46.21 23.14 -21.53
C GLU D 196 -47.38 23.29 -20.57
N GLU D 197 -47.51 24.45 -19.92
CA GLU D 197 -48.61 24.68 -18.98
C GLU D 197 -49.95 24.74 -19.71
N THR D 198 -49.99 25.43 -20.86
CA THR D 198 -51.20 25.46 -21.67
C THR D 198 -51.55 24.09 -22.23
N CYS D 199 -50.54 23.29 -22.58
CA CYS D 199 -50.79 21.92 -23.03
C CYS D 199 -51.37 21.06 -21.90
N GLN D 200 -50.86 21.25 -20.67
CA GLN D 200 -51.43 20.52 -19.54
C GLN D 200 -52.85 20.95 -19.23
N ARG D 201 -53.13 22.26 -19.35
CA ARG D 201 -54.48 22.76 -19.07
C ARG D 201 -55.46 22.36 -20.16
N LEU D 202 -54.99 22.16 -21.39
CA LEU D 202 -55.89 21.71 -22.45
C LEU D 202 -56.10 20.20 -22.42
N VAL D 203 -55.05 19.42 -22.15
CA VAL D 203 -55.18 17.97 -22.16
C VAL D 203 -55.90 17.46 -20.90
N ALA D 204 -55.60 18.05 -19.73
CA ALA D 204 -56.26 17.63 -18.50
C ALA D 204 -57.75 17.99 -18.50
N ALA D 205 -58.11 19.08 -19.18
CA ALA D 205 -59.50 19.44 -19.36
C ALA D 205 -60.00 18.84 -20.68
N GLY D 206 -61.17 19.28 -21.15
CA GLY D 206 -61.76 18.72 -22.36
C GLY D 206 -61.32 19.40 -23.64
N GLY D 207 -60.02 19.62 -23.79
CA GLY D 207 -59.49 20.19 -25.02
C GLY D 207 -58.93 19.13 -25.95
N LEU D 208 -58.35 18.07 -25.36
CA LEU D 208 -57.87 16.95 -26.15
C LEU D 208 -59.02 16.08 -26.65
N ASP D 209 -60.07 15.93 -25.84
CA ASP D 209 -61.22 15.13 -26.22
C ASP D 209 -61.97 15.74 -27.39
N ALA D 210 -61.96 17.06 -27.51
CA ALA D 210 -62.58 17.71 -28.68
C ALA D 210 -61.86 17.36 -29.96
N VAL D 211 -60.52 17.36 -29.94
CA VAL D 211 -59.75 16.99 -31.13
C VAL D 211 -59.91 15.51 -31.44
N LEU D 212 -59.89 14.66 -30.41
CA LEU D 212 -60.04 13.22 -30.61
C LEU D 212 -61.45 12.83 -31.04
N TYR D 213 -62.45 13.68 -30.77
CA TYR D 213 -63.79 13.42 -31.30
C TYR D 213 -63.93 13.99 -32.70
N TRP D 214 -63.27 15.12 -32.98
CA TRP D 214 -63.33 15.74 -34.30
C TRP D 214 -62.48 15.02 -35.34
N CYS D 215 -61.62 14.10 -34.92
CA CYS D 215 -60.94 13.23 -35.89
C CYS D 215 -61.89 12.28 -36.61
N ARG D 216 -63.11 12.08 -36.11
CA ARG D 216 -64.09 11.23 -36.76
C ARG D 216 -64.70 11.85 -38.01
N ARG D 217 -64.53 13.16 -38.22
CA ARG D 217 -65.22 13.86 -39.28
C ARG D 217 -64.57 13.58 -40.63
N THR D 218 -65.21 14.08 -41.69
CA THR D 218 -64.73 13.94 -43.06
C THR D 218 -64.37 15.27 -43.71
N ASP D 219 -64.32 16.34 -42.95
CA ASP D 219 -63.97 17.67 -43.46
C ASP D 219 -62.48 17.69 -43.79
N PRO D 220 -62.08 17.95 -45.04
CA PRO D 220 -60.66 17.88 -45.41
C PRO D 220 -59.81 19.03 -44.88
N ALA D 221 -60.37 20.01 -44.17
CA ALA D 221 -59.59 21.05 -43.51
C ALA D 221 -59.60 20.91 -42.00
N LEU D 222 -60.73 20.46 -41.44
CA LEU D 222 -60.83 20.23 -40.00
C LEU D 222 -59.89 19.11 -39.56
N LEU D 223 -59.74 18.08 -40.40
CA LEU D 223 -58.79 17.01 -40.09
C LEU D 223 -57.35 17.49 -40.20
N ARG D 224 -57.08 18.45 -41.09
CA ARG D 224 -55.76 19.08 -41.13
C ARG D 224 -55.48 19.86 -39.84
N HIS D 225 -56.48 20.60 -39.37
CA HIS D 225 -56.34 21.32 -38.11
C HIS D 225 -56.16 20.38 -36.93
N CYS D 226 -56.85 19.23 -36.94
CA CYS D 226 -56.69 18.26 -35.84
C CYS D 226 -55.33 17.57 -35.89
N ALA D 227 -54.84 17.28 -37.10
CA ALA D 227 -53.52 16.68 -37.25
C ALA D 227 -52.42 17.63 -36.78
N LEU D 228 -52.52 18.90 -37.18
CA LEU D 228 -51.56 19.89 -36.72
C LEU D 228 -51.70 20.18 -35.23
N ALA D 229 -52.93 20.08 -34.69
CA ALA D 229 -53.13 20.24 -33.25
C ALA D 229 -52.45 19.13 -32.46
N LEU D 230 -52.64 17.88 -32.88
CA LEU D 230 -51.99 16.77 -32.19
C LEU D 230 -50.47 16.79 -32.39
N GLY D 231 -50.00 17.24 -33.55
CA GLY D 231 -48.56 17.36 -33.75
C GLY D 231 -47.92 18.43 -32.89
N ASN D 232 -48.59 19.59 -32.77
CA ASN D 232 -48.06 20.66 -31.93
C ASN D 232 -48.19 20.33 -30.46
N CYS D 233 -49.21 19.55 -30.08
CA CYS D 233 -49.35 19.12 -28.71
C CYS D 233 -48.32 18.05 -28.35
N ALA D 234 -47.93 17.23 -29.32
CA ALA D 234 -46.84 16.28 -29.09
C ALA D 234 -45.48 16.96 -29.06
N LEU D 235 -45.30 18.04 -29.83
CA LEU D 235 -44.04 18.77 -29.83
C LEU D 235 -43.85 19.61 -28.57
N HIS D 236 -44.90 20.31 -28.12
CA HIS D 236 -44.77 21.26 -27.03
C HIS D 236 -45.42 20.83 -25.73
N GLY D 237 -45.82 19.56 -25.60
CA GLY D 237 -46.53 19.14 -24.40
C GLY D 237 -45.65 18.70 -23.26
N GLY D 238 -44.82 17.69 -23.46
CA GLY D 238 -44.02 17.14 -22.38
C GLY D 238 -44.40 15.72 -22.03
N GLN D 239 -43.81 15.25 -20.93
CA GLN D 239 -43.92 13.84 -20.53
C GLN D 239 -45.34 13.49 -20.11
N ALA D 240 -45.90 14.24 -19.16
CA ALA D 240 -47.25 13.96 -18.67
C ALA D 240 -48.30 14.20 -19.74
N VAL D 241 -48.04 15.15 -20.64
CA VAL D 241 -48.96 15.41 -21.75
C VAL D 241 -48.96 14.24 -22.73
N GLN D 242 -47.77 13.70 -23.04
CA GLN D 242 -47.70 12.53 -23.92
C GLN D 242 -48.31 11.30 -23.26
N ARG D 243 -48.16 11.17 -21.93
CA ARG D 243 -48.79 10.05 -21.23
C ARG D 243 -50.31 10.16 -21.26
N ARG D 244 -50.85 11.37 -21.04
CA ARG D 244 -52.29 11.53 -21.02
C ARG D 244 -52.88 11.49 -22.44
N MET D 245 -52.05 11.74 -23.46
CA MET D 245 -52.53 11.52 -24.82
C MET D 245 -52.54 10.04 -25.19
N VAL D 246 -51.43 9.33 -24.96
CA VAL D 246 -51.32 7.96 -25.47
C VAL D 246 -52.06 6.95 -24.59
N GLU D 247 -52.16 7.19 -23.28
CA GLU D 247 -53.02 6.37 -22.43
C GLU D 247 -54.50 6.56 -22.76
N LYS D 248 -54.86 7.73 -23.30
CA LYS D 248 -56.19 7.94 -23.87
C LYS D 248 -56.23 7.67 -25.36
N ARG D 249 -55.18 7.02 -25.90
CA ARG D 249 -55.12 6.47 -27.26
C ARG D 249 -55.24 7.56 -28.33
N ALA D 250 -54.42 8.61 -28.22
CA ALA D 250 -54.42 9.65 -29.23
C ALA D 250 -53.72 9.22 -30.52
N ALA D 251 -52.88 8.19 -30.46
CA ALA D 251 -52.20 7.72 -31.66
C ALA D 251 -53.14 6.91 -32.54
N GLU D 252 -54.16 6.29 -31.95
CA GLU D 252 -55.08 5.47 -32.72
C GLU D 252 -56.05 6.29 -33.54
N TRP D 253 -56.39 7.51 -33.10
CA TRP D 253 -57.28 8.36 -33.88
C TRP D 253 -56.58 9.00 -35.08
N LEU D 254 -55.24 8.94 -35.13
CA LEU D 254 -54.48 9.41 -36.29
C LEU D 254 -54.45 8.41 -37.42
N PHE D 255 -55.01 7.21 -37.24
CA PHE D 255 -54.99 6.20 -38.29
C PHE D 255 -55.87 6.53 -39.50
N PRO D 256 -57.11 7.07 -39.35
CA PRO D 256 -57.78 7.59 -40.57
C PRO D 256 -57.15 8.86 -41.10
N LEU D 257 -56.38 9.57 -40.28
CA LEU D 257 -55.69 10.78 -40.73
C LEU D 257 -54.36 10.44 -41.40
N ALA D 258 -53.84 9.24 -41.20
CA ALA D 258 -52.62 8.84 -41.89
C ALA D 258 -52.89 8.03 -43.14
N PHE D 259 -54.14 7.67 -43.41
CA PHE D 259 -54.45 6.79 -44.54
C PHE D 259 -55.31 7.46 -45.60
N SER D 260 -55.94 8.60 -45.27
CA SER D 260 -56.92 9.22 -46.16
C SER D 260 -56.26 9.76 -47.43
N LYS D 261 -56.65 9.20 -48.58
CA LYS D 261 -56.05 9.49 -49.87
C LYS D 261 -56.59 10.75 -50.52
N GLU D 262 -57.34 11.57 -49.80
CA GLU D 262 -57.87 12.82 -50.33
C GLU D 262 -56.90 13.99 -50.20
N ASP D 263 -56.09 14.01 -49.15
CA ASP D 263 -55.10 15.05 -48.93
C ASP D 263 -53.75 14.42 -48.66
N GLU D 264 -52.70 15.09 -49.15
CA GLU D 264 -51.34 14.60 -48.97
C GLU D 264 -50.61 15.27 -47.82
N LEU D 265 -50.95 16.53 -47.51
CA LEU D 265 -50.37 17.21 -46.35
C LEU D 265 -50.90 16.60 -45.05
N LEU D 266 -52.15 16.14 -45.07
CA LEU D 266 -52.83 15.67 -43.88
C LEU D 266 -52.19 14.38 -43.35
N ARG D 267 -51.88 13.45 -44.25
CA ARG D 267 -51.18 12.22 -43.87
C ARG D 267 -49.77 12.50 -43.38
N LEU D 268 -49.11 13.50 -43.97
CA LEU D 268 -47.76 13.86 -43.53
C LEU D 268 -47.76 14.45 -42.13
N HIS D 269 -48.72 15.31 -41.81
CA HIS D 269 -48.76 15.87 -40.46
C HIS D 269 -49.24 14.83 -39.44
N ALA D 270 -50.09 13.90 -39.86
CA ALA D 270 -50.46 12.79 -39.00
C ALA D 270 -49.28 11.88 -38.69
N CYS D 271 -48.47 11.55 -39.69
CA CYS D 271 -47.28 10.75 -39.46
C CYS D 271 -46.21 11.52 -38.69
N LEU D 272 -46.20 12.86 -38.80
CA LEU D 272 -45.34 13.68 -37.94
C LEU D 272 -45.75 13.56 -36.48
N ALA D 273 -47.06 13.63 -36.20
CA ALA D 273 -47.53 13.48 -34.82
C ALA D 273 -47.26 12.07 -34.30
N VAL D 274 -47.41 11.06 -35.15
CA VAL D 274 -47.11 9.67 -34.78
C VAL D 274 -45.62 9.51 -34.47
N ALA D 275 -44.75 10.13 -35.27
CA ALA D 275 -43.31 10.02 -35.04
C ALA D 275 -42.87 10.74 -33.78
N VAL D 276 -43.44 11.92 -33.51
CA VAL D 276 -43.06 12.67 -32.30
C VAL D 276 -43.58 11.96 -31.05
N LEU D 277 -44.74 11.31 -31.15
CA LEU D 277 -45.17 10.45 -30.04
C LEU D 277 -44.31 9.19 -29.94
N ALA D 278 -43.73 8.75 -31.05
CA ALA D 278 -42.88 7.55 -31.06
C ALA D 278 -41.44 7.84 -30.69
N THR D 279 -41.06 9.10 -30.47
CA THR D 279 -39.72 9.40 -29.97
C THR D 279 -39.57 9.18 -28.47
N ASN D 280 -40.65 8.87 -27.75
CA ASN D 280 -40.59 8.64 -26.32
C ASN D 280 -40.50 7.14 -26.05
N LYS D 281 -39.50 6.73 -25.24
CA LYS D 281 -39.18 5.32 -25.08
C LYS D 281 -40.21 4.57 -24.25
N GLU D 282 -40.94 5.29 -23.39
CA GLU D 282 -42.01 4.69 -22.59
C GLU D 282 -43.34 4.61 -23.34
N VAL D 283 -43.34 4.95 -24.63
CA VAL D 283 -44.56 5.11 -25.41
C VAL D 283 -44.60 4.16 -26.62
N GLU D 284 -43.42 3.73 -27.11
CA GLU D 284 -43.29 3.10 -28.42
C GLU D 284 -44.06 1.78 -28.54
N ARG D 285 -44.29 1.10 -27.41
CA ARG D 285 -44.98 -0.19 -27.44
C ARG D 285 -46.45 -0.02 -27.84
N GLU D 286 -47.13 0.96 -27.23
CA GLU D 286 -48.53 1.19 -27.57
C GLU D 286 -48.67 1.83 -28.95
N VAL D 287 -47.63 2.52 -29.44
CA VAL D 287 -47.66 3.06 -30.78
C VAL D 287 -47.48 1.94 -31.81
N GLU D 288 -46.62 0.96 -31.53
CA GLU D 288 -46.50 -0.20 -32.41
C GLU D 288 -47.75 -1.07 -32.36
N ARG D 289 -48.41 -1.11 -31.19
CA ARG D 289 -49.70 -1.81 -31.12
C ARG D 289 -50.82 -1.02 -31.78
N SER D 290 -50.65 0.29 -31.96
CA SER D 290 -51.66 1.08 -32.67
C SER D 290 -51.67 0.76 -34.16
N GLY D 291 -50.50 0.53 -34.75
CA GLY D 291 -50.39 0.19 -36.15
C GLY D 291 -50.21 1.36 -37.09
N THR D 292 -50.01 2.57 -36.56
CA THR D 292 -49.84 3.74 -37.40
C THR D 292 -48.41 3.95 -37.89
N LEU D 293 -47.45 3.19 -37.34
CA LEU D 293 -46.07 3.28 -37.82
C LEU D 293 -45.87 2.56 -39.15
N ALA D 294 -46.78 1.65 -39.51
CA ALA D 294 -46.64 0.92 -40.77
C ALA D 294 -46.97 1.78 -41.99
N LEU D 295 -47.74 2.86 -41.81
CA LEU D 295 -48.11 3.72 -42.91
C LEU D 295 -47.17 4.91 -43.09
N VAL D 296 -46.11 5.01 -42.28
CA VAL D 296 -45.23 6.17 -42.35
C VAL D 296 -44.24 6.03 -43.51
N GLU D 297 -43.49 4.93 -43.53
CA GLU D 297 -42.42 4.71 -44.51
C GLU D 297 -42.88 4.57 -45.97
N PRO D 298 -44.00 3.89 -46.31
CA PRO D 298 -44.45 3.98 -47.71
C PRO D 298 -44.95 5.36 -48.11
N LEU D 299 -45.48 6.13 -47.15
CA LEU D 299 -45.90 7.50 -47.44
C LEU D 299 -44.70 8.39 -47.77
N VAL D 300 -43.63 8.28 -46.96
CA VAL D 300 -42.44 9.07 -47.19
C VAL D 300 -41.72 8.60 -48.46
N ALA D 301 -41.75 7.29 -48.74
CA ALA D 301 -41.10 6.78 -49.93
C ALA D 301 -41.89 7.12 -51.20
N SER D 302 -43.21 7.31 -51.07
CA SER D 302 -44.05 7.56 -52.25
C SER D 302 -44.15 9.03 -52.62
N LEU D 303 -43.63 9.93 -51.79
CA LEU D 303 -43.75 11.36 -52.04
C LEU D 303 -42.38 11.98 -52.34
N ASP D 304 -42.41 13.20 -52.86
CA ASP D 304 -41.20 13.94 -53.23
C ASP D 304 -41.14 15.22 -52.42
N PRO D 305 -40.00 15.56 -51.81
CA PRO D 305 -39.95 16.76 -50.96
C PRO D 305 -39.94 18.08 -51.74
N GLY D 306 -39.62 18.06 -53.03
CA GLY D 306 -39.61 19.29 -53.81
C GLY D 306 -41.00 19.86 -54.05
N ARG D 307 -41.98 18.99 -54.29
CA ARG D 307 -43.35 19.45 -54.51
C ARG D 307 -43.95 20.02 -53.23
N PHE D 308 -43.68 19.39 -52.10
CA PHE D 308 -44.14 19.89 -50.81
C PHE D 308 -43.33 21.07 -50.30
N ALA D 309 -42.14 21.30 -50.86
CA ALA D 309 -41.42 22.54 -50.59
C ALA D 309 -41.92 23.69 -51.45
N ARG D 310 -42.35 23.40 -52.68
CA ARG D 310 -42.98 24.44 -53.50
C ARG D 310 -44.40 24.74 -53.02
N CYS D 311 -45.05 23.78 -52.37
CA CYS D 311 -46.42 23.99 -51.91
C CYS D 311 -46.45 24.89 -50.67
N LEU D 312 -45.59 24.60 -49.70
CA LEU D 312 -45.52 25.41 -48.48
C LEU D 312 -44.84 26.75 -48.75
N GLN D 320 -44.15 29.29 -45.84
CA GLN D 320 -42.84 29.66 -46.37
C GLN D 320 -41.72 29.20 -45.43
N GLY D 321 -41.86 27.99 -44.91
CA GLY D 321 -40.87 27.43 -44.00
C GLY D 321 -41.24 27.66 -42.55
N ARG D 322 -40.31 27.25 -41.68
CA ARG D 322 -40.48 27.41 -40.25
C ARG D 322 -39.23 28.06 -39.67
N GLY D 323 -39.40 28.68 -38.50
CA GLY D 323 -38.32 29.41 -37.87
C GLY D 323 -37.34 28.50 -37.18
N PRO D 324 -36.28 29.10 -36.63
CA PRO D 324 -35.25 28.30 -35.94
C PRO D 324 -35.72 27.65 -34.66
N ASP D 325 -36.79 28.16 -34.04
CA ASP D 325 -37.33 27.50 -32.85
C ASP D 325 -38.01 26.17 -33.22
N ASP D 326 -38.70 26.15 -34.36
CA ASP D 326 -39.37 24.93 -34.79
C ASP D 326 -38.41 24.00 -35.51
N LEU D 327 -37.31 24.52 -36.06
CA LEU D 327 -36.27 23.67 -36.63
C LEU D 327 -35.54 22.85 -35.58
N GLN D 328 -35.51 23.33 -34.32
CA GLN D 328 -34.90 22.55 -33.25
C GLN D 328 -35.78 21.37 -32.83
N ARG D 329 -37.05 21.34 -33.26
CA ARG D 329 -37.91 20.19 -32.94
C ARG D 329 -37.72 19.04 -33.92
N LEU D 330 -37.18 19.30 -35.11
CA LEU D 330 -36.98 18.26 -36.11
C LEU D 330 -35.65 17.54 -35.95
N VAL D 331 -34.72 18.09 -35.18
CA VAL D 331 -33.39 17.51 -34.97
C VAL D 331 -33.42 16.26 -34.08
N PRO D 332 -34.09 16.20 -32.91
CA PRO D 332 -34.09 14.93 -32.17
C PRO D 332 -34.95 13.84 -32.78
N LEU D 333 -35.66 14.11 -33.88
CA LEU D 333 -36.31 13.04 -34.63
C LEU D 333 -35.31 12.12 -35.29
N LEU D 334 -34.10 12.62 -35.57
CA LEU D 334 -33.10 11.81 -36.27
C LEU D 334 -32.23 11.03 -35.30
N ASP D 335 -32.04 11.54 -34.08
CA ASP D 335 -31.19 10.91 -33.08
C ASP D 335 -31.99 10.13 -32.05
N SER D 336 -33.19 9.67 -32.40
CA SER D 336 -34.01 8.87 -31.52
C SER D 336 -34.19 7.43 -31.99
N ASN D 337 -33.25 6.93 -32.80
CA ASN D 337 -33.03 5.56 -33.30
C ASN D 337 -34.29 4.79 -33.71
N ARG D 338 -35.30 5.50 -34.20
CA ARG D 338 -36.49 4.88 -34.79
C ARG D 338 -36.52 5.19 -36.28
N LEU D 339 -36.89 4.20 -37.09
CA LEU D 339 -36.82 4.34 -38.54
C LEU D 339 -37.83 5.35 -39.07
N GLU D 340 -39.06 5.32 -38.54
CA GLU D 340 -40.12 6.20 -39.04
C GLU D 340 -39.86 7.65 -38.66
N ALA D 341 -39.35 7.88 -37.44
CA ALA D 341 -39.04 9.24 -37.01
C ALA D 341 -37.87 9.81 -37.81
N GLN D 342 -36.88 8.97 -38.13
CA GLN D 342 -35.77 9.43 -38.97
C GLN D 342 -36.22 9.71 -40.39
N CYS D 343 -37.17 8.94 -40.92
CA CYS D 343 -37.70 9.22 -42.26
C CYS D 343 -38.49 10.53 -42.29
N ILE D 344 -39.33 10.77 -41.27
CA ILE D 344 -40.08 12.02 -41.17
C ILE D 344 -39.15 13.20 -41.02
N GLY D 345 -38.12 13.08 -40.17
CA GLY D 345 -37.18 14.17 -39.98
C GLY D 345 -36.34 14.45 -41.20
N ALA D 346 -35.89 13.40 -41.91
CA ALA D 346 -35.13 13.58 -43.13
C ALA D 346 -35.96 14.20 -44.24
N PHE D 347 -37.23 13.79 -44.37
CA PHE D 347 -38.12 14.37 -45.37
C PHE D 347 -38.39 15.85 -45.11
N TYR D 348 -38.69 16.18 -43.85
CA TYR D 348 -39.01 17.57 -43.52
C TYR D 348 -37.77 18.47 -43.60
N LEU D 349 -36.62 17.97 -43.15
CA LEU D 349 -35.40 18.77 -43.27
C LEU D 349 -34.93 18.87 -44.71
N CYS D 350 -35.21 17.89 -45.56
CA CYS D 350 -34.87 18.02 -46.98
C CYS D 350 -35.75 19.05 -47.67
N ALA D 351 -37.07 19.03 -47.40
CA ALA D 351 -37.96 20.02 -47.99
C ALA D 351 -37.66 21.43 -47.49
N GLU D 352 -37.42 21.59 -46.19
CA GLU D 352 -37.12 22.90 -45.65
C GLU D 352 -35.69 23.34 -45.95
N ALA D 353 -34.79 22.40 -46.26
CA ALA D 353 -33.48 22.77 -46.77
C ALA D 353 -33.57 23.26 -48.21
N ALA D 354 -34.48 22.69 -49.00
CA ALA D 354 -34.77 23.25 -50.31
C ALA D 354 -35.35 24.65 -50.21
N ILE D 355 -36.21 24.86 -49.19
CA ILE D 355 -36.79 26.19 -48.95
C ILE D 355 -35.70 27.20 -48.57
N LYS D 356 -34.84 26.83 -47.62
CA LYS D 356 -33.76 27.72 -47.20
C LYS D 356 -32.64 27.85 -48.23
N SER D 357 -32.53 26.92 -49.18
CA SER D 357 -31.61 27.05 -50.29
C SER D 357 -32.16 27.92 -51.41
N LEU D 358 -33.48 28.00 -51.52
CA LEU D 358 -34.07 29.04 -52.37
C LEU D 358 -33.77 30.43 -51.84
N GLN D 359 -33.75 30.58 -50.52
CA GLN D 359 -33.35 31.83 -49.87
C GLN D 359 -31.85 31.78 -49.57
N GLY D 360 -31.36 32.71 -48.75
CA GLY D 360 -29.94 32.76 -48.43
C GLY D 360 -29.64 32.62 -46.95
N LYS D 361 -30.34 31.71 -46.28
CA LYS D 361 -30.19 31.54 -44.84
C LYS D 361 -29.86 30.10 -44.47
N THR D 362 -28.87 29.50 -45.16
CA THR D 362 -28.49 28.12 -44.92
C THR D 362 -27.57 27.93 -43.71
N LYS D 363 -27.25 29.00 -42.99
CA LYS D 363 -26.40 28.91 -41.81
C LYS D 363 -27.16 28.53 -40.55
N VAL D 364 -28.49 28.37 -40.64
CA VAL D 364 -29.28 28.00 -39.46
C VAL D 364 -29.05 26.52 -39.12
N PHE D 365 -28.90 25.67 -40.14
CA PHE D 365 -28.67 24.25 -39.91
C PHE D 365 -27.29 23.99 -39.33
N SER D 366 -26.32 24.86 -39.61
CA SER D 366 -25.00 24.74 -38.98
C SER D 366 -24.99 25.29 -37.56
N ASP D 367 -25.88 26.25 -37.26
CA ASP D 367 -25.97 26.76 -35.90
C ASP D 367 -26.69 25.77 -35.00
N ILE D 368 -27.75 25.15 -35.50
CA ILE D 368 -28.47 24.16 -34.71
C ILE D 368 -27.73 22.82 -34.69
N GLY D 369 -27.33 22.31 -35.85
CA GLY D 369 -26.56 21.08 -35.90
C GLY D 369 -27.25 19.89 -36.51
N ALA D 370 -28.09 20.08 -37.54
CA ALA D 370 -28.73 18.95 -38.19
C ALA D 370 -27.84 18.32 -39.27
N ILE D 371 -26.77 19.00 -39.68
CA ILE D 371 -25.91 18.52 -40.75
C ILE D 371 -25.13 17.30 -40.31
N GLN D 372 -24.59 17.31 -39.09
CA GLN D 372 -23.86 16.15 -38.58
C GLN D 372 -24.80 14.98 -38.33
N SER D 373 -26.05 15.24 -37.97
CA SER D 373 -27.04 14.17 -37.85
C SER D 373 -27.39 13.57 -39.20
N LEU D 374 -27.47 14.39 -40.25
CA LEU D 374 -27.66 13.85 -41.60
C LEU D 374 -26.46 13.05 -42.07
N LYS D 375 -25.25 13.47 -41.68
CA LYS D 375 -24.05 12.70 -42.00
C LYS D 375 -24.04 11.37 -41.26
N ARG D 376 -24.55 11.34 -40.02
CA ARG D 376 -24.70 10.08 -39.31
C ARG D 376 -25.77 9.19 -39.95
N LEU D 377 -26.82 9.80 -40.51
CA LEU D 377 -27.84 9.04 -41.21
C LEU D 377 -27.28 8.41 -42.49
N VAL D 378 -26.45 9.14 -43.22
CA VAL D 378 -25.87 8.60 -44.45
C VAL D 378 -24.83 7.53 -44.13
N SER D 379 -23.94 7.80 -43.17
CA SER D 379 -22.84 6.88 -42.86
C SER D 379 -23.30 5.64 -42.10
N TYR D 380 -24.51 5.66 -41.52
CA TYR D 380 -25.05 4.49 -40.82
C TYR D 380 -26.44 4.13 -41.33
N SER D 381 -26.61 4.03 -42.64
CA SER D 381 -27.93 3.79 -43.21
C SER D 381 -28.20 2.31 -43.39
N THR D 382 -29.40 1.89 -42.97
CA THR D 382 -29.92 0.56 -43.25
C THR D 382 -31.19 0.64 -44.10
N ASN D 383 -31.54 1.86 -44.52
CA ASN D 383 -32.72 2.11 -45.34
C ASN D 383 -32.32 3.02 -46.50
N GLY D 384 -32.88 2.75 -47.68
CA GLY D 384 -32.55 3.55 -48.85
C GLY D 384 -33.28 4.88 -48.90
N THR D 385 -34.48 4.95 -48.33
CA THR D 385 -35.30 6.15 -48.44
C THR D 385 -34.74 7.28 -47.59
N LYS D 386 -34.46 7.01 -46.31
CA LYS D 386 -33.91 8.06 -45.44
C LYS D 386 -32.50 8.44 -45.84
N SER D 387 -31.73 7.49 -46.41
CA SER D 387 -30.41 7.81 -46.94
C SER D 387 -30.48 8.69 -48.18
N ALA D 388 -31.42 8.43 -49.08
CA ALA D 388 -31.58 9.26 -50.27
C ALA D 388 -32.06 10.66 -49.89
N LEU D 389 -32.96 10.75 -48.90
CA LEU D 389 -33.43 12.05 -48.45
C LEU D 389 -32.33 12.83 -47.74
N ALA D 390 -31.48 12.15 -46.95
CA ALA D 390 -30.38 12.84 -46.29
C ALA D 390 -29.30 13.26 -47.27
N LYS D 391 -29.05 12.45 -48.31
CA LYS D 391 -28.11 12.85 -49.36
C LYS D 391 -28.64 14.03 -50.16
N ARG D 392 -29.94 14.07 -50.44
CA ARG D 392 -30.52 15.21 -51.14
C ARG D 392 -30.50 16.46 -50.27
N ALA D 393 -30.70 16.29 -48.96
CA ALA D 393 -30.67 17.43 -48.05
C ALA D 393 -29.26 17.99 -47.90
N LEU D 394 -28.26 17.12 -47.86
CA LEU D 394 -26.87 17.60 -47.81
C LEU D 394 -26.39 18.12 -49.17
N ARG D 395 -27.01 17.68 -50.27
CA ARG D 395 -26.69 18.21 -51.58
C ARG D 395 -27.29 19.58 -51.81
N LEU D 396 -28.51 19.82 -51.30
CA LEU D 396 -29.12 21.15 -51.42
C LEU D 396 -28.47 22.18 -50.50
N LEU D 397 -27.70 21.74 -49.50
CA LEU D 397 -26.89 22.64 -48.69
C LEU D 397 -25.54 22.85 -49.36
N GLY D 398 -24.59 23.45 -48.65
CA GLY D 398 -23.30 23.81 -49.21
C GLY D 398 -22.14 22.89 -48.88
N GLU D 399 -22.40 21.68 -48.42
CA GLU D 399 -21.34 20.73 -48.09
C GLU D 399 -21.50 19.44 -48.88
N GLU D 400 -20.46 18.60 -48.82
CA GLU D 400 -20.43 17.36 -49.57
C GLU D 400 -21.21 16.28 -48.84
N VAL D 401 -21.61 15.25 -49.59
CA VAL D 401 -22.29 14.10 -49.02
C VAL D 401 -21.25 13.04 -48.65
N PRO D 402 -21.43 12.32 -47.54
CA PRO D 402 -20.50 11.23 -47.21
C PRO D 402 -20.91 9.94 -47.89
N ARG D 403 -20.05 8.94 -47.74
CA ARG D 403 -20.28 7.62 -48.30
C ARG D 403 -20.72 6.64 -47.22
N PRO D 404 -21.53 5.64 -47.57
CA PRO D 404 -21.83 4.57 -46.61
C PRO D 404 -20.59 3.73 -46.33
N ILE D 405 -20.34 3.49 -45.05
CA ILE D 405 -19.12 2.80 -44.61
C ILE D 405 -19.25 1.31 -44.90
N LEU D 406 -18.10 0.66 -45.00
CA LEU D 406 -18.08 -0.79 -45.12
C LEU D 406 -18.32 -1.41 -43.75
N PRO D 407 -19.33 -2.25 -43.58
CA PRO D 407 -19.64 -2.77 -42.24
C PRO D 407 -18.65 -3.78 -41.70
N SER D 408 -17.81 -4.39 -42.55
CA SER D 408 -16.82 -5.37 -42.10
C SER D 408 -15.62 -4.63 -41.51
N VAL D 409 -15.80 -4.19 -40.27
CA VAL D 409 -14.80 -3.42 -39.53
C VAL D 409 -13.53 -4.22 -39.20
N PRO D 410 -13.57 -5.52 -38.83
CA PRO D 410 -12.31 -6.28 -38.78
C PRO D 410 -11.62 -6.48 -40.13
N SER D 411 -12.33 -6.27 -41.25
CA SER D 411 -11.72 -6.31 -42.57
C SER D 411 -11.26 -4.95 -43.06
N TRP D 412 -11.26 -3.94 -42.20
CA TRP D 412 -10.83 -2.60 -42.61
C TRP D 412 -9.31 -2.51 -42.70
N LYS D 413 -8.84 -1.82 -43.74
CA LYS D 413 -7.47 -1.35 -43.82
C LYS D 413 -7.41 0.09 -43.31
N GLU D 414 -6.31 0.79 -43.58
CA GLU D 414 -6.11 2.13 -43.04
C GLU D 414 -7.01 3.16 -43.71
N ALA D 415 -7.30 3.00 -45.00
CA ALA D 415 -8.06 3.99 -45.74
C ALA D 415 -9.51 4.05 -45.31
N GLU D 416 -10.09 2.90 -44.94
CA GLU D 416 -11.46 2.91 -44.40
C GLU D 416 -11.51 3.58 -43.04
N VAL D 417 -10.46 3.44 -42.23
CA VAL D 417 -10.39 4.13 -40.94
C VAL D 417 -10.27 5.63 -41.15
N GLN D 418 -9.48 6.06 -42.15
CA GLN D 418 -9.35 7.48 -42.46
C GLN D 418 -10.66 8.05 -42.99
N THR D 419 -11.39 7.27 -43.80
CA THR D 419 -12.69 7.71 -44.30
C THR D 419 -13.71 7.82 -43.17
N TRP D 420 -13.69 6.85 -42.24
CA TRP D 420 -14.57 6.91 -41.07
C TRP D 420 -14.24 8.10 -40.17
N LEU D 421 -12.96 8.48 -40.10
CA LEU D 421 -12.59 9.71 -39.41
C LEU D 421 -13.12 10.95 -40.12
N GLN D 422 -13.04 10.96 -41.45
CA GLN D 422 -13.44 12.16 -42.19
C GLN D 422 -14.95 12.33 -42.23
N GLN D 423 -15.71 11.25 -42.05
CA GLN D 423 -17.16 11.37 -42.19
C GLN D 423 -17.89 11.78 -40.92
N ILE D 424 -17.30 11.63 -39.74
CA ILE D 424 -18.01 11.88 -38.49
C ILE D 424 -17.48 13.08 -37.74
N GLY D 425 -16.39 13.69 -38.20
CA GLY D 425 -15.89 14.90 -37.57
C GLY D 425 -14.61 14.76 -36.77
N PHE D 426 -13.71 13.86 -37.17
CA PHE D 426 -12.40 13.73 -36.55
C PHE D 426 -11.28 14.04 -37.55
N SER D 427 -11.45 15.13 -38.31
CA SER D 427 -10.45 15.54 -39.29
C SER D 427 -9.14 16.02 -38.68
N LYS D 428 -9.14 16.39 -37.39
CA LYS D 428 -7.90 16.79 -36.74
C LYS D 428 -6.98 15.61 -36.48
N TYR D 429 -7.55 14.44 -36.18
CA TYR D 429 -6.80 13.25 -35.83
C TYR D 429 -6.61 12.29 -37.01
N CYS D 430 -6.71 12.79 -38.25
CA CYS D 430 -6.47 11.92 -39.40
C CYS D 430 -4.98 11.63 -39.58
N GLU D 431 -4.11 12.62 -39.33
CA GLU D 431 -2.68 12.39 -39.43
C GLU D 431 -2.15 11.63 -38.20
N SER D 432 -2.93 11.59 -37.12
CA SER D 432 -2.49 10.89 -35.92
C SER D 432 -2.60 9.38 -36.08
N PHE D 433 -3.68 8.91 -36.73
CA PHE D 433 -3.85 7.46 -36.87
C PHE D 433 -3.02 6.91 -38.04
N ARG D 434 -2.67 7.76 -39.00
CA ARG D 434 -1.94 7.29 -40.17
C ARG D 434 -0.48 7.01 -39.85
N GLU D 435 0.13 7.84 -38.99
CA GLU D 435 1.50 7.60 -38.59
C GLU D 435 1.62 6.40 -37.66
N GLN D 436 0.56 6.10 -36.91
CA GLN D 436 0.54 4.95 -36.02
C GLN D 436 0.07 3.67 -36.69
N GLN D 437 -0.40 3.78 -37.95
CA GLN D 437 -0.85 2.65 -38.78
C GLN D 437 -2.01 1.89 -38.11
N VAL D 438 -3.04 2.63 -37.73
CA VAL D 438 -4.20 2.04 -37.08
C VAL D 438 -5.18 1.55 -38.15
N ASP D 439 -5.42 0.25 -38.18
CA ASP D 439 -6.41 -0.35 -39.07
C ASP D 439 -7.68 -0.66 -38.28
N GLY D 440 -8.60 -1.41 -38.90
CA GLY D 440 -9.85 -1.73 -38.24
C GLY D 440 -9.70 -2.69 -37.08
N ASP D 441 -8.64 -3.49 -37.08
CA ASP D 441 -8.39 -4.39 -35.96
C ASP D 441 -7.90 -3.64 -34.73
N LEU D 442 -7.13 -2.56 -34.95
CA LEU D 442 -6.65 -1.75 -33.84
C LEU D 442 -7.70 -0.72 -33.40
N LEU D 443 -8.65 -0.39 -34.28
CA LEU D 443 -9.69 0.56 -33.92
C LEU D 443 -10.72 -0.07 -32.98
N LEU D 444 -10.99 -1.37 -33.18
CA LEU D 444 -11.89 -2.11 -32.30
C LEU D 444 -11.27 -2.40 -30.94
N ARG D 445 -9.95 -2.27 -30.80
CA ARG D 445 -9.24 -2.63 -29.58
C ARG D 445 -8.43 -1.43 -29.06
N LEU D 446 -9.04 -0.25 -29.04
CA LEU D 446 -8.37 0.97 -28.60
C LEU D 446 -8.92 1.41 -27.25
N THR D 447 -8.04 1.88 -26.38
CA THR D 447 -8.36 2.15 -24.98
C THR D 447 -8.05 3.59 -24.59
N GLU D 448 -8.09 3.84 -23.29
CA GLU D 448 -7.84 5.17 -22.75
C GLU D 448 -6.38 5.58 -22.92
N GLU D 449 -5.45 4.69 -22.56
CA GLU D 449 -4.05 5.05 -22.45
C GLU D 449 -3.40 5.27 -23.82
N GLU D 450 -3.82 4.48 -24.82
CA GLU D 450 -3.26 4.65 -26.16
C GLU D 450 -3.80 5.92 -26.81
N LEU D 451 -5.04 6.31 -26.48
CA LEU D 451 -5.55 7.60 -26.94
C LEU D 451 -4.85 8.76 -26.25
N GLN D 452 -4.51 8.60 -24.96
CA GLN D 452 -3.92 9.70 -24.21
C GLN D 452 -2.46 9.91 -24.56
N THR D 453 -1.67 8.84 -24.59
CA THR D 453 -0.23 8.98 -24.72
C THR D 453 0.22 8.95 -26.18
N ASP D 454 -0.15 7.91 -26.92
CA ASP D 454 0.40 7.65 -28.24
C ASP D 454 -0.24 8.47 -29.35
N LEU D 455 -1.48 8.92 -29.16
CA LEU D 455 -2.25 9.54 -30.24
C LEU D 455 -2.41 11.04 -30.08
N GLY D 456 -1.91 11.62 -28.99
CA GLY D 456 -1.98 13.05 -28.81
C GLY D 456 -3.37 13.58 -28.50
N MET D 457 -4.27 12.72 -28.04
CA MET D 457 -5.63 13.11 -27.66
C MET D 457 -5.62 13.25 -26.14
N LYS D 458 -5.18 14.42 -25.67
CA LYS D 458 -4.98 14.64 -24.24
C LYS D 458 -6.28 14.88 -23.50
N SER D 459 -7.26 15.50 -24.16
CA SER D 459 -8.51 15.85 -23.49
C SER D 459 -9.39 14.61 -23.32
N GLY D 460 -9.87 14.42 -22.09
CA GLY D 460 -10.77 13.31 -21.81
C GLY D 460 -12.16 13.47 -22.40
N ILE D 461 -12.59 14.71 -22.63
CA ILE D 461 -13.88 14.95 -23.26
C ILE D 461 -13.84 14.57 -24.74
N THR D 462 -12.71 14.87 -25.40
CA THR D 462 -12.51 14.43 -26.79
C THR D 462 -12.41 12.91 -26.87
N ARG D 463 -11.75 12.29 -25.88
CA ARG D 463 -11.71 10.83 -25.80
C ARG D 463 -13.09 10.24 -25.56
N LYS D 464 -13.92 10.91 -24.77
CA LYS D 464 -15.25 10.38 -24.50
C LYS D 464 -16.18 10.54 -25.71
N ARG D 465 -16.02 11.63 -26.47
CA ARG D 465 -16.72 11.75 -27.74
C ARG D 465 -16.25 10.70 -28.74
N PHE D 466 -14.95 10.36 -28.71
CA PHE D 466 -14.45 9.30 -29.57
C PHE D 466 -14.98 7.94 -29.15
N PHE D 467 -15.17 7.71 -27.85
CA PHE D 467 -15.77 6.45 -27.42
C PHE D 467 -17.28 6.40 -27.67
N ARG D 468 -17.96 7.55 -27.71
CA ARG D 468 -19.36 7.55 -28.15
C ARG D 468 -19.45 7.19 -29.63
N GLU D 469 -18.57 7.77 -30.46
CA GLU D 469 -18.53 7.40 -31.87
C GLU D 469 -18.09 5.96 -32.06
N LEU D 470 -17.24 5.46 -31.16
CA LEU D 470 -16.82 4.06 -31.23
C LEU D 470 -17.95 3.12 -30.81
N THR D 471 -18.78 3.53 -29.86
CA THR D 471 -19.99 2.78 -29.52
C THR D 471 -20.95 2.72 -30.69
N GLU D 472 -21.13 3.86 -31.38
CA GLU D 472 -21.98 3.91 -32.56
C GLU D 472 -21.42 3.07 -33.71
N LEU D 473 -20.09 3.00 -33.82
CA LEU D 473 -19.47 2.17 -34.85
C LEU D 473 -19.59 0.68 -34.53
N LYS D 474 -19.30 0.30 -33.28
CA LYS D 474 -19.30 -1.11 -32.92
C LYS D 474 -20.71 -1.65 -32.70
N THR D 475 -21.72 -0.78 -32.66
CA THR D 475 -23.09 -1.25 -32.78
C THR D 475 -23.39 -1.69 -34.21
N PHE D 476 -23.08 -0.85 -35.20
CA PHE D 476 -23.32 -1.17 -36.61
C PHE D 476 -22.01 -1.68 -37.24
N ALA D 477 -21.80 -2.97 -37.10
CA ALA D 477 -20.56 -3.58 -37.58
C ALA D 477 -20.81 -5.02 -37.98
N ASN D 478 -20.08 -5.47 -39.01
CA ASN D 478 -20.14 -6.86 -39.46
C ASN D 478 -18.98 -7.62 -38.86
N TYR D 479 -19.29 -8.67 -38.10
CA TYR D 479 -18.28 -9.52 -37.46
C TYR D 479 -18.26 -10.92 -38.06
N SER D 480 -18.52 -11.03 -39.37
CA SER D 480 -18.61 -12.33 -40.00
C SER D 480 -17.25 -13.02 -40.13
N THR D 481 -16.15 -12.27 -40.08
CA THR D 481 -14.83 -12.85 -40.21
C THR D 481 -14.31 -13.49 -38.93
N CYS D 482 -14.97 -13.28 -37.80
CA CYS D 482 -14.48 -13.83 -36.53
C CYS D 482 -15.54 -14.48 -35.65
N ASP D 483 -16.83 -14.25 -35.87
CA ASP D 483 -17.88 -14.74 -34.97
C ASP D 483 -18.29 -16.13 -35.46
N ARG D 484 -18.05 -17.14 -34.63
CA ARG D 484 -18.35 -18.52 -35.02
C ARG D 484 -19.74 -18.95 -34.56
N SER D 485 -20.19 -18.48 -33.40
CA SER D 485 -21.42 -18.97 -32.80
C SER D 485 -22.53 -17.93 -32.73
N ASN D 486 -22.41 -16.84 -33.49
CA ASN D 486 -23.37 -15.71 -33.54
C ASN D 486 -23.57 -15.11 -32.15
N LEU D 487 -22.48 -14.54 -31.62
CA LEU D 487 -22.51 -13.92 -30.30
C LEU D 487 -23.12 -12.53 -30.31
N ALA D 488 -23.10 -11.86 -31.46
CA ALA D 488 -23.65 -10.51 -31.56
C ALA D 488 -25.16 -10.52 -31.43
N ASP D 489 -25.83 -11.55 -31.96
CA ASP D 489 -27.26 -11.69 -31.76
C ASP D 489 -27.61 -12.15 -30.35
N TRP D 490 -26.68 -12.81 -29.66
CA TRP D 490 -26.88 -13.12 -28.25
C TRP D 490 -26.80 -11.85 -27.41
N LEU D 491 -25.86 -10.96 -27.74
CA LEU D 491 -25.75 -9.70 -27.02
C LEU D 491 -26.90 -8.75 -27.37
N GLY D 492 -27.40 -8.83 -28.61
CA GLY D 492 -28.48 -7.95 -29.03
C GLY D 492 -29.84 -8.33 -28.48
N SER D 493 -30.03 -9.59 -28.12
CA SER D 493 -31.30 -10.05 -27.55
C SER D 493 -31.52 -9.57 -26.13
N LEU D 494 -30.46 -9.15 -25.44
CA LEU D 494 -30.60 -8.63 -24.08
C LEU D 494 -30.83 -7.12 -24.08
N ASP D 495 -30.01 -6.40 -24.83
CA ASP D 495 -29.99 -4.95 -24.88
C ASP D 495 -29.23 -4.58 -26.15
N PRO D 496 -29.79 -3.74 -27.03
CA PRO D 496 -29.10 -3.40 -28.28
C PRO D 496 -27.80 -2.59 -28.12
N ARG D 497 -27.49 -2.10 -26.92
CA ARG D 497 -26.22 -1.45 -26.65
C ARG D 497 -25.16 -2.44 -26.16
N PHE D 498 -25.48 -3.73 -26.06
CA PHE D 498 -24.50 -4.74 -25.67
C PHE D 498 -23.68 -5.28 -26.84
N ARG D 499 -24.01 -4.89 -28.07
CA ARG D 499 -23.33 -5.45 -29.23
C ARG D 499 -21.96 -4.82 -29.47
N GLN D 500 -21.59 -3.81 -28.68
CA GLN D 500 -20.25 -3.22 -28.81
C GLN D 500 -19.16 -4.15 -28.30
N TYR D 501 -19.46 -5.05 -27.36
CA TYR D 501 -18.45 -5.93 -26.80
C TYR D 501 -18.32 -7.25 -27.55
N THR D 502 -18.85 -7.32 -28.78
CA THR D 502 -18.77 -8.54 -29.57
C THR D 502 -17.32 -8.87 -29.91
N TYR D 503 -16.55 -7.87 -30.36
CA TYR D 503 -15.14 -8.08 -30.65
C TYR D 503 -14.33 -8.36 -29.37
N GLY D 504 -14.72 -7.74 -28.26
CA GLY D 504 -14.00 -7.94 -27.02
C GLY D 504 -14.20 -9.33 -26.44
N LEU D 505 -15.37 -9.93 -26.67
CA LEU D 505 -15.60 -11.29 -26.19
C LEU D 505 -15.14 -12.35 -27.20
N VAL D 506 -15.19 -12.02 -28.50
CA VAL D 506 -14.73 -12.98 -29.50
C VAL D 506 -13.20 -13.04 -29.55
N SER D 507 -12.53 -11.90 -29.37
CA SER D 507 -11.07 -11.83 -29.46
C SER D 507 -10.38 -12.56 -28.30
N CYS D 508 -11.10 -12.85 -27.22
CA CYS D 508 -10.56 -13.67 -26.14
C CYS D 508 -10.75 -15.16 -26.39
N GLY D 509 -11.38 -15.55 -27.50
CA GLY D 509 -11.57 -16.94 -27.83
C GLY D 509 -12.88 -17.54 -27.35
N LEU D 510 -13.87 -16.72 -27.03
CA LEU D 510 -15.11 -17.23 -26.45
C LEU D 510 -16.16 -17.47 -27.54
N ASP D 511 -17.16 -18.28 -27.19
CA ASP D 511 -18.34 -18.52 -28.00
C ASP D 511 -19.50 -18.81 -27.05
N ARG D 512 -20.57 -19.42 -27.59
CA ARG D 512 -21.74 -19.70 -26.76
C ARG D 512 -21.46 -20.81 -25.75
N SER D 513 -20.52 -21.70 -26.05
CA SER D 513 -20.28 -22.87 -25.20
C SER D 513 -19.18 -22.64 -24.15
N LEU D 514 -18.72 -21.41 -23.96
CA LEU D 514 -17.66 -21.14 -23.00
C LEU D 514 -17.95 -19.98 -22.05
N LEU D 515 -19.14 -19.38 -22.11
CA LEU D 515 -19.42 -18.22 -21.27
C LEU D 515 -19.79 -18.60 -19.84
N HIS D 516 -20.06 -19.88 -19.57
CA HIS D 516 -20.47 -20.28 -18.23
C HIS D 516 -19.30 -20.41 -17.26
N ARG D 517 -18.05 -20.35 -17.74
CA ARG D 517 -16.88 -20.40 -16.87
C ARG D 517 -16.10 -19.09 -16.88
N VAL D 518 -16.70 -18.00 -17.33
CA VAL D 518 -16.05 -16.69 -17.36
C VAL D 518 -16.41 -15.96 -16.07
N SER D 519 -15.42 -15.30 -15.47
CA SER D 519 -15.63 -14.52 -14.26
C SER D 519 -15.72 -13.03 -14.61
N GLU D 520 -15.86 -12.21 -13.56
CA GLU D 520 -15.95 -10.76 -13.75
C GLU D 520 -14.60 -10.15 -14.06
N GLN D 521 -13.51 -10.71 -13.52
CA GLN D 521 -12.18 -10.19 -13.79
C GLN D 521 -11.77 -10.46 -15.24
N GLN D 522 -12.25 -11.58 -15.80
CA GLN D 522 -11.96 -11.88 -17.21
C GLN D 522 -12.72 -10.94 -18.14
N LEU D 523 -13.89 -10.45 -17.71
CA LEU D 523 -14.61 -9.47 -18.50
C LEU D 523 -14.03 -8.07 -18.33
N LEU D 524 -13.47 -7.77 -17.16
CA LEU D 524 -12.89 -6.45 -16.92
C LEU D 524 -11.54 -6.31 -17.62
N GLU D 525 -10.60 -7.21 -17.34
CA GLU D 525 -9.24 -7.07 -17.82
C GLU D 525 -9.11 -7.44 -19.29
N ASP D 526 -9.66 -8.59 -19.68
CA ASP D 526 -9.45 -9.11 -21.02
C ASP D 526 -10.49 -8.59 -22.03
N CYS D 527 -11.77 -8.73 -21.71
CA CYS D 527 -12.82 -8.28 -22.61
C CYS D 527 -13.00 -6.77 -22.60
N GLY D 528 -12.54 -6.08 -21.56
CA GLY D 528 -12.58 -4.63 -21.52
C GLY D 528 -13.95 -4.03 -21.29
N ILE D 529 -14.74 -4.63 -20.41
CA ILE D 529 -16.06 -4.10 -20.07
C ILE D 529 -15.88 -3.25 -18.82
N HIS D 530 -15.99 -1.94 -18.98
CA HIS D 530 -15.72 -1.00 -17.88
C HIS D 530 -16.90 -0.80 -16.95
N LEU D 531 -18.13 -1.06 -17.41
CA LEU D 531 -19.30 -0.86 -16.58
C LEU D 531 -19.61 -2.16 -15.83
N GLY D 532 -19.74 -2.07 -14.51
CA GLY D 532 -19.99 -3.26 -13.71
C GLY D 532 -21.42 -3.76 -13.81
N VAL D 533 -22.36 -2.88 -14.14
CA VAL D 533 -23.74 -3.28 -14.37
C VAL D 533 -23.83 -4.19 -15.59
N HIS D 534 -23.12 -3.82 -16.67
CA HIS D 534 -23.10 -4.65 -17.86
C HIS D 534 -22.38 -5.97 -17.60
N ARG D 535 -21.33 -5.94 -16.77
CA ARG D 535 -20.65 -7.18 -16.39
C ARG D 535 -21.57 -8.11 -15.61
N ALA D 536 -22.35 -7.56 -14.68
CA ALA D 536 -23.27 -8.37 -13.90
C ALA D 536 -24.39 -8.93 -14.77
N ARG D 537 -24.89 -8.14 -15.73
CA ARG D 537 -25.94 -8.63 -16.61
C ARG D 537 -25.43 -9.70 -17.57
N ILE D 538 -24.20 -9.54 -18.08
CA ILE D 538 -23.61 -10.55 -18.96
C ILE D 538 -23.33 -11.85 -18.20
N LEU D 539 -22.83 -11.74 -16.96
CA LEU D 539 -22.60 -12.95 -16.15
C LEU D 539 -23.90 -13.64 -15.79
N THR D 540 -24.94 -12.88 -15.44
CA THR D 540 -26.23 -13.45 -15.10
C THR D 540 -26.87 -14.15 -16.30
N ALA D 541 -26.83 -13.51 -17.47
CA ALA D 541 -27.40 -14.12 -18.66
C ALA D 541 -26.54 -15.26 -19.19
N ALA D 542 -25.25 -15.28 -18.86
CA ALA D 542 -24.42 -16.42 -19.24
C ALA D 542 -24.65 -17.61 -18.31
N ARG D 543 -25.05 -17.35 -17.06
CA ARG D 543 -25.25 -18.45 -16.12
C ARG D 543 -26.67 -19.02 -16.19
N GLU D 544 -27.68 -18.17 -16.41
CA GLU D 544 -29.05 -18.63 -16.18
C GLU D 544 -29.70 -19.30 -17.38
N MET D 545 -29.29 -18.99 -18.62
CA MET D 545 -29.99 -19.53 -19.77
C MET D 545 -29.10 -20.33 -20.72
N LEU D 546 -27.78 -20.17 -20.66
CA LEU D 546 -26.91 -20.97 -21.51
C LEU D 546 -26.73 -22.38 -20.96
N HIS D 547 -26.28 -22.50 -19.73
CA HIS D 547 -26.11 -23.81 -19.10
C HIS D 547 -26.61 -23.79 -17.66
N THR D 561 -17.38 -42.99 -45.78
CA THR D 561 -18.08 -44.11 -46.40
C THR D 561 -19.31 -43.63 -47.17
N PRO D 562 -19.16 -43.49 -48.49
CA PRO D 562 -20.31 -43.05 -49.30
C PRO D 562 -21.30 -44.18 -49.50
N ASP D 563 -22.54 -43.78 -49.87
CA ASP D 563 -23.61 -44.74 -50.07
C ASP D 563 -24.06 -44.86 -51.52
N VAL D 564 -23.83 -43.85 -52.35
CA VAL D 564 -24.24 -43.87 -53.75
C VAL D 564 -23.02 -43.58 -54.62
N PHE D 565 -22.67 -44.52 -55.48
CA PHE D 565 -21.58 -44.33 -56.42
C PHE D 565 -22.12 -44.04 -57.81
N ILE D 566 -21.55 -43.03 -58.46
CA ILE D 566 -22.01 -42.59 -59.78
C ILE D 566 -20.83 -42.67 -60.75
N SER D 567 -20.99 -43.47 -61.81
CA SER D 567 -20.06 -43.50 -62.93
C SER D 567 -20.67 -42.75 -64.10
N TYR D 568 -19.82 -42.05 -64.85
CA TYR D 568 -20.30 -41.18 -65.91
C TYR D 568 -19.28 -41.13 -67.03
N ARG D 569 -19.72 -40.62 -68.18
CA ARG D 569 -18.86 -40.42 -69.33
C ARG D 569 -18.25 -39.03 -69.28
N ARG D 570 -16.97 -38.94 -69.71
CA ARG D 570 -16.20 -37.71 -69.62
C ARG D 570 -16.77 -36.59 -70.49
N ASN D 571 -17.36 -36.93 -71.63
CA ASN D 571 -17.79 -35.91 -72.59
C ASN D 571 -19.06 -35.18 -72.15
N SER D 572 -20.16 -35.89 -72.01
CA SER D 572 -21.46 -35.26 -71.75
C SER D 572 -22.20 -35.89 -70.57
N GLY D 573 -21.47 -36.31 -69.54
CA GLY D 573 -22.10 -36.93 -68.39
C GLY D 573 -21.78 -36.28 -67.06
N SER D 574 -21.17 -35.10 -67.08
CA SER D 574 -20.72 -34.48 -65.84
C SER D 574 -21.84 -33.71 -65.16
N GLN D 575 -22.62 -32.94 -65.93
CA GLN D 575 -23.65 -32.08 -65.35
C GLN D 575 -24.80 -32.89 -64.78
N LEU D 576 -25.19 -33.96 -65.48
CA LEU D 576 -26.25 -34.84 -64.98
C LEU D 576 -25.81 -35.58 -63.73
N ALA D 577 -24.56 -36.00 -63.66
CA ALA D 577 -24.05 -36.69 -62.47
C ALA D 577 -23.97 -35.74 -61.28
N SER D 578 -23.53 -34.50 -61.51
CA SER D 578 -23.48 -33.51 -60.43
C SER D 578 -24.89 -33.14 -59.97
N LEU D 579 -25.85 -33.09 -60.90
CA LEU D 579 -27.23 -32.78 -60.53
C LEU D 579 -27.86 -33.91 -59.74
N LEU D 580 -27.57 -35.16 -60.11
CA LEU D 580 -28.03 -36.31 -59.33
C LEU D 580 -27.40 -36.32 -57.94
N LYS D 581 -26.12 -35.96 -57.84
CA LYS D 581 -25.46 -35.90 -56.54
C LYS D 581 -26.06 -34.82 -55.64
N VAL D 582 -26.41 -33.67 -56.22
CA VAL D 582 -27.02 -32.60 -55.44
C VAL D 582 -28.43 -33.00 -54.99
N HIS D 583 -29.22 -33.58 -55.90
CA HIS D 583 -30.59 -33.96 -55.53
C HIS D 583 -30.63 -35.16 -54.58
N LEU D 584 -29.54 -35.94 -54.53
CA LEU D 584 -29.48 -37.00 -53.52
C LEU D 584 -28.93 -36.48 -52.19
N GLN D 585 -28.04 -35.49 -52.21
CA GLN D 585 -27.55 -34.93 -50.95
C GLN D 585 -28.51 -33.93 -50.35
N LEU D 586 -29.56 -33.53 -51.08
CA LEU D 586 -30.64 -32.78 -50.46
C LEU D 586 -31.44 -33.65 -49.50
N HIS D 587 -31.43 -34.96 -49.70
CA HIS D 587 -32.16 -35.90 -48.85
C HIS D 587 -31.23 -36.71 -47.94
N GLY D 588 -29.98 -36.28 -47.80
CA GLY D 588 -29.07 -36.89 -46.85
C GLY D 588 -28.31 -38.11 -47.34
N PHE D 589 -28.36 -38.42 -48.64
CA PHE D 589 -27.67 -39.58 -49.20
C PHE D 589 -26.23 -39.20 -49.53
N SER D 590 -25.28 -39.89 -48.91
CA SER D 590 -23.86 -39.63 -49.17
C SER D 590 -23.47 -40.20 -50.52
N VAL D 591 -23.00 -39.33 -51.42
CA VAL D 591 -22.72 -39.69 -52.80
C VAL D 591 -21.25 -39.41 -53.10
N PHE D 592 -20.57 -40.39 -53.69
CA PHE D 592 -19.18 -40.22 -54.13
C PHE D 592 -19.14 -39.82 -55.60
N ILE D 593 -18.23 -38.90 -55.92
CA ILE D 593 -18.07 -38.38 -57.28
C ILE D 593 -16.56 -38.34 -57.53
N ASP D 594 -16.15 -37.76 -58.67
CA ASP D 594 -14.76 -37.59 -59.15
C ASP D 594 -14.09 -38.92 -59.40
N VAL D 595 -14.65 -39.70 -60.34
CA VAL D 595 -13.97 -40.86 -60.88
C VAL D 595 -12.75 -40.41 -61.70
N GLU D 596 -12.88 -39.27 -62.38
CA GLU D 596 -11.80 -38.69 -63.18
C GLU D 596 -10.60 -38.25 -62.33
N LYS D 597 -10.82 -37.95 -61.05
CA LYS D 597 -9.71 -37.67 -60.15
C LYS D 597 -8.88 -38.92 -59.89
N LEU D 598 -9.52 -40.09 -59.87
CA LEU D 598 -8.83 -41.37 -59.72
C LEU D 598 -8.28 -41.91 -61.03
N GLU D 599 -8.41 -41.17 -62.13
CA GLU D 599 -7.88 -41.58 -63.44
C GLU D 599 -6.49 -41.05 -63.70
N ALA D 600 -5.73 -40.73 -62.64
CA ALA D 600 -4.38 -40.21 -62.77
C ALA D 600 -3.31 -41.28 -62.60
N GLY D 601 -3.58 -42.50 -63.03
CA GLY D 601 -2.65 -43.60 -62.87
C GLY D 601 -2.97 -44.56 -61.74
N LYS D 602 -3.95 -44.24 -60.91
CA LYS D 602 -4.37 -45.12 -59.82
C LYS D 602 -5.28 -46.19 -60.40
N PHE D 603 -4.77 -47.43 -60.47
CA PHE D 603 -5.41 -48.46 -61.26
C PHE D 603 -6.64 -49.04 -60.55
N GLU D 604 -6.42 -49.71 -59.42
CA GLU D 604 -7.52 -50.28 -58.64
C GLU D 604 -7.34 -50.10 -57.14
N ASP D 605 -6.55 -49.11 -56.70
CA ASP D 605 -6.28 -48.98 -55.27
C ASP D 605 -7.43 -48.32 -54.52
N LYS D 606 -8.19 -47.45 -55.18
CA LYS D 606 -9.28 -46.75 -54.54
C LYS D 606 -10.65 -47.01 -55.15
N LEU D 607 -10.72 -47.52 -56.38
CA LEU D 607 -12.01 -47.85 -56.98
C LEU D 607 -12.68 -49.02 -56.25
N ILE D 608 -11.88 -49.99 -55.82
CA ILE D 608 -12.43 -51.13 -55.07
C ILE D 608 -12.92 -50.67 -53.70
N GLN D 609 -12.15 -49.80 -53.03
CA GLN D 609 -12.55 -49.26 -51.74
C GLN D 609 -13.75 -48.32 -51.86
N SER D 610 -13.97 -47.73 -53.03
CA SER D 610 -15.15 -46.90 -53.23
C SER D 610 -16.39 -47.75 -53.50
N VAL D 611 -16.28 -48.76 -54.37
CA VAL D 611 -17.45 -49.53 -54.78
C VAL D 611 -17.87 -50.52 -53.68
N MET D 612 -16.90 -51.14 -52.99
CA MET D 612 -17.22 -52.04 -51.89
C MET D 612 -17.87 -51.31 -50.72
N GLY D 613 -17.50 -50.04 -50.51
CA GLY D 613 -18.15 -49.23 -49.50
C GLY D 613 -19.47 -48.63 -49.95
N ALA D 614 -19.72 -48.58 -51.26
CA ALA D 614 -20.92 -47.96 -51.82
C ALA D 614 -22.11 -48.87 -51.58
N ARG D 615 -23.17 -48.31 -50.99
CA ARG D 615 -24.40 -49.06 -50.78
C ARG D 615 -25.19 -49.25 -52.08
N ASN D 616 -25.13 -48.29 -53.00
CA ASN D 616 -25.87 -48.37 -54.24
C ASN D 616 -25.01 -48.04 -55.44
N PHE D 617 -25.62 -47.93 -56.62
CA PHE D 617 -24.88 -47.62 -57.84
C PHE D 617 -25.82 -46.93 -58.82
N VAL D 618 -25.36 -45.81 -59.39
CA VAL D 618 -26.10 -45.06 -60.39
C VAL D 618 -25.23 -44.96 -61.64
N LEU D 619 -25.76 -45.40 -62.78
CA LEU D 619 -25.03 -45.38 -64.05
C LEU D 619 -25.64 -44.30 -64.94
N VAL D 620 -24.95 -43.17 -65.04
CA VAL D 620 -25.37 -42.08 -65.91
C VAL D 620 -25.11 -42.47 -67.35
N LEU D 621 -26.19 -42.57 -68.14
CA LEU D 621 -26.09 -42.93 -69.55
C LEU D 621 -26.26 -41.67 -70.39
N SER D 622 -25.13 -41.06 -70.75
CA SER D 622 -25.10 -39.92 -71.65
C SER D 622 -25.35 -40.39 -73.08
N PRO D 623 -25.67 -39.47 -74.01
CA PRO D 623 -25.67 -39.85 -75.43
C PRO D 623 -24.27 -40.24 -75.90
N GLY D 624 -24.09 -41.52 -76.19
CA GLY D 624 -22.76 -42.04 -76.47
C GLY D 624 -22.00 -42.46 -75.23
N ALA D 625 -22.70 -43.07 -74.26
CA ALA D 625 -22.05 -43.45 -73.01
C ALA D 625 -21.26 -44.74 -73.16
N LEU D 626 -21.88 -45.78 -73.71
CA LEU D 626 -21.24 -47.09 -73.84
C LEU D 626 -20.52 -47.26 -75.18
N ASP D 627 -20.07 -46.16 -75.79
CA ASP D 627 -19.33 -46.27 -77.05
C ASP D 627 -17.92 -46.80 -76.81
N LYS D 628 -17.25 -46.28 -75.78
CA LYS D 628 -15.90 -46.73 -75.47
C LYS D 628 -15.86 -48.07 -74.76
N CYS D 629 -16.99 -48.52 -74.21
CA CYS D 629 -17.05 -49.85 -73.60
C CYS D 629 -17.17 -50.97 -74.61
N MET D 630 -17.52 -50.66 -75.86
CA MET D 630 -17.61 -51.66 -76.91
C MET D 630 -16.20 -52.05 -77.36
N GLN D 631 -15.99 -53.36 -77.58
CA GLN D 631 -14.74 -53.97 -78.01
C GLN D 631 -13.58 -53.68 -77.05
N ASP D 632 -13.88 -53.53 -75.76
CA ASP D 632 -12.84 -53.30 -74.75
C ASP D 632 -12.55 -54.62 -74.05
N HIS D 633 -11.78 -55.46 -74.74
CA HIS D 633 -11.45 -56.80 -74.26
C HIS D 633 -10.17 -56.83 -73.45
N ASP D 634 -9.70 -55.67 -72.97
CA ASP D 634 -8.49 -55.61 -72.16
C ASP D 634 -8.70 -54.91 -70.82
N CYS D 635 -9.92 -54.45 -70.53
CA CYS D 635 -10.31 -53.76 -69.29
C CYS D 635 -9.46 -52.51 -69.06
N LYS D 636 -9.64 -51.56 -69.98
CA LYS D 636 -8.89 -50.30 -69.95
C LYS D 636 -9.79 -49.10 -69.69
N ASP D 637 -11.03 -49.13 -70.17
CA ASP D 637 -11.93 -48.01 -69.96
C ASP D 637 -12.43 -48.00 -68.52
N TRP D 638 -12.47 -46.80 -67.92
CA TRP D 638 -12.78 -46.67 -66.50
C TRP D 638 -14.25 -46.92 -66.21
N VAL D 639 -15.14 -46.53 -67.14
CA VAL D 639 -16.56 -46.82 -66.98
C VAL D 639 -16.79 -48.33 -67.08
N HIS D 640 -16.03 -49.00 -67.95
CA HIS D 640 -16.08 -50.46 -68.04
C HIS D 640 -15.58 -51.10 -66.76
N LYS D 641 -14.54 -50.52 -66.14
CA LYS D 641 -14.05 -51.02 -64.86
C LYS D 641 -15.10 -50.84 -63.77
N ALA D 642 -15.82 -49.72 -63.78
CA ALA D 642 -16.88 -49.49 -62.80
C ALA D 642 -18.04 -50.46 -63.00
N ILE D 643 -18.40 -50.76 -64.24
CA ILE D 643 -19.48 -51.70 -64.51
C ILE D 643 -19.10 -53.12 -64.11
N VAL D 644 -17.86 -53.53 -64.41
CA VAL D 644 -17.39 -54.87 -64.04
C VAL D 644 -17.28 -55.00 -62.52
N THR D 645 -16.83 -53.94 -61.84
CA THR D 645 -16.73 -53.97 -60.39
C THR D 645 -18.12 -53.98 -59.73
N ALA D 646 -19.08 -53.25 -60.30
CA ALA D 646 -20.43 -53.24 -59.75
C ALA D 646 -21.14 -54.56 -59.99
N LEU D 647 -20.87 -55.22 -61.12
CA LEU D 647 -21.44 -56.55 -61.34
C LEU D 647 -20.74 -57.63 -60.53
N SER D 648 -19.47 -57.42 -60.17
CA SER D 648 -18.80 -58.35 -59.27
C SER D 648 -19.32 -58.19 -57.84
N CYS D 649 -19.66 -56.95 -57.46
CA CYS D 649 -20.24 -56.73 -56.14
C CYS D 649 -21.71 -57.16 -56.09
N GLY D 650 -22.46 -56.95 -57.17
CA GLY D 650 -23.87 -57.27 -57.16
C GLY D 650 -24.75 -56.20 -56.55
N LYS D 651 -24.35 -54.93 -56.65
CA LYS D 651 -25.11 -53.86 -56.03
C LYS D 651 -26.31 -53.48 -56.89
N ASN D 652 -27.17 -52.61 -56.34
CA ASN D 652 -28.37 -52.16 -57.03
C ASN D 652 -28.02 -51.15 -58.10
N ILE D 653 -27.96 -51.60 -59.36
CA ILE D 653 -27.60 -50.71 -60.46
C ILE D 653 -28.86 -49.99 -60.96
N VAL D 654 -28.85 -48.67 -60.86
CA VAL D 654 -29.99 -47.86 -61.32
C VAL D 654 -29.50 -46.98 -62.47
N PRO D 655 -29.76 -47.36 -63.72
CA PRO D 655 -29.33 -46.52 -64.84
C PRO D 655 -30.20 -45.28 -64.99
N ILE D 656 -29.57 -44.20 -65.44
CA ILE D 656 -30.24 -42.93 -65.71
C ILE D 656 -30.02 -42.60 -67.19
N ILE D 657 -31.09 -42.59 -67.96
CA ILE D 657 -31.03 -42.44 -69.41
C ILE D 657 -31.40 -41.00 -69.76
N ASP D 658 -30.50 -40.31 -70.45
CA ASP D 658 -30.73 -38.95 -70.94
C ASP D 658 -30.61 -39.00 -72.46
N GLY D 659 -31.69 -39.39 -73.12
CA GLY D 659 -31.73 -39.48 -74.57
C GLY D 659 -30.75 -40.45 -75.19
N PHE D 660 -30.75 -41.70 -74.70
CA PHE D 660 -29.78 -42.68 -75.14
C PHE D 660 -30.49 -44.00 -75.40
N GLU D 661 -30.29 -44.55 -76.60
CA GLU D 661 -30.91 -45.82 -76.98
C GLU D 661 -30.15 -46.98 -76.36
N TRP D 662 -30.87 -48.06 -76.09
CA TRP D 662 -30.27 -49.25 -75.49
C TRP D 662 -29.38 -49.96 -76.50
N PRO D 663 -28.11 -50.23 -76.19
CA PRO D 663 -27.23 -50.89 -77.15
C PRO D 663 -27.49 -52.38 -77.28
N GLU D 664 -26.75 -53.00 -78.20
CA GLU D 664 -26.91 -54.42 -78.44
C GLU D 664 -26.18 -55.23 -77.37
N PRO D 665 -26.69 -56.42 -77.03
CA PRO D 665 -25.98 -57.26 -76.06
C PRO D 665 -24.72 -57.89 -76.62
N GLN D 666 -24.68 -58.17 -77.92
CA GLN D 666 -23.57 -58.92 -78.51
C GLN D 666 -22.35 -58.05 -78.80
N VAL D 667 -22.50 -56.72 -78.85
CA VAL D 667 -21.37 -55.86 -79.13
C VAL D 667 -20.55 -55.53 -77.89
N LEU D 668 -21.04 -55.86 -76.71
CA LEU D 668 -20.38 -55.65 -75.43
C LEU D 668 -19.69 -56.94 -74.98
N PRO D 669 -18.60 -56.82 -74.21
CA PRO D 669 -17.97 -58.03 -73.66
C PRO D 669 -18.86 -58.72 -72.63
N GLU D 670 -18.54 -59.99 -72.36
CA GLU D 670 -19.43 -60.84 -71.59
C GLU D 670 -19.43 -60.50 -70.10
N ASP D 671 -18.46 -59.72 -69.65
CA ASP D 671 -18.43 -59.30 -68.25
C ASP D 671 -19.28 -58.06 -67.97
N MET D 672 -20.01 -57.54 -68.97
CA MET D 672 -20.89 -56.41 -68.76
C MET D 672 -22.24 -56.53 -69.45
N GLN D 673 -22.62 -57.71 -69.94
CA GLN D 673 -23.88 -57.88 -70.65
C GLN D 673 -25.09 -57.93 -69.72
N ALA D 674 -24.90 -57.99 -68.41
CA ALA D 674 -26.00 -58.05 -67.47
C ALA D 674 -26.58 -56.68 -67.13
N VAL D 675 -25.99 -55.60 -67.62
CA VAL D 675 -26.46 -54.26 -67.28
C VAL D 675 -27.75 -53.92 -68.01
N LEU D 676 -28.07 -54.64 -69.09
CA LEU D 676 -29.26 -54.37 -69.89
C LEU D 676 -30.53 -54.93 -69.27
N THR D 677 -30.45 -55.61 -68.12
CA THR D 677 -31.62 -56.21 -67.48
C THR D 677 -32.02 -55.49 -66.20
N PHE D 678 -31.55 -54.27 -65.99
CA PHE D 678 -31.90 -53.48 -64.83
C PHE D 678 -32.95 -52.43 -65.20
N ASN D 679 -33.77 -52.07 -64.22
CA ASN D 679 -34.86 -51.12 -64.44
C ASN D 679 -34.29 -49.71 -64.47
N GLY D 680 -34.06 -49.21 -65.69
CA GLY D 680 -33.59 -47.85 -65.86
C GLY D 680 -34.69 -46.83 -65.72
N ILE D 681 -34.27 -45.59 -65.44
CA ILE D 681 -35.20 -44.47 -65.23
C ILE D 681 -34.88 -43.38 -66.25
N LYS D 682 -35.87 -43.02 -67.05
CA LYS D 682 -35.71 -41.94 -68.01
C LYS D 682 -35.69 -40.60 -67.30
N TRP D 683 -34.83 -39.70 -67.80
CA TRP D 683 -34.62 -38.40 -67.18
C TRP D 683 -35.42 -37.32 -67.92
N SER D 684 -36.11 -36.49 -67.15
CA SER D 684 -36.84 -35.33 -67.67
C SER D 684 -36.20 -34.07 -67.09
N HIS D 685 -35.80 -33.15 -67.96
CA HIS D 685 -35.08 -31.96 -67.52
C HIS D 685 -36.00 -30.91 -66.91
N GLU D 686 -37.30 -30.96 -67.20
CA GLU D 686 -38.25 -29.98 -66.69
C GLU D 686 -39.19 -30.56 -65.64
N TYR D 687 -39.06 -31.84 -65.30
CA TYR D 687 -39.86 -32.52 -64.28
C TYR D 687 -38.94 -33.32 -63.37
N GLN D 688 -37.90 -32.67 -62.87
CA GLN D 688 -36.81 -33.38 -62.21
C GLN D 688 -37.20 -33.91 -60.83
N GLU D 689 -38.12 -33.24 -60.14
CA GLU D 689 -38.40 -33.58 -58.75
C GLU D 689 -39.10 -34.92 -58.61
N ALA D 690 -40.07 -35.20 -59.49
CA ALA D 690 -40.73 -36.50 -59.48
C ALA D 690 -39.78 -37.62 -59.89
N THR D 691 -38.83 -37.32 -60.78
CA THR D 691 -37.84 -38.32 -61.16
C THR D 691 -36.88 -38.63 -60.02
N ILE D 692 -36.48 -37.60 -59.26
CA ILE D 692 -35.62 -37.83 -58.10
C ILE D 692 -36.37 -38.57 -57.00
N GLU D 693 -37.67 -38.29 -56.83
CA GLU D 693 -38.46 -39.07 -55.89
C GLU D 693 -38.63 -40.51 -56.34
N LYS D 694 -38.71 -40.76 -57.66
CA LYS D 694 -38.74 -42.12 -58.17
C LYS D 694 -37.41 -42.84 -57.94
N ILE D 695 -36.30 -42.09 -58.01
CA ILE D 695 -35.00 -42.66 -57.69
C ILE D 695 -34.90 -43.03 -56.21
N ILE D 696 -35.37 -42.13 -55.33
CA ILE D 696 -35.34 -42.36 -53.89
C ILE D 696 -36.26 -43.53 -53.50
N ARG D 697 -37.38 -43.70 -54.19
CA ARG D 697 -38.22 -44.88 -53.98
C ARG D 697 -37.59 -46.17 -54.50
N PHE D 698 -36.52 -46.09 -55.29
CA PHE D 698 -35.87 -47.26 -55.85
C PHE D 698 -34.47 -47.47 -55.27
N LEU D 699 -34.24 -46.97 -54.05
CA LEU D 699 -32.96 -47.15 -53.37
C LEU D 699 -33.21 -47.69 -51.96
N GLN D 700 -32.12 -48.02 -51.27
CA GLN D 700 -32.20 -48.53 -49.91
C GLN D 700 -31.90 -47.42 -48.90
N VAL E 61 -14.47 11.49 -78.94
CA VAL E 61 -15.00 11.13 -77.63
C VAL E 61 -16.47 11.50 -77.54
N GLN E 62 -16.78 12.77 -77.75
CA GLN E 62 -18.15 13.26 -77.69
C GLN E 62 -18.89 13.17 -79.01
N ASP E 63 -18.27 12.60 -80.05
CA ASP E 63 -18.96 12.46 -81.32
C ASP E 63 -19.99 11.33 -81.28
N ALA E 64 -19.66 10.23 -80.59
CA ALA E 64 -20.60 9.12 -80.45
C ALA E 64 -21.80 9.50 -79.60
N LEU E 65 -21.60 10.41 -78.64
CA LEU E 65 -22.70 10.93 -77.85
C LEU E 65 -23.66 11.73 -78.72
N GLU E 66 -23.13 12.62 -79.55
CA GLU E 66 -23.96 13.41 -80.46
C GLU E 66 -24.58 12.57 -81.57
N ARG E 67 -24.02 11.41 -81.88
CA ARG E 67 -24.66 10.52 -82.85
C ARG E 67 -25.72 9.64 -82.19
N ALA E 68 -25.57 9.34 -80.89
CA ALA E 68 -26.46 8.37 -80.25
C ALA E 68 -27.57 9.00 -79.44
N LEU E 69 -27.48 10.29 -79.09
CA LEU E 69 -28.58 10.91 -78.33
C LEU E 69 -29.86 11.14 -79.14
N PRO E 70 -29.86 11.79 -80.33
CA PRO E 70 -31.16 12.01 -81.00
C PRO E 70 -31.80 10.75 -81.57
N GLU E 71 -30.99 9.72 -81.88
CA GLU E 71 -31.56 8.44 -82.29
C GLU E 71 -32.34 7.79 -81.16
N LEU E 72 -31.80 7.83 -79.94
CA LEU E 72 -32.54 7.31 -78.80
C LEU E 72 -33.69 8.23 -78.41
N GLN E 73 -33.61 9.53 -78.70
CA GLN E 73 -34.75 10.42 -78.51
C GLN E 73 -35.90 10.02 -79.42
N GLN E 74 -35.62 9.80 -80.71
CA GLN E 74 -36.64 9.35 -81.65
C GLN E 74 -37.17 7.97 -81.30
N ALA E 75 -36.30 7.07 -80.84
CA ALA E 75 -36.73 5.72 -80.51
C ALA E 75 -37.58 5.68 -79.24
N LEU E 76 -37.22 6.46 -78.22
CA LEU E 76 -38.03 6.52 -77.01
C LEU E 76 -39.33 7.28 -77.24
N SER E 77 -39.34 8.24 -78.17
CA SER E 77 -40.61 8.87 -78.54
C SER E 77 -41.50 7.90 -79.30
N ALA E 78 -40.92 7.01 -80.11
CA ALA E 78 -41.71 5.98 -80.78
C ALA E 78 -42.23 4.95 -79.80
N LEU E 79 -41.43 4.63 -78.76
CA LEU E 79 -41.91 3.70 -77.74
C LEU E 79 -42.98 4.33 -76.86
N LYS E 80 -42.88 5.65 -76.61
CA LYS E 80 -43.87 6.32 -75.79
C LYS E 80 -45.17 6.55 -76.56
N GLN E 81 -45.09 6.80 -77.86
CA GLN E 81 -46.26 7.09 -78.68
C GLN E 81 -47.01 5.82 -79.12
N ALA E 82 -46.29 4.86 -79.71
CA ALA E 82 -46.94 3.67 -80.23
C ALA E 82 -47.25 2.69 -79.10
N GLY E 83 -48.45 2.11 -79.15
CA GLY E 83 -48.86 1.13 -78.17
C GLY E 83 -49.43 -0.12 -78.80
N GLY E 84 -48.87 -0.53 -79.93
CA GLY E 84 -49.34 -1.69 -80.65
C GLY E 84 -48.83 -3.00 -80.06
N ALA E 85 -48.97 -4.06 -80.87
CA ALA E 85 -48.59 -5.40 -80.42
C ALA E 85 -47.25 -5.86 -80.99
N ARG E 86 -46.83 -5.34 -82.14
CA ARG E 86 -45.58 -5.76 -82.76
C ARG E 86 -44.60 -4.63 -83.04
N ALA E 87 -45.07 -3.39 -83.22
CA ALA E 87 -44.16 -2.28 -83.45
C ALA E 87 -43.44 -1.86 -82.18
N VAL E 88 -44.05 -2.12 -81.01
CA VAL E 88 -43.42 -1.80 -79.74
C VAL E 88 -42.21 -2.70 -79.50
N GLY E 89 -42.35 -3.99 -79.83
CA GLY E 89 -41.21 -4.90 -79.73
C GLY E 89 -40.13 -4.58 -80.74
N ALA E 90 -40.52 -4.06 -81.91
CA ALA E 90 -39.53 -3.61 -82.89
C ALA E 90 -38.78 -2.38 -82.39
N GLY E 91 -39.47 -1.47 -81.71
CA GLY E 91 -38.79 -0.34 -81.11
C GLY E 91 -37.87 -0.74 -79.97
N LEU E 92 -38.29 -1.72 -79.18
CA LEU E 92 -37.42 -2.27 -78.13
C LEU E 92 -36.18 -2.94 -78.74
N ALA E 93 -36.36 -3.63 -79.87
CA ALA E 93 -35.23 -4.23 -80.57
C ALA E 93 -34.28 -3.17 -81.15
N GLU E 94 -34.83 -2.04 -81.62
CA GLU E 94 -33.97 -0.96 -82.11
C GLU E 94 -33.17 -0.32 -80.99
N VAL E 95 -33.82 -0.09 -79.83
CA VAL E 95 -33.11 0.48 -78.68
C VAL E 95 -32.06 -0.50 -78.16
N PHE E 96 -32.38 -1.80 -78.14
CA PHE E 96 -31.43 -2.79 -77.65
C PHE E 96 -30.27 -2.99 -78.62
N GLN E 97 -30.52 -2.83 -79.92
CA GLN E 97 -29.44 -2.88 -80.90
C GLN E 97 -28.53 -1.66 -80.77
N LEU E 98 -29.10 -0.49 -80.48
CA LEU E 98 -28.26 0.69 -80.25
C LEU E 98 -27.47 0.55 -78.95
N VAL E 99 -28.04 -0.12 -77.96
CA VAL E 99 -27.32 -0.42 -76.72
C VAL E 99 -26.15 -1.39 -76.99
N GLU E 100 -26.38 -2.40 -77.83
CA GLU E 100 -25.31 -3.32 -78.23
C GLU E 100 -24.21 -2.59 -79.02
N GLU E 101 -24.59 -1.62 -79.85
CA GLU E 101 -23.59 -0.81 -80.54
C GLU E 101 -22.88 0.14 -79.58
N ALA E 102 -23.54 0.52 -78.48
CA ALA E 102 -22.92 1.44 -77.52
C ALA E 102 -21.90 0.73 -76.63
N TRP E 103 -22.17 -0.50 -76.20
CA TRP E 103 -21.25 -1.16 -75.28
C TRP E 103 -20.01 -1.72 -75.98
N LEU E 104 -20.06 -1.87 -77.31
CA LEU E 104 -18.98 -2.51 -78.05
C LEU E 104 -18.03 -1.52 -78.70
N LEU E 105 -17.74 -0.39 -78.05
CA LEU E 105 -16.74 0.54 -78.56
C LEU E 105 -15.47 0.39 -77.75
N PRO E 106 -14.30 0.24 -78.38
CA PRO E 106 -13.05 0.04 -77.62
C PRO E 106 -12.61 1.31 -76.92
N ALA E 107 -12.68 1.29 -75.58
CA ALA E 107 -12.23 2.35 -74.67
C ALA E 107 -12.93 3.69 -74.91
N VAL E 108 -14.12 3.67 -75.51
CA VAL E 108 -14.89 4.88 -75.77
C VAL E 108 -16.28 4.71 -75.17
N GLY E 109 -16.91 3.58 -75.47
CA GLY E 109 -18.31 3.33 -75.18
C GLY E 109 -18.69 3.12 -73.73
N ARG E 110 -17.74 3.18 -72.79
CA ARG E 110 -18.09 3.06 -71.38
C ARG E 110 -18.84 4.29 -70.89
N GLU E 111 -18.21 5.47 -70.99
CA GLU E 111 -18.87 6.71 -70.62
C GLU E 111 -20.01 7.05 -71.58
N VAL E 112 -19.91 6.61 -72.83
CA VAL E 112 -21.00 6.80 -73.79
C VAL E 112 -22.23 5.99 -73.39
N ALA E 113 -22.04 4.73 -72.98
CA ALA E 113 -23.14 3.90 -72.53
C ALA E 113 -23.72 4.39 -71.21
N GLN E 114 -22.86 4.91 -70.31
CA GLN E 114 -23.37 5.52 -69.09
C GLN E 114 -24.20 6.78 -69.38
N GLY E 115 -23.77 7.60 -70.33
CA GLY E 115 -24.56 8.76 -70.71
C GLY E 115 -25.86 8.41 -71.39
N LEU E 116 -25.86 7.33 -72.18
CA LEU E 116 -27.11 6.91 -72.81
C LEU E 116 -28.07 6.28 -71.80
N CYS E 117 -27.54 5.60 -70.78
CA CYS E 117 -28.41 5.12 -69.70
C CYS E 117 -28.96 6.28 -68.89
N ASP E 118 -28.16 7.34 -68.71
CA ASP E 118 -28.66 8.55 -68.05
C ASP E 118 -29.75 9.22 -68.89
N ALA E 119 -29.61 9.18 -70.22
CA ALA E 119 -30.62 9.78 -71.10
C ALA E 119 -31.89 8.95 -71.11
N ILE E 120 -31.78 7.63 -70.99
CA ILE E 120 -32.96 6.77 -70.86
C ILE E 120 -33.65 7.02 -69.52
N ARG E 121 -32.88 7.21 -68.44
CA ARG E 121 -33.46 7.43 -67.12
C ARG E 121 -34.15 8.78 -67.02
N LEU E 122 -33.51 9.85 -67.51
CA LEU E 122 -34.07 11.19 -67.41
C LEU E 122 -35.25 11.41 -68.35
N ASP E 123 -35.40 10.59 -69.40
CA ASP E 123 -36.56 10.69 -70.26
C ASP E 123 -37.80 10.07 -69.62
N GLY E 124 -37.61 9.13 -68.70
CA GLY E 124 -38.71 8.39 -68.13
C GLY E 124 -38.92 7.02 -68.73
N GLY E 125 -37.95 6.52 -69.51
CA GLY E 125 -38.11 5.23 -70.16
C GLY E 125 -37.97 4.04 -69.24
N LEU E 126 -37.40 4.24 -68.05
CA LEU E 126 -37.29 3.14 -67.09
C LEU E 126 -38.67 2.77 -66.53
N ASP E 127 -39.50 3.78 -66.24
CA ASP E 127 -40.89 3.50 -65.87
C ASP E 127 -41.67 2.90 -67.03
N LEU E 128 -41.32 3.26 -68.27
CA LEU E 128 -41.92 2.64 -69.44
C LEU E 128 -41.56 1.15 -69.51
N LEU E 129 -40.30 0.82 -69.22
CA LEU E 129 -39.91 -0.58 -69.20
C LEU E 129 -40.56 -1.33 -68.05
N LEU E 130 -40.73 -0.68 -66.89
CA LEU E 130 -41.46 -1.30 -65.79
C LEU E 130 -42.93 -1.49 -66.10
N ARG E 131 -43.51 -0.65 -66.96
CA ARG E 131 -44.88 -0.89 -67.41
C ARG E 131 -44.94 -2.04 -68.41
N LEU E 132 -43.97 -2.11 -69.32
CA LEU E 132 -43.95 -3.18 -70.32
C LEU E 132 -43.56 -4.54 -69.75
N LEU E 133 -42.91 -4.58 -68.57
CA LEU E 133 -42.69 -5.85 -67.88
C LEU E 133 -43.98 -6.45 -67.33
N GLN E 134 -45.02 -5.64 -67.12
CA GLN E 134 -46.33 -6.14 -66.71
C GLN E 134 -47.28 -6.33 -67.88
N ALA E 135 -46.77 -6.37 -69.10
CA ALA E 135 -47.62 -6.58 -70.26
C ALA E 135 -48.02 -8.05 -70.36
N PRO E 136 -49.25 -8.34 -70.78
CA PRO E 136 -49.68 -9.75 -70.90
C PRO E 136 -49.06 -10.48 -72.07
N GLU E 137 -48.51 -9.78 -73.05
CA GLU E 137 -47.86 -10.43 -74.19
C GLU E 137 -46.48 -10.91 -73.78
N LEU E 138 -46.02 -12.00 -74.41
CA LEU E 138 -44.75 -12.60 -74.01
C LEU E 138 -43.57 -11.96 -74.74
N GLU E 139 -43.76 -11.60 -76.02
CA GLU E 139 -42.66 -11.11 -76.85
C GLU E 139 -42.18 -9.73 -76.41
N THR E 140 -43.11 -8.79 -76.19
CA THR E 140 -42.71 -7.49 -75.68
C THR E 140 -42.18 -7.59 -74.26
N ARG E 141 -42.61 -8.60 -73.50
CA ARG E 141 -42.06 -8.84 -72.17
C ARG E 141 -40.61 -9.29 -72.24
N VAL E 142 -40.27 -10.20 -73.16
CA VAL E 142 -38.88 -10.66 -73.21
C VAL E 142 -37.97 -9.60 -73.83
N GLN E 143 -38.47 -8.80 -74.79
CA GLN E 143 -37.61 -7.71 -75.27
C GLN E 143 -37.45 -6.59 -74.23
N ALA E 144 -38.49 -6.31 -73.43
CA ALA E 144 -38.36 -5.31 -72.38
C ALA E 144 -37.42 -5.80 -71.28
N ALA E 145 -37.45 -7.10 -70.98
CA ALA E 145 -36.53 -7.65 -69.99
C ALA E 145 -35.09 -7.63 -70.49
N ARG E 146 -34.87 -7.99 -71.76
CA ARG E 146 -33.51 -7.97 -72.29
C ARG E 146 -32.99 -6.55 -72.49
N LEU E 147 -33.89 -5.58 -72.66
CA LEU E 147 -33.45 -4.19 -72.68
C LEU E 147 -33.14 -3.67 -71.28
N LEU E 148 -33.91 -4.10 -70.28
CA LEU E 148 -33.68 -3.67 -68.91
C LEU E 148 -32.42 -4.32 -68.33
N GLU E 149 -32.02 -5.48 -68.89
CA GLU E 149 -30.84 -6.18 -68.40
C GLU E 149 -29.56 -5.40 -68.62
N GLN E 150 -29.42 -4.74 -69.77
CA GLN E 150 -28.14 -4.14 -70.17
C GLN E 150 -28.00 -2.67 -69.76
N ILE E 151 -28.92 -2.13 -68.95
CA ILE E 151 -28.88 -0.73 -68.57
C ILE E 151 -28.85 -0.52 -67.06
N LEU E 152 -28.52 -1.56 -66.29
CA LEU E 152 -28.53 -1.48 -64.83
C LEU E 152 -27.21 -0.92 -64.32
N VAL E 153 -27.08 0.40 -64.42
CA VAL E 153 -25.91 1.10 -63.89
C VAL E 153 -26.27 1.65 -62.52
N ALA E 154 -25.27 2.17 -61.79
CA ALA E 154 -25.43 2.52 -60.38
C ALA E 154 -26.44 3.64 -60.14
N GLU E 155 -26.71 4.47 -61.15
CA GLU E 155 -27.77 5.45 -61.03
C GLU E 155 -29.14 4.87 -61.38
N ASN E 156 -29.19 3.89 -62.28
CA ASN E 156 -30.46 3.23 -62.58
C ASN E 156 -30.88 2.27 -61.46
N ARG E 157 -29.90 1.67 -60.77
CA ARG E 157 -30.21 0.68 -59.74
C ARG E 157 -30.91 1.31 -58.54
N ASP E 158 -30.65 2.59 -58.29
CA ASP E 158 -31.38 3.30 -57.24
C ASP E 158 -32.86 3.45 -57.60
N ARG E 159 -33.14 3.75 -58.87
CA ARG E 159 -34.53 3.88 -59.32
C ARG E 159 -35.24 2.53 -59.31
N VAL E 160 -34.53 1.46 -59.68
CA VAL E 160 -35.14 0.13 -59.66
C VAL E 160 -35.36 -0.33 -58.22
N ALA E 161 -34.46 0.05 -57.31
CA ALA E 161 -34.67 -0.25 -55.89
C ALA E 161 -35.82 0.56 -55.31
N ARG E 162 -36.07 1.75 -55.86
CA ARG E 162 -37.22 2.54 -55.41
C ARG E 162 -38.54 1.94 -55.90
N ILE E 163 -38.67 1.70 -57.20
CA ILE E 163 -39.95 1.30 -57.80
C ILE E 163 -39.91 -0.14 -58.31
N GLY E 164 -38.90 -0.48 -59.12
CA GLY E 164 -38.83 -1.72 -59.85
C GLY E 164 -38.79 -3.02 -59.06
N LEU E 165 -38.56 -2.96 -57.75
CA LEU E 165 -38.67 -4.16 -56.93
C LEU E 165 -40.13 -4.53 -56.74
N GLY E 166 -40.45 -5.79 -57.01
CA GLY E 166 -41.81 -6.27 -57.00
C GLY E 166 -42.39 -6.57 -58.37
N VAL E 167 -41.86 -5.95 -59.43
CA VAL E 167 -42.27 -6.22 -60.80
C VAL E 167 -41.35 -7.30 -61.35
N ILE E 168 -40.05 -7.13 -61.11
CA ILE E 168 -39.06 -8.15 -61.49
C ILE E 168 -39.24 -9.38 -60.60
N LEU E 169 -39.59 -9.16 -59.34
CA LEU E 169 -39.94 -10.24 -58.40
C LEU E 169 -41.16 -11.02 -58.86
N ASN E 170 -42.10 -10.38 -59.56
CA ASN E 170 -43.22 -11.08 -60.16
C ASN E 170 -42.78 -11.94 -61.33
N LEU E 171 -41.74 -11.49 -62.06
CA LEU E 171 -41.19 -12.32 -63.13
C LEU E 171 -40.32 -13.44 -62.59
N ALA E 172 -39.87 -13.33 -61.35
CA ALA E 172 -39.10 -14.41 -60.73
C ALA E 172 -39.93 -15.65 -60.47
N LYS E 173 -41.26 -15.54 -60.43
CA LYS E 173 -42.12 -16.70 -60.25
C LYS E 173 -42.33 -17.46 -61.55
N GLU E 174 -42.42 -16.77 -62.69
CA GLU E 174 -42.57 -17.42 -63.99
C GLU E 174 -41.21 -17.89 -64.43
N ARG E 175 -41.01 -19.22 -64.43
CA ARG E 175 -39.68 -19.80 -64.54
C ARG E 175 -39.51 -20.76 -65.71
N GLU E 176 -40.61 -21.23 -66.30
CA GLU E 176 -40.56 -22.25 -67.34
C GLU E 176 -39.98 -21.80 -68.69
N PRO E 177 -40.30 -20.64 -69.28
CA PRO E 177 -39.62 -20.27 -70.54
C PRO E 177 -38.18 -19.83 -70.30
N VAL E 178 -37.31 -20.15 -71.26
CA VAL E 178 -35.88 -19.86 -71.13
C VAL E 178 -35.59 -18.41 -71.48
N GLU E 179 -36.33 -17.84 -72.44
CA GLU E 179 -36.07 -16.48 -72.92
C GLU E 179 -36.40 -15.42 -71.87
N LEU E 180 -37.34 -15.67 -70.97
CA LEU E 180 -37.50 -14.80 -69.80
C LEU E 180 -36.36 -15.00 -68.82
N ALA E 181 -36.06 -16.26 -68.50
CA ALA E 181 -35.18 -16.58 -67.37
C ALA E 181 -33.74 -16.15 -67.62
N ARG E 182 -33.28 -16.23 -68.88
CA ARG E 182 -31.90 -15.86 -69.21
C ARG E 182 -31.64 -14.38 -68.95
N SER E 183 -32.66 -13.54 -69.12
CA SER E 183 -32.53 -12.12 -68.84
C SER E 183 -32.89 -11.74 -67.41
N VAL E 184 -33.89 -12.39 -66.81
CA VAL E 184 -34.29 -12.07 -65.45
C VAL E 184 -33.21 -12.50 -64.46
N ALA E 185 -32.46 -13.58 -64.78
CA ALA E 185 -31.29 -13.94 -63.99
C ALA E 185 -30.22 -12.86 -64.00
N GLY E 186 -30.00 -12.23 -65.15
CA GLY E 186 -29.02 -11.14 -65.21
C GLY E 186 -29.52 -9.87 -64.54
N ILE E 187 -30.83 -9.61 -64.61
CA ILE E 187 -31.40 -8.45 -63.93
C ILE E 187 -31.26 -8.61 -62.42
N LEU E 188 -31.56 -9.80 -61.90
CA LEU E 188 -31.38 -10.06 -60.47
C LEU E 188 -29.91 -10.07 -60.07
N GLU E 189 -29.05 -10.58 -60.97
CA GLU E 189 -27.59 -10.51 -60.81
C GLU E 189 -27.10 -9.09 -60.58
N HIS E 190 -27.50 -8.16 -61.45
CA HIS E 190 -27.05 -6.80 -61.27
C HIS E 190 -27.78 -6.09 -60.12
N MET E 191 -28.99 -6.53 -59.78
CA MET E 191 -29.69 -5.94 -58.64
C MET E 191 -29.21 -6.46 -57.29
N PHE E 192 -28.42 -7.54 -57.25
CA PHE E 192 -27.80 -7.88 -55.96
C PHE E 192 -26.65 -6.96 -55.59
N LYS E 193 -26.19 -6.09 -56.49
CA LYS E 193 -25.04 -5.23 -56.25
C LYS E 193 -25.42 -3.86 -55.69
N HIS E 194 -26.70 -3.63 -55.38
CA HIS E 194 -27.12 -2.30 -54.95
C HIS E 194 -26.77 -2.03 -53.49
N SER E 195 -27.38 -2.77 -52.57
CA SER E 195 -27.19 -2.54 -51.15
C SER E 195 -27.62 -3.80 -50.39
N GLU E 196 -27.53 -3.72 -49.06
CA GLU E 196 -27.94 -4.85 -48.23
C GLU E 196 -29.45 -4.93 -48.11
N GLU E 197 -30.15 -3.79 -48.20
CA GLU E 197 -31.61 -3.79 -48.11
C GLU E 197 -32.24 -4.49 -49.31
N THR E 198 -31.72 -4.23 -50.52
CA THR E 198 -32.21 -4.92 -51.70
C THR E 198 -31.90 -6.40 -51.67
N CYS E 199 -30.76 -6.79 -51.09
CA CYS E 199 -30.44 -8.21 -50.92
C CYS E 199 -31.39 -8.87 -49.93
N GLN E 200 -31.76 -8.18 -48.86
CA GLN E 200 -32.74 -8.72 -47.92
C GLN E 200 -34.12 -8.84 -48.55
N ARG E 201 -34.51 -7.85 -49.36
CA ARG E 201 -35.82 -7.88 -49.99
C ARG E 201 -35.89 -8.94 -51.10
N LEU E 202 -34.75 -9.26 -51.73
CA LEU E 202 -34.76 -10.32 -52.74
C LEU E 202 -34.66 -11.71 -52.12
N VAL E 203 -33.85 -11.87 -51.07
CA VAL E 203 -33.69 -13.20 -50.47
C VAL E 203 -34.89 -13.57 -49.61
N ALA E 204 -35.45 -12.62 -48.87
CA ALA E 204 -36.63 -12.92 -48.04
C ALA E 204 -37.86 -13.21 -48.88
N ALA E 205 -37.94 -12.60 -50.06
CA ALA E 205 -39.00 -12.91 -51.02
C ALA E 205 -38.51 -14.00 -51.98
N GLY E 206 -39.24 -14.23 -53.06
CA GLY E 206 -38.88 -15.29 -54.00
C GLY E 206 -37.91 -14.88 -55.08
N GLY E 207 -36.83 -14.19 -54.71
CA GLY E 207 -35.79 -13.82 -55.65
C GLY E 207 -34.62 -14.77 -55.61
N LEU E 208 -34.32 -15.29 -54.41
CA LEU E 208 -33.26 -16.29 -54.26
C LEU E 208 -33.71 -17.65 -54.78
N ASP E 209 -34.99 -17.98 -54.58
CA ASP E 209 -35.53 -19.26 -55.03
C ASP E 209 -35.53 -19.37 -56.55
N ALA E 210 -35.69 -18.25 -57.25
CA ALA E 210 -35.63 -18.26 -58.71
C ALA E 210 -34.23 -18.62 -59.20
N VAL E 211 -33.19 -18.07 -58.57
CA VAL E 211 -31.81 -18.40 -58.94
C VAL E 211 -31.48 -19.84 -58.56
N LEU E 212 -31.92 -20.28 -57.38
CA LEU E 212 -31.65 -21.65 -56.95
C LEU E 212 -32.44 -22.68 -57.74
N TYR E 213 -33.54 -22.29 -58.38
CA TYR E 213 -34.24 -23.20 -59.29
C TYR E 213 -33.63 -23.16 -60.68
N TRP E 214 -33.15 -21.99 -61.11
CA TRP E 214 -32.54 -21.83 -62.43
C TRP E 214 -31.13 -22.40 -62.49
N CYS E 215 -30.52 -22.72 -61.35
CA CYS E 215 -29.26 -23.48 -61.36
C CYS E 215 -29.41 -24.90 -61.92
N ARG E 216 -30.63 -25.43 -62.02
CA ARG E 216 -30.86 -26.76 -62.57
C ARG E 216 -30.72 -26.80 -64.09
N ARG E 217 -30.70 -25.66 -64.76
CA ARG E 217 -30.75 -25.62 -66.22
C ARG E 217 -29.39 -25.97 -66.81
N THR E 218 -29.36 -26.10 -68.14
CA THR E 218 -28.15 -26.41 -68.89
C THR E 218 -27.73 -25.29 -69.83
N ASP E 219 -28.34 -24.11 -69.72
CA ASP E 219 -27.99 -22.96 -70.55
C ASP E 219 -26.64 -22.41 -70.13
N PRO E 220 -25.64 -22.38 -71.02
CA PRO E 220 -24.29 -21.96 -70.60
C PRO E 220 -24.14 -20.46 -70.34
N ALA E 221 -25.17 -19.65 -70.52
CA ALA E 221 -25.13 -18.25 -70.13
C ALA E 221 -26.02 -17.95 -68.91
N LEU E 222 -27.15 -18.65 -68.80
CA LEU E 222 -28.03 -18.48 -67.66
C LEU E 222 -27.35 -18.97 -66.37
N LEU E 223 -26.55 -20.03 -66.47
CA LEU E 223 -25.78 -20.48 -65.31
C LEU E 223 -24.68 -19.50 -64.94
N ARG E 224 -24.11 -18.80 -65.93
CA ARG E 224 -23.17 -17.73 -65.64
C ARG E 224 -23.84 -16.58 -64.90
N HIS E 225 -25.05 -16.21 -65.34
CA HIS E 225 -25.81 -15.18 -64.65
C HIS E 225 -26.20 -15.60 -63.24
N CYS E 226 -26.53 -16.87 -63.04
CA CYS E 226 -26.86 -17.35 -61.70
C CYS E 226 -25.64 -17.41 -60.79
N ALA E 227 -24.49 -17.79 -61.34
CA ALA E 227 -23.24 -17.81 -60.56
C ALA E 227 -22.83 -16.41 -60.14
N LEU E 228 -22.91 -15.45 -61.07
CA LEU E 228 -22.61 -14.07 -60.73
C LEU E 228 -23.65 -13.47 -59.80
N ALA E 229 -24.92 -13.91 -59.90
CA ALA E 229 -25.95 -13.46 -58.99
C ALA E 229 -25.68 -13.93 -57.56
N LEU E 230 -25.34 -15.21 -57.39
CA LEU E 230 -25.04 -15.71 -56.06
C LEU E 230 -23.73 -15.13 -55.52
N GLY E 231 -22.76 -14.87 -56.39
CA GLY E 231 -21.53 -14.23 -55.94
C GLY E 231 -21.74 -12.80 -55.48
N ASN E 232 -22.53 -12.03 -56.23
CA ASN E 232 -22.81 -10.64 -55.85
C ASN E 232 -23.71 -10.58 -54.62
N CYS E 233 -24.61 -11.57 -54.46
CA CYS E 233 -25.44 -11.62 -53.28
C CYS E 233 -24.65 -12.03 -52.05
N ALA E 234 -23.62 -12.85 -52.22
CA ALA E 234 -22.74 -13.17 -51.11
C ALA E 234 -21.80 -12.01 -50.77
N LEU E 235 -21.40 -11.22 -51.78
CA LEU E 235 -20.54 -10.07 -51.51
C LEU E 235 -21.29 -8.90 -50.88
N HIS E 236 -22.51 -8.60 -51.33
CA HIS E 236 -23.22 -7.42 -50.89
C HIS E 236 -24.43 -7.70 -49.99
N GLY E 237 -24.57 -8.94 -49.49
CA GLY E 237 -25.76 -9.26 -48.72
C GLY E 237 -25.67 -8.96 -47.25
N GLY E 238 -24.70 -9.56 -46.55
CA GLY E 238 -24.61 -9.41 -45.11
C GLY E 238 -24.85 -10.70 -44.37
N GLN E 239 -24.94 -10.56 -43.04
CA GLN E 239 -25.02 -11.71 -42.14
C GLN E 239 -26.33 -12.49 -42.32
N ALA E 240 -27.46 -11.79 -42.20
CA ALA E 240 -28.75 -12.46 -42.32
C ALA E 240 -28.99 -12.98 -43.73
N VAL E 241 -28.44 -12.30 -44.73
CA VAL E 241 -28.56 -12.76 -46.11
C VAL E 241 -27.76 -14.05 -46.32
N GLN E 242 -26.55 -14.11 -45.77
CA GLN E 242 -25.76 -15.35 -45.85
C GLN E 242 -26.41 -16.48 -45.07
N ARG E 243 -27.05 -16.17 -43.93
CA ARG E 243 -27.75 -17.21 -43.18
C ARG E 243 -28.96 -17.74 -43.96
N ARG E 244 -29.73 -16.85 -44.59
CA ARG E 244 -30.90 -17.30 -45.33
C ARG E 244 -30.51 -17.96 -46.65
N MET E 245 -29.31 -17.69 -47.16
CA MET E 245 -28.84 -18.46 -48.31
C MET E 245 -28.36 -19.85 -47.91
N VAL E 246 -27.50 -19.96 -46.90
CA VAL E 246 -26.87 -21.23 -46.60
C VAL E 246 -27.79 -22.17 -45.81
N GLU E 247 -28.68 -21.63 -44.97
CA GLU E 247 -29.70 -22.47 -44.35
C GLU E 247 -30.71 -22.99 -45.37
N LYS E 248 -30.89 -22.28 -46.48
CA LYS E 248 -31.63 -22.80 -47.62
C LYS E 248 -30.73 -23.47 -48.65
N ARG E 249 -29.48 -23.75 -48.28
CA ARG E 249 -28.53 -24.58 -49.03
C ARG E 249 -28.20 -23.98 -50.41
N ALA E 250 -27.80 -22.70 -50.42
CA ALA E 250 -27.39 -22.08 -51.67
C ALA E 250 -26.01 -22.53 -52.13
N ALA E 251 -25.20 -23.05 -51.21
CA ALA E 251 -23.86 -23.51 -51.61
C ALA E 251 -23.93 -24.85 -52.33
N GLU E 252 -24.98 -25.64 -52.07
CA GLU E 252 -25.10 -26.95 -52.69
C GLU E 252 -25.52 -26.85 -54.15
N TRP E 253 -26.27 -25.81 -54.52
CA TRP E 253 -26.67 -25.65 -55.91
C TRP E 253 -25.53 -25.14 -56.80
N LEU E 254 -24.44 -24.67 -56.21
CA LEU E 254 -23.25 -24.26 -56.95
C LEU E 254 -22.36 -25.45 -57.33
N PHE E 255 -22.70 -26.66 -56.89
CA PHE E 255 -21.87 -27.82 -57.22
C PHE E 255 -21.93 -28.22 -58.70
N PRO E 256 -23.07 -28.22 -59.41
CA PRO E 256 -22.98 -28.38 -60.87
C PRO E 256 -22.40 -27.17 -61.57
N LEU E 257 -22.42 -26.01 -60.93
CA LEU E 257 -21.83 -24.80 -61.49
C LEU E 257 -20.33 -24.73 -61.25
N ALA E 258 -19.81 -25.51 -60.29
CA ALA E 258 -18.37 -25.55 -60.07
C ALA E 258 -17.69 -26.71 -60.77
N PHE E 259 -18.46 -27.61 -61.39
CA PHE E 259 -17.88 -28.81 -61.98
C PHE E 259 -18.06 -28.88 -63.49
N SER E 260 -18.95 -28.06 -64.06
CA SER E 260 -19.31 -28.16 -65.48
C SER E 260 -18.15 -27.78 -66.38
N LYS E 261 -17.68 -28.74 -67.17
CA LYS E 261 -16.50 -28.61 -68.01
C LYS E 261 -16.76 -27.91 -69.33
N GLU E 262 -17.94 -27.30 -69.51
CA GLU E 262 -18.27 -26.59 -70.73
C GLU E 262 -17.79 -25.14 -70.72
N ASP E 263 -17.78 -24.49 -69.56
CA ASP E 263 -17.32 -23.13 -69.42
C ASP E 263 -16.29 -23.03 -68.30
N GLU E 264 -15.29 -22.17 -68.49
CA GLU E 264 -14.25 -21.99 -67.49
C GLU E 264 -14.48 -20.78 -66.60
N LEU E 265 -15.15 -19.74 -67.11
CA LEU E 265 -15.51 -18.60 -66.26
C LEU E 265 -16.58 -18.98 -65.25
N LEU E 266 -17.47 -19.89 -65.63
CA LEU E 266 -18.62 -20.26 -64.81
C LEU E 266 -18.19 -20.97 -63.53
N ARG E 267 -17.23 -21.90 -63.64
CA ARG E 267 -16.70 -22.57 -62.47
C ARG E 267 -15.93 -21.61 -61.57
N LEU E 268 -15.24 -20.64 -62.18
CA LEU E 268 -14.50 -19.65 -61.39
C LEU E 268 -15.43 -18.75 -60.59
N HIS E 269 -16.54 -18.30 -61.19
CA HIS E 269 -17.46 -17.46 -60.43
C HIS E 269 -18.26 -18.28 -59.41
N ALA E 270 -18.50 -19.56 -59.70
CA ALA E 270 -19.11 -20.44 -58.70
C ALA E 270 -18.19 -20.66 -57.50
N CYS E 271 -16.90 -20.89 -57.75
CA CYS E 271 -15.95 -21.03 -56.64
C CYS E 271 -15.71 -19.71 -55.92
N LEU E 272 -15.86 -18.58 -56.61
CA LEU E 272 -15.86 -17.27 -55.94
C LEU E 272 -17.02 -17.14 -54.97
N ALA E 273 -18.22 -17.53 -55.39
CA ALA E 273 -19.38 -17.48 -54.49
C ALA E 273 -19.22 -18.44 -53.32
N VAL E 274 -18.65 -19.63 -53.58
CA VAL E 274 -18.38 -20.60 -52.51
C VAL E 274 -17.36 -20.05 -51.51
N ALA E 275 -16.31 -19.37 -52.01
CA ALA E 275 -15.29 -18.82 -51.12
C ALA E 275 -15.83 -17.66 -50.28
N VAL E 276 -16.65 -16.79 -50.89
CA VAL E 276 -17.20 -15.65 -50.15
C VAL E 276 -18.21 -16.14 -49.11
N LEU E 277 -18.96 -17.20 -49.42
CA LEU E 277 -19.79 -17.82 -48.39
C LEU E 277 -18.93 -18.53 -47.33
N ALA E 278 -17.74 -18.99 -47.70
CA ALA E 278 -16.86 -19.68 -46.77
C ALA E 278 -15.98 -18.73 -45.95
N THR E 279 -16.05 -17.42 -46.19
CA THR E 279 -15.34 -16.48 -45.33
C THR E 279 -16.07 -16.19 -44.02
N ASN E 280 -17.28 -16.71 -43.83
CA ASN E 280 -18.05 -16.48 -42.60
C ASN E 280 -17.84 -17.68 -41.67
N LYS E 281 -17.47 -17.39 -40.42
CA LYS E 281 -17.05 -18.45 -39.50
C LYS E 281 -18.22 -19.29 -39.00
N GLU E 282 -19.43 -18.73 -39.01
CA GLU E 282 -20.63 -19.46 -38.62
C GLU E 282 -21.22 -20.29 -39.76
N VAL E 283 -20.53 -20.34 -40.91
CA VAL E 283 -21.06 -20.93 -42.13
C VAL E 283 -20.20 -22.09 -42.64
N GLU E 284 -18.90 -22.13 -42.26
CA GLU E 284 -17.91 -22.99 -42.91
C GLU E 284 -18.20 -24.48 -42.74
N ARG E 285 -18.92 -24.86 -41.68
CA ARG E 285 -19.22 -26.26 -41.44
C ARG E 285 -20.18 -26.83 -42.49
N GLU E 286 -21.25 -26.09 -42.79
CA GLU E 286 -22.19 -26.55 -43.80
C GLU E 286 -21.60 -26.44 -45.21
N VAL E 287 -20.62 -25.55 -45.42
CA VAL E 287 -19.95 -25.47 -46.70
C VAL E 287 -19.00 -26.65 -46.89
N GLU E 288 -18.32 -27.07 -45.82
CA GLU E 288 -17.49 -28.27 -45.90
C GLU E 288 -18.35 -29.52 -46.04
N ARG E 289 -19.54 -29.52 -45.45
CA ARG E 289 -20.47 -30.62 -45.66
C ARG E 289 -21.11 -30.59 -47.04
N SER E 290 -21.11 -29.43 -47.71
CA SER E 290 -21.62 -29.35 -49.06
C SER E 290 -20.70 -30.04 -50.06
N GLY E 291 -19.39 -29.93 -49.85
CA GLY E 291 -18.42 -30.57 -50.71
C GLY E 291 -17.94 -29.73 -51.88
N THR E 292 -18.31 -28.46 -51.94
CA THR E 292 -17.90 -27.60 -53.04
C THR E 292 -16.52 -26.96 -52.85
N LEU E 293 -15.95 -27.08 -51.64
CA LEU E 293 -14.60 -26.57 -51.41
C LEU E 293 -13.53 -27.48 -52.00
N ALA E 294 -13.86 -28.75 -52.28
CA ALA E 294 -12.88 -29.67 -52.83
C ALA E 294 -12.57 -29.40 -54.30
N LEU E 295 -13.48 -28.73 -55.01
CA LEU E 295 -13.28 -28.43 -56.42
C LEU E 295 -12.66 -27.06 -56.66
N VAL E 296 -12.32 -26.32 -55.61
CA VAL E 296 -11.79 -24.97 -55.79
C VAL E 296 -10.31 -25.02 -56.15
N GLU E 297 -9.50 -25.67 -55.31
CA GLU E 297 -8.05 -25.69 -55.46
C GLU E 297 -7.53 -26.40 -56.71
N PRO E 298 -8.08 -27.55 -57.18
CA PRO E 298 -7.62 -28.05 -58.49
C PRO E 298 -8.05 -27.16 -59.66
N LEU E 299 -9.15 -26.44 -59.53
CA LEU E 299 -9.57 -25.51 -60.57
C LEU E 299 -8.60 -24.33 -60.67
N VAL E 300 -8.22 -23.77 -59.52
CA VAL E 300 -7.27 -22.65 -59.50
C VAL E 300 -5.88 -23.12 -59.92
N ALA E 301 -5.50 -24.34 -59.55
CA ALA E 301 -4.19 -24.86 -59.93
C ALA E 301 -4.14 -25.22 -61.40
N SER E 302 -5.27 -25.58 -62.00
CA SER E 302 -5.29 -26.03 -63.39
C SER E 302 -5.44 -24.90 -64.39
N LEU E 303 -5.66 -23.66 -63.95
CA LEU E 303 -5.86 -22.54 -64.84
C LEU E 303 -4.73 -21.54 -64.72
N ASP E 304 -4.68 -20.63 -65.70
CA ASP E 304 -3.64 -19.59 -65.74
C ASP E 304 -4.30 -18.22 -65.71
N PRO E 305 -3.83 -17.29 -64.86
CA PRO E 305 -4.50 -15.99 -64.76
C PRO E 305 -4.29 -15.07 -65.95
N GLY E 306 -3.26 -15.30 -66.78
CA GLY E 306 -3.03 -14.44 -67.92
C GLY E 306 -4.08 -14.58 -69.01
N ARG E 307 -4.55 -15.81 -69.24
CA ARG E 307 -5.59 -16.02 -70.25
C ARG E 307 -6.92 -15.43 -69.82
N PHE E 308 -7.26 -15.55 -68.54
CA PHE E 308 -8.47 -14.95 -68.00
C PHE E 308 -8.34 -13.44 -67.79
N ALA E 309 -7.12 -12.91 -67.78
CA ALA E 309 -6.93 -11.47 -67.81
C ALA E 309 -7.03 -10.91 -69.21
N ARG E 310 -6.59 -11.68 -70.21
CA ARG E 310 -6.80 -11.27 -71.60
C ARG E 310 -8.25 -11.44 -72.04
N CYS E 311 -8.97 -12.38 -71.40
CA CYS E 311 -10.36 -12.62 -71.78
C CYS E 311 -11.28 -11.51 -71.27
N LEU E 312 -11.13 -11.13 -70.00
CA LEU E 312 -11.94 -10.06 -69.42
C LEU E 312 -11.48 -8.70 -69.92
N GLN E 320 -13.13 -5.39 -68.55
CA GLN E 320 -11.85 -4.69 -68.53
C GLN E 320 -11.43 -4.37 -67.10
N GLY E 321 -11.63 -5.33 -66.20
CA GLY E 321 -11.29 -5.16 -64.80
C GLY E 321 -12.47 -4.71 -63.97
N ARG E 322 -12.18 -4.45 -62.70
CA ARG E 322 -13.19 -3.98 -61.75
C ARG E 322 -12.66 -2.75 -61.04
N GLY E 323 -13.59 -1.95 -60.52
CA GLY E 323 -13.26 -0.70 -59.88
C GLY E 323 -12.72 -0.90 -58.48
N PRO E 324 -12.32 0.21 -57.85
CA PRO E 324 -11.76 0.13 -56.49
C PRO E 324 -12.78 -0.28 -55.42
N ASP E 325 -14.07 -0.10 -55.68
CA ASP E 325 -15.08 -0.57 -54.73
C ASP E 325 -15.14 -2.09 -54.72
N ASP E 326 -15.03 -2.71 -55.89
CA ASP E 326 -15.07 -4.17 -55.97
C ASP E 326 -13.71 -4.79 -55.64
N LEU E 327 -12.63 -4.03 -55.79
CA LEU E 327 -11.31 -4.51 -55.36
C LEU E 327 -11.21 -4.62 -53.84
N GLN E 328 -12.01 -3.86 -53.09
CA GLN E 328 -12.02 -3.99 -51.64
C GLN E 328 -12.74 -5.26 -51.18
N ARG E 329 -13.49 -5.92 -52.07
CA ARG E 329 -14.14 -7.17 -51.71
C ARG E 329 -13.21 -8.37 -51.83
N LEU E 330 -12.13 -8.25 -52.61
CA LEU E 330 -11.19 -9.36 -52.80
C LEU E 330 -10.10 -9.40 -51.73
N VAL E 331 -9.93 -8.32 -50.98
CA VAL E 331 -8.90 -8.22 -49.94
C VAL E 331 -9.21 -9.07 -48.70
N PRO E 332 -10.42 -9.07 -48.10
CA PRO E 332 -10.63 -9.97 -46.94
C PRO E 332 -10.75 -11.45 -47.31
N LEU E 333 -10.71 -11.81 -48.60
CA LEU E 333 -10.59 -13.21 -48.97
C LEU E 333 -9.23 -13.78 -48.57
N LEU E 334 -8.20 -12.94 -48.47
CA LEU E 334 -6.87 -13.42 -48.17
C LEU E 334 -6.61 -13.47 -46.67
N ASP E 335 -7.26 -12.61 -45.89
CA ASP E 335 -7.07 -12.53 -44.46
C ASP E 335 -8.16 -13.26 -43.68
N SER E 336 -8.82 -14.25 -44.29
CA SER E 336 -9.84 -15.04 -43.63
C SER E 336 -9.43 -16.48 -43.41
N ASN E 337 -8.13 -16.76 -43.37
CA ASN E 337 -7.42 -18.00 -43.02
C ASN E 337 -8.02 -19.30 -43.55
N ARG E 338 -8.65 -19.23 -44.72
CA ARG E 338 -9.13 -20.42 -45.42
C ARG E 338 -8.34 -20.57 -46.71
N LEU E 339 -7.97 -21.81 -47.04
CA LEU E 339 -7.08 -22.07 -48.18
C LEU E 339 -7.76 -21.75 -49.51
N GLU E 340 -9.03 -22.13 -49.66
CA GLU E 340 -9.72 -21.94 -50.93
C GLU E 340 -10.01 -20.47 -51.19
N ALA E 341 -10.38 -19.72 -50.14
CA ALA E 341 -10.63 -18.29 -50.29
C ALA E 341 -9.35 -17.54 -50.61
N GLN E 342 -8.22 -17.95 -50.03
CA GLN E 342 -6.93 -17.34 -50.35
C GLN E 342 -6.51 -17.66 -51.77
N CYS E 343 -6.81 -18.87 -52.26
CA CYS E 343 -6.49 -19.22 -53.65
C CYS E 343 -7.33 -18.41 -54.64
N ILE E 344 -8.63 -18.27 -54.35
CA ILE E 344 -9.51 -17.46 -55.20
C ILE E 344 -9.07 -15.99 -55.21
N GLY E 345 -8.76 -15.46 -54.03
CA GLY E 345 -8.32 -14.07 -53.94
C GLY E 345 -6.99 -13.82 -54.62
N ALA E 346 -6.03 -14.75 -54.47
CA ALA E 346 -4.74 -14.61 -55.12
C ALA E 346 -4.85 -14.73 -56.64
N PHE E 347 -5.71 -15.63 -57.14
CA PHE E 347 -5.92 -15.78 -58.57
C PHE E 347 -6.56 -14.52 -59.18
N TYR E 348 -7.60 -14.01 -58.51
CA TYR E 348 -8.30 -12.84 -59.04
C TYR E 348 -7.44 -11.58 -58.95
N LEU E 349 -6.70 -11.40 -57.84
CA LEU E 349 -5.82 -10.26 -57.74
C LEU E 349 -4.61 -10.37 -58.65
N CYS E 350 -4.16 -11.58 -58.99
CA CYS E 350 -3.09 -11.72 -59.97
C CYS E 350 -3.56 -11.37 -61.37
N ALA E 351 -4.75 -11.84 -61.76
CA ALA E 351 -5.29 -11.52 -63.08
C ALA E 351 -5.60 -10.03 -63.21
N GLU E 352 -6.22 -9.45 -62.18
CA GLU E 352 -6.53 -8.02 -62.24
C GLU E 352 -5.30 -7.15 -62.00
N ALA E 353 -4.24 -7.68 -61.40
CA ALA E 353 -2.98 -6.95 -61.35
C ALA E 353 -2.29 -6.97 -62.69
N ALA E 354 -2.44 -8.05 -63.46
CA ALA E 354 -2.00 -8.05 -64.86
C ALA E 354 -2.78 -7.04 -65.68
N ILE E 355 -4.09 -6.93 -65.42
CA ILE E 355 -4.93 -5.95 -66.10
C ILE E 355 -4.49 -4.52 -65.77
N LYS E 356 -4.30 -4.21 -64.48
CA LYS E 356 -3.86 -2.89 -64.07
C LYS E 356 -2.40 -2.60 -64.41
N SER E 357 -1.57 -3.63 -64.65
CA SER E 357 -0.21 -3.45 -65.12
C SER E 357 -0.15 -3.23 -66.63
N LEU E 358 -1.14 -3.73 -67.37
CA LEU E 358 -1.29 -3.31 -68.76
C LEU E 358 -1.63 -1.83 -68.85
N GLN E 359 -2.41 -1.32 -67.91
CA GLN E 359 -2.71 0.10 -67.80
C GLN E 359 -1.69 0.76 -66.86
N GLY E 360 -1.96 1.99 -66.44
CA GLY E 360 -1.05 2.71 -65.56
C GLY E 360 -1.65 3.13 -64.24
N LYS E 361 -2.43 2.23 -63.63
CA LYS E 361 -3.13 2.55 -62.39
C LYS E 361 -2.82 1.53 -61.30
N THR E 362 -1.54 1.22 -61.09
CA THR E 362 -1.12 0.24 -60.10
C THR E 362 -1.07 0.80 -58.67
N LYS E 363 -1.45 2.06 -58.47
CA LYS E 363 -1.46 2.66 -57.14
C LYS E 363 -2.73 2.36 -56.35
N VAL E 364 -3.68 1.65 -56.96
CA VAL E 364 -4.93 1.33 -56.26
C VAL E 364 -4.69 0.24 -55.22
N PHE E 365 -3.81 -0.72 -55.54
CA PHE E 365 -3.50 -1.81 -54.60
C PHE E 365 -2.71 -1.30 -53.40
N SER E 366 -1.95 -0.21 -53.57
CA SER E 366 -1.26 0.39 -52.43
C SER E 366 -2.19 1.26 -51.60
N ASP E 367 -3.23 1.81 -52.22
CA ASP E 367 -4.20 2.60 -51.47
C ASP E 367 -5.11 1.70 -50.66
N ILE E 368 -5.55 0.58 -51.25
CA ILE E 368 -6.40 -0.36 -50.52
C ILE E 368 -5.59 -1.21 -49.55
N GLY E 369 -4.49 -1.81 -50.01
CA GLY E 369 -3.63 -2.58 -49.14
C GLY E 369 -3.59 -4.07 -49.36
N ALA E 370 -3.67 -4.53 -50.62
CA ALA E 370 -3.59 -5.96 -50.89
C ALA E 370 -2.14 -6.44 -51.01
N ILE E 371 -1.19 -5.51 -51.14
CA ILE E 371 0.21 -5.88 -51.34
C ILE E 371 0.80 -6.51 -50.08
N GLN E 372 0.49 -5.93 -48.91
CA GLN E 372 0.98 -6.50 -47.65
C GLN E 372 0.31 -7.84 -47.36
N SER E 373 -0.94 -8.02 -47.79
CA SER E 373 -1.59 -9.32 -47.65
C SER E 373 -0.96 -10.37 -48.57
N LEU E 374 -0.56 -9.97 -49.79
CA LEU E 374 0.18 -10.90 -50.65
C LEU E 374 1.56 -11.23 -50.08
N LYS E 375 2.20 -10.26 -49.42
CA LYS E 375 3.47 -10.53 -48.76
C LYS E 375 3.29 -11.49 -47.57
N ARG E 376 2.17 -11.36 -46.85
CA ARG E 376 1.86 -12.33 -45.79
C ARG E 376 1.56 -13.71 -46.37
N LEU E 377 0.95 -13.77 -47.57
CA LEU E 377 0.71 -15.04 -48.22
C LEU E 377 2.01 -15.71 -48.64
N VAL E 378 2.96 -14.94 -49.15
CA VAL E 378 4.24 -15.52 -49.56
C VAL E 378 5.06 -15.93 -48.35
N SER E 379 5.15 -15.06 -47.34
CA SER E 379 5.99 -15.33 -46.17
C SER E 379 5.40 -16.38 -45.23
N TYR E 380 4.12 -16.71 -45.36
CA TYR E 380 3.49 -17.75 -44.55
C TYR E 380 2.77 -18.77 -45.40
N SER E 381 3.42 -19.29 -46.44
CA SER E 381 2.77 -20.19 -47.38
C SER E 381 2.92 -21.65 -46.95
N THR E 382 1.82 -22.38 -47.00
CA THR E 382 1.81 -23.83 -46.83
C THR E 382 1.30 -24.51 -48.11
N ASN E 383 1.04 -23.72 -49.14
CA ASN E 383 0.56 -24.21 -50.42
C ASN E 383 1.38 -23.58 -51.53
N GLY E 384 1.69 -24.38 -52.56
CA GLY E 384 2.49 -23.87 -53.67
C GLY E 384 1.71 -23.02 -54.65
N THR E 385 0.41 -23.29 -54.80
CA THR E 385 -0.39 -22.61 -55.81
C THR E 385 -0.65 -21.16 -55.44
N LYS E 386 -1.14 -20.92 -54.21
CA LYS E 386 -1.42 -19.55 -53.78
C LYS E 386 -0.12 -18.75 -53.61
N SER E 387 0.97 -19.42 -53.25
CA SER E 387 2.27 -18.74 -53.18
C SER E 387 2.78 -18.36 -54.56
N ALA E 388 2.62 -19.23 -55.56
CA ALA E 388 3.04 -18.90 -56.92
C ALA E 388 2.18 -17.77 -57.50
N LEU E 389 0.88 -17.79 -57.20
CA LEU E 389 0.01 -16.71 -57.67
C LEU E 389 0.31 -15.39 -56.99
N ALA E 390 0.64 -15.42 -55.69
CA ALA E 390 0.99 -14.19 -54.99
C ALA E 390 2.35 -13.65 -55.43
N LYS E 391 3.30 -14.54 -55.74
CA LYS E 391 4.58 -14.09 -56.28
C LYS E 391 4.43 -13.50 -57.68
N ARG E 392 3.56 -14.10 -58.50
CA ARG E 392 3.31 -13.54 -59.83
C ARG E 392 2.57 -12.20 -59.74
N ALA E 393 1.68 -12.06 -58.75
CA ALA E 393 0.96 -10.80 -58.58
C ALA E 393 1.88 -9.70 -58.07
N LEU E 394 2.81 -10.04 -57.17
CA LEU E 394 3.78 -9.04 -56.72
C LEU E 394 4.86 -8.77 -57.77
N ARG E 395 5.10 -9.70 -58.68
CA ARG E 395 6.03 -9.48 -59.77
C ARG E 395 5.44 -8.59 -60.86
N LEU E 396 4.14 -8.74 -61.15
CA LEU E 396 3.49 -7.87 -62.13
C LEU E 396 3.28 -6.46 -61.60
N LEU E 397 3.37 -6.24 -60.28
CA LEU E 397 3.36 -4.91 -59.71
C LEU E 397 4.78 -4.36 -59.70
N GLY E 398 5.01 -3.25 -58.98
CA GLY E 398 6.28 -2.56 -58.99
C GLY E 398 7.17 -2.80 -57.79
N GLU E 399 6.91 -3.84 -56.98
CA GLU E 399 7.73 -4.12 -55.82
C GLU E 399 8.30 -5.53 -55.90
N GLU E 400 9.24 -5.81 -54.98
CA GLU E 400 9.94 -7.09 -54.97
C GLU E 400 9.08 -8.15 -54.28
N VAL E 401 9.39 -9.42 -54.57
CA VAL E 401 8.74 -10.54 -53.91
C VAL E 401 9.53 -10.93 -52.66
N PRO E 402 8.88 -11.32 -51.58
CA PRO E 402 9.60 -11.79 -50.39
C PRO E 402 9.92 -13.27 -50.51
N ARG E 403 10.70 -13.75 -49.54
CA ARG E 403 11.09 -15.15 -49.46
C ARG E 403 10.27 -15.88 -48.40
N PRO E 404 10.03 -17.18 -48.58
CA PRO E 404 9.42 -17.97 -47.50
C PRO E 404 10.39 -18.12 -46.33
N ILE E 405 9.88 -17.86 -45.13
CA ILE E 405 10.69 -17.84 -43.92
C ILE E 405 11.04 -19.26 -43.51
N LEU E 406 12.13 -19.39 -42.75
CA LEU E 406 12.48 -20.67 -42.17
C LEU E 406 11.60 -20.92 -40.95
N PRO E 407 10.85 -22.03 -40.90
CA PRO E 407 9.91 -22.24 -39.79
C PRO E 407 10.58 -22.56 -38.46
N SER E 408 11.84 -22.98 -38.44
CA SER E 408 12.53 -23.31 -37.19
C SER E 408 12.99 -22.01 -36.54
N VAL E 409 12.05 -21.35 -35.87
CA VAL E 409 12.24 -20.06 -35.20
C VAL E 409 13.20 -20.16 -34.01
N PRO E 410 13.18 -21.20 -33.15
CA PRO E 410 14.29 -21.33 -32.17
C PRO E 410 15.66 -21.58 -32.80
N SER E 411 15.73 -22.00 -34.06
CA SER E 411 17.00 -22.17 -34.76
C SER E 411 17.40 -20.92 -35.54
N TRP E 412 16.70 -19.81 -35.37
CA TRP E 412 17.04 -18.59 -36.09
C TRP E 412 18.28 -17.90 -35.50
N LYS E 413 19.12 -17.41 -36.39
CA LYS E 413 20.17 -16.46 -36.04
C LYS E 413 19.65 -15.04 -36.29
N GLU E 414 20.55 -14.06 -36.29
CA GLU E 414 20.15 -12.66 -36.41
C GLU E 414 19.64 -12.32 -37.80
N ALA E 415 20.21 -12.94 -38.85
CA ALA E 415 19.86 -12.58 -40.22
C ALA E 415 18.44 -13.02 -40.58
N GLU E 416 17.98 -14.14 -40.05
CA GLU E 416 16.59 -14.55 -40.27
C GLU E 416 15.62 -13.61 -39.57
N VAL E 417 16.01 -13.09 -38.41
CA VAL E 417 15.17 -12.10 -37.72
C VAL E 417 15.12 -10.80 -38.51
N GLN E 418 16.25 -10.39 -39.09
CA GLN E 418 16.27 -9.17 -39.92
C GLN E 418 15.44 -9.36 -41.19
N THR E 419 15.49 -10.56 -41.78
CA THR E 419 14.68 -10.85 -42.97
C THR E 419 13.20 -10.86 -42.63
N TRP E 420 12.83 -11.44 -41.47
CA TRP E 420 11.45 -11.42 -41.01
C TRP E 420 10.96 -10.00 -40.72
N LEU E 421 11.86 -9.13 -40.26
CA LEU E 421 11.52 -7.72 -40.12
C LEU E 421 11.29 -7.06 -41.48
N GLN E 422 12.13 -7.38 -42.47
CA GLN E 422 12.04 -6.71 -43.76
C GLN E 422 10.84 -7.19 -44.57
N GLN E 423 10.33 -8.39 -44.27
CA GLN E 423 9.25 -8.92 -45.11
C GLN E 423 7.85 -8.51 -44.68
N ILE E 424 7.66 -8.07 -43.42
CA ILE E 424 6.31 -7.79 -42.92
C ILE E 424 6.07 -6.33 -42.66
N GLY E 425 7.08 -5.47 -42.79
CA GLY E 425 6.89 -4.04 -42.63
C GLY E 425 7.44 -3.43 -41.37
N PHE E 426 8.56 -3.95 -40.85
CA PHE E 426 9.25 -3.35 -39.71
C PHE E 426 10.65 -2.90 -40.10
N SER E 427 10.77 -2.22 -41.25
CA SER E 427 12.06 -1.74 -41.73
C SER E 427 12.64 -0.62 -40.88
N LYS E 428 11.83 0.06 -40.07
CA LYS E 428 12.35 1.10 -39.19
C LYS E 428 13.12 0.51 -38.02
N TYR E 429 12.71 -0.65 -37.53
CA TYR E 429 13.33 -1.27 -36.37
C TYR E 429 14.34 -2.35 -36.73
N CYS E 430 14.90 -2.32 -37.95
CA CYS E 430 15.93 -3.28 -38.31
C CYS E 430 17.25 -2.98 -37.63
N GLU E 431 17.60 -1.70 -37.50
CA GLU E 431 18.83 -1.34 -36.80
C GLU E 431 18.66 -1.43 -35.28
N SER E 432 17.43 -1.49 -34.80
CA SER E 432 17.19 -1.59 -33.36
C SER E 432 17.47 -3.00 -32.84
N PHE E 433 17.10 -4.03 -33.61
CA PHE E 433 17.32 -5.39 -33.14
C PHE E 433 18.75 -5.85 -33.38
N ARG E 434 19.44 -5.24 -34.35
CA ARG E 434 20.79 -5.67 -34.69
C ARG E 434 21.80 -5.23 -33.64
N GLU E 435 21.62 -4.02 -33.09
CA GLU E 435 22.51 -3.54 -32.03
C GLU E 435 22.27 -4.29 -30.72
N GLN E 436 21.05 -4.77 -30.50
CA GLN E 436 20.72 -5.54 -29.30
C GLN E 436 20.99 -7.02 -29.46
N GLN E 437 21.34 -7.47 -30.67
CA GLN E 437 21.68 -8.87 -30.99
C GLN E 437 20.52 -9.82 -30.66
N VAL E 438 19.33 -9.50 -31.20
CA VAL E 438 18.15 -10.31 -30.97
C VAL E 438 18.09 -11.42 -32.01
N ASP E 439 18.16 -12.66 -31.54
CA ASP E 439 18.02 -13.84 -32.39
C ASP E 439 16.61 -14.40 -32.24
N GLY E 440 16.39 -15.60 -32.80
CA GLY E 440 15.07 -16.21 -32.72
C GLY E 440 14.68 -16.66 -31.33
N ASP E 441 15.67 -16.93 -30.47
CA ASP E 441 15.37 -17.30 -29.09
C ASP E 441 14.90 -16.09 -28.28
N LEU E 442 15.44 -14.92 -28.58
CA LEU E 442 15.00 -13.70 -27.90
C LEU E 442 13.73 -13.11 -28.52
N LEU E 443 13.44 -13.46 -29.77
CA LEU E 443 12.23 -12.96 -30.42
C LEU E 443 11.00 -13.67 -29.88
N LEU E 444 11.13 -14.97 -29.58
CA LEU E 444 10.04 -15.73 -28.98
C LEU E 444 9.78 -15.36 -27.52
N ARG E 445 10.72 -14.66 -26.87
CA ARG E 445 10.62 -14.34 -25.45
C ARG E 445 10.73 -12.83 -25.23
N LEU E 446 10.02 -12.04 -26.04
CA LEU E 446 10.07 -10.59 -25.96
C LEU E 446 8.76 -10.06 -25.39
N THR E 447 8.85 -9.04 -24.53
CA THR E 447 7.72 -8.56 -23.74
C THR E 447 7.49 -7.07 -23.98
N GLU E 448 6.63 -6.51 -23.12
CA GLU E 448 6.27 -5.10 -23.20
C GLU E 448 7.44 -4.19 -22.85
N GLU E 449 8.12 -4.49 -21.74
CA GLU E 449 9.10 -3.56 -21.18
C GLU E 449 10.38 -3.50 -22.01
N GLU E 450 10.79 -4.62 -22.60
CA GLU E 450 11.97 -4.61 -23.44
C GLU E 450 11.71 -3.92 -24.77
N LEU E 451 10.47 -3.99 -25.27
CA LEU E 451 10.09 -3.22 -26.45
C LEU E 451 10.03 -1.73 -26.13
N GLN E 452 9.57 -1.38 -24.92
CA GLN E 452 9.38 0.04 -24.59
C GLN E 452 10.71 0.73 -24.28
N THR E 453 11.54 0.10 -23.43
CA THR E 453 12.74 0.78 -22.94
C THR E 453 13.95 0.53 -23.82
N ASP E 454 14.27 -0.73 -24.08
CA ASP E 454 15.55 -1.10 -24.71
C ASP E 454 15.54 -0.95 -26.22
N LEU E 455 14.38 -1.02 -26.86
CA LEU E 455 14.28 -1.10 -28.31
C LEU E 455 13.79 0.19 -28.96
N GLY E 456 13.44 1.21 -28.18
CA GLY E 456 13.01 2.47 -28.72
C GLY E 456 11.63 2.45 -29.37
N MET E 457 10.82 1.45 -29.05
CA MET E 457 9.46 1.35 -29.56
C MET E 457 8.54 1.89 -28.47
N LYS E 458 8.40 3.22 -28.45
CA LYS E 458 7.68 3.88 -27.36
C LYS E 458 6.16 3.77 -27.52
N SER E 459 5.67 3.73 -28.74
CA SER E 459 4.23 3.70 -28.98
C SER E 459 3.67 2.32 -28.69
N GLY E 460 2.59 2.29 -27.89
CA GLY E 460 1.92 1.03 -27.58
C GLY E 460 1.14 0.45 -28.74
N ILE E 461 0.72 1.28 -29.69
CA ILE E 461 0.03 0.78 -30.88
C ILE E 461 1.01 0.06 -31.80
N THR E 462 2.23 0.60 -31.92
CA THR E 462 3.27 -0.09 -32.68
C THR E 462 3.69 -1.39 -31.99
N ARG E 463 3.73 -1.38 -30.65
CA ARG E 463 4.00 -2.61 -29.90
C ARG E 463 2.87 -3.63 -30.09
N LYS E 464 1.63 -3.16 -30.19
CA LYS E 464 0.51 -4.09 -30.35
C LYS E 464 0.47 -4.66 -31.76
N ARG E 465 0.85 -3.87 -32.76
CA ARG E 465 1.02 -4.39 -34.11
C ARG E 465 2.17 -5.40 -34.17
N PHE E 466 3.22 -5.15 -33.40
CA PHE E 466 4.33 -6.10 -33.33
C PHE E 466 3.91 -7.39 -32.63
N PHE E 467 3.04 -7.30 -31.62
CA PHE E 467 2.54 -8.52 -31.00
C PHE E 467 1.51 -9.25 -31.86
N ARG E 468 0.79 -8.55 -32.73
CA ARG E 468 -0.05 -9.24 -33.71
C ARG E 468 0.81 -10.01 -34.71
N GLU E 469 1.88 -9.38 -35.20
CA GLU E 469 2.81 -10.06 -36.09
C GLU E 469 3.55 -11.18 -35.36
N LEU E 470 3.78 -11.03 -34.05
CA LEU E 470 4.40 -12.09 -33.27
C LEU E 470 3.44 -13.26 -33.05
N THR E 471 2.15 -12.97 -32.89
CA THR E 471 1.13 -14.03 -32.84
C THR E 471 1.08 -14.79 -34.17
N GLU E 472 1.14 -14.06 -35.28
CA GLU E 472 1.15 -14.71 -36.61
C GLU E 472 2.42 -15.53 -36.82
N LEU E 473 3.54 -15.07 -36.25
CA LEU E 473 4.79 -15.83 -36.37
C LEU E 473 4.78 -17.07 -35.50
N LYS E 474 4.34 -16.94 -34.24
CA LYS E 474 4.39 -18.07 -33.32
C LYS E 474 3.25 -19.06 -33.56
N THR E 475 2.27 -18.70 -34.39
CA THR E 475 1.36 -19.70 -34.90
C THR E 475 2.04 -20.61 -35.93
N PHE E 476 2.70 -20.02 -36.93
CA PHE E 476 3.42 -20.78 -37.95
C PHE E 476 4.90 -20.86 -37.60
N ALA E 477 5.23 -21.86 -36.79
CA ALA E 477 6.59 -22.03 -36.30
C ALA E 477 6.90 -23.50 -36.06
N ASN E 478 8.16 -23.87 -36.29
CA ASN E 478 8.64 -25.22 -36.05
C ASN E 478 9.34 -25.25 -34.69
N TYR E 479 8.83 -26.07 -33.77
CA TYR E 479 9.40 -26.22 -32.44
C TYR E 479 10.03 -27.59 -32.24
N SER E 480 10.61 -28.16 -33.31
CA SER E 480 11.16 -29.51 -33.22
C SER E 480 12.43 -29.58 -32.39
N THR E 481 13.12 -28.46 -32.18
CA THR E 481 14.37 -28.46 -31.41
C THR E 481 14.12 -28.45 -29.90
N CYS E 482 12.89 -28.24 -29.44
CA CYS E 482 12.64 -28.16 -28.00
C CYS E 482 11.40 -28.90 -27.52
N ASP E 483 10.47 -29.30 -28.38
CA ASP E 483 9.21 -29.90 -27.96
C ASP E 483 9.43 -31.42 -27.89
N ARG E 484 9.32 -31.97 -26.68
CA ARG E 484 9.56 -33.39 -26.48
C ARG E 484 8.28 -34.21 -26.58
N SER E 485 7.16 -33.67 -26.13
CA SER E 485 5.91 -34.43 -26.00
C SER E 485 4.81 -33.96 -26.94
N ASN E 486 5.16 -33.17 -27.97
CA ASN E 486 4.22 -32.61 -28.96
C ASN E 486 3.13 -31.77 -28.28
N LEU E 487 3.57 -30.69 -27.64
CA LEU E 487 2.66 -29.80 -26.92
C LEU E 487 1.94 -28.83 -27.86
N ALA E 488 2.51 -28.56 -29.03
CA ALA E 488 1.89 -27.65 -29.98
C ALA E 488 0.61 -28.25 -30.58
N ASP E 489 0.60 -29.55 -30.81
CA ASP E 489 -0.63 -30.20 -31.25
C ASP E 489 -1.64 -30.36 -30.13
N TRP E 490 -1.19 -30.36 -28.88
CA TRP E 490 -2.13 -30.32 -27.75
C TRP E 490 -2.79 -28.95 -27.66
N LEU E 491 -2.02 -27.89 -27.90
CA LEU E 491 -2.58 -26.54 -27.88
C LEU E 491 -3.46 -26.29 -29.11
N GLY E 492 -3.11 -26.90 -30.24
CA GLY E 492 -3.87 -26.69 -31.47
C GLY E 492 -5.19 -27.42 -31.50
N SER E 493 -5.34 -28.50 -30.73
CA SER E 493 -6.58 -29.27 -30.68
C SER E 493 -7.68 -28.54 -29.91
N LEU E 494 -7.33 -27.55 -29.10
CA LEU E 494 -8.33 -26.78 -28.37
C LEU E 494 -8.79 -25.57 -29.17
N ASP E 495 -7.83 -24.80 -29.69
CA ASP E 495 -8.05 -23.54 -30.39
C ASP E 495 -6.77 -23.27 -31.17
N PRO E 496 -6.85 -23.01 -32.49
CA PRO E 496 -5.62 -22.79 -33.27
C PRO E 496 -4.87 -21.51 -32.92
N ARG E 497 -5.42 -20.62 -32.09
CA ARG E 497 -4.68 -19.46 -31.60
C ARG E 497 -3.96 -19.75 -30.28
N PHE E 498 -4.03 -20.97 -29.77
CA PHE E 498 -3.32 -21.35 -28.55
C PHE E 498 -1.89 -21.80 -28.82
N ARG E 499 -1.48 -21.94 -30.08
CA ARG E 499 -0.16 -22.47 -30.38
C ARG E 499 0.94 -21.43 -30.24
N GLN E 500 0.59 -20.18 -29.92
CA GLN E 500 1.61 -19.16 -29.68
C GLN E 500 2.34 -19.37 -28.35
N TYR E 501 1.71 -20.02 -27.38
CA TYR E 501 2.34 -20.21 -26.07
C TYR E 501 3.13 -21.52 -25.98
N THR E 502 3.44 -22.14 -27.12
CA THR E 502 4.21 -23.39 -27.13
C THR E 502 5.61 -23.17 -26.56
N TYR E 503 6.28 -22.11 -27.01
CA TYR E 503 7.60 -21.79 -26.47
C TYR E 503 7.53 -21.35 -25.02
N GLY E 504 6.46 -20.66 -24.63
CA GLY E 504 6.34 -20.20 -23.25
C GLY E 504 6.10 -21.34 -22.27
N LEU E 505 5.42 -22.40 -22.73
CA LEU E 505 5.20 -23.54 -21.83
C LEU E 505 6.34 -24.54 -21.91
N VAL E 506 7.02 -24.65 -23.06
CA VAL E 506 8.14 -25.57 -23.17
C VAL E 506 9.39 -25.01 -22.47
N SER E 507 9.60 -23.69 -22.55
CA SER E 507 10.79 -23.07 -21.96
C SER E 507 10.79 -23.10 -20.44
N CYS E 508 9.64 -23.34 -19.82
CA CYS E 508 9.57 -23.53 -18.38
C CYS E 508 9.85 -24.97 -17.97
N GLY E 509 10.08 -25.87 -18.93
CA GLY E 509 10.37 -27.25 -18.63
C GLY E 509 9.17 -28.18 -18.60
N LEU E 510 8.05 -27.78 -19.18
CA LEU E 510 6.83 -28.58 -19.08
C LEU E 510 6.69 -29.52 -20.28
N ASP E 511 5.84 -30.53 -20.10
CA ASP E 511 5.43 -31.44 -21.15
C ASP E 511 4.01 -31.92 -20.84
N ARG E 512 3.60 -33.02 -21.45
CA ARG E 512 2.24 -33.52 -21.23
C ARG E 512 2.06 -34.09 -19.82
N SER E 513 3.15 -34.57 -19.21
CA SER E 513 3.06 -35.24 -17.92
C SER E 513 3.26 -34.32 -16.73
N LEU E 514 3.28 -32.99 -16.93
CA LEU E 514 3.50 -32.06 -15.84
C LEU E 514 2.51 -30.91 -15.78
N LEU E 515 1.49 -30.89 -16.66
CA LEU E 515 0.57 -29.77 -16.68
C LEU E 515 -0.49 -29.85 -15.59
N HIS E 516 -0.64 -30.99 -14.92
CA HIS E 516 -1.68 -31.13 -13.90
C HIS E 516 -1.30 -30.51 -12.57
N ARG E 517 -0.06 -30.07 -12.39
CA ARG E 517 0.37 -29.40 -11.18
C ARG E 517 0.75 -27.94 -11.41
N VAL E 518 0.35 -27.37 -12.53
CA VAL E 518 0.63 -25.97 -12.86
C VAL E 518 -0.55 -25.13 -12.39
N SER E 519 -0.24 -23.98 -11.78
CA SER E 519 -1.26 -23.04 -11.32
C SER E 519 -1.40 -21.89 -12.31
N GLU E 520 -2.28 -20.94 -11.95
CA GLU E 520 -2.51 -19.77 -12.78
C GLU E 520 -1.36 -18.77 -12.69
N GLN E 521 -0.74 -18.66 -11.52
CA GLN E 521 0.39 -17.75 -11.35
C GLN E 521 1.61 -18.22 -12.14
N GLN E 522 1.78 -19.53 -12.28
CA GLN E 522 2.87 -20.07 -13.07
C GLN E 522 2.66 -19.82 -14.56
N LEU E 523 1.40 -19.76 -14.99
CA LEU E 523 1.12 -19.41 -16.38
C LEU E 523 1.22 -17.92 -16.62
N LEU E 524 0.92 -17.10 -15.62
CA LEU E 524 1.00 -15.65 -15.78
C LEU E 524 2.44 -15.16 -15.75
N GLU E 525 3.17 -15.50 -14.68
CA GLU E 525 4.51 -14.94 -14.48
C GLU E 525 5.54 -15.62 -15.38
N ASP E 526 5.55 -16.96 -15.39
CA ASP E 526 6.61 -17.70 -16.09
C ASP E 526 6.28 -17.94 -17.55
N CYS E 527 5.11 -18.51 -17.84
CA CYS E 527 4.72 -18.79 -19.22
C CYS E 527 4.31 -17.54 -19.99
N GLY E 528 3.94 -16.47 -19.30
CA GLY E 528 3.62 -15.22 -19.96
C GLY E 528 2.30 -15.19 -20.69
N ILE E 529 1.26 -15.79 -20.11
CA ILE E 529 -0.08 -15.78 -20.69
C ILE E 529 -0.83 -14.62 -20.07
N HIS E 530 -1.07 -13.57 -20.83
CA HIS E 530 -1.67 -12.35 -20.31
C HIS E 530 -3.18 -12.39 -20.24
N LEU E 531 -3.82 -13.24 -21.03
CA LEU E 531 -5.28 -13.33 -21.03
C LEU E 531 -5.73 -14.37 -20.02
N GLY E 532 -6.62 -13.98 -19.11
CA GLY E 532 -7.07 -14.90 -18.07
C GLY E 532 -8.05 -15.95 -18.57
N VAL E 533 -8.75 -15.65 -19.67
CA VAL E 533 -9.63 -16.63 -20.29
C VAL E 533 -8.82 -17.80 -20.84
N HIS E 534 -7.70 -17.48 -21.50
CA HIS E 534 -6.82 -18.53 -22.02
C HIS E 534 -6.16 -19.30 -20.89
N ARG E 535 -5.83 -18.62 -19.77
CA ARG E 535 -5.29 -19.32 -18.61
C ARG E 535 -6.31 -20.29 -18.01
N ALA E 536 -7.57 -19.87 -17.93
CA ALA E 536 -8.61 -20.73 -17.39
C ALA E 536 -8.87 -21.93 -18.30
N ARG E 537 -8.85 -21.71 -19.62
CA ARG E 537 -9.06 -22.81 -20.56
C ARG E 537 -7.89 -23.79 -20.55
N ILE E 538 -6.66 -23.30 -20.43
CA ILE E 538 -5.50 -24.18 -20.38
C ILE E 538 -5.48 -24.97 -19.08
N LEU E 539 -5.84 -24.34 -17.96
CA LEU E 539 -5.91 -25.07 -16.68
C LEU E 539 -7.03 -26.11 -16.69
N THR E 540 -8.19 -25.76 -17.25
CA THR E 540 -9.31 -26.69 -17.32
C THR E 540 -8.97 -27.89 -18.21
N ALA E 541 -8.36 -27.64 -19.38
CA ALA E 541 -8.00 -28.74 -20.26
C ALA E 541 -6.80 -29.53 -19.74
N ALA E 542 -5.98 -28.93 -18.88
CA ALA E 542 -4.90 -29.68 -18.27
C ALA E 542 -5.40 -30.55 -17.12
N ARG E 543 -6.50 -30.15 -16.48
CA ARG E 543 -7.01 -30.92 -15.36
C ARG E 543 -7.98 -32.01 -15.79
N GLU E 544 -8.81 -31.75 -16.82
CA GLU E 544 -9.94 -32.64 -17.06
C GLU E 544 -9.63 -33.83 -17.97
N MET E 545 -8.63 -33.74 -18.86
CA MET E 545 -8.39 -34.81 -19.81
C MET E 545 -6.99 -35.41 -19.76
N LEU E 546 -6.02 -34.72 -19.16
CA LEU E 546 -4.69 -35.29 -19.05
C LEU E 546 -4.61 -36.30 -17.91
N HIS E 547 -4.95 -35.87 -16.70
CA HIS E 547 -4.96 -36.76 -15.54
C HIS E 547 -6.20 -36.54 -14.69
N THR E 561 21.13 -57.25 -22.97
CA THR E 561 21.15 -58.68 -23.24
C THR E 561 20.56 -58.98 -24.61
N PRO E 562 21.42 -59.16 -25.61
CA PRO E 562 20.93 -59.48 -26.96
C PRO E 562 20.45 -60.93 -27.06
N ASP E 563 19.64 -61.19 -28.08
CA ASP E 563 19.07 -62.51 -28.29
C ASP E 563 19.61 -63.21 -29.54
N VAL E 564 20.09 -62.46 -30.54
CA VAL E 564 20.59 -63.04 -31.77
C VAL E 564 22.01 -62.52 -32.00
N PHE E 565 22.98 -63.44 -32.06
CA PHE E 565 24.35 -63.08 -32.37
C PHE E 565 24.67 -63.44 -33.80
N ILE E 566 25.33 -62.52 -34.50
CA ILE E 566 25.68 -62.68 -35.91
C ILE E 566 27.18 -62.54 -36.06
N SER E 567 27.82 -63.59 -36.57
CA SER E 567 29.22 -63.55 -36.97
C SER E 567 29.30 -63.47 -38.49
N TYR E 568 30.28 -62.71 -38.99
CA TYR E 568 30.37 -62.45 -40.42
C TYR E 568 31.82 -62.30 -40.83
N ARG E 569 32.06 -62.36 -42.13
CA ARG E 569 33.38 -62.15 -42.71
C ARG E 569 33.58 -60.67 -43.02
N ARG E 570 34.81 -60.20 -42.80
CA ARG E 570 35.16 -58.79 -42.94
C ARG E 570 35.01 -58.29 -44.37
N ASN E 571 35.26 -59.14 -45.36
CA ASN E 571 35.31 -58.70 -46.76
C ASN E 571 33.93 -58.45 -47.34
N SER E 572 33.09 -59.50 -47.43
CA SER E 572 31.82 -59.41 -48.11
C SER E 572 30.66 -59.92 -47.26
N GLY E 573 30.70 -59.71 -45.95
CA GLY E 573 29.63 -60.18 -45.08
C GLY E 573 28.98 -59.12 -44.22
N SER E 574 29.25 -57.85 -44.51
CA SER E 574 28.77 -56.78 -43.64
C SER E 574 27.33 -56.39 -44.00
N GLN E 575 27.05 -56.25 -45.29
CA GLN E 575 25.73 -55.76 -45.72
C GLN E 575 24.64 -56.79 -45.44
N LEU E 576 24.94 -58.07 -45.67
CA LEU E 576 23.97 -59.12 -45.37
C LEU E 576 23.70 -59.24 -43.88
N ALA E 577 24.75 -59.08 -43.05
CA ALA E 577 24.57 -59.13 -41.61
C ALA E 577 23.75 -57.95 -41.09
N SER E 578 24.01 -56.75 -41.63
CA SER E 578 23.23 -55.58 -41.25
C SER E 578 21.78 -55.71 -41.71
N LEU E 579 21.57 -56.30 -42.90
CA LEU E 579 20.20 -56.49 -43.39
C LEU E 579 19.45 -57.52 -42.56
N LEU E 580 20.13 -58.59 -42.14
CA LEU E 580 19.51 -59.56 -41.23
C LEU E 580 19.19 -58.94 -39.88
N LYS E 581 20.07 -58.06 -39.38
CA LYS E 581 19.82 -57.38 -38.11
C LYS E 581 18.62 -56.44 -38.21
N VAL E 582 18.48 -55.74 -39.33
CA VAL E 582 17.33 -54.84 -39.52
C VAL E 582 16.03 -55.64 -39.64
N HIS E 583 16.05 -56.72 -40.42
CA HIS E 583 14.83 -57.51 -40.60
C HIS E 583 14.47 -58.31 -39.35
N LEU E 584 15.43 -58.53 -38.45
CA LEU E 584 15.07 -59.15 -37.17
C LEU E 584 14.63 -58.10 -36.14
N GLN E 585 15.17 -56.88 -36.20
CA GLN E 585 14.72 -55.84 -35.28
C GLN E 585 13.41 -55.20 -35.73
N LEU E 586 12.94 -55.48 -36.95
CA LEU E 586 11.58 -55.10 -37.32
C LEU E 586 10.55 -55.92 -36.55
N HIS E 587 10.92 -57.12 -36.11
CA HIS E 587 10.02 -57.99 -35.36
C HIS E 587 10.35 -58.06 -33.87
N GLY E 588 11.18 -57.14 -33.38
CA GLY E 588 11.46 -57.03 -31.96
C GLY E 588 12.56 -57.92 -31.44
N PHE E 589 13.34 -58.56 -32.30
CA PHE E 589 14.43 -59.44 -31.87
C PHE E 589 15.68 -58.62 -31.63
N SER E 590 16.19 -58.65 -30.40
CA SER E 590 17.41 -57.92 -30.06
C SER E 590 18.63 -58.63 -30.65
N VAL E 591 19.37 -57.92 -31.51
CA VAL E 591 20.47 -58.51 -32.27
C VAL E 591 21.76 -57.75 -31.95
N PHE E 592 22.82 -58.49 -31.63
CA PHE E 592 24.13 -57.90 -31.41
C PHE E 592 24.96 -57.94 -32.69
N ILE E 593 25.69 -56.86 -32.93
CA ILE E 593 26.52 -56.71 -34.12
C ILE E 593 27.86 -56.13 -33.65
N ASP E 594 28.75 -55.77 -34.59
CA ASP E 594 30.07 -55.20 -34.39
C ASP E 594 31.00 -56.15 -33.65
N VAL E 595 31.26 -57.31 -34.28
CA VAL E 595 32.34 -58.18 -33.83
C VAL E 595 33.68 -57.53 -34.10
N GLU E 596 33.78 -56.77 -35.20
CA GLU E 596 34.99 -56.05 -35.56
C GLU E 596 35.35 -54.94 -34.58
N LYS E 597 34.38 -54.42 -33.85
CA LYS E 597 34.67 -53.47 -32.78
C LYS E 597 35.40 -54.15 -31.62
N LEU E 598 35.09 -55.43 -31.37
CA LEU E 598 35.79 -56.20 -30.35
C LEU E 598 37.09 -56.81 -30.84
N GLU E 599 37.50 -56.53 -32.07
CA GLU E 599 38.75 -57.03 -32.65
C GLU E 599 39.90 -56.07 -32.43
N ALA E 600 39.82 -55.19 -31.43
CA ALA E 600 40.87 -54.21 -31.14
C ALA E 600 41.81 -54.66 -30.03
N GLY E 601 42.06 -55.96 -29.91
CA GLY E 601 42.91 -56.48 -28.86
C GLY E 601 42.17 -57.14 -27.72
N LYS E 602 40.84 -57.03 -27.68
CA LYS E 602 40.03 -57.67 -26.64
C LYS E 602 39.86 -59.14 -27.00
N PHE E 603 40.53 -60.01 -26.26
CA PHE E 603 40.68 -61.40 -26.69
C PHE E 603 39.40 -62.21 -26.45
N GLU E 604 39.02 -62.38 -25.18
CA GLU E 604 37.81 -63.11 -24.84
C GLU E 604 37.03 -62.47 -23.69
N ASP E 605 37.21 -61.17 -23.44
CA ASP E 605 36.57 -60.54 -22.29
C ASP E 605 35.09 -60.23 -22.56
N LYS E 606 34.73 -59.98 -23.81
CA LYS E 606 33.36 -59.63 -24.16
C LYS E 606 32.70 -60.59 -25.12
N LEU E 607 33.46 -61.41 -25.86
CA LEU E 607 32.85 -62.39 -26.75
C LEU E 607 32.11 -63.47 -25.98
N ILE E 608 32.66 -63.87 -24.82
CA ILE E 608 31.99 -64.87 -23.99
C ILE E 608 30.72 -64.29 -23.38
N GLN E 609 30.78 -63.04 -22.92
CA GLN E 609 29.60 -62.37 -22.39
C GLN E 609 28.55 -62.08 -23.45
N SER E 610 28.96 -61.98 -24.72
CA SER E 610 27.99 -61.79 -25.79
C SER E 610 27.33 -63.12 -26.18
N VAL E 611 28.12 -64.19 -26.33
CA VAL E 611 27.57 -65.46 -26.81
C VAL E 611 26.78 -66.17 -25.72
N MET E 612 27.25 -66.13 -24.47
CA MET E 612 26.52 -66.74 -23.36
C MET E 612 25.19 -66.05 -23.11
N GLY E 613 25.12 -64.74 -23.38
CA GLY E 613 23.85 -64.03 -23.28
C GLY E 613 22.99 -64.16 -24.50
N ALA E 614 23.55 -64.59 -25.63
CA ALA E 614 22.82 -64.69 -26.89
C ALA E 614 21.91 -65.91 -26.85
N ARG E 615 20.62 -65.69 -27.15
CA ARG E 615 19.67 -66.79 -27.21
C ARG E 615 19.85 -67.63 -28.47
N ASN E 616 20.26 -67.03 -29.58
CA ASN E 616 20.41 -67.75 -30.83
C ASN E 616 21.75 -67.44 -31.49
N PHE E 617 21.94 -67.92 -32.72
CA PHE E 617 23.18 -67.70 -33.46
C PHE E 617 22.90 -67.74 -34.95
N VAL E 618 23.38 -66.74 -35.68
CA VAL E 618 23.26 -66.68 -37.13
C VAL E 618 24.66 -66.58 -37.72
N LEU E 619 24.99 -67.48 -38.62
CA LEU E 619 26.31 -67.53 -39.26
C LEU E 619 26.16 -67.08 -40.71
N VAL E 620 26.56 -65.84 -40.99
CA VAL E 620 26.53 -65.31 -42.35
C VAL E 620 27.66 -65.94 -43.15
N LEU E 621 27.30 -66.69 -44.20
CA LEU E 621 28.27 -67.36 -45.05
C LEU E 621 28.41 -66.57 -46.34
N SER E 622 29.39 -65.68 -46.38
CA SER E 622 29.73 -64.91 -47.56
C SER E 622 30.46 -65.83 -48.56
N PRO E 623 30.60 -65.42 -49.83
CA PRO E 623 31.50 -66.14 -50.73
C PRO E 623 32.95 -66.04 -50.27
N GLY E 624 33.50 -67.15 -49.82
CA GLY E 624 34.81 -67.14 -49.18
C GLY E 624 34.75 -66.85 -47.70
N ALA E 625 33.75 -67.39 -47.00
CA ALA E 625 33.59 -67.11 -45.57
C ALA E 625 34.54 -67.95 -44.73
N LEU E 626 34.56 -69.27 -44.95
CA LEU E 626 35.38 -70.17 -44.16
C LEU E 626 36.76 -70.40 -44.76
N ASP E 627 37.27 -69.44 -45.53
CA ASP E 627 38.62 -69.57 -46.09
C ASP E 627 39.68 -69.38 -45.02
N LYS E 628 39.52 -68.38 -44.16
CA LYS E 628 40.48 -68.12 -43.10
C LYS E 628 40.33 -69.08 -41.92
N CYS E 629 39.20 -69.79 -41.82
CA CYS E 629 39.03 -70.79 -40.78
C CYS E 629 39.74 -72.10 -41.09
N MET E 630 40.15 -72.31 -42.34
CA MET E 630 40.88 -73.50 -42.71
C MET E 630 42.32 -73.40 -42.22
N GLN E 631 42.85 -74.52 -41.71
CA GLN E 631 44.21 -74.66 -41.16
C GLN E 631 44.51 -73.66 -40.03
N ASP E 632 43.49 -73.29 -39.26
CA ASP E 632 43.66 -72.38 -38.12
C ASP E 632 43.72 -73.22 -36.86
N HIS E 633 44.88 -73.83 -36.64
CA HIS E 633 45.11 -74.72 -35.51
C HIS E 633 45.64 -73.99 -34.27
N ASP E 634 45.52 -72.66 -34.23
CA ASP E 634 45.99 -71.89 -33.09
C ASP E 634 44.91 -71.00 -32.49
N CYS E 635 43.69 -71.01 -33.04
CA CYS E 635 42.52 -70.24 -32.60
C CYS E 635 42.84 -68.73 -32.60
N LYS E 636 43.05 -68.24 -33.82
CA LYS E 636 43.39 -66.84 -34.04
C LYS E 636 42.33 -66.08 -34.80
N ASP E 637 41.63 -66.75 -35.73
CA ASP E 637 40.59 -66.08 -36.50
C ASP E 637 39.34 -65.88 -35.65
N TRP E 638 38.75 -64.69 -35.75
CA TRP E 638 37.63 -64.32 -34.88
C TRP E 638 36.35 -65.05 -35.23
N VAL E 639 36.13 -65.33 -36.51
CA VAL E 639 34.97 -66.13 -36.91
C VAL E 639 35.13 -67.56 -36.41
N HIS E 640 36.37 -68.07 -36.41
CA HIS E 640 36.64 -69.38 -35.83
C HIS E 640 36.40 -69.38 -34.33
N LYS E 641 36.74 -68.28 -33.65
CA LYS E 641 36.47 -68.15 -32.22
C LYS E 641 34.97 -68.13 -31.96
N ALA E 642 34.20 -67.46 -32.82
CA ALA E 642 32.75 -67.41 -32.67
C ALA E 642 32.12 -68.78 -32.90
N ILE E 643 32.64 -69.54 -33.88
CA ILE E 643 32.10 -70.88 -34.16
C ILE E 643 32.43 -71.84 -33.01
N VAL E 644 33.67 -71.78 -32.49
CA VAL E 644 34.06 -72.64 -31.36
C VAL E 644 33.27 -72.28 -30.11
N THR E 645 33.03 -70.99 -29.87
CA THR E 645 32.26 -70.58 -28.70
C THR E 645 30.79 -70.98 -28.84
N ALA E 646 30.24 -70.89 -30.05
CA ALA E 646 28.85 -71.28 -30.27
C ALA E 646 28.67 -72.79 -30.16
N LEU E 647 29.66 -73.57 -30.60
CA LEU E 647 29.59 -75.02 -30.42
C LEU E 647 29.86 -75.43 -28.98
N SER E 648 30.61 -74.64 -28.22
CA SER E 648 30.78 -74.92 -26.80
C SER E 648 29.50 -74.60 -26.03
N CYS E 649 28.78 -73.55 -26.46
CA CYS E 649 27.49 -73.24 -25.84
C CYS E 649 26.40 -74.19 -26.27
N GLY E 650 26.40 -74.63 -27.53
CA GLY E 650 25.34 -75.47 -28.04
C GLY E 650 24.10 -74.73 -28.48
N LYS E 651 24.23 -73.50 -28.94
CA LYS E 651 23.08 -72.71 -29.32
C LYS E 651 22.57 -73.11 -30.71
N ASN E 652 21.41 -72.55 -31.07
CA ASN E 652 20.79 -72.84 -32.35
C ASN E 652 21.52 -72.11 -33.48
N ILE E 653 22.38 -72.83 -34.20
CA ILE E 653 23.15 -72.22 -35.28
C ILE E 653 22.33 -72.25 -36.56
N VAL E 654 22.02 -71.07 -37.09
CA VAL E 654 21.27 -70.95 -38.34
C VAL E 654 22.16 -70.32 -39.39
N PRO E 655 22.76 -71.09 -40.29
CA PRO E 655 23.60 -70.50 -41.33
C PRO E 655 22.77 -69.81 -42.41
N ILE E 656 23.35 -68.75 -42.95
CA ILE E 656 22.75 -67.99 -44.06
C ILE E 656 23.73 -68.03 -45.22
N ILE E 657 23.34 -68.66 -46.31
CA ILE E 657 24.20 -68.91 -47.45
C ILE E 657 23.86 -67.91 -48.54
N ASP E 658 24.85 -67.12 -48.97
CA ASP E 658 24.70 -66.18 -50.06
C ASP E 658 25.71 -66.58 -51.14
N GLY E 659 25.32 -67.56 -51.97
CA GLY E 659 26.16 -68.05 -53.05
C GLY E 659 27.46 -68.67 -52.62
N PHE E 660 27.41 -69.61 -51.68
CA PHE E 660 28.61 -70.21 -51.11
C PHE E 660 28.45 -71.72 -51.02
N GLU E 661 29.42 -72.44 -51.59
CA GLU E 661 29.38 -73.89 -51.59
C GLU E 661 29.83 -74.43 -50.23
N TRP E 662 29.30 -75.59 -49.86
CA TRP E 662 29.64 -76.21 -48.58
C TRP E 662 31.06 -76.74 -48.62
N PRO E 663 31.92 -76.37 -47.67
CA PRO E 663 33.31 -76.84 -47.69
C PRO E 663 33.45 -78.28 -47.22
N GLU E 664 34.69 -78.78 -47.30
CA GLU E 664 34.97 -80.14 -46.90
C GLU E 664 35.06 -80.25 -45.38
N PRO E 665 34.67 -81.40 -44.82
CA PRO E 665 34.81 -81.56 -43.36
C PRO E 665 36.25 -81.76 -42.91
N GLN E 666 37.09 -82.35 -43.75
CA GLN E 666 38.45 -82.70 -43.35
C GLN E 666 39.43 -81.53 -43.40
N VAL E 667 39.09 -80.46 -44.12
CA VAL E 667 40.01 -79.31 -44.21
C VAL E 667 39.86 -78.36 -43.04
N LEU E 668 38.83 -78.51 -42.22
CA LEU E 668 38.55 -77.71 -41.03
C LEU E 668 39.07 -78.41 -39.79
N PRO E 669 39.44 -77.65 -38.75
CA PRO E 669 39.84 -78.29 -37.49
C PRO E 669 38.67 -78.97 -36.81
N GLU E 670 38.99 -79.88 -35.87
CA GLU E 670 37.98 -80.77 -35.30
C GLU E 670 37.06 -80.05 -34.34
N ASP E 671 37.40 -78.85 -33.90
CA ASP E 671 36.53 -78.09 -33.02
C ASP E 671 35.47 -77.29 -33.76
N MET E 672 35.38 -77.41 -35.09
CA MET E 672 34.37 -76.72 -35.86
C MET E 672 33.72 -77.57 -36.95
N GLN E 673 33.94 -78.89 -36.96
CA GLN E 673 33.39 -79.76 -37.99
C GLN E 673 31.90 -80.04 -37.83
N ALA E 674 31.30 -79.64 -36.72
CA ALA E 674 29.88 -79.89 -36.49
C ALA E 674 28.98 -78.84 -37.12
N VAL E 675 29.54 -77.78 -37.73
CA VAL E 675 28.72 -76.73 -38.29
C VAL E 675 28.07 -77.16 -39.61
N LEU E 676 28.59 -78.21 -40.24
CA LEU E 676 28.07 -78.69 -41.51
C LEU E 676 26.80 -79.53 -41.38
N THR E 677 26.31 -79.76 -40.16
CA THR E 677 25.14 -80.59 -39.92
C THR E 677 23.93 -79.77 -39.46
N PHE E 678 23.96 -78.46 -39.66
CA PHE E 678 22.85 -77.60 -39.30
C PHE E 678 22.06 -77.21 -40.54
N ASN E 679 20.76 -76.97 -40.36
CA ASN E 679 19.85 -76.65 -41.45
C ASN E 679 20.07 -75.20 -41.86
N GLY E 680 20.87 -75.01 -42.91
CA GLY E 680 21.10 -73.68 -43.44
C GLY E 680 19.95 -73.20 -44.31
N ILE E 681 19.90 -71.88 -44.49
CA ILE E 681 18.85 -71.22 -45.26
C ILE E 681 19.50 -70.43 -46.39
N LYS E 682 19.11 -70.75 -47.63
CA LYS E 682 19.61 -70.01 -48.78
C LYS E 682 18.97 -68.63 -48.83
N TRP E 683 19.77 -67.64 -49.24
CA TRP E 683 19.33 -66.25 -49.27
C TRP E 683 18.94 -65.84 -50.69
N SER E 684 17.78 -65.20 -50.81
CA SER E 684 17.31 -64.63 -52.06
C SER E 684 17.24 -63.12 -51.92
N HIS E 685 17.91 -62.39 -52.82
CA HIS E 685 17.99 -60.94 -52.69
C HIS E 685 16.71 -60.24 -53.14
N GLU E 686 15.87 -60.88 -53.94
CA GLU E 686 14.65 -60.28 -54.43
C GLU E 686 13.39 -60.88 -53.80
N TYR E 687 13.54 -61.85 -52.90
CA TYR E 687 12.43 -62.48 -52.19
C TYR E 687 12.76 -62.56 -50.70
N GLN E 688 13.16 -61.42 -50.14
CA GLN E 688 13.76 -61.40 -48.81
C GLN E 688 12.74 -61.65 -47.70
N GLU E 689 11.48 -61.25 -47.91
CA GLU E 689 10.51 -61.27 -46.82
C GLU E 689 10.12 -62.69 -46.43
N ALA E 690 9.94 -63.57 -47.41
CA ALA E 690 9.63 -64.97 -47.12
C ALA E 690 10.83 -65.67 -46.47
N THR E 691 12.05 -65.27 -46.84
CA THR E 691 13.24 -65.83 -46.22
C THR E 691 13.38 -65.39 -44.77
N ILE E 692 13.06 -64.12 -44.48
CA ILE E 692 13.09 -63.64 -43.10
C ILE E 692 12.00 -64.30 -42.27
N GLU E 693 10.82 -64.53 -42.87
CA GLU E 693 9.78 -65.28 -42.16
C GLU E 693 10.17 -66.74 -41.92
N LYS E 694 10.94 -67.33 -42.84
CA LYS E 694 11.46 -68.67 -42.62
C LYS E 694 12.51 -68.69 -41.50
N ILE E 695 13.29 -67.61 -41.38
CA ILE E 695 14.23 -67.48 -40.27
C ILE E 695 13.49 -67.35 -38.94
N ILE E 696 12.45 -66.52 -38.91
CA ILE E 696 11.66 -66.31 -37.70
C ILE E 696 10.93 -67.59 -37.28
N ARG E 697 10.48 -68.39 -38.25
CA ARG E 697 9.91 -69.70 -37.92
C ARG E 697 10.94 -70.70 -37.45
N PHE E 698 12.24 -70.42 -37.59
CA PHE E 698 13.30 -71.33 -37.17
C PHE E 698 14.09 -70.76 -35.99
N LEU E 699 13.47 -69.90 -35.19
CA LEU E 699 14.09 -69.35 -33.99
C LEU E 699 13.17 -69.53 -32.80
N GLN E 700 13.69 -69.18 -31.62
CA GLN E 700 12.92 -69.28 -30.38
C GLN E 700 12.35 -67.92 -29.98
N VAL F 61 33.09 -18.07 -71.88
CA VAL F 61 31.97 -18.23 -70.95
C VAL F 61 30.68 -18.48 -71.73
N GLN F 62 30.34 -17.56 -72.63
CA GLN F 62 29.13 -17.67 -73.43
C GLN F 62 29.34 -18.42 -74.74
N ASP F 63 30.54 -18.97 -74.97
CA ASP F 63 30.78 -19.73 -76.19
C ASP F 63 30.14 -21.11 -76.11
N ALA F 64 30.20 -21.74 -74.93
CA ALA F 64 29.58 -23.05 -74.76
C ALA F 64 28.06 -22.97 -74.84
N LEU F 65 27.49 -21.83 -74.42
CA LEU F 65 26.05 -21.60 -74.57
C LEU F 65 25.66 -21.54 -76.05
N GLU F 66 26.43 -20.79 -76.85
CA GLU F 66 26.16 -20.69 -78.28
C GLU F 66 26.47 -21.98 -79.02
N ARG F 67 27.31 -22.86 -78.47
CA ARG F 67 27.53 -24.16 -79.08
C ARG F 67 26.46 -25.17 -78.67
N ALA F 68 25.87 -25.00 -77.48
CA ALA F 68 24.97 -26.02 -76.95
C ALA F 68 23.49 -25.70 -77.14
N LEU F 69 23.13 -24.45 -77.43
CA LEU F 69 21.71 -24.14 -77.65
C LEU F 69 21.14 -24.70 -78.96
N PRO F 70 21.72 -24.47 -80.16
CA PRO F 70 21.05 -24.99 -81.37
C PRO F 70 21.11 -26.50 -81.51
N GLU F 71 22.10 -27.15 -80.90
CA GLU F 71 22.13 -28.61 -80.90
C GLU F 71 20.97 -29.19 -80.09
N LEU F 72 20.68 -28.58 -78.94
CA LEU F 72 19.51 -29.01 -78.17
C LEU F 72 18.20 -28.58 -78.83
N GLN F 73 18.22 -27.49 -79.62
CA GLN F 73 17.04 -27.13 -80.40
C GLN F 73 16.73 -28.20 -81.45
N GLN F 74 17.76 -28.64 -82.19
CA GLN F 74 17.59 -29.70 -83.17
C GLN F 74 17.20 -31.03 -82.51
N ALA F 75 17.78 -31.32 -81.34
CA ALA F 75 17.49 -32.58 -80.67
C ALA F 75 16.09 -32.61 -80.08
N LEU F 76 15.63 -31.49 -79.50
CA LEU F 76 14.27 -31.44 -78.99
C LEU F 76 13.24 -31.37 -80.12
N SER F 77 13.61 -30.79 -81.26
CA SER F 77 12.72 -30.87 -82.42
C SER F 77 12.63 -32.29 -82.96
N ALA F 78 13.73 -33.05 -82.90
CA ALA F 78 13.69 -34.45 -83.30
C ALA F 78 12.88 -35.29 -82.31
N LEU F 79 12.95 -34.95 -81.02
CA LEU F 79 12.14 -35.66 -80.03
C LEU F 79 10.66 -35.29 -80.15
N LYS F 80 10.37 -34.05 -80.52
CA LYS F 80 8.97 -33.63 -80.67
C LYS F 80 8.36 -34.18 -81.96
N GLN F 81 9.15 -34.30 -83.02
CA GLN F 81 8.65 -34.76 -84.31
C GLN F 81 8.56 -36.28 -84.41
N ALA F 82 9.64 -36.99 -84.08
CA ALA F 82 9.65 -38.44 -84.22
C ALA F 82 8.91 -39.10 -83.06
N GLY F 83 8.10 -40.11 -83.38
CA GLY F 83 7.37 -40.84 -82.38
C GLY F 83 7.52 -42.35 -82.54
N GLY F 84 8.70 -42.78 -82.95
CA GLY F 84 8.97 -44.20 -83.17
C GLY F 84 9.25 -44.96 -81.90
N ALA F 85 9.80 -46.16 -82.08
CA ALA F 85 10.08 -47.05 -80.96
C ALA F 85 11.55 -47.07 -80.54
N ARG F 86 12.47 -46.75 -81.47
CA ARG F 86 13.89 -46.80 -81.17
C ARG F 86 14.63 -45.49 -81.45
N ALA F 87 14.14 -44.66 -82.37
CA ALA F 87 14.79 -43.38 -82.64
C ALA F 87 14.54 -42.36 -81.54
N VAL F 88 13.42 -42.52 -80.82
CA VAL F 88 13.12 -41.62 -79.71
C VAL F 88 14.08 -41.85 -78.55
N GLY F 89 14.39 -43.12 -78.27
CA GLY F 89 15.40 -43.41 -77.26
C GLY F 89 16.79 -42.98 -77.66
N ALA F 90 17.08 -43.02 -78.97
CA ALA F 90 18.35 -42.50 -79.47
C ALA F 90 18.43 -40.99 -79.30
N GLY F 91 17.32 -40.28 -79.53
CA GLY F 91 17.31 -38.85 -79.29
C GLY F 91 17.44 -38.51 -77.81
N LEU F 92 16.80 -39.31 -76.94
CA LEU F 92 16.99 -39.13 -75.50
C LEU F 92 18.43 -39.38 -75.08
N ALA F 93 19.09 -40.38 -75.71
CA ALA F 93 20.50 -40.63 -75.44
C ALA F 93 21.38 -39.49 -75.93
N GLU F 94 21.04 -38.87 -77.06
CA GLU F 94 21.80 -37.71 -77.53
C GLU F 94 21.66 -36.52 -76.60
N VAL F 95 20.43 -36.25 -76.13
CA VAL F 95 20.21 -35.15 -75.19
C VAL F 95 20.90 -35.43 -73.86
N PHE F 96 20.87 -36.68 -73.40
CA PHE F 96 21.50 -37.02 -72.14
C PHE F 96 23.03 -37.00 -72.24
N GLN F 97 23.57 -37.32 -73.42
CA GLN F 97 25.00 -37.20 -73.63
C GLN F 97 25.43 -35.74 -73.69
N LEU F 98 24.60 -34.87 -74.26
CA LEU F 98 24.92 -33.44 -74.25
C LEU F 98 24.79 -32.86 -72.83
N VAL F 99 23.88 -33.41 -72.02
CA VAL F 99 23.79 -33.02 -70.62
C VAL F 99 25.03 -33.46 -69.84
N GLU F 100 25.52 -34.68 -70.11
CA GLU F 100 26.77 -35.15 -69.51
C GLU F 100 27.97 -34.29 -69.92
N GLU F 101 27.98 -33.84 -71.19
CA GLU F 101 29.04 -32.92 -71.61
C GLU F 101 28.87 -31.54 -70.99
N ALA F 102 27.63 -31.17 -70.64
CA ALA F 102 27.39 -29.85 -70.05
C ALA F 102 27.80 -29.79 -68.58
N TRP F 103 27.54 -30.86 -67.81
CA TRP F 103 27.85 -30.79 -66.38
C TRP F 103 29.34 -30.97 -66.10
N LEU F 104 30.11 -31.50 -67.06
CA LEU F 104 31.50 -31.83 -66.82
C LEU F 104 32.47 -30.76 -67.33
N LEU F 105 32.11 -29.48 -67.22
CA LEU F 105 33.02 -28.40 -67.58
C LEU F 105 33.58 -27.79 -66.30
N PRO F 106 34.90 -27.62 -66.17
CA PRO F 106 35.48 -27.08 -64.94
C PRO F 106 35.18 -25.59 -64.78
N ALA F 107 34.35 -25.27 -63.80
CA ALA F 107 33.97 -23.91 -63.38
C ALA F 107 33.32 -23.09 -64.50
N VAL F 108 32.74 -23.76 -65.50
CA VAL F 108 32.07 -23.09 -66.61
C VAL F 108 30.65 -23.64 -66.71
N GLY F 109 30.54 -24.97 -66.72
CA GLY F 109 29.31 -25.67 -67.02
C GLY F 109 28.20 -25.59 -66.00
N ARG F 110 28.38 -24.89 -64.88
CA ARG F 110 27.29 -24.74 -63.92
C ARG F 110 26.19 -23.84 -64.47
N GLU F 111 26.54 -22.60 -64.79
CA GLU F 111 25.58 -21.68 -65.39
C GLU F 111 25.18 -22.12 -66.80
N VAL F 112 26.07 -22.81 -67.50
CA VAL F 112 25.75 -23.36 -68.81
C VAL F 112 24.69 -24.44 -68.70
N ALA F 113 24.83 -25.35 -67.72
CA ALA F 113 23.83 -26.39 -67.52
C ALA F 113 22.52 -25.83 -67.00
N GLN F 114 22.57 -24.78 -66.18
CA GLN F 114 21.34 -24.11 -65.76
C GLN F 114 20.63 -23.44 -66.93
N GLY F 115 21.39 -22.82 -67.83
CA GLY F 115 20.79 -22.23 -69.02
C GLY F 115 20.21 -23.26 -69.98
N LEU F 116 20.87 -24.42 -70.08
CA LEU F 116 20.34 -25.48 -70.94
C LEU F 116 19.10 -26.12 -70.34
N CYS F 117 19.04 -26.22 -69.00
CA CYS F 117 17.80 -26.68 -68.37
C CYS F 117 16.68 -25.67 -68.53
N ASP F 118 17.01 -24.37 -68.52
CA ASP F 118 16.02 -23.34 -68.82
C ASP F 118 15.54 -23.43 -70.26
N ALA F 119 16.44 -23.78 -71.18
CA ALA F 119 16.05 -23.92 -72.59
C ALA F 119 15.19 -25.16 -72.80
N ILE F 120 15.45 -26.24 -72.05
CA ILE F 120 14.60 -27.42 -72.10
C ILE F 120 13.22 -27.11 -71.52
N ARG F 121 13.17 -26.32 -70.44
CA ARG F 121 11.89 -26.00 -69.80
C ARG F 121 11.05 -25.07 -70.67
N LEU F 122 11.64 -24.03 -71.23
CA LEU F 122 10.91 -23.07 -72.04
C LEU F 122 10.49 -23.62 -73.39
N ASP F 123 11.13 -24.68 -73.88
CA ASP F 123 10.71 -25.31 -75.12
C ASP F 123 9.47 -26.17 -74.91
N GLY F 124 9.24 -26.65 -73.69
CA GLY F 124 8.17 -27.59 -73.42
C GLY F 124 8.60 -29.03 -73.36
N GLY F 125 9.91 -29.29 -73.26
CA GLY F 125 10.41 -30.65 -73.23
C GLY F 125 10.19 -31.37 -71.92
N LEU F 126 9.89 -30.64 -70.84
CA LEU F 126 9.61 -31.28 -69.57
C LEU F 126 8.27 -32.00 -69.61
N ASP F 127 7.26 -31.39 -70.24
CA ASP F 127 5.99 -32.08 -70.47
C ASP F 127 6.17 -33.25 -71.43
N LEU F 128 7.11 -33.14 -72.38
CA LEU F 128 7.43 -34.27 -73.26
C LEU F 128 8.03 -35.42 -72.47
N LEU F 129 8.91 -35.12 -71.51
CA LEU F 129 9.46 -36.18 -70.66
C LEU F 129 8.40 -36.77 -69.74
N LEU F 130 7.48 -35.94 -69.24
CA LEU F 130 6.36 -36.46 -68.45
C LEU F 130 5.41 -37.32 -69.28
N ARG F 131 5.32 -37.08 -70.59
CA ARG F 131 4.54 -37.95 -71.46
C ARG F 131 5.28 -39.26 -71.71
N LEU F 132 6.60 -39.19 -71.92
CA LEU F 132 7.40 -40.39 -72.18
C LEU F 132 7.61 -41.25 -70.93
N LEU F 133 7.43 -40.69 -69.73
CA LEU F 133 7.43 -41.52 -68.53
C LEU F 133 6.19 -42.41 -68.43
N GLN F 134 5.10 -42.06 -69.10
CA GLN F 134 3.93 -42.92 -69.17
C GLN F 134 3.89 -43.80 -70.42
N ALA F 135 5.03 -43.97 -71.08
CA ALA F 135 5.08 -44.82 -72.26
C ALA F 135 5.08 -46.29 -71.84
N PRO F 136 4.40 -47.17 -72.60
CA PRO F 136 4.38 -48.59 -72.23
C PRO F 136 5.70 -49.31 -72.50
N GLU F 137 6.58 -48.75 -73.31
CA GLU F 137 7.88 -49.37 -73.57
C GLU F 137 8.82 -49.12 -72.41
N LEU F 138 9.75 -50.05 -72.17
CA LEU F 138 10.62 -49.95 -71.00
C LEU F 138 11.86 -49.11 -71.31
N GLU F 139 12.39 -49.23 -72.52
CA GLU F 139 13.67 -48.59 -72.87
C GLU F 139 13.54 -47.08 -72.96
N THR F 140 12.51 -46.58 -73.66
CA THR F 140 12.29 -45.14 -73.69
C THR F 140 11.89 -44.61 -72.32
N ARG F 141 11.29 -45.45 -71.46
CA ARG F 141 10.98 -45.06 -70.10
C ARG F 141 12.25 -44.88 -69.27
N VAL F 142 13.22 -45.78 -69.39
CA VAL F 142 14.42 -45.65 -68.58
C VAL F 142 15.32 -44.52 -69.12
N GLN F 143 15.35 -44.30 -70.45
CA GLN F 143 16.12 -43.14 -70.92
C GLN F 143 15.43 -41.81 -70.58
N ALA F 144 14.09 -41.76 -70.57
CA ALA F 144 13.40 -40.54 -70.17
C ALA F 144 13.57 -40.28 -68.68
N ALA F 145 13.60 -41.34 -67.87
CA ALA F 145 13.84 -41.17 -66.44
C ALA F 145 15.27 -40.70 -66.17
N ARG F 146 16.27 -41.29 -66.85
CA ARG F 146 17.65 -40.86 -66.64
C ARG F 146 17.91 -39.48 -67.20
N LEU F 147 17.14 -39.04 -68.21
CA LEU F 147 17.24 -37.66 -68.66
C LEU F 147 16.57 -36.69 -67.70
N LEU F 148 15.45 -37.11 -67.09
CA LEU F 148 14.75 -36.24 -66.14
C LEU F 148 15.51 -36.14 -64.82
N GLU F 149 16.36 -37.13 -64.53
CA GLU F 149 17.14 -37.14 -63.28
C GLU F 149 18.14 -35.99 -63.22
N GLN F 150 18.81 -35.68 -64.34
CA GLN F 150 19.93 -34.75 -64.32
C GLN F 150 19.54 -33.31 -64.62
N ILE F 151 18.25 -32.98 -64.68
CA ILE F 151 17.81 -31.64 -65.03
C ILE F 151 16.91 -31.03 -63.96
N LEU F 152 16.91 -31.57 -62.74
CA LEU F 152 16.01 -31.10 -61.69
C LEU F 152 16.66 -29.94 -60.95
N VAL F 153 16.58 -28.76 -61.56
CA VAL F 153 17.07 -27.52 -60.96
C VAL F 153 15.88 -26.81 -60.33
N ALA F 154 16.14 -25.74 -59.56
CA ALA F 154 15.12 -25.11 -58.72
C ALA F 154 13.99 -24.49 -59.52
N GLU F 155 14.23 -24.15 -60.79
CA GLU F 155 13.14 -23.69 -61.65
C GLU F 155 12.37 -24.86 -62.27
N ASN F 156 13.03 -25.98 -62.53
CA ASN F 156 12.32 -27.15 -63.03
C ASN F 156 11.52 -27.85 -61.95
N ARG F 157 11.98 -27.77 -60.69
CA ARG F 157 11.31 -28.48 -59.59
C ARG F 157 9.94 -27.88 -59.30
N ASP F 158 9.76 -26.59 -59.58
CA ASP F 158 8.44 -25.97 -59.44
C ASP F 158 7.46 -26.55 -60.47
N ARG F 159 7.93 -26.76 -61.71
CA ARG F 159 7.08 -27.33 -62.75
C ARG F 159 6.76 -28.79 -62.45
N VAL F 160 7.73 -29.54 -61.91
CA VAL F 160 7.47 -30.93 -61.56
C VAL F 160 6.54 -31.03 -60.34
N ALA F 161 6.64 -30.06 -59.41
CA ALA F 161 5.69 -30.02 -58.31
C ALA F 161 4.30 -29.61 -58.78
N ARG F 162 4.21 -28.84 -59.86
CA ARG F 162 2.90 -28.49 -60.41
C ARG F 162 2.25 -29.68 -61.11
N ILE F 163 2.96 -30.31 -62.05
CA ILE F 163 2.37 -31.35 -62.90
C ILE F 163 2.97 -32.73 -62.61
N GLY F 164 4.29 -32.84 -62.59
CA GLY F 164 5.01 -34.10 -62.55
C GLY F 164 4.80 -34.98 -61.33
N LEU F 165 4.20 -34.48 -60.27
CA LEU F 165 3.85 -35.34 -59.14
C LEU F 165 2.64 -36.20 -59.50
N GLY F 166 2.79 -37.51 -59.27
CA GLY F 166 1.79 -38.47 -59.67
C GLY F 166 2.19 -39.35 -60.84
N VAL F 167 3.12 -38.89 -61.68
CA VAL F 167 3.65 -39.68 -62.78
C VAL F 167 4.90 -40.40 -62.28
N ILE F 168 5.76 -39.66 -61.58
CA ILE F 168 6.93 -40.24 -60.93
C ILE F 168 6.50 -41.14 -59.78
N LEU F 169 5.44 -40.73 -59.08
CA LEU F 169 4.80 -41.54 -58.05
C LEU F 169 4.25 -42.84 -58.58
N ASN F 170 3.80 -42.88 -59.84
CA ASN F 170 3.39 -44.11 -60.49
C ASN F 170 4.59 -45.00 -60.78
N LEU F 171 5.76 -44.39 -61.06
CA LEU F 171 6.97 -45.19 -61.24
C LEU F 171 7.54 -45.67 -59.92
N ALA F 172 7.14 -45.04 -58.82
CA ALA F 172 7.58 -45.48 -57.49
C ALA F 172 6.99 -46.83 -57.10
N LYS F 173 5.90 -47.26 -57.75
CA LYS F 173 5.33 -48.57 -57.47
C LYS F 173 6.05 -49.69 -58.20
N GLU F 174 6.53 -49.44 -59.42
CA GLU F 174 7.29 -50.43 -60.19
C GLU F 174 8.72 -50.41 -59.67
N ARG F 175 9.11 -51.47 -58.96
CA ARG F 175 10.32 -51.47 -58.16
C ARG F 175 11.32 -52.57 -58.54
N GLU F 176 10.88 -53.59 -59.27
CA GLU F 176 11.72 -54.75 -59.57
C GLU F 176 12.90 -54.51 -60.52
N PRO F 177 12.78 -53.78 -61.65
CA PRO F 177 13.99 -53.55 -62.46
C PRO F 177 14.91 -52.51 -61.83
N VAL F 178 16.21 -52.71 -62.00
CA VAL F 178 17.21 -51.84 -61.38
C VAL F 178 17.39 -50.55 -62.18
N GLU F 179 17.27 -50.63 -63.50
CA GLU F 179 17.51 -49.47 -64.37
C GLU F 179 16.44 -48.39 -64.23
N LEU F 180 15.22 -48.74 -63.86
CA LEU F 180 14.25 -47.73 -63.45
C LEU F 180 14.60 -47.16 -62.09
N ALA F 181 14.89 -48.04 -61.13
CA ALA F 181 14.96 -47.65 -59.72
C ALA F 181 16.17 -46.76 -59.44
N ARG F 182 17.28 -46.98 -60.14
CA ARG F 182 18.50 -46.19 -59.94
C ARG F 182 18.29 -44.73 -60.29
N SER F 183 17.44 -44.46 -61.28
CA SER F 183 17.13 -43.09 -61.66
C SER F 183 15.93 -42.51 -60.92
N VAL F 184 14.91 -43.33 -60.63
CA VAL F 184 13.73 -42.82 -59.92
C VAL F 184 14.07 -42.48 -58.47
N ALA F 185 15.05 -43.19 -57.88
CA ALA F 185 15.56 -42.82 -56.57
C ALA F 185 16.22 -41.45 -56.59
N GLY F 186 16.97 -41.13 -57.65
CA GLY F 186 17.57 -39.80 -57.74
C GLY F 186 16.57 -38.71 -58.05
N ILE F 187 15.53 -39.04 -58.84
CA ILE F 187 14.46 -38.08 -59.11
C ILE F 187 13.71 -37.72 -57.83
N LEU F 188 13.39 -38.75 -57.02
CA LEU F 188 12.73 -38.49 -55.74
C LEU F 188 13.67 -37.78 -54.76
N GLU F 189 14.96 -38.13 -54.80
CA GLU F 189 16.00 -37.44 -54.05
C GLU F 189 16.00 -35.94 -54.29
N HIS F 190 16.03 -35.54 -55.56
CA HIS F 190 16.04 -34.11 -55.84
C HIS F 190 14.67 -33.48 -55.65
N MET F 191 13.58 -34.26 -55.74
CA MET F 191 12.25 -33.71 -55.47
C MET F 191 11.94 -33.58 -53.99
N PHE F 192 12.72 -34.20 -53.10
CA PHE F 192 12.51 -33.88 -51.68
C PHE F 192 13.04 -32.50 -51.29
N LYS F 193 13.78 -31.81 -52.16
CA LYS F 193 14.38 -30.53 -51.84
C LYS F 193 13.51 -29.34 -52.23
N HIS F 194 12.27 -29.57 -52.68
CA HIS F 194 11.45 -28.47 -53.17
C HIS F 194 10.82 -27.68 -52.02
N SER F 195 9.94 -28.31 -51.26
CA SER F 195 9.20 -27.64 -50.20
C SER F 195 8.65 -28.69 -49.25
N GLU F 196 7.92 -28.21 -48.24
CA GLU F 196 7.32 -29.12 -47.27
C GLU F 196 6.06 -29.78 -47.84
N GLU F 197 5.37 -29.10 -48.76
CA GLU F 197 4.16 -29.66 -49.37
C GLU F 197 4.48 -30.86 -50.25
N THR F 198 5.57 -30.76 -51.03
CA THR F 198 6.00 -31.90 -51.85
C THR F 198 6.49 -33.05 -50.99
N CYS F 199 7.12 -32.76 -49.85
CA CYS F 199 7.52 -33.81 -48.92
C CYS F 199 6.30 -34.51 -48.31
N GLN F 200 5.26 -33.75 -47.98
CA GLN F 200 4.03 -34.34 -47.47
C GLN F 200 3.34 -35.19 -48.53
N ARG F 201 3.33 -34.72 -49.78
CA ARG F 201 2.68 -35.47 -50.85
C ARG F 201 3.46 -36.71 -51.23
N LEU F 202 4.79 -36.71 -51.03
CA LEU F 202 5.56 -37.92 -51.31
C LEU F 202 5.53 -38.90 -50.16
N VAL F 203 5.58 -38.44 -48.91
CA VAL F 203 5.59 -39.34 -47.78
C VAL F 203 4.21 -39.92 -47.51
N ALA F 204 3.15 -39.11 -47.64
CA ALA F 204 1.79 -39.62 -47.42
C ALA F 204 1.38 -40.61 -48.50
N ALA F 205 1.89 -40.45 -49.71
CA ALA F 205 1.67 -41.41 -50.78
C ALA F 205 2.82 -42.43 -50.78
N GLY F 206 2.93 -43.23 -51.82
CA GLY F 206 3.94 -44.27 -51.88
C GLY F 206 5.28 -43.82 -52.44
N GLY F 207 5.78 -42.67 -51.98
CA GLY F 207 7.09 -42.21 -52.39
C GLY F 207 8.17 -42.53 -51.37
N LEU F 208 7.79 -42.53 -50.09
CA LEU F 208 8.71 -42.93 -49.03
C LEU F 208 8.90 -44.44 -49.00
N ASP F 209 7.83 -45.19 -49.29
CA ASP F 209 7.90 -46.65 -49.28
C ASP F 209 8.81 -47.18 -50.39
N ALA F 210 8.90 -46.46 -51.52
CA ALA F 210 9.81 -46.85 -52.59
C ALA F 210 11.27 -46.74 -52.14
N VAL F 211 11.62 -45.66 -51.44
CA VAL F 211 12.98 -45.49 -50.94
C VAL F 211 13.27 -46.50 -49.83
N LEU F 212 12.31 -46.73 -48.94
CA LEU F 212 12.52 -47.68 -47.86
C LEU F 212 12.54 -49.13 -48.34
N TYR F 213 11.99 -49.41 -49.52
CA TYR F 213 12.13 -50.74 -50.11
C TYR F 213 13.43 -50.85 -50.90
N TRP F 214 13.84 -49.76 -51.54
CA TRP F 214 15.07 -49.75 -52.33
C TRP F 214 16.32 -49.68 -51.46
N CYS F 215 16.19 -49.40 -50.16
CA CYS F 215 17.32 -49.54 -49.26
C CYS F 215 17.79 -50.99 -49.09
N ARG F 216 16.98 -51.97 -49.49
CA ARG F 216 17.36 -53.38 -49.39
C ARG F 216 18.37 -53.79 -50.46
N ARG F 217 18.58 -52.98 -51.49
CA ARG F 217 19.39 -53.38 -52.63
C ARG F 217 20.88 -53.29 -52.28
N THR F 218 21.71 -53.76 -53.23
CA THR F 218 23.15 -53.75 -53.09
C THR F 218 23.84 -52.87 -54.13
N ASP F 219 23.09 -52.06 -54.87
CA ASP F 219 23.64 -51.17 -55.87
C ASP F 219 24.37 -50.03 -55.17
N PRO F 220 25.67 -49.82 -55.40
CA PRO F 220 26.42 -48.79 -54.67
C PRO F 220 26.11 -47.36 -55.08
N ALA F 221 25.25 -47.13 -56.07
CA ALA F 221 24.80 -45.78 -56.41
C ALA F 221 23.34 -45.54 -56.03
N LEU F 222 22.51 -46.58 -56.14
CA LEU F 222 21.11 -46.47 -55.75
C LEU F 222 20.97 -46.25 -54.25
N LEU F 223 21.85 -46.88 -53.46
CA LEU F 223 21.85 -46.64 -52.03
C LEU F 223 22.34 -45.23 -51.69
N ARG F 224 23.25 -44.67 -52.49
CA ARG F 224 23.63 -43.26 -52.33
C ARG F 224 22.45 -42.34 -52.61
N HIS F 225 21.69 -42.64 -53.68
CA HIS F 225 20.50 -41.85 -53.98
C HIS F 225 19.44 -41.98 -52.89
N CYS F 226 19.29 -43.16 -52.29
CA CYS F 226 18.31 -43.34 -51.22
C CYS F 226 18.76 -42.63 -49.94
N ALA F 227 20.07 -42.65 -49.64
CA ALA F 227 20.59 -41.96 -48.48
C ALA F 227 20.42 -40.45 -48.62
N LEU F 228 20.73 -39.91 -49.79
CA LEU F 228 20.52 -38.48 -50.04
C LEU F 228 19.04 -38.12 -50.09
N ALA F 229 18.19 -39.04 -50.56
CA ALA F 229 16.75 -38.82 -50.54
C ALA F 229 16.21 -38.71 -49.13
N LEU F 230 16.59 -39.64 -48.24
CA LEU F 230 16.15 -39.59 -46.86
C LEU F 230 16.76 -38.40 -46.12
N GLY F 231 17.99 -38.01 -46.45
CA GLY F 231 18.58 -36.84 -45.84
C GLY F 231 17.89 -35.55 -46.24
N ASN F 232 17.56 -35.42 -47.54
CA ASN F 232 16.87 -34.22 -48.01
C ASN F 232 15.43 -34.19 -47.53
N CYS F 233 14.81 -35.37 -47.36
CA CYS F 233 13.46 -35.41 -46.83
C CYS F 233 13.43 -35.09 -45.34
N ALA F 234 14.50 -35.44 -44.62
CA ALA F 234 14.59 -35.04 -43.22
C ALA F 234 14.93 -33.56 -43.06
N LEU F 235 15.69 -33.00 -44.00
CA LEU F 235 16.00 -31.57 -43.95
C LEU F 235 14.83 -30.69 -44.35
N HIS F 236 14.08 -31.05 -45.39
CA HIS F 236 13.05 -30.18 -45.92
C HIS F 236 11.62 -30.67 -45.67
N GLY F 237 11.43 -31.66 -44.80
CA GLY F 237 10.11 -32.21 -44.62
C GLY F 237 9.25 -31.50 -43.58
N GLY F 238 9.71 -31.43 -42.34
CA GLY F 238 8.91 -30.85 -41.27
C GLY F 238 8.52 -31.87 -40.22
N GLN F 239 7.63 -31.42 -39.33
CA GLN F 239 7.26 -32.20 -38.15
C GLN F 239 6.47 -33.45 -38.53
N ALA F 240 5.38 -33.28 -39.29
CA ALA F 240 4.55 -34.41 -39.66
C ALA F 240 5.28 -35.36 -40.61
N VAL F 241 6.20 -34.82 -41.42
CA VAL F 241 6.98 -35.66 -42.30
C VAL F 241 7.97 -36.51 -41.51
N GLN F 242 8.60 -35.92 -40.49
CA GLN F 242 9.50 -36.70 -39.63
C GLN F 242 8.73 -37.73 -38.81
N ARG F 243 7.51 -37.40 -38.39
CA ARG F 243 6.70 -38.37 -37.66
C ARG F 243 6.30 -39.53 -38.56
N ARG F 244 5.90 -39.25 -39.81
CA ARG F 244 5.49 -40.33 -40.70
C ARG F 244 6.68 -41.12 -41.22
N MET F 245 7.89 -40.54 -41.17
CA MET F 245 9.07 -41.33 -41.47
C MET F 245 9.46 -42.24 -40.31
N VAL F 246 9.57 -41.70 -39.10
CA VAL F 246 10.13 -42.47 -37.99
C VAL F 246 9.10 -43.44 -37.39
N GLU F 247 7.81 -43.10 -37.41
CA GLU F 247 6.79 -44.07 -37.03
C GLU F 247 6.69 -45.21 -38.03
N LYS F 248 7.07 -44.99 -39.28
CA LYS F 248 7.24 -46.05 -40.25
C LYS F 248 8.68 -46.57 -40.30
N ARG F 249 9.50 -46.19 -39.31
CA ARG F 249 10.84 -46.74 -39.06
C ARG F 249 11.80 -46.47 -40.22
N ALA F 250 11.90 -45.21 -40.64
CA ALA F 250 12.84 -44.84 -41.69
C ALA F 250 14.28 -44.80 -41.19
N ALA F 251 14.49 -44.67 -39.88
CA ALA F 251 15.84 -44.64 -39.34
C ALA F 251 16.45 -46.03 -39.31
N GLU F 252 15.61 -47.07 -39.23
CA GLU F 252 16.13 -48.43 -39.16
C GLU F 252 16.63 -48.94 -40.51
N TRP F 253 16.07 -48.44 -41.61
CA TRP F 253 16.55 -48.84 -42.93
C TRP F 253 17.88 -48.19 -43.30
N LEU F 254 18.30 -47.16 -42.57
CA LEU F 254 19.60 -46.55 -42.77
C LEU F 254 20.74 -47.31 -42.10
N PHE F 255 20.44 -48.38 -41.37
CA PHE F 255 21.48 -49.15 -40.70
C PHE F 255 22.39 -49.94 -41.66
N PRO F 256 21.91 -50.61 -42.72
CA PRO F 256 22.86 -51.12 -43.72
C PRO F 256 23.51 -50.03 -44.54
N LEU F 257 22.91 -48.84 -44.60
CA LEU F 257 23.49 -47.71 -45.31
C LEU F 257 24.53 -46.97 -44.47
N ALA F 258 24.51 -47.17 -43.15
CA ALA F 258 25.52 -46.55 -42.29
C ALA F 258 26.68 -47.49 -41.97
N PHE F 259 26.60 -48.76 -42.39
CA PHE F 259 27.61 -49.73 -42.01
C PHE F 259 28.38 -50.28 -43.21
N SER F 260 27.86 -50.09 -44.42
CA SER F 260 28.42 -50.72 -45.62
C SER F 260 29.82 -50.17 -45.94
N LYS F 261 30.82 -51.04 -45.88
CA LYS F 261 32.22 -50.68 -46.03
C LYS F 261 32.66 -50.55 -47.49
N GLU F 262 31.73 -50.55 -48.44
CA GLU F 262 32.07 -50.40 -49.85
C GLU F 262 32.17 -48.95 -50.29
N ASP F 263 31.39 -48.06 -49.70
CA ASP F 263 31.41 -46.64 -50.01
C ASP F 263 31.55 -45.83 -48.73
N GLU F 264 32.29 -44.73 -48.81
CA GLU F 264 32.51 -43.87 -47.66
C GLU F 264 31.58 -42.66 -47.64
N LEU F 265 31.17 -42.17 -48.81
CA LEU F 265 30.18 -41.09 -48.87
C LEU F 265 28.81 -41.56 -48.42
N LEU F 266 28.49 -42.83 -48.70
CA LEU F 266 27.17 -43.39 -48.44
C LEU F 266 26.88 -43.46 -46.94
N ARG F 267 27.87 -43.92 -46.15
CA ARG F 267 27.72 -43.97 -44.71
C ARG F 267 27.63 -42.56 -44.11
N LEU F 268 28.35 -41.60 -44.70
CA LEU F 268 28.30 -40.22 -44.22
C LEU F 268 26.93 -39.59 -44.46
N HIS F 269 26.32 -39.82 -45.63
CA HIS F 269 25.00 -39.25 -45.88
C HIS F 269 23.93 -39.99 -45.09
N ALA F 270 24.13 -41.29 -44.83
CA ALA F 270 23.21 -42.02 -43.95
C ALA F 270 23.28 -41.50 -42.51
N CYS F 271 24.48 -41.25 -41.99
CA CYS F 271 24.61 -40.67 -40.65
C CYS F 271 24.13 -39.22 -40.61
N LEU F 272 24.21 -38.50 -41.73
CA LEU F 272 23.59 -37.18 -41.82
C LEU F 272 22.08 -37.25 -41.67
N ALA F 273 21.45 -38.20 -42.37
CA ALA F 273 20.01 -38.38 -42.25
C ALA F 273 19.61 -38.82 -40.84
N VAL F 274 20.43 -39.69 -40.23
CA VAL F 274 20.18 -40.13 -38.84
C VAL F 274 20.30 -38.96 -37.88
N ALA F 275 21.29 -38.08 -38.08
CA ALA F 275 21.48 -36.94 -37.18
C ALA F 275 20.36 -35.91 -37.34
N VAL F 276 19.91 -35.66 -38.57
CA VAL F 276 18.84 -34.68 -38.79
C VAL F 276 17.52 -35.22 -38.25
N LEU F 277 17.30 -36.54 -38.34
CA LEU F 277 16.14 -37.12 -37.65
C LEU F 277 16.32 -37.10 -36.14
N ALA F 278 17.56 -37.12 -35.65
CA ALA F 278 17.83 -37.10 -34.22
C ALA F 278 17.88 -35.69 -33.63
N THR F 279 17.73 -34.64 -34.44
CA THR F 279 17.61 -33.29 -33.90
C THR F 279 16.21 -32.97 -33.38
N ASN F 280 15.24 -33.87 -33.56
CA ASN F 280 13.87 -33.63 -33.08
C ASN F 280 13.70 -34.33 -31.74
N LYS F 281 13.21 -33.57 -30.74
CA LYS F 281 13.19 -34.07 -29.37
C LYS F 281 12.11 -35.12 -29.14
N GLU F 282 11.07 -35.14 -29.96
CA GLU F 282 10.03 -36.16 -29.89
C GLU F 282 10.38 -37.43 -30.64
N VAL F 283 11.61 -37.52 -31.16
CA VAL F 283 12.02 -38.59 -32.06
C VAL F 283 13.19 -39.40 -31.51
N GLU F 284 14.01 -38.79 -30.63
CA GLU F 284 15.33 -39.32 -30.26
C GLU F 284 15.27 -40.69 -29.57
N ARG F 285 14.13 -41.00 -28.93
CA ARG F 285 14.02 -42.28 -28.23
C ARG F 285 13.98 -43.45 -29.20
N GLU F 286 13.17 -43.34 -30.27
CA GLU F 286 13.12 -44.41 -31.27
C GLU F 286 14.39 -44.46 -32.11
N VAL F 287 15.11 -43.35 -32.22
CA VAL F 287 16.40 -43.36 -32.92
C VAL F 287 17.46 -44.06 -32.09
N GLU F 288 17.45 -43.85 -30.77
CA GLU F 288 18.36 -44.57 -29.89
C GLU F 288 17.99 -46.05 -29.81
N ARG F 289 16.69 -46.37 -29.92
CA ARG F 289 16.28 -47.77 -30.00
C ARG F 289 16.59 -48.38 -31.35
N SER F 290 16.78 -47.57 -32.39
CA SER F 290 17.15 -48.09 -33.70
C SER F 290 18.59 -48.59 -33.71
N GLY F 291 19.48 -47.90 -33.00
CA GLY F 291 20.87 -48.31 -32.91
C GLY F 291 21.78 -47.72 -33.96
N THR F 292 21.31 -46.77 -34.76
CA THR F 292 22.12 -46.16 -35.81
C THR F 292 22.97 -45.00 -35.31
N LEU F 293 22.75 -44.53 -34.08
CA LEU F 293 23.58 -43.48 -33.52
C LEU F 293 24.93 -44.00 -33.03
N ALA F 294 25.06 -45.31 -32.82
CA ALA F 294 26.33 -45.86 -32.37
C ALA F 294 27.38 -45.92 -33.47
N LEU F 295 26.96 -45.91 -34.74
CA LEU F 295 27.90 -45.96 -35.85
C LEU F 295 28.29 -44.59 -36.38
N VAL F 296 27.81 -43.51 -35.76
CA VAL F 296 28.08 -42.18 -36.28
C VAL F 296 29.46 -41.71 -35.84
N GLU F 297 29.73 -41.71 -34.54
CA GLU F 297 30.97 -41.18 -33.95
C GLU F 297 32.25 -41.95 -34.35
N PRO F 298 32.30 -43.29 -34.43
CA PRO F 298 33.51 -43.91 -34.98
C PRO F 298 33.71 -43.63 -36.47
N LEU F 299 32.62 -43.42 -37.21
CA LEU F 299 32.75 -43.07 -38.63
C LEU F 299 33.36 -41.69 -38.80
N VAL F 300 32.89 -40.71 -38.01
CA VAL F 300 33.42 -39.36 -38.07
C VAL F 300 34.84 -39.32 -37.54
N ALA F 301 35.14 -40.12 -36.52
CA ALA F 301 36.49 -40.15 -35.95
C ALA F 301 37.47 -40.85 -36.88
N SER F 302 36.98 -41.79 -37.70
CA SER F 302 37.87 -42.58 -38.55
C SER F 302 38.16 -41.93 -39.90
N LEU F 303 37.49 -40.84 -40.23
CA LEU F 303 37.65 -40.19 -41.53
C LEU F 303 38.30 -38.82 -41.37
N ASP F 304 38.75 -38.28 -42.50
CA ASP F 304 39.41 -36.98 -42.55
C ASP F 304 38.63 -36.04 -43.45
N PRO F 305 38.34 -34.81 -43.02
CA PRO F 305 37.51 -33.92 -43.85
C PRO F 305 38.21 -33.36 -45.08
N GLY F 306 39.55 -33.39 -45.12
CA GLY F 306 40.26 -32.86 -46.28
C GLY F 306 40.09 -33.72 -47.53
N ARG F 307 40.08 -35.04 -47.35
CA ARG F 307 39.90 -35.94 -48.50
C ARG F 307 38.48 -35.83 -49.06
N PHE F 308 37.48 -35.72 -48.19
CA PHE F 308 36.10 -35.54 -48.61
C PHE F 308 35.81 -34.12 -49.09
N ALA F 309 36.67 -33.15 -48.76
CA ALA F 309 36.58 -31.83 -49.36
C ALA F 309 37.22 -31.78 -50.73
N ARG F 310 38.30 -32.55 -50.94
CA ARG F 310 38.88 -32.67 -52.28
C ARG F 310 38.03 -33.54 -53.19
N CYS F 311 37.25 -34.46 -52.62
CA CYS F 311 36.42 -35.34 -53.43
C CYS F 311 35.19 -34.61 -53.98
N LEU F 312 34.51 -33.87 -53.12
CA LEU F 312 33.33 -33.11 -53.54
C LEU F 312 33.74 -31.87 -54.35
N GLN F 320 31.05 -29.29 -55.59
CA GLN F 320 31.92 -28.14 -55.30
C GLN F 320 31.35 -27.29 -54.18
N GLY F 321 30.83 -27.96 -53.14
CA GLY F 321 30.25 -27.28 -52.00
C GLY F 321 28.75 -27.13 -52.13
N ARG F 322 28.18 -26.43 -51.15
CA ARG F 322 26.75 -26.17 -51.12
C ARG F 322 26.52 -24.68 -50.90
N GLY F 323 25.34 -24.22 -51.31
CA GLY F 323 25.00 -22.82 -51.24
C GLY F 323 24.64 -22.38 -49.84
N PRO F 324 24.39 -21.08 -49.69
CA PRO F 324 24.04 -20.54 -48.36
C PRO F 324 22.69 -21.00 -47.84
N ASP F 325 21.78 -21.46 -48.71
CA ASP F 325 20.52 -22.00 -48.24
C ASP F 325 20.72 -23.35 -47.56
N ASP F 326 21.62 -24.17 -48.10
CA ASP F 326 21.89 -25.48 -47.51
C ASP F 326 22.87 -25.37 -46.35
N LEU F 327 23.68 -24.31 -46.31
CA LEU F 327 24.55 -24.07 -45.15
C LEU F 327 23.76 -23.70 -43.91
N GLN F 328 22.56 -23.15 -44.06
CA GLN F 328 21.71 -22.86 -42.91
C GLN F 328 21.10 -24.12 -42.31
N ARG F 329 21.16 -25.26 -43.02
CA ARG F 329 20.66 -26.50 -42.47
C ARG F 329 21.68 -27.20 -41.57
N LEU F 330 22.97 -26.89 -41.73
CA LEU F 330 24.00 -27.51 -40.93
C LEU F 330 24.24 -26.81 -39.60
N VAL F 331 23.75 -25.59 -39.44
CA VAL F 331 23.93 -24.79 -38.23
C VAL F 331 23.10 -25.30 -37.04
N PRO F 332 21.79 -25.63 -37.14
CA PRO F 332 21.12 -26.18 -35.94
C PRO F 332 21.49 -27.61 -35.59
N LEU F 333 22.35 -28.26 -36.39
CA LEU F 333 22.92 -29.55 -35.97
C LEU F 333 23.86 -29.38 -34.78
N LEU F 334 24.45 -28.19 -34.62
CA LEU F 334 25.41 -27.99 -33.55
C LEU F 334 24.75 -27.51 -32.26
N ASP F 335 23.62 -26.80 -32.39
CA ASP F 335 22.92 -26.25 -31.24
C ASP F 335 21.72 -27.11 -30.82
N SER F 336 21.75 -28.40 -31.14
CA SER F 336 20.69 -29.32 -30.75
C SER F 336 21.14 -30.35 -29.72
N ASN F 337 22.20 -30.05 -28.95
CA ASN F 337 22.77 -30.74 -27.79
C ASN F 337 22.84 -32.27 -27.87
N ARG F 338 23.02 -32.80 -29.08
CA ARG F 338 23.27 -34.22 -29.29
C ARG F 338 24.68 -34.39 -29.83
N LEU F 339 25.38 -35.41 -29.34
CA LEU F 339 26.80 -35.60 -29.67
C LEU F 339 26.99 -35.96 -31.14
N GLU F 340 26.15 -36.86 -31.66
CA GLU F 340 26.32 -37.33 -33.04
C GLU F 340 25.97 -36.24 -34.04
N ALA F 341 24.94 -35.45 -33.76
CA ALA F 341 24.57 -34.34 -34.65
C ALA F 341 25.64 -33.26 -34.65
N GLN F 342 26.24 -33.00 -33.49
CA GLN F 342 27.35 -32.03 -33.44
C GLN F 342 28.58 -32.55 -34.17
N CYS F 343 28.85 -33.85 -34.11
CA CYS F 343 29.98 -34.41 -34.85
C CYS F 343 29.75 -34.33 -36.36
N ILE F 344 28.53 -34.65 -36.82
CA ILE F 344 28.20 -34.55 -38.24
C ILE F 344 28.28 -33.09 -38.72
N GLY F 345 27.74 -32.17 -37.92
CA GLY F 345 27.79 -30.76 -38.30
C GLY F 345 29.19 -30.20 -38.32
N ALA F 346 30.02 -30.58 -37.33
CA ALA F 346 31.40 -30.12 -37.29
C ALA F 346 32.22 -30.68 -38.44
N PHE F 347 32.00 -31.95 -38.79
CA PHE F 347 32.70 -32.57 -39.91
C PHE F 347 32.33 -31.91 -41.24
N TYR F 348 31.03 -31.70 -41.46
CA TYR F 348 30.59 -31.12 -42.71
C TYR F 348 30.98 -29.65 -42.83
N LEU F 349 30.88 -28.88 -41.74
CA LEU F 349 31.31 -27.50 -41.78
C LEU F 349 32.82 -27.36 -41.87
N CYS F 350 33.59 -28.33 -41.35
CA CYS F 350 35.04 -28.28 -41.54
C CYS F 350 35.43 -28.57 -42.98
N ALA F 351 34.81 -29.57 -43.60
CA ALA F 351 35.11 -29.88 -45.00
C ALA F 351 34.67 -28.75 -45.93
N GLU F 352 33.47 -28.20 -45.70
CA GLU F 352 33.01 -27.11 -46.55
C GLU F 352 33.68 -25.78 -46.21
N ALA F 353 34.24 -25.64 -45.01
CA ALA F 353 35.09 -24.49 -44.73
C ALA F 353 36.42 -24.60 -45.43
N ALA F 354 36.95 -25.82 -45.58
CA ALA F 354 38.12 -26.02 -46.42
C ALA F 354 37.81 -25.70 -47.87
N ILE F 355 36.60 -26.06 -48.33
CA ILE F 355 36.16 -25.74 -49.69
C ILE F 355 36.07 -24.23 -49.90
N LYS F 356 35.40 -23.53 -48.97
CA LYS F 356 35.27 -22.08 -49.07
C LYS F 356 36.57 -21.33 -48.78
N SER F 357 37.54 -21.95 -48.11
CA SER F 357 38.87 -21.37 -47.93
C SER F 357 39.76 -21.59 -49.13
N LEU F 358 39.50 -22.63 -49.94
CA LEU F 358 40.13 -22.71 -51.24
C LEU F 358 39.66 -21.59 -52.15
N GLN F 359 38.39 -21.19 -52.03
CA GLN F 359 37.84 -20.06 -52.74
C GLN F 359 37.97 -18.80 -51.87
N GLY F 360 37.29 -17.73 -52.24
CA GLY F 360 37.37 -16.48 -51.49
C GLY F 360 36.04 -16.01 -50.95
N LYS F 361 35.22 -16.92 -50.44
CA LYS F 361 33.89 -16.58 -49.96
C LYS F 361 33.67 -17.03 -48.52
N THR F 362 34.61 -16.72 -47.63
CA THR F 362 34.53 -17.12 -46.23
C THR F 362 33.64 -16.22 -45.39
N LYS F 363 33.00 -15.22 -45.99
CA LYS F 363 32.09 -14.33 -45.26
C LYS F 363 30.68 -14.89 -45.12
N VAL F 364 30.41 -16.07 -45.69
CA VAL F 364 29.07 -16.66 -45.59
C VAL F 364 28.84 -17.21 -44.19
N PHE F 365 29.90 -17.78 -43.58
CA PHE F 365 29.78 -18.33 -42.24
C PHE F 365 29.61 -17.22 -41.19
N SER F 366 30.11 -16.02 -41.46
CA SER F 366 29.89 -14.91 -40.56
C SER F 366 28.51 -14.29 -40.76
N ASP F 367 27.95 -14.40 -41.97
CA ASP F 367 26.60 -13.91 -42.21
C ASP F 367 25.57 -14.84 -41.60
N ILE F 368 25.77 -16.15 -41.73
CA ILE F 368 24.84 -17.11 -41.14
C ILE F 368 25.06 -17.24 -39.63
N GLY F 369 26.30 -17.45 -39.20
CA GLY F 369 26.60 -17.51 -37.79
C GLY F 369 27.03 -18.86 -37.26
N ALA F 370 27.78 -19.65 -38.03
CA ALA F 370 28.27 -20.94 -37.55
C ALA F 370 29.56 -20.80 -36.75
N ILE F 371 30.22 -19.64 -36.83
CA ILE F 371 31.52 -19.45 -36.16
C ILE F 371 31.35 -19.40 -34.65
N GLN F 372 30.32 -18.70 -34.17
CA GLN F 372 30.06 -18.63 -32.73
C GLN F 372 29.60 -19.99 -32.20
N SER F 373 28.90 -20.78 -33.01
CA SER F 373 28.55 -22.14 -32.62
C SER F 373 29.77 -23.04 -32.54
N LEU F 374 30.73 -22.88 -33.45
CA LEU F 374 31.99 -23.63 -33.33
C LEU F 374 32.79 -23.19 -32.12
N LYS F 375 32.74 -21.90 -31.77
CA LYS F 375 33.40 -21.44 -30.55
C LYS F 375 32.73 -22.00 -29.31
N ARG F 376 31.39 -22.15 -29.33
CA ARG F 376 30.71 -22.82 -28.23
C ARG F 376 31.05 -24.31 -28.17
N LEU F 377 31.29 -24.93 -29.33
CA LEU F 377 31.71 -26.33 -29.35
C LEU F 377 33.10 -26.51 -28.76
N VAL F 378 34.01 -25.59 -29.06
CA VAL F 378 35.37 -25.69 -28.51
C VAL F 378 35.37 -25.37 -27.02
N SER F 379 34.70 -24.29 -26.62
CA SER F 379 34.73 -23.86 -25.23
C SER F 379 33.90 -24.75 -24.30
N TYR F 380 33.01 -25.59 -24.84
CA TYR F 380 32.23 -26.51 -24.03
C TYR F 380 32.34 -27.94 -24.55
N SER F 381 33.55 -28.42 -24.79
CA SER F 381 33.75 -29.73 -25.38
C SER F 381 33.89 -30.82 -24.31
N THR F 382 33.17 -31.91 -24.53
CA THR F 382 33.33 -33.14 -23.74
C THR F 382 33.80 -34.29 -24.62
N ASN F 383 34.07 -34.00 -25.89
CA ASN F 383 34.53 -34.98 -26.86
C ASN F 383 35.72 -34.41 -27.61
N GLY F 384 36.70 -35.26 -27.88
CA GLY F 384 37.89 -34.81 -28.59
C GLY F 384 37.71 -34.67 -30.08
N THR F 385 36.82 -35.47 -30.67
CA THR F 385 36.67 -35.50 -32.12
C THR F 385 35.97 -34.24 -32.63
N LYS F 386 34.83 -33.87 -32.03
CA LYS F 386 34.12 -32.68 -32.46
C LYS F 386 34.89 -31.41 -32.11
N SER F 387 35.66 -31.43 -31.02
CA SER F 387 36.53 -30.31 -30.69
C SER F 387 37.67 -30.15 -31.67
N ALA F 388 38.28 -31.26 -32.10
CA ALA F 388 39.36 -31.17 -33.09
C ALA F 388 38.83 -30.71 -34.44
N LEU F 389 37.62 -31.17 -34.80
CA LEU F 389 37.02 -30.72 -36.06
C LEU F 389 36.63 -29.26 -36.01
N ALA F 390 36.11 -28.79 -34.86
CA ALA F 390 35.77 -27.38 -34.74
C ALA F 390 36.99 -26.49 -34.70
N LYS F 391 38.09 -26.95 -34.08
CA LYS F 391 39.34 -26.20 -34.10
C LYS F 391 39.94 -26.14 -35.50
N ARG F 392 39.84 -27.23 -36.26
CA ARG F 392 40.32 -27.22 -37.64
C ARG F 392 39.45 -26.33 -38.52
N ALA F 393 38.15 -26.30 -38.26
CA ALA F 393 37.24 -25.45 -39.04
C ALA F 393 37.47 -23.97 -38.74
N LEU F 394 37.74 -23.64 -37.47
CA LEU F 394 38.06 -22.25 -37.13
C LEU F 394 39.47 -21.87 -37.56
N ARG F 395 40.38 -22.84 -37.70
CA ARG F 395 41.71 -22.58 -38.22
C ARG F 395 41.74 -22.35 -39.72
N LEU F 396 40.90 -23.09 -40.46
CA LEU F 396 40.81 -22.87 -41.91
C LEU F 396 40.07 -21.58 -42.25
N LEU F 397 39.34 -20.99 -41.31
CA LEU F 397 38.75 -19.68 -41.50
C LEU F 397 39.77 -18.62 -41.08
N GLY F 398 39.33 -17.36 -40.96
CA GLY F 398 40.21 -16.25 -40.68
C GLY F 398 40.25 -15.75 -39.26
N GLU F 399 39.76 -16.52 -38.29
CA GLU F 399 39.77 -16.12 -36.90
C GLU F 399 40.52 -17.13 -36.04
N GLU F 400 40.77 -16.75 -34.80
CA GLU F 400 41.54 -17.56 -33.87
C GLU F 400 40.65 -18.64 -33.25
N VAL F 401 41.29 -19.69 -32.74
CA VAL F 401 40.59 -20.75 -32.03
C VAL F 401 40.55 -20.41 -30.54
N PRO F 402 39.46 -20.71 -29.84
CA PRO F 402 39.43 -20.49 -28.39
C PRO F 402 40.00 -21.69 -27.64
N ARG F 403 40.13 -21.51 -26.33
CA ARG F 403 40.64 -22.55 -25.45
C ARG F 403 39.50 -23.22 -24.68
N PRO F 404 39.65 -24.49 -24.33
CA PRO F 404 38.68 -25.13 -23.43
C PRO F 404 38.78 -24.53 -22.03
N ILE F 405 37.62 -24.18 -21.46
CA ILE F 405 37.55 -23.49 -20.19
C ILE F 405 37.84 -24.47 -19.06
N LEU F 406 38.27 -23.93 -17.93
CA LEU F 406 38.43 -24.74 -16.73
C LEU F 406 37.07 -24.98 -16.09
N PRO F 407 36.65 -26.23 -15.90
CA PRO F 407 35.29 -26.48 -15.39
C PRO F 407 35.08 -26.11 -13.93
N SER F 408 36.14 -25.96 -13.14
CA SER F 408 36.01 -25.61 -11.72
C SER F 408 35.76 -24.11 -11.63
N VAL F 409 34.51 -23.74 -11.85
CA VAL F 409 34.04 -22.35 -11.84
C VAL F 409 34.10 -21.70 -10.45
N PRO F 410 33.77 -22.37 -9.32
CA PRO F 410 34.09 -21.75 -8.02
C PRO F 410 35.59 -21.61 -7.74
N SER F 411 36.46 -22.29 -8.47
CA SER F 411 37.90 -22.12 -8.34
C SER F 411 38.46 -21.10 -9.32
N TRP F 412 37.60 -20.35 -10.03
CA TRP F 412 38.08 -19.36 -10.98
C TRP F 412 38.58 -18.10 -10.28
N LYS F 413 39.68 -17.57 -10.78
CA LYS F 413 40.13 -16.23 -10.47
C LYS F 413 39.62 -15.28 -11.56
N GLU F 414 40.16 -14.05 -11.60
CA GLU F 414 39.66 -13.03 -12.52
C GLU F 414 40.02 -13.33 -13.97
N ALA F 415 41.19 -13.95 -14.21
CA ALA F 415 41.67 -14.16 -15.58
C ALA F 415 40.84 -15.21 -16.31
N GLU F 416 40.35 -16.23 -15.59
CA GLU F 416 39.47 -17.21 -16.21
C GLU F 416 38.12 -16.59 -16.57
N VAL F 417 37.64 -15.65 -15.75
CA VAL F 417 36.40 -14.94 -16.07
C VAL F 417 36.59 -14.05 -17.29
N GLN F 418 37.75 -13.40 -17.40
CA GLN F 418 38.04 -12.57 -18.58
C GLN F 418 38.17 -13.43 -19.83
N THR F 419 38.78 -14.62 -19.71
CA THR F 419 38.88 -15.52 -20.84
C THR F 419 37.52 -16.05 -21.27
N TRP F 420 36.65 -16.36 -20.30
CA TRP F 420 35.29 -16.79 -20.60
C TRP F 420 34.48 -15.68 -21.26
N LEU F 421 34.75 -14.42 -20.89
CA LEU F 421 34.16 -13.29 -21.60
C LEU F 421 34.65 -13.19 -23.03
N GLN F 422 35.96 -13.40 -23.24
CA GLN F 422 36.53 -13.23 -24.58
C GLN F 422 36.14 -14.36 -25.51
N GLN F 423 35.78 -15.52 -24.98
CA GLN F 423 35.53 -16.66 -25.87
C GLN F 423 34.09 -16.75 -26.37
N ILE F 424 33.12 -16.10 -25.71
CA ILE F 424 31.71 -16.27 -26.09
C ILE F 424 31.10 -15.00 -26.67
N GLY F 425 31.83 -13.89 -26.69
CA GLY F 425 31.32 -12.69 -27.32
C GLY F 425 30.92 -11.57 -26.40
N PHE F 426 31.57 -11.42 -25.25
CA PHE F 426 31.36 -10.30 -24.35
C PHE F 426 32.60 -9.45 -24.20
N SER F 427 33.26 -9.13 -25.32
CA SER F 427 34.46 -8.33 -25.32
C SER F 427 34.22 -6.88 -24.92
N LYS F 428 32.98 -6.39 -24.99
CA LYS F 428 32.68 -5.03 -24.58
C LYS F 428 32.72 -4.89 -23.06
N TYR F 429 32.31 -5.93 -22.34
CA TYR F 429 32.22 -5.90 -20.88
C TYR F 429 33.43 -6.52 -20.19
N CYS F 430 34.57 -6.61 -20.87
CA CYS F 430 35.77 -7.13 -20.22
C CYS F 430 36.37 -6.14 -19.24
N GLU F 431 36.33 -4.84 -19.57
CA GLU F 431 36.82 -3.84 -18.64
C GLU F 431 35.82 -3.56 -17.53
N SER F 432 34.57 -3.98 -17.70
CA SER F 432 33.56 -3.75 -16.67
C SER F 432 33.73 -4.72 -15.50
N PHE F 433 34.06 -5.98 -15.79
CA PHE F 433 34.20 -6.95 -14.70
C PHE F 433 35.56 -6.83 -14.01
N ARG F 434 36.57 -6.29 -14.71
CA ARG F 434 37.91 -6.22 -14.13
C ARG F 434 38.00 -5.12 -13.09
N GLU F 435 37.32 -4.00 -13.30
CA GLU F 435 37.32 -2.92 -12.31
C GLU F 435 36.50 -3.30 -11.09
N GLN F 436 35.49 -4.15 -11.25
CA GLN F 436 34.65 -4.61 -10.15
C GLN F 436 35.22 -5.85 -9.46
N GLN F 437 36.30 -6.43 -10.00
CA GLN F 437 36.99 -7.61 -9.45
C GLN F 437 36.06 -8.81 -9.31
N VAL F 438 35.39 -9.16 -10.40
CA VAL F 438 34.46 -10.28 -10.40
C VAL F 438 35.22 -11.56 -10.71
N ASP F 439 35.23 -12.47 -9.74
CA ASP F 439 35.83 -13.79 -9.92
C ASP F 439 34.72 -14.82 -10.18
N GLY F 440 35.09 -16.10 -10.16
CA GLY F 440 34.12 -17.15 -10.43
C GLY F 440 33.07 -17.31 -9.35
N ASP F 441 33.39 -16.89 -8.12
CA ASP F 441 32.41 -16.96 -7.04
C ASP F 441 31.35 -15.88 -7.20
N LEU F 442 31.73 -14.71 -7.72
CA LEU F 442 30.77 -13.64 -7.96
C LEU F 442 30.04 -13.82 -9.29
N LEU F 443 30.61 -14.59 -10.22
CA LEU F 443 29.95 -14.83 -11.49
C LEU F 443 28.78 -15.81 -11.33
N LEU F 444 28.93 -16.79 -10.44
CA LEU F 444 27.86 -17.73 -10.13
C LEU F 444 26.74 -17.10 -9.33
N ARG F 445 26.96 -15.93 -8.72
CA ARG F 445 25.99 -15.29 -7.84
C ARG F 445 25.69 -13.87 -8.32
N LEU F 446 25.46 -13.70 -9.62
CA LEU F 446 25.19 -12.40 -10.21
C LEU F 446 23.72 -12.31 -10.62
N THR F 447 23.12 -11.15 -10.40
CA THR F 447 21.68 -10.97 -10.54
C THR F 447 21.36 -9.84 -11.51
N GLU F 448 20.07 -9.45 -11.51
CA GLU F 448 19.59 -8.39 -12.41
C GLU F 448 20.15 -7.03 -12.00
N GLU F 449 20.08 -6.70 -10.71
CA GLU F 449 20.36 -5.34 -10.27
C GLU F 449 21.84 -5.00 -10.34
N GLU F 450 22.71 -5.98 -10.08
CA GLU F 450 24.14 -5.72 -10.17
C GLU F 450 24.59 -5.60 -11.62
N LEU F 451 23.93 -6.31 -12.53
CA LEU F 451 24.18 -6.11 -13.96
C LEU F 451 23.67 -4.76 -14.43
N GLN F 452 22.54 -4.31 -13.90
CA GLN F 452 21.94 -3.06 -14.38
C GLN F 452 22.68 -1.83 -13.85
N THR F 453 22.95 -1.79 -12.54
CA THR F 453 23.48 -0.58 -11.93
C THR F 453 25.01 -0.55 -11.92
N ASP F 454 25.64 -1.59 -11.37
CA ASP F 454 27.07 -1.57 -11.10
C ASP F 454 27.94 -1.88 -12.32
N LEU F 455 27.40 -2.58 -13.32
CA LEU F 455 28.20 -3.09 -14.42
C LEU F 455 27.97 -2.35 -15.73
N GLY F 456 27.04 -1.39 -15.76
CA GLY F 456 26.80 -0.62 -16.97
C GLY F 456 26.10 -1.38 -18.07
N MET F 457 25.45 -2.49 -17.75
CA MET F 457 24.69 -3.28 -18.73
C MET F 457 23.23 -2.87 -18.57
N LYS F 458 22.87 -1.77 -19.23
CA LYS F 458 21.55 -1.18 -19.04
C LYS F 458 20.46 -1.93 -19.81
N SER F 459 20.80 -2.52 -20.95
CA SER F 459 19.81 -3.20 -21.77
C SER F 459 19.44 -4.55 -21.19
N GLY F 460 18.13 -4.79 -21.05
CA GLY F 460 17.65 -6.06 -20.55
C GLY F 460 17.83 -7.21 -21.52
N ILE F 461 17.90 -6.93 -22.82
CA ILE F 461 18.14 -7.97 -23.81
C ILE F 461 19.58 -8.46 -23.73
N THR F 462 20.52 -7.54 -23.49
CA THR F 462 21.92 -7.91 -23.27
C THR F 462 22.06 -8.68 -21.96
N ARG F 463 21.31 -8.29 -20.93
CA ARG F 463 21.29 -9.04 -19.68
C ARG F 463 20.70 -10.43 -19.87
N LYS F 464 19.70 -10.56 -20.73
CA LYS F 464 19.07 -11.87 -20.94
C LYS F 464 19.98 -12.78 -21.76
N ARG F 465 20.73 -12.22 -22.71
CA ARG F 465 21.75 -12.99 -23.42
C ARG F 465 22.87 -13.41 -22.47
N PHE F 466 23.20 -12.54 -21.50
CA PHE F 466 24.20 -12.90 -20.50
C PHE F 466 23.69 -14.00 -19.58
N PHE F 467 22.39 -13.99 -19.25
CA PHE F 467 21.85 -15.08 -18.44
C PHE F 467 21.68 -16.37 -19.24
N ARG F 468 21.50 -16.30 -20.56
CA ARG F 468 21.53 -17.52 -21.37
C ARG F 468 22.94 -18.12 -21.38
N GLU F 469 23.95 -17.27 -21.55
CA GLU F 469 25.34 -17.73 -21.47
C GLU F 469 25.69 -18.21 -20.06
N LEU F 470 25.07 -17.62 -19.04
CA LEU F 470 25.29 -18.06 -17.67
C LEU F 470 24.61 -19.40 -17.40
N THR F 471 23.45 -19.64 -18.02
CA THR F 471 22.82 -20.96 -17.96
C THR F 471 23.69 -22.01 -18.63
N GLU F 472 24.26 -21.67 -19.79
CA GLU F 472 25.15 -22.59 -20.49
C GLU F 472 26.43 -22.85 -19.70
N LEU F 473 26.90 -21.84 -18.96
CA LEU F 473 28.09 -22.03 -18.13
C LEU F 473 27.79 -22.87 -16.89
N LYS F 474 26.68 -22.57 -16.20
CA LYS F 474 26.38 -23.28 -14.96
C LYS F 474 25.81 -24.67 -15.20
N THR F 475 25.45 -24.99 -16.45
CA THR F 475 25.22 -26.38 -16.81
C THR F 475 26.52 -27.18 -16.85
N PHE F 476 27.52 -26.68 -17.57
CA PHE F 476 28.83 -27.34 -17.68
C PHE F 476 29.80 -26.71 -16.68
N ALA F 477 29.77 -27.22 -15.45
CA ALA F 477 30.57 -26.66 -14.38
C ALA F 477 30.94 -27.75 -13.38
N ASN F 478 32.14 -27.62 -12.80
CA ASN F 478 32.60 -28.53 -11.76
C ASN F 478 32.37 -27.88 -10.40
N TYR F 479 31.58 -28.55 -9.57
CA TYR F 479 31.27 -28.07 -8.23
C TYR F 479 31.90 -28.96 -7.15
N SER F 480 33.09 -29.51 -7.42
CA SER F 480 33.71 -30.43 -6.49
C SER F 480 34.23 -29.74 -5.23
N THR F 481 34.45 -28.44 -5.28
CA THR F 481 34.98 -27.72 -4.12
C THR F 481 33.90 -27.39 -3.09
N CYS F 482 32.62 -27.57 -3.41
CA CYS F 482 31.56 -27.20 -2.47
C CYS F 482 30.43 -28.22 -2.33
N ASP F 483 30.27 -29.18 -3.23
CA ASP F 483 29.14 -30.10 -3.21
C ASP F 483 29.53 -31.31 -2.37
N ARG F 484 28.84 -31.49 -1.24
CA ARG F 484 29.16 -32.58 -0.32
C ARG F 484 28.36 -33.83 -0.61
N SER F 485 27.11 -33.69 -1.05
CA SER F 485 26.20 -34.83 -1.17
C SER F 485 25.80 -35.13 -2.61
N ASN F 486 26.53 -34.59 -3.59
CA ASN F 486 26.27 -34.75 -5.03
C ASN F 486 24.87 -34.28 -5.40
N LEU F 487 24.64 -32.98 -5.21
CA LEU F 487 23.35 -32.38 -5.50
C LEU F 487 23.15 -32.10 -6.99
N ALA F 488 24.25 -31.96 -7.74
CA ALA F 488 24.16 -31.68 -9.17
C ALA F 488 23.61 -32.89 -9.93
N ASP F 489 23.97 -34.10 -9.51
CA ASP F 489 23.38 -35.29 -10.12
C ASP F 489 21.95 -35.52 -9.66
N TRP F 490 21.56 -34.98 -8.50
CA TRP F 490 20.15 -35.01 -8.11
C TRP F 490 19.33 -34.07 -8.97
N LEU F 491 19.89 -32.89 -9.28
CA LEU F 491 19.19 -31.95 -10.15
C LEU F 491 19.18 -32.43 -11.60
N GLY F 492 20.23 -33.14 -12.02
CA GLY F 492 20.31 -33.61 -13.39
C GLY F 492 19.43 -34.80 -13.70
N SER F 493 19.05 -35.58 -12.68
CA SER F 493 18.18 -36.73 -12.86
C SER F 493 16.73 -36.34 -13.12
N LEU F 494 16.35 -35.10 -12.80
CA LEU F 494 14.99 -34.64 -13.06
C LEU F 494 14.89 -33.99 -14.43
N ASP F 495 15.81 -33.09 -14.74
CA ASP F 495 15.83 -32.27 -15.95
C ASP F 495 17.25 -31.74 -16.09
N PRO F 496 17.91 -31.92 -17.24
CA PRO F 496 19.30 -31.43 -17.37
C PRO F 496 19.47 -29.92 -17.35
N ARG F 497 18.38 -29.14 -17.38
CA ARG F 497 18.47 -27.70 -17.20
C ARG F 497 18.31 -27.27 -15.74
N PHE F 498 18.17 -28.23 -14.82
CA PHE F 498 18.09 -27.92 -13.39
C PHE F 498 19.45 -27.81 -12.72
N ARG F 499 20.54 -28.12 -13.42
CA ARG F 499 21.85 -28.13 -12.80
C ARG F 499 22.44 -26.73 -12.66
N GLN F 500 21.76 -25.70 -13.17
CA GLN F 500 22.24 -24.34 -12.97
C GLN F 500 22.07 -23.86 -11.54
N TYR F 501 21.12 -24.39 -10.80
CA TYR F 501 20.89 -23.94 -9.42
C TYR F 501 21.67 -24.72 -8.39
N THR F 502 22.71 -25.47 -8.82
CA THR F 502 23.54 -26.24 -7.90
C THR F 502 24.27 -25.31 -6.93
N TYR F 503 24.88 -24.24 -7.44
CA TYR F 503 25.55 -23.29 -6.57
C TYR F 503 24.56 -22.52 -5.69
N GLY F 504 23.36 -22.25 -6.22
CA GLY F 504 22.37 -21.52 -5.45
C GLY F 504 21.80 -22.32 -4.29
N LEU F 505 21.73 -23.64 -4.45
CA LEU F 505 21.24 -24.48 -3.36
C LEU F 505 22.36 -24.90 -2.42
N VAL F 506 23.59 -25.05 -2.94
CA VAL F 506 24.70 -25.42 -2.07
C VAL F 506 25.17 -24.23 -1.24
N SER F 507 25.15 -23.02 -1.79
CA SER F 507 25.64 -21.83 -1.09
C SER F 507 24.75 -21.42 0.07
N CYS F 508 23.51 -21.92 0.12
CA CYS F 508 22.64 -21.72 1.27
C CYS F 508 22.88 -22.75 2.38
N GLY F 509 23.78 -23.70 2.18
CA GLY F 509 24.09 -24.70 3.18
C GLY F 509 23.28 -25.99 3.07
N LEU F 510 22.68 -26.26 1.92
CA LEU F 510 21.80 -27.42 1.81
C LEU F 510 22.56 -28.63 1.26
N ASP F 511 21.97 -29.80 1.47
CA ASP F 511 22.43 -31.06 0.92
C ASP F 511 21.21 -31.96 0.71
N ARG F 512 21.44 -33.27 0.57
CA ARG F 512 20.33 -34.19 0.34
C ARG F 512 19.47 -34.37 1.58
N SER F 513 20.04 -34.15 2.77
CA SER F 513 19.33 -34.42 4.01
C SER F 513 18.63 -33.19 4.59
N LEU F 514 18.53 -32.09 3.84
CA LEU F 514 17.89 -30.89 4.33
C LEU F 514 16.86 -30.28 3.38
N LEU F 515 16.57 -30.92 2.24
CA LEU F 515 15.66 -30.33 1.29
C LEU F 515 14.19 -30.52 1.65
N HIS F 516 13.89 -31.38 2.63
CA HIS F 516 12.50 -31.64 2.98
C HIS F 516 11.90 -30.58 3.88
N ARG F 517 12.70 -29.64 4.39
CA ARG F 517 12.20 -28.53 5.20
C ARG F 517 12.38 -27.18 4.52
N VAL F 518 12.61 -27.16 3.22
CA VAL F 518 12.79 -25.94 2.46
C VAL F 518 11.43 -25.54 1.89
N SER F 519 11.10 -24.24 1.96
CA SER F 519 9.86 -23.72 1.40
C SER F 519 10.13 -23.05 0.06
N GLU F 520 9.06 -22.48 -0.50
CA GLU F 520 9.16 -21.79 -1.79
C GLU F 520 9.84 -20.44 -1.65
N GLN F 521 9.62 -19.75 -0.52
CA GLN F 521 10.24 -18.45 -0.30
C GLN F 521 11.74 -18.58 -0.11
N GLN F 522 12.19 -19.70 0.47
CA GLN F 522 13.62 -19.94 0.61
C GLN F 522 14.28 -20.24 -0.73
N LEU F 523 13.53 -20.81 -1.67
CA LEU F 523 14.07 -21.02 -3.00
C LEU F 523 14.03 -19.74 -3.84
N LEU F 524 13.04 -18.88 -3.59
CA LEU F 524 12.94 -17.62 -4.34
C LEU F 524 13.98 -16.61 -3.88
N GLU F 525 13.99 -16.30 -2.58
CA GLU F 525 14.83 -15.23 -2.07
C GLU F 525 16.29 -15.65 -1.95
N ASP F 526 16.54 -16.80 -1.34
CA ASP F 526 17.91 -17.21 -1.04
C ASP F 526 18.56 -17.97 -2.18
N CYS F 527 17.92 -19.01 -2.69
CA CYS F 527 18.47 -19.80 -3.79
C CYS F 527 18.37 -19.11 -5.14
N GLY F 528 17.48 -18.14 -5.28
CA GLY F 528 17.39 -17.35 -6.50
C GLY F 528 16.78 -18.08 -7.68
N ILE F 529 15.73 -18.86 -7.44
CA ILE F 529 15.02 -19.56 -8.51
C ILE F 529 13.84 -18.68 -8.90
N HIS F 530 13.93 -18.07 -10.09
CA HIS F 530 12.92 -17.11 -10.53
C HIS F 530 11.70 -17.74 -11.15
N LEU F 531 11.80 -18.97 -11.66
CA LEU F 531 10.67 -19.63 -12.30
C LEU F 531 9.91 -20.44 -11.25
N GLY F 532 8.60 -20.21 -11.16
CA GLY F 532 7.80 -20.90 -10.16
C GLY F 532 7.52 -22.35 -10.50
N VAL F 533 7.55 -22.68 -11.79
CA VAL F 533 7.40 -24.07 -12.21
C VAL F 533 8.57 -24.91 -11.73
N HIS F 534 9.79 -24.37 -11.85
CA HIS F 534 10.97 -25.06 -11.36
C HIS F 534 10.97 -25.15 -9.84
N ARG F 535 10.45 -24.12 -9.15
CA ARG F 535 10.31 -24.17 -7.70
C ARG F 535 9.34 -25.25 -7.27
N ALA F 536 8.21 -25.38 -7.98
CA ALA F 536 7.22 -26.41 -7.65
C ALA F 536 7.77 -27.80 -7.92
N ARG F 537 8.54 -27.97 -9.01
CA ARG F 537 9.11 -29.28 -9.31
C ARG F 537 10.20 -29.66 -8.31
N ILE F 538 11.02 -28.69 -7.88
CA ILE F 538 12.05 -28.97 -6.90
C ILE F 538 11.45 -29.28 -5.53
N LEU F 539 10.39 -28.57 -5.15
CA LEU F 539 9.71 -28.88 -3.88
C LEU F 539 9.02 -30.23 -3.92
N THR F 540 8.39 -30.56 -5.04
CA THR F 540 7.70 -31.85 -5.17
C THR F 540 8.71 -33.01 -5.14
N ALA F 541 9.83 -32.87 -5.86
CA ALA F 541 10.83 -33.92 -5.86
C ALA F 541 11.61 -33.98 -4.56
N ALA F 542 11.65 -32.88 -3.80
CA ALA F 542 12.27 -32.93 -2.48
C ALA F 542 11.35 -33.56 -1.45
N ARG F 543 10.03 -33.47 -1.65
CA ARG F 543 9.11 -34.03 -0.68
C ARG F 543 8.80 -35.51 -0.96
N GLU F 544 8.71 -35.90 -2.23
CA GLU F 544 8.12 -37.21 -2.53
C GLU F 544 9.11 -38.37 -2.53
N MET F 545 10.40 -38.13 -2.79
CA MET F 545 11.35 -39.24 -2.90
C MET F 545 12.52 -39.17 -1.94
N LEU F 546 12.81 -38.00 -1.36
CA LEU F 546 13.90 -37.93 -0.40
C LEU F 546 13.47 -38.45 0.97
N HIS F 547 12.40 -37.88 1.53
CA HIS F 547 11.89 -38.33 2.81
C HIS F 547 10.36 -38.40 2.79
N THR F 561 40.48 -47.62 18.68
CA THR F 561 40.92 -48.93 19.14
C THR F 561 41.31 -49.82 17.97
N PRO F 562 42.61 -49.91 17.68
CA PRO F 562 43.07 -50.77 16.59
C PRO F 562 43.01 -52.24 16.96
N ASP F 563 43.02 -53.08 15.93
CA ASP F 563 42.94 -54.52 16.12
C ASP F 563 44.21 -55.27 15.73
N VAL F 564 45.04 -54.70 14.86
CA VAL F 564 46.28 -55.34 14.42
C VAL F 564 47.43 -54.38 14.66
N PHE F 565 48.39 -54.81 15.49
CA PHE F 565 49.59 -54.02 15.73
C PHE F 565 50.76 -54.61 14.95
N ILE F 566 51.52 -53.73 14.30
CA ILE F 566 52.65 -54.14 13.47
C ILE F 566 53.90 -53.44 13.98
N SER F 567 54.90 -54.23 14.37
CA SER F 567 56.23 -53.74 14.70
C SER F 567 57.17 -54.07 13.54
N TYR F 568 58.10 -53.16 13.27
CA TYR F 568 58.96 -53.29 12.10
C TYR F 568 60.33 -52.68 12.40
N ARG F 569 61.30 -53.00 11.55
CA ARG F 569 62.63 -52.45 11.62
C ARG F 569 62.71 -51.17 10.80
N ARG F 570 63.47 -50.19 11.32
CA ARG F 570 63.56 -48.87 10.72
C ARG F 570 64.21 -48.89 9.33
N ASN F 571 65.14 -49.81 9.09
CA ASN F 571 65.93 -49.80 7.86
C ASN F 571 65.13 -50.31 6.66
N SER F 572 64.72 -51.58 6.70
CA SER F 572 64.09 -52.21 5.55
C SER F 572 62.77 -52.90 5.89
N GLY F 573 61.98 -52.32 6.80
CA GLY F 573 60.72 -52.93 7.18
C GLY F 573 59.52 -52.03 7.05
N SER F 574 59.68 -50.89 6.38
CA SER F 574 58.59 -49.92 6.31
C SER F 574 57.60 -50.25 5.20
N GLN F 575 58.10 -50.61 4.02
CA GLN F 575 57.25 -50.84 2.86
C GLN F 575 56.40 -52.10 3.04
N LEU F 576 57.00 -53.16 3.61
CA LEU F 576 56.24 -54.38 3.86
C LEU F 576 55.18 -54.18 4.93
N ALA F 577 55.49 -53.38 5.96
CA ALA F 577 54.50 -53.09 7.01
C ALA F 577 53.34 -52.25 6.47
N SER F 578 53.65 -51.26 5.62
CA SER F 578 52.60 -50.45 5.01
C SER F 578 51.75 -51.27 4.05
N LEU F 579 52.38 -52.22 3.34
CA LEU F 579 51.64 -53.08 2.42
C LEU F 579 50.74 -54.05 3.17
N LEU F 580 51.21 -54.58 4.30
CA LEU F 580 50.37 -55.41 5.15
C LEU F 580 49.22 -54.63 5.74
N LYS F 581 49.46 -53.37 6.13
CA LYS F 581 48.38 -52.52 6.66
C LYS F 581 47.33 -52.22 5.59
N VAL F 582 47.75 -51.98 4.35
CA VAL F 582 46.80 -51.73 3.27
C VAL F 582 45.99 -52.98 2.94
N HIS F 583 46.66 -54.14 2.86
CA HIS F 583 45.94 -55.37 2.52
C HIS F 583 45.07 -55.85 3.67
N LEU F 584 45.33 -55.40 4.90
CA LEU F 584 44.40 -55.73 5.98
C LEU F 584 43.27 -54.71 6.08
N GLN F 585 43.50 -53.44 5.72
CA GLN F 585 42.42 -52.47 5.73
C GLN F 585 41.54 -52.57 4.50
N LEU F 586 41.94 -53.33 3.48
CA LEU F 586 41.02 -53.67 2.40
C LEU F 586 39.90 -54.59 2.88
N HIS F 587 40.14 -55.35 3.95
CA HIS F 587 39.15 -56.26 4.49
C HIS F 587 38.55 -55.77 5.80
N GLY F 588 38.75 -54.49 6.14
CA GLY F 588 38.11 -53.89 7.29
C GLY F 588 38.83 -54.07 8.62
N PHE F 589 40.07 -54.55 8.61
CA PHE F 589 40.83 -54.76 9.85
C PHE F 589 41.53 -53.45 10.23
N SER F 590 41.22 -52.93 11.41
CA SER F 590 41.86 -51.71 11.89
C SER F 590 43.28 -51.99 12.33
N VAL F 591 44.24 -51.33 11.71
CA VAL F 591 45.66 -51.60 11.90
C VAL F 591 46.35 -50.33 12.39
N PHE F 592 47.14 -50.45 13.46
CA PHE F 592 47.93 -49.34 13.97
C PHE F 592 49.34 -49.39 13.40
N ILE F 593 49.87 -48.22 13.04
CA ILE F 593 51.20 -48.10 12.46
C ILE F 593 51.87 -46.91 13.16
N ASP F 594 53.07 -46.50 12.71
CA ASP F 594 53.89 -45.40 13.20
C ASP F 594 54.36 -45.66 14.63
N VAL F 595 55.13 -46.73 14.81
CA VAL F 595 55.88 -46.93 16.05
C VAL F 595 56.97 -45.88 16.16
N GLU F 596 57.57 -45.49 15.03
CA GLU F 596 58.61 -44.48 14.97
C GLU F 596 58.12 -43.09 15.37
N LYS F 597 56.81 -42.82 15.24
CA LYS F 597 56.25 -41.59 15.75
C LYS F 597 56.27 -41.55 17.27
N LEU F 598 56.11 -42.71 17.91
CA LEU F 598 56.19 -42.82 19.36
C LEU F 598 57.61 -42.96 19.87
N GLU F 599 58.62 -42.90 18.99
CA GLU F 599 60.03 -42.98 19.37
C GLU F 599 60.65 -41.62 19.63
N ALA F 600 59.83 -40.60 19.95
CA ALA F 600 60.31 -39.25 20.19
C ALA F 600 60.48 -38.94 21.67
N GLY F 601 60.85 -39.93 22.48
CA GLY F 601 60.98 -39.75 23.91
C GLY F 601 59.84 -40.29 24.73
N LYS F 602 58.76 -40.74 24.10
CA LYS F 602 57.62 -41.33 24.81
C LYS F 602 57.97 -42.78 25.13
N PHE F 603 58.20 -43.06 26.41
CA PHE F 603 58.83 -44.32 26.80
C PHE F 603 57.82 -45.48 26.76
N GLU F 604 56.80 -45.43 27.63
CA GLU F 604 55.77 -46.46 27.66
C GLU F 604 54.38 -45.89 27.87
N ASP F 605 54.14 -44.61 27.55
CA ASP F 605 52.84 -44.02 27.84
C ASP F 605 51.79 -44.42 26.81
N LYS F 606 52.18 -44.70 25.56
CA LYS F 606 51.24 -45.04 24.52
C LYS F 606 51.46 -46.42 23.92
N LEU F 607 52.63 -47.03 24.10
CA LEU F 607 52.87 -48.38 23.58
C LEU F 607 52.02 -49.40 24.33
N ILE F 608 51.84 -49.21 25.64
CA ILE F 608 51.01 -50.11 26.43
C ILE F 608 49.54 -49.96 26.03
N GLN F 609 49.10 -48.72 25.83
CA GLN F 609 47.72 -48.46 25.39
C GLN F 609 47.48 -48.93 23.96
N SER F 610 48.53 -49.04 23.14
CA SER F 610 48.37 -49.58 21.79
C SER F 610 48.31 -51.11 21.80
N VAL F 611 49.21 -51.75 22.55
CA VAL F 611 49.30 -53.21 22.52
C VAL F 611 48.15 -53.85 23.31
N MET F 612 47.78 -53.27 24.46
CA MET F 612 46.66 -53.79 25.24
C MET F 612 45.33 -53.67 24.49
N GLY F 613 45.20 -52.63 23.66
CA GLY F 613 44.02 -52.49 22.83
C GLY F 613 44.08 -53.30 21.55
N ALA F 614 45.27 -53.76 21.16
CA ALA F 614 45.45 -54.50 19.91
C ALA F 614 44.93 -55.92 20.08
N ARG F 615 44.04 -56.34 19.16
CA ARG F 615 43.53 -57.70 19.19
C ARG F 615 44.56 -58.71 18.71
N ASN F 616 45.43 -58.32 17.77
CA ASN F 616 46.42 -59.25 17.22
C ASN F 616 47.81 -58.62 17.19
N PHE F 617 48.77 -59.31 16.57
CA PHE F 617 50.14 -58.81 16.50
C PHE F 617 50.80 -59.39 15.25
N VAL F 618 51.44 -58.53 14.46
CA VAL F 618 52.18 -58.92 13.27
C VAL F 618 53.61 -58.43 13.43
N LEU F 619 54.57 -59.34 13.31
CA LEU F 619 55.99 -59.03 13.46
C LEU F 619 56.64 -59.11 12.08
N VAL F 620 56.90 -57.94 11.48
CA VAL F 620 57.59 -57.88 10.19
C VAL F 620 59.06 -58.19 10.40
N LEU F 621 59.53 -59.27 9.79
CA LEU F 621 60.92 -59.71 9.90
C LEU F 621 61.63 -59.32 8.61
N SER F 622 62.28 -58.16 8.64
CA SER F 622 63.11 -57.70 7.53
C SER F 622 64.43 -58.47 7.54
N PRO F 623 65.21 -58.41 6.44
CA PRO F 623 66.59 -58.93 6.52
C PRO F 623 67.44 -58.11 7.49
N GLY F 624 67.82 -58.74 8.60
CA GLY F 624 68.46 -58.02 9.68
C GLY F 624 67.48 -57.37 10.64
N ALA F 625 66.38 -58.06 10.96
CA ALA F 625 65.37 -57.48 11.84
C ALA F 625 65.78 -57.58 13.30
N LEU F 626 66.16 -58.78 13.74
CA LEU F 626 66.50 -59.01 15.14
C LEU F 626 67.98 -58.82 15.43
N ASP F 627 68.67 -57.98 14.65
CA ASP F 627 70.08 -57.72 14.90
C ASP F 627 70.26 -56.82 16.12
N LYS F 628 69.44 -55.77 16.22
CA LYS F 628 69.53 -54.86 17.35
C LYS F 628 68.89 -55.42 18.62
N CYS F 629 68.06 -56.46 18.51
CA CYS F 629 67.50 -57.11 19.68
C CYS F 629 68.47 -58.05 20.37
N MET F 630 69.57 -58.41 19.71
CA MET F 630 70.59 -59.26 20.32
C MET F 630 71.42 -58.45 21.31
N GLN F 631 71.72 -59.06 22.46
CA GLN F 631 72.50 -58.47 23.56
C GLN F 631 71.89 -57.18 24.09
N ASP F 632 70.56 -57.05 24.04
CA ASP F 632 69.86 -55.87 24.56
C ASP F 632 69.31 -56.22 25.94
N HIS F 633 70.22 -56.21 26.93
CA HIS F 633 69.88 -56.58 28.30
C HIS F 633 69.45 -55.39 29.13
N ASP F 634 69.10 -54.27 28.50
CA ASP F 634 68.65 -53.08 29.22
C ASP F 634 67.30 -52.57 28.76
N CYS F 635 66.65 -53.24 27.80
CA CYS F 635 65.34 -52.92 27.25
C CYS F 635 65.32 -51.49 26.68
N LYS F 636 66.11 -51.30 25.63
CA LYS F 636 66.26 -50.01 24.98
C LYS F 636 65.73 -50.00 23.55
N ASP F 637 65.86 -51.12 22.84
CA ASP F 637 65.37 -51.19 21.47
C ASP F 637 63.84 -51.28 21.45
N TRP F 638 63.23 -50.52 20.54
CA TRP F 638 61.77 -50.39 20.52
C TRP F 638 61.09 -51.65 20.00
N VAL F 639 61.72 -52.35 19.06
CA VAL F 639 61.19 -53.62 18.58
C VAL F 639 61.27 -54.67 19.70
N HIS F 640 62.33 -54.60 20.50
CA HIS F 640 62.46 -55.47 21.67
C HIS F 640 61.38 -55.15 22.70
N LYS F 641 61.05 -53.86 22.87
CA LYS F 641 59.97 -53.46 23.76
C LYS F 641 58.62 -53.98 23.26
N ALA F 642 58.41 -53.94 21.95
CA ALA F 642 57.17 -54.45 21.37
C ALA F 642 57.06 -55.97 21.54
N ILE F 643 58.17 -56.69 21.38
CA ILE F 643 58.16 -58.14 21.54
C ILE F 643 57.91 -58.53 23.01
N VAL F 644 58.56 -57.83 23.94
CA VAL F 644 58.37 -58.10 25.37
C VAL F 644 56.94 -57.75 25.79
N THR F 645 56.39 -56.66 25.26
CA THR F 645 55.01 -56.29 25.61
C THR F 645 54.00 -57.27 25.01
N ALA F 646 54.27 -57.76 23.79
CA ALA F 646 53.36 -58.73 23.17
C ALA F 646 53.43 -60.08 23.86
N LEU F 647 54.61 -60.48 24.35
CA LEU F 647 54.71 -61.71 25.12
C LEU F 647 54.15 -61.57 26.53
N SER F 648 54.16 -60.35 27.09
CA SER F 648 53.49 -60.13 28.37
C SER F 648 51.98 -60.16 28.21
N CYS F 649 51.47 -59.66 27.08
CA CYS F 649 50.05 -59.74 26.81
C CYS F 649 49.60 -61.14 26.41
N GLY F 650 50.43 -61.86 25.66
CA GLY F 650 50.04 -63.17 25.18
C GLY F 650 49.19 -63.16 23.94
N LYS F 651 49.35 -62.16 23.07
CA LYS F 651 48.52 -62.04 21.88
C LYS F 651 49.00 -62.99 20.79
N ASN F 652 48.20 -63.08 19.72
CA ASN F 652 48.52 -63.94 18.59
C ASN F 652 49.63 -63.34 17.74
N ILE F 653 50.86 -63.81 17.92
CA ILE F 653 51.99 -63.27 17.18
C ILE F 653 52.10 -64.00 15.84
N VAL F 654 51.97 -63.25 14.75
CA VAL F 654 52.08 -63.80 13.40
C VAL F 654 53.29 -63.17 12.73
N PRO F 655 54.43 -63.85 12.67
CA PRO F 655 55.60 -63.29 12.01
C PRO F 655 55.47 -63.34 10.49
N ILE F 656 56.05 -62.32 9.85
CA ILE F 656 56.09 -62.23 8.39
C ILE F 656 57.55 -62.18 7.97
N ILE F 657 58.01 -63.21 7.26
CA ILE F 657 59.41 -63.38 6.92
C ILE F 657 59.59 -62.96 5.46
N ASP F 658 60.49 -61.99 5.24
CA ASP F 658 60.85 -61.54 3.90
C ASP F 658 62.36 -61.79 3.73
N GLY F 659 62.70 -63.03 3.38
CA GLY F 659 64.08 -63.41 3.17
C GLY F 659 64.98 -63.30 4.39
N PHE F 660 64.54 -63.88 5.52
CA PHE F 660 65.26 -63.75 6.77
C PHE F 660 65.36 -65.10 7.46
N GLU F 661 66.58 -65.50 7.81
CA GLU F 661 66.81 -66.77 8.47
C GLU F 661 66.45 -66.67 9.94
N TRP F 662 66.03 -67.79 10.52
CA TRP F 662 65.65 -67.83 11.93
C TRP F 662 66.89 -67.73 12.80
N PRO F 663 66.95 -66.79 13.75
CA PRO F 663 68.13 -66.64 14.59
C PRO F 663 68.23 -67.70 15.67
N GLU F 664 69.33 -67.65 16.41
CA GLU F 664 69.57 -68.61 17.47
C GLU F 664 68.76 -68.25 18.72
N PRO F 665 68.33 -69.24 19.50
CA PRO F 665 67.61 -68.93 20.74
C PRO F 665 68.52 -68.38 21.84
N GLN F 666 69.79 -68.78 21.86
CA GLN F 666 70.68 -68.42 22.96
C GLN F 666 71.27 -67.03 22.83
N VAL F 667 71.24 -66.43 21.64
CA VAL F 667 71.80 -65.09 21.45
C VAL F 667 70.83 -63.99 21.83
N LEU F 668 69.56 -64.32 22.05
CA LEU F 668 68.52 -63.39 22.45
C LEU F 668 68.31 -63.45 23.96
N PRO F 669 67.86 -62.35 24.58
CA PRO F 669 67.53 -62.38 26.00
C PRO F 669 66.33 -63.26 26.30
N GLU F 670 66.21 -63.64 27.57
CA GLU F 670 65.24 -64.67 27.95
C GLU F 670 63.80 -64.16 27.91
N ASP F 671 63.60 -62.85 27.86
CA ASP F 671 62.25 -62.28 27.77
C ASP F 671 61.72 -62.24 26.35
N MET F 672 62.46 -62.75 25.36
CA MET F 672 61.99 -62.79 23.99
C MET F 672 62.27 -64.09 23.25
N GLN F 673 62.68 -65.14 23.96
CA GLN F 673 63.02 -66.41 23.32
C GLN F 673 61.80 -67.23 22.89
N ALA F 674 60.59 -66.80 23.26
CA ALA F 674 59.38 -67.53 22.90
C ALA F 674 58.85 -67.17 21.52
N VAL F 675 59.47 -66.20 20.84
CA VAL F 675 58.96 -65.76 19.54
C VAL F 675 59.30 -66.78 18.45
N LEU F 676 60.27 -67.66 18.69
CA LEU F 676 60.69 -68.65 17.70
C LEU F 676 59.77 -69.85 17.61
N THR F 677 58.71 -69.91 18.41
CA THR F 677 57.79 -71.05 18.44
C THR F 677 56.42 -70.69 17.84
N PHE F 678 56.33 -69.60 17.10
CA PHE F 678 55.08 -69.19 16.46
C PHE F 678 55.13 -69.53 14.98
N ASN F 679 53.94 -69.80 14.41
CA ASN F 679 53.82 -70.20 13.02
C ASN F 679 53.98 -68.96 12.14
N GLY F 680 55.19 -68.77 11.62
CA GLY F 680 55.44 -67.67 10.71
C GLY F 680 54.96 -67.96 9.30
N ILE F 681 54.79 -66.89 8.54
CA ILE F 681 54.30 -66.96 7.16
C ILE F 681 55.33 -66.33 6.24
N LYS F 682 55.82 -67.10 5.28
CA LYS F 682 56.75 -66.58 4.30
C LYS F 682 56.04 -65.66 3.32
N TRP F 683 56.73 -64.59 2.92
CA TRP F 683 56.15 -63.57 2.06
C TRP F 683 56.61 -63.77 0.61
N SER F 684 55.65 -63.71 -0.31
CA SER F 684 55.92 -63.76 -1.74
C SER F 684 55.51 -62.43 -2.36
N HIS F 685 56.43 -61.78 -3.06
CA HIS F 685 56.16 -60.46 -3.61
C HIS F 685 55.30 -60.48 -4.85
N GLU F 686 55.22 -61.62 -5.55
CA GLU F 686 54.43 -61.73 -6.77
C GLU F 686 53.18 -62.59 -6.59
N TYR F 687 52.94 -63.11 -5.40
CA TYR F 687 51.76 -63.92 -5.07
C TYR F 687 51.16 -63.43 -3.77
N GLN F 688 50.94 -62.12 -3.67
CA GLN F 688 50.63 -61.49 -2.40
C GLN F 688 49.22 -61.79 -1.91
N GLU F 689 48.27 -62.03 -2.84
CA GLU F 689 46.86 -62.14 -2.46
C GLU F 689 46.59 -63.42 -1.69
N ALA F 690 47.18 -64.54 -2.10
CA ALA F 690 47.01 -65.79 -1.37
C ALA F 690 47.71 -65.73 -0.01
N THR F 691 48.81 -64.99 0.09
CA THR F 691 49.49 -64.82 1.37
C THR F 691 48.65 -63.98 2.33
N ILE F 692 48.01 -62.92 1.82
CA ILE F 692 47.14 -62.10 2.66
C ILE F 692 45.90 -62.89 3.08
N GLU F 693 45.37 -63.74 2.20
CA GLU F 693 44.26 -64.61 2.59
C GLU F 693 44.69 -65.64 3.63
N LYS F 694 45.95 -66.11 3.56
CA LYS F 694 46.47 -67.01 4.58
C LYS F 694 46.63 -66.28 5.91
N ILE F 695 46.99 -64.99 5.87
CA ILE F 695 47.06 -64.18 7.09
C ILE F 695 45.67 -63.99 7.69
N ILE F 696 44.68 -63.69 6.86
CA ILE F 696 43.30 -63.48 7.32
C ILE F 696 42.72 -64.77 7.89
N ARG F 697 43.07 -65.93 7.30
CA ARG F 697 42.66 -67.21 7.90
C ARG F 697 43.38 -67.53 9.21
N PHE F 698 44.44 -66.79 9.56
CA PHE F 698 45.19 -67.03 10.79
C PHE F 698 45.02 -65.88 11.79
N LEU F 699 43.90 -65.17 11.72
CA LEU F 699 43.59 -64.09 12.65
C LEU F 699 42.18 -64.29 13.21
N GLN F 700 41.84 -63.45 14.17
CA GLN F 700 40.53 -63.50 14.81
C GLN F 700 39.60 -62.43 14.22
N VAL G 61 71.68 -22.42 -30.88
CA VAL G 61 70.29 -22.75 -30.62
C VAL G 61 69.78 -23.72 -31.68
N GLN G 62 69.87 -23.32 -32.95
CA GLN G 62 69.41 -24.14 -34.06
C GLN G 62 70.49 -25.07 -34.60
N ASP G 63 71.66 -25.12 -33.98
CA ASP G 63 72.71 -26.03 -34.43
C ASP G 63 72.40 -27.47 -34.02
N ALA G 64 71.86 -27.66 -32.82
CA ALA G 64 71.51 -28.99 -32.35
C ALA G 64 70.34 -29.56 -33.15
N LEU G 65 69.44 -28.70 -33.63
CA LEU G 65 68.37 -29.13 -34.52
C LEU G 65 68.92 -29.65 -35.83
N GLU G 66 69.86 -28.92 -36.44
CA GLU G 66 70.47 -29.35 -37.69
C GLU G 66 71.39 -30.55 -37.51
N ARG G 67 71.87 -30.80 -36.30
CA ARG G 67 72.65 -32.02 -36.05
C ARG G 67 71.75 -33.22 -35.76
N ALA G 68 70.55 -32.98 -35.22
CA ALA G 68 69.72 -34.09 -34.76
C ALA G 68 68.60 -34.47 -35.73
N LEU G 69 68.26 -33.61 -36.70
CA LEU G 69 67.21 -33.99 -37.65
C LEU G 69 67.64 -35.07 -38.65
N PRO G 70 68.76 -34.98 -39.40
CA PRO G 70 69.04 -36.04 -40.39
C PRO G 70 69.44 -37.38 -39.76
N GLU G 71 69.98 -37.36 -38.54
CA GLU G 71 70.27 -38.62 -37.83
C GLU G 71 68.99 -39.35 -37.49
N LEU G 72 67.96 -38.62 -37.04
CA LEU G 72 66.68 -39.27 -36.80
C LEU G 72 65.96 -39.61 -38.10
N GLN G 73 66.23 -38.88 -39.19
CA GLN G 73 65.70 -39.29 -40.49
C GLN G 73 66.27 -40.62 -40.93
N GLN G 74 67.59 -40.80 -40.81
CA GLN G 74 68.23 -42.07 -41.14
C GLN G 74 67.77 -43.19 -40.20
N ALA G 75 67.60 -42.87 -38.92
CA ALA G 75 67.20 -43.89 -37.96
C ALA G 75 65.75 -44.32 -38.15
N LEU G 76 64.84 -43.38 -38.43
CA LEU G 76 63.46 -43.75 -38.69
C LEU G 76 63.31 -44.42 -40.05
N SER G 77 64.17 -44.11 -41.02
CA SER G 77 64.16 -44.86 -42.27
C SER G 77 64.66 -46.28 -42.06
N ALA G 78 65.63 -46.47 -41.15
CA ALA G 78 66.09 -47.82 -40.82
C ALA G 78 65.02 -48.60 -40.05
N LEU G 79 64.25 -47.91 -39.21
CA LEU G 79 63.16 -48.58 -38.50
C LEU G 79 62.01 -48.90 -39.43
N LYS G 80 61.76 -48.05 -40.43
CA LYS G 80 60.68 -48.30 -41.38
C LYS G 80 61.04 -49.39 -42.37
N GLN G 81 62.32 -49.48 -42.77
CA GLN G 81 62.77 -50.44 -43.76
C GLN G 81 63.03 -51.81 -43.17
N ALA G 82 63.81 -51.90 -42.10
CA ALA G 82 64.17 -53.20 -41.52
C ALA G 82 63.03 -53.74 -40.66
N GLY G 83 62.75 -55.03 -40.83
CA GLY G 83 61.72 -55.70 -40.06
C GLY G 83 62.21 -56.99 -39.41
N GLY G 84 63.47 -56.99 -38.97
CA GLY G 84 64.06 -58.17 -38.37
C GLY G 84 63.66 -58.36 -36.91
N ALA G 85 64.42 -59.22 -36.24
CA ALA G 85 64.14 -59.56 -34.85
C ALA G 85 65.06 -58.85 -33.86
N ARG G 86 66.27 -58.47 -34.27
CA ARG G 86 67.22 -57.82 -33.38
C ARG G 86 67.73 -56.48 -33.85
N ALA G 87 67.75 -56.22 -35.17
CA ALA G 87 68.18 -54.92 -35.66
C ALA G 87 67.15 -53.83 -35.42
N VAL G 88 65.87 -54.22 -35.32
CA VAL G 88 64.81 -53.26 -35.04
C VAL G 88 64.93 -52.73 -33.61
N GLY G 89 65.25 -53.62 -32.66
CA GLY G 89 65.49 -53.18 -31.30
C GLY G 89 66.76 -52.34 -31.17
N ALA G 90 67.76 -52.63 -32.00
CA ALA G 90 68.95 -51.79 -32.03
C ALA G 90 68.65 -50.40 -32.57
N GLY G 91 67.79 -50.31 -33.59
CA GLY G 91 67.37 -49.01 -34.08
C GLY G 91 66.54 -48.24 -33.06
N LEU G 92 65.68 -48.95 -32.32
CA LEU G 92 64.94 -48.32 -31.22
C LEU G 92 65.88 -47.83 -30.13
N ALA G 93 66.94 -48.58 -29.85
CA ALA G 93 67.94 -48.16 -28.88
C ALA G 93 68.72 -46.94 -29.36
N GLU G 94 69.00 -46.86 -30.67
CA GLU G 94 69.68 -45.68 -31.22
C GLU G 94 68.80 -44.44 -31.13
N VAL G 95 67.51 -44.58 -31.46
CA VAL G 95 66.58 -43.45 -31.37
C VAL G 95 66.39 -43.03 -29.91
N PHE G 96 66.32 -44.00 -29.00
CA PHE G 96 66.14 -43.68 -27.58
C PHE G 96 67.39 -43.06 -26.98
N GLN G 97 68.58 -43.45 -27.47
CA GLN G 97 69.81 -42.82 -27.03
C GLN G 97 69.91 -41.38 -27.56
N LEU G 98 69.43 -41.14 -28.78
CA LEU G 98 69.42 -39.77 -29.28
C LEU G 98 68.39 -38.91 -28.53
N VAL G 99 67.30 -39.54 -28.09
CA VAL G 99 66.32 -38.84 -27.25
C VAL G 99 66.92 -38.50 -25.88
N GLU G 100 67.70 -39.42 -25.31
CA GLU G 100 68.40 -39.15 -24.06
C GLU G 100 69.43 -38.04 -24.22
N GLU G 101 70.10 -37.99 -25.37
CA GLU G 101 71.02 -36.89 -25.64
C GLU G 101 70.27 -35.58 -25.89
N ALA G 102 69.03 -35.66 -26.37
CA ALA G 102 68.25 -34.46 -26.65
C ALA G 102 67.70 -33.82 -25.37
N TRP G 103 67.23 -34.63 -24.41
CA TRP G 103 66.62 -34.04 -23.22
C TRP G 103 67.66 -33.51 -22.24
N LEU G 104 68.92 -33.92 -22.36
CA LEU G 104 69.94 -33.56 -21.38
C LEU G 104 70.82 -32.38 -21.83
N LEU G 105 70.24 -31.40 -22.51
CA LEU G 105 70.98 -30.19 -22.86
C LEU G 105 70.55 -29.06 -21.92
N PRO G 106 71.49 -28.34 -21.29
CA PRO G 106 71.12 -27.28 -20.34
C PRO G 106 70.52 -26.07 -21.06
N ALA G 107 69.22 -25.85 -20.84
CA ALA G 107 68.44 -24.71 -21.33
C ALA G 107 68.44 -24.59 -22.86
N VAL G 108 68.69 -25.69 -23.57
CA VAL G 108 68.69 -25.70 -25.03
C VAL G 108 67.73 -26.78 -25.50
N GLY G 109 67.88 -27.99 -24.94
CA GLY G 109 67.23 -29.20 -25.41
C GLY G 109 65.73 -29.29 -25.18
N ARG G 110 65.09 -28.29 -24.58
CA ARG G 110 63.64 -28.33 -24.41
C ARG G 110 62.93 -28.16 -25.76
N GLU G 111 63.18 -27.03 -26.42
CA GLU G 111 62.60 -26.79 -27.75
C GLU G 111 63.19 -27.74 -28.79
N VAL G 112 64.44 -28.18 -28.58
CA VAL G 112 65.06 -29.16 -29.47
C VAL G 112 64.34 -30.50 -29.37
N ALA G 113 64.05 -30.95 -28.15
CA ALA G 113 63.33 -32.20 -27.96
C ALA G 113 61.90 -32.11 -28.44
N GLN G 114 61.26 -30.94 -28.27
CA GLN G 114 59.92 -30.75 -28.84
C GLN G 114 59.93 -30.79 -30.36
N GLY G 115 60.94 -30.19 -30.99
CA GLY G 115 61.06 -30.27 -32.44
C GLY G 115 61.36 -31.67 -32.94
N LEU G 116 62.15 -32.43 -32.18
CA LEU G 116 62.43 -33.81 -32.58
C LEU G 116 61.21 -34.71 -32.39
N CYS G 117 60.40 -34.44 -31.37
CA CYS G 117 59.13 -35.16 -31.24
C CYS G 117 58.16 -34.79 -32.35
N ASP G 118 58.18 -33.53 -32.79
CA ASP G 118 57.38 -33.13 -33.95
C ASP G 118 57.87 -33.82 -35.22
N ALA G 119 59.19 -34.01 -35.34
CA ALA G 119 59.73 -34.69 -36.51
C ALA G 119 59.41 -36.18 -36.50
N ILE G 120 59.37 -36.79 -35.31
CA ILE G 120 58.94 -38.18 -35.20
C ILE G 120 57.45 -38.32 -35.53
N ARG G 121 56.63 -37.35 -35.10
CA ARG G 121 55.20 -37.41 -35.35
C ARG G 121 54.87 -37.20 -36.83
N LEU G 122 55.48 -36.20 -37.47
CA LEU G 122 55.20 -35.90 -38.87
C LEU G 122 55.77 -36.94 -39.83
N ASP G 123 56.75 -37.73 -39.40
CA ASP G 123 57.26 -38.80 -40.25
C ASP G 123 56.33 -40.01 -40.26
N GLY G 124 55.52 -40.17 -39.22
CA GLY G 124 54.68 -41.34 -39.06
C GLY G 124 55.25 -42.40 -38.14
N GLY G 125 56.27 -42.05 -37.36
CA GLY G 125 56.89 -43.03 -36.47
C GLY G 125 56.08 -43.37 -35.25
N LEU G 126 55.08 -42.55 -34.91
CA LEU G 126 54.22 -42.86 -33.78
C LEU G 126 53.31 -44.04 -34.08
N ASP G 127 52.78 -44.10 -35.31
CA ASP G 127 52.05 -45.29 -35.74
C ASP G 127 52.96 -46.50 -35.84
N LEU G 128 54.24 -46.28 -36.17
CA LEU G 128 55.21 -47.38 -36.18
C LEU G 128 55.43 -47.92 -34.76
N LEU G 129 55.50 -47.03 -33.78
CA LEU G 129 55.63 -47.47 -32.39
C LEU G 129 54.35 -48.15 -31.91
N LEU G 130 53.18 -47.68 -32.34
CA LEU G 130 51.94 -48.37 -32.02
C LEU G 130 51.83 -49.74 -32.67
N ARG G 131 52.48 -49.93 -33.83
CA ARG G 131 52.54 -51.26 -34.43
C ARG G 131 53.52 -52.16 -33.67
N LEU G 132 54.66 -51.61 -33.26
CA LEU G 132 55.65 -52.40 -32.53
C LEU G 132 55.24 -52.70 -31.09
N LEU G 133 54.30 -51.96 -30.52
CA LEU G 133 53.73 -52.34 -29.23
C LEU G 133 52.86 -53.58 -29.30
N GLN G 134 52.34 -53.92 -30.48
CA GLN G 134 51.60 -55.17 -30.68
C GLN G 134 52.47 -56.29 -31.22
N ALA G 135 53.79 -56.16 -31.13
CA ALA G 135 54.68 -57.22 -31.60
C ALA G 135 54.69 -58.37 -30.60
N PRO G 136 54.77 -59.62 -31.08
CA PRO G 136 54.80 -60.76 -30.14
C PRO G 136 56.12 -60.92 -29.40
N GLU G 137 57.20 -60.29 -29.88
CA GLU G 137 58.48 -60.38 -29.20
C GLU G 137 58.49 -59.44 -27.99
N LEU G 138 59.25 -59.80 -26.95
CA LEU G 138 59.23 -59.02 -25.72
C LEU G 138 60.24 -57.88 -25.76
N GLU G 139 61.40 -58.11 -26.39
CA GLU G 139 62.49 -57.13 -26.37
C GLU G 139 62.17 -55.90 -27.18
N THR G 140 61.68 -56.08 -28.42
CA THR G 140 61.26 -54.93 -29.21
C THR G 140 60.05 -54.24 -28.61
N ARG G 141 59.23 -54.99 -27.85
CA ARG G 141 58.11 -54.39 -27.14
C ARG G 141 58.58 -53.47 -26.01
N VAL G 142 59.58 -53.90 -25.24
CA VAL G 142 60.02 -53.05 -24.14
C VAL G 142 60.85 -51.87 -24.65
N GLN G 143 61.61 -52.03 -25.75
CA GLN G 143 62.27 -50.85 -26.30
C GLN G 143 61.30 -49.89 -26.97
N ALA G 144 60.23 -50.39 -27.61
CA ALA G 144 59.23 -49.50 -28.19
C ALA G 144 58.44 -48.78 -27.10
N ALA G 145 58.18 -49.45 -25.98
CA ALA G 145 57.50 -48.80 -24.86
C ALA G 145 58.38 -47.74 -24.22
N ARG G 146 59.67 -48.02 -24.01
CA ARG G 146 60.56 -47.04 -23.41
C ARG G 146 60.85 -45.88 -24.36
N LEU G 147 60.75 -46.11 -25.68
CA LEU G 147 60.85 -45.00 -26.61
C LEU G 147 59.58 -44.16 -26.64
N LEU G 148 58.41 -44.81 -26.51
CA LEU G 148 57.14 -44.08 -26.52
C LEU G 148 56.95 -43.30 -25.22
N GLU G 149 57.63 -43.73 -24.14
CA GLU G 149 57.50 -43.06 -22.85
C GLU G 149 58.06 -41.64 -22.86
N GLN G 150 59.17 -41.41 -23.54
CA GLN G 150 59.89 -40.15 -23.45
C GLN G 150 59.50 -39.13 -24.53
N ILE G 151 58.45 -39.40 -25.31
CA ILE G 151 58.07 -38.52 -26.41
C ILE G 151 56.61 -38.05 -26.30
N LEU G 152 56.00 -38.18 -25.12
CA LEU G 152 54.59 -37.84 -24.95
C LEU G 152 54.45 -36.35 -24.63
N VAL G 153 54.53 -35.54 -25.69
CA VAL G 153 54.34 -34.10 -25.57
C VAL G 153 52.90 -33.80 -25.97
N ALA G 154 52.48 -32.54 -25.76
CA ALA G 154 51.06 -32.17 -25.89
C ALA G 154 50.53 -32.33 -27.31
N GLU G 155 51.41 -32.30 -28.32
CA GLU G 155 50.97 -32.59 -29.68
C GLU G 155 50.93 -34.09 -29.96
N ASN G 156 51.81 -34.86 -29.33
CA ASN G 156 51.76 -36.32 -29.49
C ASN G 156 50.60 -36.94 -28.71
N ARG G 157 50.22 -36.34 -27.59
CA ARG G 157 49.18 -36.91 -26.74
C ARG G 157 47.82 -36.86 -27.43
N ASP G 158 47.60 -35.89 -28.32
CA ASP G 158 46.38 -35.87 -29.11
C ASP G 158 46.32 -37.06 -30.06
N ARG G 159 47.45 -37.39 -30.69
CA ARG G 159 47.50 -38.53 -31.61
C ARG G 159 47.33 -39.85 -30.85
N VAL G 160 47.91 -39.95 -29.65
CA VAL G 160 47.76 -41.17 -28.85
C VAL G 160 46.32 -41.28 -28.32
N ALA G 161 45.68 -40.16 -28.01
CA ALA G 161 44.27 -40.18 -27.63
C ALA G 161 43.38 -40.54 -28.81
N ARG G 162 43.80 -40.20 -30.03
CA ARG G 162 43.03 -40.60 -31.21
C ARG G 162 43.15 -42.09 -31.48
N ILE G 163 44.38 -42.62 -31.57
CA ILE G 163 44.60 -44.00 -32.01
C ILE G 163 45.15 -44.87 -30.88
N GLY G 164 46.21 -44.42 -30.21
CA GLY G 164 46.97 -45.20 -29.26
C GLY G 164 46.25 -45.71 -28.03
N LEU G 165 45.05 -45.22 -27.73
CA LEU G 165 44.28 -45.78 -26.64
C LEU G 165 43.69 -47.13 -27.07
N GLY G 166 43.90 -48.14 -26.22
CA GLY G 166 43.53 -49.49 -26.53
C GLY G 166 44.69 -50.42 -26.82
N VAL G 167 45.84 -49.88 -27.24
CA VAL G 167 47.05 -50.66 -27.47
C VAL G 167 47.86 -50.63 -26.18
N ILE G 168 47.99 -49.43 -25.60
CA ILE G 168 48.64 -49.28 -24.31
C ILE G 168 47.79 -49.90 -23.21
N LEU G 169 46.46 -49.79 -23.35
CA LEU G 169 45.50 -50.46 -22.48
C LEU G 169 45.62 -51.98 -22.54
N ASN G 170 46.01 -52.53 -23.69
CA ASN G 170 46.30 -53.96 -23.79
C ASN G 170 47.57 -54.32 -23.04
N LEU G 171 48.55 -53.40 -23.01
CA LEU G 171 49.76 -53.63 -22.22
C LEU G 171 49.50 -53.44 -20.73
N ALA G 172 48.43 -52.74 -20.37
CA ALA G 172 48.08 -52.58 -18.96
C ALA G 172 47.62 -53.89 -18.31
N LYS G 173 47.22 -54.88 -19.10
CA LYS G 173 46.84 -56.17 -18.54
C LYS G 173 48.06 -57.05 -18.24
N GLU G 174 49.10 -56.99 -19.06
CA GLU G 174 50.33 -57.75 -18.83
C GLU G 174 51.14 -57.00 -17.79
N ARG G 175 51.23 -57.57 -16.59
CA ARG G 175 51.72 -56.84 -15.42
C ARG G 175 52.91 -57.49 -14.75
N GLU G 176 53.19 -58.76 -15.02
CA GLU G 176 54.24 -59.50 -14.32
C GLU G 176 55.68 -59.08 -14.62
N PRO G 177 56.12 -58.82 -15.87
CA PRO G 177 57.51 -58.35 -16.03
C PRO G 177 57.67 -56.89 -15.62
N VAL G 178 58.84 -56.57 -15.06
CA VAL G 178 59.10 -55.24 -14.52
C VAL G 178 59.48 -54.28 -15.65
N GLU G 179 60.18 -54.76 -16.67
CA GLU G 179 60.67 -53.91 -17.76
C GLU G 179 59.55 -53.37 -18.64
N LEU G 180 58.43 -54.08 -18.76
CA LEU G 180 57.24 -53.48 -19.37
C LEU G 180 56.62 -52.46 -18.44
N ALA G 181 56.42 -52.83 -17.17
CA ALA G 181 55.60 -52.06 -16.25
C ALA G 181 56.22 -50.71 -15.90
N ARG G 182 57.55 -50.65 -15.82
CA ARG G 182 58.25 -49.40 -15.46
C ARG G 182 58.02 -48.32 -16.52
N SER G 183 57.88 -48.72 -17.78
CA SER G 183 57.62 -47.77 -18.84
C SER G 183 56.14 -47.56 -19.10
N VAL G 184 55.31 -48.59 -18.97
CA VAL G 184 53.87 -48.44 -19.21
C VAL G 184 53.23 -47.59 -18.12
N ALA G 185 53.78 -47.65 -16.89
CA ALA G 185 53.33 -46.73 -15.83
C ALA G 185 53.63 -45.28 -16.19
N GLY G 186 54.78 -45.00 -16.79
CA GLY G 186 55.07 -43.63 -17.21
C GLY G 186 54.26 -43.18 -18.41
N ILE G 187 53.96 -44.11 -19.32
CA ILE G 187 53.11 -43.80 -20.47
C ILE G 187 51.70 -43.43 -20.01
N LEU G 188 51.16 -44.22 -19.07
CA LEU G 188 49.84 -43.91 -18.52
C LEU G 188 49.87 -42.64 -17.67
N GLU G 189 50.97 -42.42 -16.95
CA GLU G 189 51.23 -41.18 -16.23
C GLU G 189 51.10 -39.95 -17.10
N HIS G 190 51.79 -39.95 -18.24
CA HIS G 190 51.72 -38.78 -19.12
C HIS G 190 50.40 -38.75 -19.89
N MET G 191 49.74 -39.90 -20.09
CA MET G 191 48.44 -39.88 -20.76
C MET G 191 47.29 -39.49 -19.84
N PHE G 192 47.50 -39.44 -18.52
CA PHE G 192 46.44 -38.85 -17.69
C PHE G 192 46.38 -37.33 -17.79
N LYS G 193 47.35 -36.68 -18.43
CA LYS G 193 47.41 -35.23 -18.51
C LYS G 193 46.73 -34.66 -19.76
N HIS G 194 46.06 -35.50 -20.55
CA HIS G 194 45.51 -35.01 -21.82
C HIS G 194 44.20 -34.27 -21.61
N SER G 195 43.15 -34.96 -21.14
CA SER G 195 41.83 -34.38 -20.99
C SER G 195 41.03 -35.25 -20.04
N GLU G 196 39.77 -34.85 -19.82
CA GLU G 196 38.89 -35.61 -18.96
C GLU G 196 38.37 -36.86 -19.65
N GLU G 197 38.23 -36.81 -20.98
CA GLU G 197 37.74 -37.96 -21.73
C GLU G 197 38.73 -39.12 -21.69
N THR G 198 40.02 -38.82 -21.84
CA THR G 198 41.06 -39.85 -21.72
C THR G 198 41.14 -40.41 -20.31
N CYS G 199 40.91 -39.58 -19.30
CA CYS G 199 40.87 -40.07 -17.92
C CYS G 199 39.68 -40.98 -17.69
N GLN G 200 38.52 -40.66 -18.28
CA GLN G 200 37.37 -41.55 -18.18
C GLN G 200 37.59 -42.86 -18.90
N ARG G 201 38.24 -42.81 -20.08
CA ARG G 201 38.50 -44.03 -20.84
C ARG G 201 39.56 -44.89 -20.19
N LEU G 202 40.49 -44.29 -19.43
CA LEU G 202 41.48 -45.10 -18.73
C LEU G 202 40.96 -45.65 -17.41
N VAL G 203 40.17 -44.87 -16.67
CA VAL G 203 39.68 -45.33 -15.37
C VAL G 203 38.53 -46.32 -15.54
N ALA G 204 37.63 -46.09 -16.50
CA ALA G 204 36.52 -47.02 -16.72
C ALA G 204 37.00 -48.36 -17.27
N ALA G 205 38.10 -48.35 -18.02
CA ALA G 205 38.73 -49.58 -18.48
C ALA G 205 39.81 -49.98 -17.48
N GLY G 206 40.67 -50.94 -17.85
CA GLY G 206 41.69 -51.43 -16.95
C GLY G 206 42.99 -50.65 -16.96
N GLY G 207 42.90 -49.32 -16.91
CA GLY G 207 44.09 -48.49 -16.84
C GLY G 207 44.40 -48.05 -15.43
N LEU G 208 43.34 -47.84 -14.63
CA LEU G 208 43.53 -47.51 -13.22
C LEU G 208 43.93 -48.73 -12.41
N ASP G 209 43.39 -49.91 -12.76
CA ASP G 209 43.71 -51.14 -12.06
C ASP G 209 45.17 -51.53 -12.23
N ALA G 210 45.77 -51.19 -13.37
CA ALA G 210 47.19 -51.45 -13.58
C ALA G 210 48.06 -50.64 -12.63
N VAL G 211 47.72 -49.36 -12.44
CA VAL G 211 48.47 -48.52 -11.51
C VAL G 211 48.24 -48.96 -10.07
N LEU G 212 46.99 -49.29 -9.73
CA LEU G 212 46.69 -49.73 -8.37
C LEU G 212 47.26 -51.11 -8.06
N TYR G 213 47.56 -51.92 -9.08
CA TYR G 213 48.26 -53.18 -8.83
C TYR G 213 49.77 -52.97 -8.79
N TRP G 214 50.28 -52.03 -9.59
CA TRP G 214 51.71 -51.74 -9.62
C TRP G 214 52.18 -50.92 -8.43
N CYS G 215 51.26 -50.37 -7.64
CA CYS G 215 51.64 -49.76 -6.36
C CYS G 215 52.17 -50.78 -5.35
N ARG G 216 51.94 -52.08 -5.56
CA ARG G 216 52.45 -53.12 -4.67
C ARG G 216 53.93 -53.36 -4.81
N ARG G 217 54.56 -52.87 -5.88
CA ARG G 217 55.95 -53.20 -6.18
C ARG G 217 56.90 -52.42 -5.29
N THR G 218 58.19 -52.75 -5.39
CA THR G 218 59.25 -52.11 -4.64
C THR G 218 60.24 -51.36 -5.52
N ASP G 219 59.94 -51.18 -6.79
CA ASP G 219 60.80 -50.45 -7.71
C ASP G 219 60.76 -48.96 -7.39
N PRO G 220 61.89 -48.33 -7.05
CA PRO G 220 61.85 -46.92 -6.64
C PRO G 220 61.60 -45.91 -7.75
N ALA G 221 61.46 -46.35 -9.00
CA ALA G 221 61.06 -45.47 -10.10
C ALA G 221 59.65 -45.74 -10.59
N LEU G 222 59.24 -47.02 -10.58
CA LEU G 222 57.89 -47.39 -10.98
C LEU G 222 56.85 -46.84 -10.00
N LEU G 223 57.20 -46.78 -8.71
CA LEU G 223 56.31 -46.17 -7.73
C LEU G 223 56.24 -44.66 -7.90
N ARG G 224 57.33 -44.02 -8.36
CA ARG G 224 57.28 -42.61 -8.72
C ARG G 224 56.35 -42.38 -9.90
N HIS G 225 56.43 -43.24 -10.92
CA HIS G 225 55.53 -43.14 -12.06
C HIS G 225 54.07 -43.37 -11.66
N CYS G 226 53.83 -44.30 -10.73
CA CYS G 226 52.46 -44.54 -10.28
C CYS G 226 51.93 -43.38 -9.44
N ALA G 227 52.79 -42.78 -8.60
CA ALA G 227 52.37 -41.63 -7.80
C ALA G 227 52.05 -40.43 -8.69
N LEU G 228 52.90 -40.17 -9.69
CA LEU G 228 52.62 -39.10 -10.63
C LEU G 228 51.42 -39.40 -11.52
N ALA G 229 51.18 -40.69 -11.83
CA ALA G 229 50.00 -41.08 -12.59
C ALA G 229 48.72 -40.80 -11.81
N LEU G 230 48.68 -41.19 -10.53
CA LEU G 230 47.49 -40.95 -9.72
C LEU G 230 47.32 -39.46 -9.43
N GLY G 231 48.43 -38.71 -9.29
CA GLY G 231 48.32 -37.27 -9.11
C GLY G 231 47.78 -36.56 -10.33
N ASN G 232 48.26 -36.93 -11.52
CA ASN G 232 47.78 -36.32 -12.75
C ASN G 232 46.35 -36.75 -13.06
N CYS G 233 45.98 -37.97 -12.68
CA CYS G 233 44.61 -38.42 -12.87
C CYS G 233 43.66 -37.74 -11.90
N ALA G 234 44.12 -37.39 -10.70
CA ALA G 234 43.32 -36.61 -9.78
C ALA G 234 43.22 -35.15 -10.21
N LEU G 235 44.27 -34.61 -10.83
CA LEU G 235 44.22 -33.23 -11.30
C LEU G 235 43.38 -33.05 -12.55
N HIS G 236 43.46 -33.97 -13.51
CA HIS G 236 42.80 -33.79 -14.80
C HIS G 236 41.63 -34.73 -15.03
N GLY G 237 41.15 -35.42 -14.00
CA GLY G 237 40.08 -36.39 -14.21
C GLY G 237 38.68 -35.83 -14.17
N GLY G 238 38.29 -35.23 -13.04
CA GLY G 238 36.94 -34.76 -12.87
C GLY G 238 36.18 -35.51 -11.78
N GLN G 239 34.88 -35.22 -11.72
CA GLN G 239 34.03 -35.72 -10.64
C GLN G 239 33.86 -37.23 -10.70
N ALA G 240 33.41 -37.75 -11.86
CA ALA G 240 33.18 -39.18 -12.01
C ALA G 240 34.49 -39.96 -11.93
N VAL G 241 35.59 -39.36 -12.38
CA VAL G 241 36.89 -40.01 -12.31
C VAL G 241 37.35 -40.11 -10.85
N GLN G 242 37.15 -39.06 -10.06
CA GLN G 242 37.49 -39.11 -8.64
C GLN G 242 36.59 -40.09 -7.89
N ARG G 243 35.31 -40.19 -8.29
CA ARG G 243 34.42 -41.17 -7.66
C ARG G 243 34.84 -42.60 -7.98
N ARG G 244 35.21 -42.86 -9.24
CA ARG G 244 35.61 -44.22 -9.60
C ARG G 244 37.00 -44.56 -9.07
N MET G 245 37.81 -43.55 -8.76
CA MET G 245 39.07 -43.84 -8.07
C MET G 245 38.86 -44.13 -6.60
N VAL G 246 38.14 -43.28 -5.88
CA VAL G 246 38.06 -43.40 -4.43
C VAL G 246 37.07 -44.49 -4.00
N GLU G 247 36.00 -44.73 -4.76
CA GLU G 247 35.14 -45.89 -4.49
C GLU G 247 35.86 -47.21 -4.76
N LYS G 248 36.86 -47.20 -5.64
CA LYS G 248 37.77 -48.33 -5.80
C LYS G 248 39.01 -48.20 -4.94
N ARG G 249 39.00 -47.25 -3.98
CA ARG G 249 40.02 -47.11 -2.93
C ARG G 249 41.41 -46.81 -3.49
N ALA G 250 41.51 -45.79 -4.35
CA ALA G 250 42.80 -45.39 -4.88
C ALA G 250 43.63 -44.62 -3.86
N ALA G 251 43.00 -44.05 -2.83
CA ALA G 251 43.75 -43.32 -1.82
C ALA G 251 44.46 -44.27 -0.87
N GLU G 252 43.94 -45.49 -0.71
CA GLU G 252 44.55 -46.43 0.21
C GLU G 252 45.83 -47.04 -0.34
N TRP G 253 45.96 -47.15 -1.66
CA TRP G 253 47.18 -47.69 -2.25
C TRP G 253 48.33 -46.68 -2.23
N LEU G 254 48.04 -45.41 -1.96
CA LEU G 254 49.08 -44.39 -1.80
C LEU G 254 49.72 -44.40 -0.42
N PHE G 255 49.24 -45.25 0.49
CA PHE G 255 49.82 -45.30 1.84
C PHE G 255 51.23 -45.88 1.90
N PRO G 256 51.59 -46.96 1.17
CA PRO G 256 53.03 -47.29 1.10
C PRO G 256 53.83 -46.31 0.27
N LEU G 257 53.17 -45.55 -0.60
CA LEU G 257 53.84 -44.53 -1.39
C LEU G 257 54.03 -43.23 -0.62
N ALA G 258 53.27 -43.02 0.46
CA ALA G 258 53.45 -41.84 1.29
C ALA G 258 54.35 -42.09 2.49
N PHE G 259 54.76 -43.33 2.73
CA PHE G 259 55.51 -43.66 3.94
C PHE G 259 56.93 -44.16 3.63
N SER G 260 57.19 -44.55 2.39
CA SER G 260 58.46 -45.20 2.04
C SER G 260 59.64 -44.24 2.17
N LYS G 261 60.56 -44.58 3.08
CA LYS G 261 61.68 -43.73 3.44
C LYS G 261 62.86 -43.85 2.49
N GLU G 262 62.69 -44.50 1.34
CA GLU G 262 63.76 -44.63 0.36
C GLU G 262 63.84 -43.45 -0.60
N ASP G 263 62.70 -42.83 -0.93
CA ASP G 263 62.66 -41.68 -1.82
C ASP G 263 61.87 -40.56 -1.16
N GLU G 264 62.30 -39.33 -1.39
CA GLU G 264 61.64 -38.16 -0.83
C GLU G 264 60.67 -37.49 -1.80
N LEU G 265 60.95 -37.57 -3.10
CA LEU G 265 60.01 -37.05 -4.10
C LEU G 265 58.75 -37.90 -4.16
N LEU G 266 58.89 -39.20 -3.93
CA LEU G 266 57.80 -40.16 -4.09
C LEU G 266 56.71 -39.92 -3.05
N ARG G 267 57.10 -39.69 -1.79
CA ARG G 267 56.14 -39.38 -0.74
C ARG G 267 55.47 -38.03 -0.98
N LEU G 268 56.21 -37.07 -1.55
CA LEU G 268 55.63 -35.76 -1.84
C LEU G 268 54.58 -35.84 -2.95
N HIS G 269 54.84 -36.62 -4.01
CA HIS G 269 53.84 -36.74 -5.06
C HIS G 269 52.65 -37.60 -4.62
N ALA G 270 52.90 -38.57 -3.73
CA ALA G 270 51.80 -39.33 -3.14
C ALA G 270 50.91 -38.44 -2.27
N CYS G 271 51.50 -37.58 -1.44
CA CYS G 271 50.71 -36.65 -0.64
C CYS G 271 50.04 -35.58 -1.49
N LEU G 272 50.64 -35.24 -2.64
CA LEU G 272 49.96 -34.37 -3.60
C LEU G 272 48.70 -35.01 -4.15
N ALA G 273 48.78 -36.30 -4.53
CA ALA G 273 47.61 -37.00 -5.01
C ALA G 273 46.54 -37.15 -3.93
N VAL G 274 46.99 -37.40 -2.68
CA VAL G 274 46.07 -37.48 -1.55
C VAL G 274 45.37 -36.15 -1.30
N ALA G 275 46.11 -35.04 -1.41
CA ALA G 275 45.52 -33.72 -1.17
C ALA G 275 44.54 -33.33 -2.28
N VAL G 276 44.88 -33.64 -3.54
CA VAL G 276 43.98 -33.30 -4.64
C VAL G 276 42.72 -34.16 -4.60
N LEU G 277 42.84 -35.41 -4.15
CA LEU G 277 41.63 -36.20 -3.89
C LEU G 277 40.87 -35.67 -2.67
N ALA G 278 41.57 -35.05 -1.72
CA ALA G 278 40.93 -34.52 -0.53
C ALA G 278 40.37 -33.11 -0.72
N THR G 279 40.55 -32.49 -1.89
CA THR G 279 39.89 -31.21 -2.15
C THR G 279 38.42 -31.36 -2.56
N ASN G 280 37.92 -32.58 -2.72
CA ASN G 280 36.52 -32.81 -3.10
C ASN G 280 35.71 -33.10 -1.84
N LYS G 281 34.61 -32.38 -1.65
CA LYS G 281 33.87 -32.42 -0.40
C LYS G 281 33.08 -33.71 -0.22
N GLU G 282 32.75 -34.39 -1.32
CA GLU G 282 32.07 -35.68 -1.27
C GLU G 282 33.03 -36.84 -1.09
N VAL G 283 34.31 -36.57 -0.87
CA VAL G 283 35.35 -37.59 -0.88
C VAL G 283 36.10 -37.64 0.46
N GLU G 284 36.11 -36.53 1.23
CA GLU G 284 37.03 -36.34 2.35
C GLU G 284 36.83 -37.36 3.47
N ARG G 285 35.61 -37.92 3.60
CA ARG G 285 35.34 -38.88 4.66
C ARG G 285 36.10 -40.18 4.44
N GLU G 286 36.07 -40.72 3.23
CA GLU G 286 36.80 -41.95 2.95
C GLU G 286 38.31 -41.71 2.91
N VAL G 287 38.75 -40.49 2.64
CA VAL G 287 40.17 -40.17 2.70
C VAL G 287 40.64 -40.10 4.15
N GLU G 288 39.82 -39.54 5.05
CA GLU G 288 40.16 -39.55 6.47
C GLU G 288 40.09 -40.96 7.04
N ARG G 289 39.18 -41.79 6.51
CA ARG G 289 39.16 -43.19 6.91
C ARG G 289 40.31 -44.00 6.31
N SER G 290 40.92 -43.50 5.24
CA SER G 290 42.08 -44.17 4.66
C SER G 290 43.31 -44.03 5.55
N GLY G 291 43.47 -42.86 6.17
CA GLY G 291 44.58 -42.61 7.06
C GLY G 291 45.81 -42.02 6.42
N THR G 292 45.74 -41.63 5.15
CA THR G 292 46.89 -41.06 4.45
C THR G 292 47.05 -39.56 4.68
N LEU G 293 46.07 -38.90 5.28
CA LEU G 293 46.21 -37.49 5.60
C LEU G 293 47.08 -37.25 6.83
N ALA G 294 47.30 -38.27 7.66
CA ALA G 294 48.13 -38.10 8.85
C ALA G 294 49.61 -38.03 8.52
N LEU G 295 50.03 -38.55 7.37
CA LEU G 295 51.43 -38.53 6.97
C LEU G 295 51.80 -37.33 6.12
N VAL G 296 50.86 -36.42 5.87
CA VAL G 296 51.14 -35.28 4.98
C VAL G 296 51.89 -34.19 5.73
N GLU G 297 51.33 -33.72 6.84
CA GLU G 297 51.87 -32.59 7.60
C GLU G 297 53.25 -32.83 8.24
N PRO G 298 53.58 -34.01 8.83
CA PRO G 298 54.97 -34.19 9.25
C PRO G 298 55.96 -34.30 8.10
N LEU G 299 55.50 -34.77 6.93
CA LEU G 299 56.37 -34.82 5.75
C LEU G 299 56.70 -33.42 5.26
N VAL G 300 55.68 -32.55 5.19
CA VAL G 300 55.89 -31.16 4.76
C VAL G 300 56.69 -30.39 5.80
N ALA G 301 56.48 -30.68 7.09
CA ALA G 301 57.21 -29.98 8.14
C ALA G 301 58.65 -30.46 8.22
N SER G 302 58.92 -31.70 7.81
CA SER G 302 60.26 -32.27 7.94
C SER G 302 61.16 -31.97 6.74
N LEU G 303 60.64 -31.38 5.68
CA LEU G 303 61.41 -31.13 4.47
C LEU G 303 61.59 -29.64 4.25
N ASP G 304 62.51 -29.30 3.35
CA ASP G 304 62.82 -27.91 3.02
C ASP G 304 62.56 -27.68 1.54
N PRO G 305 61.85 -26.61 1.16
CA PRO G 305 61.54 -26.41 -0.27
C PRO G 305 62.71 -25.98 -1.13
N GLY G 306 63.79 -25.47 -0.54
CA GLY G 306 64.93 -25.06 -1.33
C GLY G 306 65.70 -26.22 -1.95
N ARG G 307 65.83 -27.32 -1.22
CA ARG G 307 66.51 -28.50 -1.75
C ARG G 307 65.71 -29.14 -2.87
N PHE G 308 64.39 -29.21 -2.72
CA PHE G 308 63.52 -29.75 -3.77
C PHE G 308 63.32 -28.77 -4.91
N ALA G 309 63.62 -27.49 -4.73
CA ALA G 309 63.67 -26.55 -5.83
C ALA G 309 64.98 -26.62 -6.60
N ARG G 310 66.09 -26.91 -5.91
CA ARG G 310 67.35 -27.14 -6.59
C ARG G 310 67.37 -28.51 -7.27
N CYS G 311 66.59 -29.47 -6.77
CA CYS G 311 66.57 -30.80 -7.36
C CYS G 311 65.80 -30.82 -8.67
N LEU G 312 64.61 -30.22 -8.69
CA LEU G 312 63.80 -30.17 -9.90
C LEU G 312 64.37 -29.16 -10.89
N GLN G 320 62.52 -28.36 -14.28
CA GLN G 320 62.83 -26.94 -14.19
C GLN G 320 61.56 -26.12 -13.99
N GLY G 321 60.67 -26.61 -13.14
CA GLY G 321 59.42 -25.94 -12.86
C GLY G 321 58.27 -26.47 -13.71
N ARG G 322 57.13 -25.81 -13.55
CA ARG G 322 55.93 -26.17 -14.30
C ARG G 322 55.35 -24.92 -14.94
N GLY G 323 54.58 -25.11 -16.00
CA GLY G 323 54.02 -24.01 -16.76
C GLY G 323 52.84 -23.38 -16.07
N PRO G 324 52.31 -22.32 -16.68
CA PRO G 324 51.16 -21.61 -16.09
C PRO G 324 49.86 -22.43 -16.09
N ASP G 325 49.75 -23.43 -16.96
CA ASP G 325 48.57 -24.29 -16.93
C ASP G 325 48.58 -25.19 -15.69
N ASP G 326 49.76 -25.68 -15.30
CA ASP G 326 49.86 -26.54 -14.14
C ASP G 326 49.93 -25.72 -12.85
N LEU G 327 50.36 -24.45 -12.94
CA LEU G 327 50.32 -23.57 -11.78
C LEU G 327 48.89 -23.21 -11.37
N GLN G 328 47.93 -23.28 -12.30
CA GLN G 328 46.54 -23.05 -11.94
C GLN G 328 45.93 -24.22 -11.19
N ARG G 329 46.60 -25.38 -11.17
CA ARG G 329 46.11 -26.51 -10.40
C ARG G 329 46.51 -26.44 -8.94
N LEU G 330 47.55 -25.68 -8.60
CA LEU G 330 48.02 -25.57 -7.23
C LEU G 330 47.30 -24.49 -6.44
N VAL G 331 46.59 -23.59 -7.13
CA VAL G 331 45.88 -22.48 -6.49
C VAL G 331 44.62 -22.93 -5.73
N PRO G 332 43.70 -23.78 -6.25
CA PRO G 332 42.57 -24.18 -5.41
C PRO G 332 42.92 -25.17 -4.30
N LEU G 333 44.18 -25.61 -4.20
CA LEU G 333 44.62 -26.37 -3.03
C LEU G 333 44.62 -25.50 -1.78
N LEU G 334 44.78 -24.19 -1.94
CA LEU G 334 44.87 -23.31 -0.78
C LEU G 334 43.51 -22.81 -0.34
N ASP G 335 42.56 -22.69 -1.27
CA ASP G 335 41.23 -22.18 -0.98
C ASP G 335 40.20 -23.30 -0.81
N SER G 336 40.63 -24.50 -0.44
CA SER G 336 39.74 -25.62 -0.20
C SER G 336 39.68 -26.04 1.26
N ASN G 337 40.00 -25.12 2.19
CA ASN G 337 39.89 -25.16 3.65
C ASN G 337 40.27 -26.48 4.33
N ARG G 338 41.22 -27.21 3.74
CA ARG G 338 41.79 -28.39 4.36
C ARG G 338 43.26 -28.11 4.68
N LEU G 339 43.71 -28.58 5.85
CA LEU G 339 45.05 -28.25 6.33
C LEU G 339 46.14 -28.90 5.48
N GLU G 340 45.94 -30.17 5.11
CA GLU G 340 46.96 -30.90 4.37
C GLU G 340 47.09 -30.37 2.94
N ALA G 341 45.97 -30.04 2.31
CA ALA G 341 46.00 -29.48 0.96
C ALA G 341 46.65 -28.10 0.94
N GLN G 342 46.40 -27.30 1.98
CA GLN G 342 47.06 -25.99 2.08
C GLN G 342 48.55 -26.14 2.33
N CYS G 343 48.96 -27.15 3.10
CA CYS G 343 50.39 -27.37 3.32
C CYS G 343 51.09 -27.83 2.03
N ILE G 344 50.45 -28.74 1.28
CA ILE G 344 51.01 -29.19 0.00
C ILE G 344 51.09 -28.03 -1.00
N GLY G 345 50.04 -27.22 -1.08
CA GLY G 345 50.04 -26.09 -2.00
C GLY G 345 51.05 -25.03 -1.62
N ALA G 346 51.19 -24.73 -0.32
CA ALA G 346 52.18 -23.76 0.13
C ALA G 346 53.60 -24.25 -0.10
N PHE G 347 53.87 -25.54 0.12
CA PHE G 347 55.19 -26.09 -0.11
C PHE G 347 55.56 -26.05 -1.59
N TYR G 348 54.63 -26.47 -2.46
CA TYR G 348 54.91 -26.50 -3.89
C TYR G 348 55.01 -25.10 -4.48
N LEU G 349 54.16 -24.17 -4.04
CA LEU G 349 54.27 -22.80 -4.54
C LEU G 349 55.49 -22.09 -3.97
N CYS G 350 55.97 -22.47 -2.77
CA CYS G 350 57.21 -21.88 -2.27
C CYS G 350 58.42 -22.37 -3.05
N ALA G 351 58.47 -23.68 -3.34
CA ALA G 351 59.58 -24.22 -4.12
C ALA G 351 59.58 -23.69 -5.55
N GLU G 352 58.41 -23.64 -6.18
CA GLU G 352 58.35 -23.12 -7.54
C GLU G 352 58.43 -21.60 -7.59
N ALA G 353 58.15 -20.90 -6.49
CA ALA G 353 58.43 -19.48 -6.43
C ALA G 353 59.93 -19.23 -6.29
N ALA G 354 60.65 -20.11 -5.59
CA ALA G 354 62.11 -20.04 -5.60
C ALA G 354 62.66 -20.30 -7.00
N ILE G 355 62.04 -21.24 -7.73
CA ILE G 355 62.44 -21.53 -9.11
C ILE G 355 62.21 -20.31 -10.01
N LYS G 356 61.02 -19.71 -9.94
CA LYS G 356 60.70 -18.54 -10.75
C LYS G 356 61.42 -17.28 -10.28
N SER G 357 61.90 -17.23 -9.04
CA SER G 357 62.73 -16.13 -8.57
C SER G 357 64.19 -16.29 -8.96
N LEU G 358 64.64 -17.53 -9.20
CA LEU G 358 65.92 -17.72 -9.87
C LEU G 358 65.89 -17.19 -11.30
N GLN G 359 64.75 -17.34 -11.97
CA GLN G 359 64.53 -16.78 -13.29
C GLN G 359 63.89 -15.40 -13.15
N GLY G 360 63.37 -14.84 -14.25
CA GLY G 360 62.76 -13.52 -14.22
C GLY G 360 61.31 -13.48 -14.65
N LYS G 361 60.53 -14.48 -14.21
CA LYS G 361 59.14 -14.59 -14.62
C LYS G 361 58.21 -14.67 -13.41
N THR G 362 58.37 -13.76 -12.46
CA THR G 362 57.56 -13.74 -11.24
C THR G 362 56.19 -13.10 -11.44
N LYS G 363 55.85 -12.66 -12.65
CA LYS G 363 54.55 -12.05 -12.92
C LYS G 363 53.46 -13.08 -13.21
N VAL G 364 53.79 -14.37 -13.21
CA VAL G 364 52.80 -15.40 -13.48
C VAL G 364 51.89 -15.58 -12.26
N PHE G 365 52.46 -15.46 -11.06
CA PHE G 365 51.68 -15.61 -9.83
C PHE G 365 50.73 -14.43 -9.64
N SER G 366 51.07 -13.26 -10.17
CA SER G 366 50.15 -12.12 -10.11
C SER G 366 49.08 -12.21 -11.18
N ASP G 367 49.37 -12.88 -12.30
CA ASP G 367 48.36 -13.08 -13.33
C ASP G 367 47.35 -14.13 -12.91
N ILE G 368 47.83 -15.23 -12.31
CA ILE G 368 46.91 -16.27 -11.85
C ILE G 368 46.23 -15.86 -10.54
N GLY G 369 46.99 -15.42 -9.54
CA GLY G 369 46.40 -14.95 -8.30
C GLY G 369 46.68 -15.79 -7.08
N ALA G 370 47.87 -16.38 -6.95
CA ALA G 370 48.19 -17.16 -5.77
C ALA G 370 48.72 -16.28 -4.64
N ILE G 371 49.08 -15.03 -4.93
CA ILE G 371 49.68 -14.15 -3.93
C ILE G 371 48.64 -13.74 -2.88
N GLN G 372 47.42 -13.42 -3.32
CA GLN G 372 46.36 -13.07 -2.37
C GLN G 372 45.92 -14.28 -1.55
N SER G 373 45.99 -15.48 -2.12
CA SER G 373 45.72 -16.70 -1.35
C SER G 373 46.80 -16.95 -0.31
N LEU G 374 48.08 -16.69 -0.63
CA LEU G 374 49.13 -16.78 0.38
C LEU G 374 48.98 -15.72 1.47
N LYS G 375 48.49 -14.53 1.11
CA LYS G 375 48.21 -13.51 2.11
C LYS G 375 47.05 -13.93 3.02
N ARG G 376 46.04 -14.61 2.46
CA ARG G 376 44.98 -15.16 3.28
C ARG G 376 45.48 -16.29 4.18
N LEU G 377 46.46 -17.06 3.70
CA LEU G 377 47.05 -18.10 4.53
C LEU G 377 47.83 -17.52 5.69
N VAL G 378 48.56 -16.43 5.46
CA VAL G 378 49.33 -15.81 6.53
C VAL G 378 48.40 -15.11 7.52
N SER G 379 47.43 -14.34 7.02
CA SER G 379 46.56 -13.56 7.88
C SER G 379 45.52 -14.40 8.62
N TYR G 380 45.29 -15.65 8.18
CA TYR G 380 44.37 -16.55 8.87
C TYR G 380 45.01 -17.89 9.20
N SER G 381 46.21 -17.87 9.80
CA SER G 381 46.94 -19.09 10.05
C SER G 381 46.62 -19.67 11.42
N THR G 382 46.37 -20.98 11.45
CA THR G 382 46.26 -21.75 12.68
C THR G 382 47.36 -22.80 12.77
N ASN G 383 48.26 -22.80 11.78
CA ASN G 383 49.37 -23.74 11.72
C ASN G 383 50.65 -22.97 11.44
N GLY G 384 51.74 -23.38 12.08
CA GLY G 384 53.01 -22.70 11.88
C GLY G 384 53.72 -23.08 10.60
N THR G 385 53.52 -24.31 10.12
CA THR G 385 54.25 -24.79 8.96
C THR G 385 53.77 -24.14 7.67
N LYS G 386 52.46 -24.13 7.43
CA LYS G 386 51.93 -23.50 6.23
C LYS G 386 52.10 -21.98 6.26
N SER G 387 52.08 -21.38 7.44
CA SER G 387 52.35 -19.95 7.57
C SER G 387 53.81 -19.62 7.28
N ALA G 388 54.75 -20.45 7.76
CA ALA G 388 56.16 -20.22 7.46
C ALA G 388 56.45 -20.42 5.97
N LEU G 389 55.80 -21.42 5.36
CA LEU G 389 55.99 -21.64 3.92
C LEU G 389 55.37 -20.51 3.10
N ALA G 390 54.22 -19.98 3.51
CA ALA G 390 53.62 -18.88 2.79
C ALA G 390 54.41 -17.58 2.97
N LYS G 391 54.98 -17.37 4.16
CA LYS G 391 55.84 -16.20 4.36
C LYS G 391 57.13 -16.30 3.55
N ARG G 392 57.70 -17.51 3.44
CA ARG G 392 58.89 -17.69 2.61
C ARG G 392 58.56 -17.52 1.13
N ALA G 393 57.36 -17.96 0.72
CA ALA G 393 56.96 -17.81 -0.68
C ALA G 393 56.69 -16.36 -1.03
N LEU G 394 56.11 -15.60 -0.11
CA LEU G 394 55.91 -14.17 -0.35
C LEU G 394 57.21 -13.38 -0.20
N ARG G 395 58.17 -13.89 0.55
CA ARG G 395 59.48 -13.26 0.67
C ARG G 395 60.33 -13.48 -0.57
N LEU G 396 60.25 -14.67 -1.18
CA LEU G 396 60.99 -14.93 -2.42
C LEU G 396 60.39 -14.22 -3.62
N LEU G 397 59.14 -13.73 -3.51
CA LEU G 397 58.55 -12.88 -4.54
C LEU G 397 58.92 -11.43 -4.25
N GLY G 398 58.26 -10.49 -4.94
CA GLY G 398 58.61 -9.09 -4.84
C GLY G 398 57.69 -8.24 -3.98
N GLU G 399 56.89 -8.83 -3.11
CA GLU G 399 56.00 -8.08 -2.24
C GLU G 399 56.27 -8.40 -0.77
N GLU G 400 55.67 -7.61 0.10
CA GLU G 400 55.87 -7.76 1.54
C GLU G 400 55.01 -8.87 2.10
N VAL G 401 55.40 -9.38 3.27
CA VAL G 401 54.62 -10.39 3.98
C VAL G 401 53.65 -9.68 4.92
N PRO G 402 52.44 -10.20 5.10
CA PRO G 402 51.51 -9.61 6.08
C PRO G 402 51.75 -10.19 7.47
N ARG G 403 51.04 -9.62 8.44
CA ARG G 403 51.11 -10.06 9.83
C ARG G 403 49.88 -10.88 10.19
N PRO G 404 50.03 -11.84 11.11
CA PRO G 404 48.84 -12.52 11.65
C PRO G 404 47.99 -11.57 12.47
N ILE G 405 46.69 -11.57 12.20
CA ILE G 405 45.74 -10.65 12.82
C ILE G 405 45.49 -11.06 14.26
N LEU G 406 45.07 -10.09 15.07
CA LEU G 406 44.64 -10.40 16.43
C LEU G 406 43.23 -10.98 16.39
N PRO G 407 43.01 -12.18 16.92
CA PRO G 407 41.69 -12.81 16.80
C PRO G 407 40.60 -12.17 17.65
N SER G 408 40.95 -11.37 18.66
CA SER G 408 39.95 -10.72 19.51
C SER G 408 39.41 -9.49 18.77
N VAL G 409 38.48 -9.76 17.85
CA VAL G 409 37.86 -8.74 17.00
C VAL G 409 36.97 -7.76 17.78
N PRO G 410 36.17 -8.16 18.80
CA PRO G 410 35.55 -7.12 19.64
C PRO G 410 36.54 -6.30 20.47
N SER G 411 37.78 -6.74 20.64
CA SER G 411 38.80 -5.96 21.31
C SER G 411 39.64 -5.13 20.36
N TRP G 412 39.25 -5.03 19.08
CA TRP G 412 40.00 -4.24 18.12
C TRP G 412 39.76 -2.75 18.29
N LYS G 413 40.82 -1.98 18.18
CA LYS G 413 40.75 -0.54 17.98
C LYS G 413 40.81 -0.24 16.48
N GLU G 414 41.04 1.03 16.14
CA GLU G 414 41.01 1.45 14.73
C GLU G 414 42.21 0.92 13.94
N ALA G 415 43.37 0.81 14.58
CA ALA G 415 44.59 0.43 13.86
C ALA G 415 44.56 -1.03 13.42
N GLU G 416 43.94 -1.91 14.21
CA GLU G 416 43.78 -3.30 13.79
C GLU G 416 42.82 -3.41 12.62
N VAL G 417 41.79 -2.56 12.58
CA VAL G 417 40.87 -2.54 11.44
C VAL G 417 41.58 -2.05 10.19
N GLN G 418 42.44 -1.03 10.33
CA GLN G 418 43.22 -0.53 9.19
C GLN G 418 44.22 -1.57 8.69
N THR G 419 44.83 -2.31 9.62
CA THR G 419 45.75 -3.39 9.24
C THR G 419 45.01 -4.52 8.52
N TRP G 420 43.82 -4.87 9.01
CA TRP G 420 43.00 -5.89 8.35
C TRP G 420 42.55 -5.44 6.97
N LEU G 421 42.33 -4.13 6.79
CA LEU G 421 42.06 -3.60 5.46
C LEU G 421 43.29 -3.72 4.56
N GLN G 422 44.47 -3.43 5.09
CA GLN G 422 45.68 -3.41 4.26
C GLN G 422 46.13 -4.82 3.90
N GLN G 423 45.74 -5.83 4.68
CA GLN G 423 46.27 -7.17 4.42
C GLN G 423 45.44 -7.98 3.42
N ILE G 424 44.18 -7.63 3.17
CA ILE G 424 43.31 -8.46 2.32
C ILE G 424 42.96 -7.78 1.01
N GLY G 425 43.34 -6.52 0.80
CA GLY G 425 43.10 -5.86 -0.46
C GLY G 425 42.02 -4.80 -0.47
N PHE G 426 41.84 -4.08 0.63
CA PHE G 426 40.93 -2.94 0.69
C PHE G 426 41.68 -1.65 0.99
N SER G 427 42.80 -1.43 0.29
CA SER G 427 43.60 -0.23 0.47
C SER G 427 42.91 1.04 -0.02
N LYS G 428 41.89 0.93 -0.87
CA LYS G 428 41.17 2.11 -1.32
C LYS G 428 40.27 2.68 -0.21
N TYR G 429 39.71 1.80 0.62
CA TYR G 429 38.78 2.21 1.67
C TYR G 429 39.43 2.36 3.04
N CYS G 430 40.76 2.57 3.09
CA CYS G 430 41.42 2.79 4.37
C CYS G 430 41.12 4.17 4.93
N GLU G 431 41.05 5.19 4.06
CA GLU G 431 40.71 6.53 4.53
C GLU G 431 39.22 6.67 4.78
N SER G 432 38.41 5.74 4.27
CA SER G 432 36.97 5.81 4.48
C SER G 432 36.58 5.38 5.90
N PHE G 433 37.24 4.34 6.42
CA PHE G 433 36.89 3.86 7.75
C PHE G 433 37.54 4.72 8.84
N ARG G 434 38.64 5.40 8.53
CA ARG G 434 39.34 6.18 9.54
C ARG G 434 38.59 7.47 9.87
N GLU G 435 37.99 8.11 8.86
CA GLU G 435 37.21 9.31 9.12
C GLU G 435 35.91 8.99 9.83
N GLN G 436 35.37 7.80 9.64
CA GLN G 436 34.15 7.37 10.32
C GLN G 436 34.40 6.73 11.67
N GLN G 437 35.68 6.51 12.02
CA GLN G 437 36.12 5.94 13.31
C GLN G 437 35.51 4.55 13.55
N VAL G 438 35.70 3.67 12.57
CA VAL G 438 35.16 2.31 12.67
C VAL G 438 36.18 1.42 13.39
N ASP G 439 35.78 0.90 14.54
CA ASP G 439 36.59 -0.04 15.30
C ASP G 439 36.07 -1.46 15.07
N GLY G 440 36.57 -2.41 15.86
CA GLY G 440 36.16 -3.80 15.69
C GLY G 440 34.73 -4.06 16.10
N ASP G 441 34.18 -3.22 16.99
CA ASP G 441 32.78 -3.38 17.38
C ASP G 441 31.84 -2.92 16.27
N LEU G 442 32.25 -1.90 15.51
CA LEU G 442 31.44 -1.43 14.38
C LEU G 442 31.67 -2.27 13.13
N LEU G 443 32.80 -2.96 13.05
CA LEU G 443 33.07 -3.80 11.89
C LEU G 443 32.24 -5.08 11.93
N LEU G 444 32.01 -5.62 13.14
CA LEU G 444 31.16 -6.78 13.30
C LEU G 444 29.68 -6.48 13.11
N ARG G 445 29.30 -5.20 13.13
CA ARG G 445 27.90 -4.79 13.06
C ARG G 445 27.68 -3.82 11.89
N LEU G 446 28.24 -4.14 10.73
CA LEU G 446 28.13 -3.29 9.55
C LEU G 446 27.21 -3.93 8.53
N THR G 447 26.39 -3.11 7.86
CA THR G 447 25.30 -3.58 7.02
C THR G 447 25.42 -3.00 5.61
N GLU G 448 24.34 -3.20 4.84
CA GLU G 448 24.29 -2.74 3.46
C GLU G 448 24.25 -1.21 3.38
N GLU G 449 23.38 -0.58 4.18
CA GLU G 449 23.08 0.83 4.01
C GLU G 449 24.24 1.72 4.46
N GLU G 450 24.94 1.30 5.51
CA GLU G 450 26.07 2.08 5.99
C GLU G 450 27.26 1.97 5.04
N LEU G 451 27.41 0.81 4.38
CA LEU G 451 28.40 0.69 3.32
C LEU G 451 28.04 1.52 2.10
N GLN G 452 26.75 1.60 1.77
CA GLN G 452 26.34 2.30 0.55
C GLN G 452 26.39 3.81 0.72
N THR G 453 25.83 4.33 1.83
CA THR G 453 25.66 5.78 1.97
C THR G 453 26.86 6.43 2.67
N ASP G 454 27.21 5.94 3.85
CA ASP G 454 28.18 6.62 4.70
C ASP G 454 29.63 6.37 4.31
N LEU G 455 29.92 5.26 3.65
CA LEU G 455 31.30 4.83 3.42
C LEU G 455 31.75 5.00 1.97
N GLY G 456 30.88 5.44 1.08
CA GLY G 456 31.25 5.66 -0.30
C GLY G 456 31.49 4.42 -1.11
N MET G 457 30.98 3.27 -0.65
CA MET G 457 31.10 2.00 -1.36
C MET G 457 29.79 1.79 -2.11
N LYS G 458 29.69 2.41 -3.29
CA LYS G 458 28.44 2.44 -4.03
C LYS G 458 28.17 1.12 -4.75
N SER G 459 29.21 0.43 -5.19
CA SER G 459 29.04 -0.79 -5.95
C SER G 459 28.64 -1.95 -5.05
N GLY G 460 27.58 -2.66 -5.45
CA GLY G 460 27.13 -3.82 -4.69
C GLY G 460 28.04 -5.02 -4.81
N ILE G 461 28.82 -5.11 -5.90
CA ILE G 461 29.78 -6.19 -6.04
C ILE G 461 30.96 -6.00 -5.09
N THR G 462 31.40 -4.75 -4.92
CA THR G 462 32.44 -4.45 -3.93
C THR G 462 31.92 -4.67 -2.51
N ARG G 463 30.65 -4.35 -2.27
CA ARG G 463 30.03 -4.66 -0.97
C ARG G 463 29.93 -6.16 -0.74
N LYS G 464 29.67 -6.93 -1.79
CA LYS G 464 29.54 -8.37 -1.63
C LYS G 464 30.89 -9.03 -1.41
N ARG G 465 31.94 -8.50 -2.06
CA ARG G 465 33.30 -8.95 -1.76
C ARG G 465 33.71 -8.58 -0.34
N PHE G 466 33.24 -7.42 0.15
CA PHE G 466 33.50 -7.04 1.54
C PHE G 466 32.76 -7.94 2.51
N PHE G 467 31.54 -8.37 2.16
CA PHE G 467 30.84 -9.31 3.02
C PHE G 467 31.40 -10.73 2.94
N ARG G 468 32.02 -11.12 1.83
CA ARG G 468 32.75 -12.38 1.80
C ARG G 468 33.97 -12.33 2.72
N GLU G 469 34.72 -11.22 2.66
CA GLU G 469 35.84 -11.04 3.57
C GLU G 469 35.38 -10.91 5.02
N LEU G 470 34.19 -10.35 5.23
CA LEU G 470 33.63 -10.26 6.57
C LEU G 470 33.18 -11.62 7.09
N THR G 471 32.68 -12.49 6.20
CA THR G 471 32.37 -13.87 6.57
C THR G 471 33.65 -14.62 6.95
N GLU G 472 34.72 -14.42 6.18
CA GLU G 472 36.00 -15.05 6.49
C GLU G 472 36.59 -14.51 7.80
N LEU G 473 36.33 -13.24 8.10
CA LEU G 473 36.82 -12.67 9.36
C LEU G 473 36.01 -13.18 10.54
N LYS G 474 34.68 -13.19 10.43
CA LYS G 474 33.84 -13.57 11.56
C LYS G 474 33.77 -15.08 11.75
N THR G 475 34.30 -15.86 10.79
CA THR G 475 34.56 -17.27 11.06
C THR G 475 35.76 -17.43 12.00
N PHE G 476 36.89 -16.79 11.69
CA PHE G 476 38.10 -16.86 12.51
C PHE G 476 38.16 -15.62 13.42
N ALA G 477 37.50 -15.73 14.56
CA ALA G 477 37.41 -14.61 15.49
C ALA G 477 37.31 -15.12 16.92
N ASN G 478 37.89 -14.36 17.85
CA ASN G 478 37.81 -14.66 19.27
C ASN G 478 36.70 -13.82 19.89
N TYR G 479 35.71 -14.49 20.47
CA TYR G 479 34.59 -13.82 21.13
C TYR G 479 34.61 -14.02 22.64
N SER G 480 35.80 -14.09 23.24
CA SER G 480 35.91 -14.37 24.66
C SER G 480 35.46 -13.20 25.52
N THR G 481 35.42 -11.98 24.99
CA THR G 481 35.02 -10.83 25.77
C THR G 481 33.51 -10.68 25.90
N CYS G 482 32.72 -11.46 25.16
CA CYS G 482 31.27 -11.31 25.20
C CYS G 482 30.48 -12.62 25.27
N ASP G 483 31.07 -13.77 24.96
CA ASP G 483 30.32 -15.03 24.88
C ASP G 483 30.36 -15.67 26.27
N ARG G 484 29.18 -15.80 26.88
CA ARG G 484 29.09 -16.34 28.23
C ARG G 484 28.85 -17.85 28.23
N SER G 485 28.10 -18.36 27.27
CA SER G 485 27.66 -19.75 27.27
C SER G 485 28.24 -20.58 26.15
N ASN G 486 29.30 -20.09 25.49
CA ASN G 486 29.98 -20.75 24.36
C ASN G 486 29.01 -21.03 23.21
N LEU G 487 28.48 -19.94 22.65
CA LEU G 487 27.52 -20.02 21.55
C LEU G 487 28.19 -20.28 20.22
N ALA G 488 29.47 -19.93 20.08
CA ALA G 488 30.18 -20.13 18.82
C ALA G 488 30.43 -21.61 18.55
N ASP G 489 30.68 -22.40 19.59
CA ASP G 489 30.79 -23.85 19.42
C ASP G 489 29.43 -24.50 19.22
N TRP G 490 28.35 -23.87 19.67
CA TRP G 490 27.01 -24.36 19.33
C TRP G 490 26.71 -24.12 17.86
N LEU G 491 27.11 -22.96 17.34
CA LEU G 491 26.91 -22.68 15.92
C LEU G 491 27.84 -23.51 15.05
N GLY G 492 29.04 -23.81 15.54
CA GLY G 492 30.00 -24.57 14.76
C GLY G 492 29.69 -26.05 14.67
N SER G 493 28.94 -26.59 15.64
CA SER G 493 28.57 -28.00 15.63
C SER G 493 27.51 -28.34 14.59
N LEU G 494 26.80 -27.32 14.07
CA LEU G 494 25.80 -27.55 13.04
C LEU G 494 26.41 -27.43 11.65
N ASP G 495 27.15 -26.36 11.42
CA ASP G 495 27.74 -25.99 10.14
C ASP G 495 28.84 -24.98 10.44
N PRO G 496 30.06 -25.19 9.95
CA PRO G 496 31.15 -24.23 10.27
C PRO G 496 30.99 -22.84 9.66
N ARG G 497 30.01 -22.62 8.77
CA ARG G 497 29.71 -21.29 8.28
C ARG G 497 28.66 -20.57 9.12
N PHE G 498 28.17 -21.19 10.19
CA PHE G 498 27.21 -20.56 11.09
C PHE G 498 27.87 -19.71 12.17
N ARG G 499 29.20 -19.73 12.28
CA ARG G 499 29.87 -19.03 13.36
C ARG G 499 30.00 -17.53 13.09
N GLN G 500 29.58 -17.06 11.92
CA GLN G 500 29.59 -15.63 11.65
C GLN G 500 28.53 -14.87 12.43
N TYR G 501 27.43 -15.52 12.81
CA TYR G 501 26.37 -14.83 13.53
C TYR G 501 26.52 -14.90 15.04
N THR G 502 27.72 -15.23 15.53
CA THR G 502 27.97 -15.30 16.96
C THR G 502 27.81 -13.94 17.62
N TYR G 503 28.40 -12.89 17.01
CA TYR G 503 28.24 -11.54 17.53
C TYR G 503 26.81 -11.04 17.37
N GLY G 504 26.12 -11.45 16.31
CA GLY G 504 24.76 -11.00 16.10
C GLY G 504 23.78 -11.60 17.09
N LEU G 505 24.05 -12.82 17.54
CA LEU G 505 23.16 -13.44 18.53
C LEU G 505 23.58 -13.08 19.96
N VAL G 506 24.88 -12.84 20.19
CA VAL G 506 25.32 -12.46 21.54
C VAL G 506 24.98 -11.00 21.83
N SER G 507 25.07 -10.12 20.84
CA SER G 507 24.82 -8.70 21.04
C SER G 507 23.36 -8.38 21.32
N CYS G 508 22.45 -9.30 21.03
CA CYS G 508 21.06 -9.16 21.40
C CYS G 508 20.78 -9.64 22.83
N GLY G 509 21.78 -10.16 23.53
CA GLY G 509 21.61 -10.61 24.90
C GLY G 509 21.27 -12.08 25.04
N LEU G 510 21.51 -12.89 24.02
CA LEU G 510 21.11 -14.30 24.07
C LEU G 510 22.24 -15.18 24.56
N ASP G 511 21.86 -16.38 25.00
CA ASP G 511 22.79 -17.45 25.37
C ASP G 511 22.10 -18.78 25.08
N ARG G 512 22.61 -19.86 25.68
CA ARG G 512 22.04 -21.19 25.42
C ARG G 512 20.65 -21.34 26.06
N SER G 513 20.37 -20.58 27.11
CA SER G 513 19.13 -20.75 27.86
C SER G 513 18.01 -19.82 27.39
N LEU G 514 18.18 -19.12 26.27
CA LEU G 514 17.17 -18.19 25.80
C LEU G 514 16.80 -18.35 24.32
N LEU G 515 17.36 -19.34 23.62
CA LEU G 515 17.10 -19.48 22.20
C LEU G 515 15.76 -20.15 21.91
N HIS G 516 15.11 -20.75 22.90
CA HIS G 516 13.85 -21.44 22.65
C HIS G 516 12.65 -20.50 22.55
N ARG G 517 12.82 -19.22 22.88
CA ARG G 517 11.75 -18.24 22.75
C ARG G 517 12.04 -17.18 21.69
N VAL G 518 12.99 -17.44 20.80
CA VAL G 518 13.35 -16.52 19.73
C VAL G 518 12.54 -16.90 18.50
N SER G 519 12.01 -15.89 17.80
CA SER G 519 11.27 -16.10 16.56
C SER G 519 12.14 -15.79 15.35
N GLU G 520 11.54 -15.89 14.17
CA GLU G 520 12.25 -15.63 12.92
C GLU G 520 12.45 -14.13 12.70
N GLN G 521 11.48 -13.30 13.15
CA GLN G 521 11.61 -11.86 13.00
C GLN G 521 12.72 -11.30 13.89
N GLN G 522 12.93 -11.93 15.05
CA GLN G 522 14.01 -11.51 15.94
C GLN G 522 15.37 -11.88 15.37
N LEU G 523 15.44 -12.94 14.57
CA LEU G 523 16.69 -13.29 13.90
C LEU G 523 16.92 -12.43 12.66
N LEU G 524 15.83 -12.01 12.00
CA LEU G 524 15.97 -11.18 10.80
C LEU G 524 16.34 -9.74 11.15
N GLU G 525 15.52 -9.11 12.00
CA GLU G 525 15.69 -7.68 12.26
C GLU G 525 16.84 -7.41 13.22
N ASP G 526 16.90 -8.14 14.33
CA ASP G 526 17.87 -7.84 15.38
C ASP G 526 19.20 -8.56 15.17
N CYS G 527 19.17 -9.87 14.97
CA CYS G 527 20.39 -10.65 14.77
C CYS G 527 20.98 -10.47 13.37
N GLY G 528 20.19 -10.02 12.41
CA GLY G 528 20.70 -9.73 11.08
C GLY G 528 21.04 -10.95 10.24
N ILE G 529 20.23 -11.99 10.30
CA ILE G 529 20.41 -13.18 9.49
C ILE G 529 19.56 -13.02 8.25
N HIS G 530 20.22 -12.79 7.10
CA HIS G 530 19.50 -12.48 5.87
C HIS G 530 19.02 -13.73 5.12
N LEU G 531 19.63 -14.89 5.36
CA LEU G 531 19.24 -16.11 4.67
C LEU G 531 18.17 -16.82 5.49
N GLY G 532 17.03 -17.13 4.85
CA GLY G 532 15.94 -17.77 5.55
C GLY G 532 16.18 -19.24 5.83
N VAL G 533 17.03 -19.89 5.03
CA VAL G 533 17.41 -21.27 5.28
C VAL G 533 18.20 -21.38 6.58
N HIS G 534 19.13 -20.45 6.80
CA HIS G 534 19.89 -20.42 8.04
C HIS G 534 19.01 -20.07 9.23
N ARG G 535 18.01 -19.20 9.02
CA ARG G 535 17.06 -18.89 10.08
C ARG G 535 16.25 -20.11 10.47
N ALA G 536 15.79 -20.88 9.47
CA ALA G 536 15.01 -22.07 9.75
C ALA G 536 15.85 -23.13 10.44
N ARG G 537 17.12 -23.29 10.05
CA ARG G 537 17.99 -24.27 10.69
C ARG G 537 18.32 -23.87 12.13
N ILE G 538 18.55 -22.56 12.38
CA ILE G 538 18.84 -22.10 13.72
C ILE G 538 17.60 -22.25 14.62
N LEU G 539 16.41 -21.95 14.10
CA LEU G 539 15.19 -22.13 14.89
C LEU G 539 14.91 -23.60 15.17
N THR G 540 15.13 -24.47 14.18
CA THR G 540 14.92 -25.90 14.37
C THR G 540 15.88 -26.48 15.39
N ALA G 541 17.17 -26.11 15.29
CA ALA G 541 18.15 -26.61 16.26
C ALA G 541 18.00 -25.96 17.62
N ALA G 542 17.39 -24.78 17.70
CA ALA G 542 17.11 -24.19 19.01
C ALA G 542 15.90 -24.83 19.66
N ARG G 543 14.96 -25.35 18.86
CA ARG G 543 13.77 -25.95 19.44
C ARG G 543 13.95 -27.43 19.77
N GLU G 544 14.70 -28.17 18.94
CA GLU G 544 14.65 -29.62 19.05
C GLU G 544 15.63 -30.22 20.05
N MET G 545 16.76 -29.56 20.33
CA MET G 545 17.77 -30.16 21.19
C MET G 545 18.13 -29.35 22.43
N LEU G 546 17.80 -28.05 22.46
CA LEU G 546 18.08 -27.27 23.66
C LEU G 546 17.03 -27.52 24.74
N HIS G 547 15.76 -27.30 24.41
CA HIS G 547 14.67 -27.54 25.35
C HIS G 547 13.51 -28.23 24.66
N THR G 561 29.55 -19.36 54.81
CA THR G 561 29.85 -20.19 55.96
C THR G 561 31.02 -21.13 55.67
N PRO G 562 32.22 -20.75 56.10
CA PRO G 562 33.38 -21.62 55.86
C PRO G 562 33.38 -22.80 56.81
N ASP G 563 34.14 -23.83 56.43
CA ASP G 563 34.24 -25.06 57.20
C ASP G 563 35.60 -25.28 57.84
N VAL G 564 36.67 -24.70 57.31
CA VAL G 564 38.01 -24.88 57.83
C VAL G 564 38.60 -23.51 58.11
N PHE G 565 38.95 -23.24 59.37
CA PHE G 565 39.61 -22.00 59.73
C PHE G 565 41.10 -22.25 59.96
N ILE G 566 41.92 -21.36 59.41
CA ILE G 566 43.37 -21.49 59.48
C ILE G 566 43.93 -20.21 60.12
N SER G 567 44.64 -20.39 61.24
CA SER G 567 45.40 -19.33 61.87
C SER G 567 46.88 -19.54 61.58
N TYR G 568 47.61 -18.45 61.37
CA TYR G 568 49.00 -18.55 60.95
C TYR G 568 49.79 -17.37 61.52
N ARG G 569 51.11 -17.50 61.46
CA ARG G 569 52.01 -16.45 61.88
C ARG G 569 52.33 -15.54 60.69
N ARG G 570 52.45 -14.23 60.98
CA ARG G 570 52.64 -13.22 59.96
C ARG G 570 53.96 -13.37 59.22
N ASN G 571 55.01 -13.84 59.89
CA ASN G 571 56.35 -13.86 59.31
C ASN G 571 56.53 -14.97 58.28
N SER G 572 56.40 -16.23 58.70
CA SER G 572 56.70 -17.37 57.84
C SER G 572 55.59 -18.40 57.81
N GLY G 573 54.33 -17.97 57.88
CA GLY G 573 53.22 -18.90 57.87
C GLY G 573 52.18 -18.65 56.80
N SER G 574 52.49 -17.79 55.83
CA SER G 574 51.50 -17.41 54.83
C SER G 574 51.44 -18.43 53.69
N GLN G 575 52.60 -18.87 53.19
CA GLN G 575 52.64 -19.75 52.03
C GLN G 575 52.10 -21.14 52.37
N LEU G 576 52.42 -21.64 53.55
CA LEU G 576 51.91 -22.94 53.97
C LEU G 576 50.39 -22.90 54.20
N ALA G 577 49.89 -21.80 54.74
CA ALA G 577 48.44 -21.65 54.95
C ALA G 577 47.70 -21.55 53.62
N SER G 578 48.27 -20.81 52.66
CA SER G 578 47.65 -20.70 51.34
C SER G 578 47.69 -22.04 50.61
N LEU G 579 48.78 -22.80 50.80
CA LEU G 579 48.90 -24.11 50.16
C LEU G 579 47.91 -25.11 50.76
N LEU G 580 47.72 -25.05 52.08
CA LEU G 580 46.71 -25.89 52.73
C LEU G 580 45.30 -25.51 52.27
N LYS G 581 45.04 -24.21 52.09
CA LYS G 581 43.73 -23.77 51.61
C LYS G 581 43.47 -24.24 50.18
N VAL G 582 44.50 -24.21 49.32
CA VAL G 582 44.34 -24.68 47.95
C VAL G 582 44.12 -26.19 47.91
N HIS G 583 44.90 -26.95 48.70
CA HIS G 583 44.75 -28.40 48.68
C HIS G 583 43.47 -28.86 49.38
N LEU G 584 42.88 -28.01 50.21
CA LEU G 584 41.57 -28.37 50.76
C LEU G 584 40.43 -27.93 49.84
N GLN G 585 40.61 -26.83 49.10
CA GLN G 585 39.57 -26.43 48.15
C GLN G 585 39.62 -27.22 46.85
N LEU G 586 40.68 -28.01 46.63
CA LEU G 586 40.64 -28.98 45.54
C LEU G 586 39.64 -30.10 45.81
N HIS G 587 39.34 -30.37 47.10
CA HIS G 587 38.41 -31.41 47.47
C HIS G 587 37.07 -30.86 47.97
N GLY G 588 36.80 -29.57 47.71
CA GLY G 588 35.52 -28.99 48.02
C GLY G 588 35.33 -28.47 49.43
N PHE G 589 36.39 -28.38 50.22
CA PHE G 589 36.30 -27.91 51.59
C PHE G 589 36.41 -26.38 51.60
N SER G 590 35.36 -25.72 52.12
CA SER G 590 35.36 -24.27 52.20
C SER G 590 36.27 -23.80 53.32
N VAL G 591 37.28 -23.00 52.98
CA VAL G 591 38.33 -22.60 53.91
C VAL G 591 38.35 -21.08 54.00
N PHE G 592 38.37 -20.56 55.23
CA PHE G 592 38.49 -19.12 55.46
C PHE G 592 39.95 -18.75 55.69
N ILE G 593 40.36 -17.61 55.13
CA ILE G 593 41.73 -17.13 55.24
C ILE G 593 41.63 -15.63 55.53
N ASP G 594 42.77 -14.91 55.55
CA ASP G 594 42.92 -13.48 55.79
C ASP G 594 42.51 -13.09 57.20
N VAL G 595 43.19 -13.67 58.19
CA VAL G 595 43.09 -13.19 59.56
C VAL G 595 43.71 -11.80 59.66
N GLU G 596 44.77 -11.54 58.90
CA GLU G 596 45.44 -10.24 58.87
C GLU G 596 44.57 -9.13 58.31
N LYS G 597 43.57 -9.47 57.48
CA LYS G 597 42.60 -8.48 57.02
C LYS G 597 41.71 -8.01 58.18
N LEU G 598 41.42 -8.90 59.13
CA LEU G 598 40.65 -8.56 60.31
C LEU G 598 41.51 -7.94 61.41
N GLU G 599 42.79 -7.73 61.18
CA GLU G 599 43.70 -7.12 62.16
C GLU G 599 43.79 -5.61 61.99
N ALA G 600 42.78 -4.98 61.39
CA ALA G 600 42.76 -3.54 61.17
C ALA G 600 41.97 -2.78 62.22
N GLY G 601 41.96 -3.26 63.47
CA GLY G 601 41.19 -2.64 64.53
C GLY G 601 39.91 -3.35 64.88
N LYS G 602 39.50 -4.36 64.11
CA LYS G 602 38.30 -5.13 64.39
C LYS G 602 38.64 -6.16 65.46
N PHE G 603 38.13 -5.94 66.67
CA PHE G 603 38.62 -6.67 67.84
C PHE G 603 38.06 -8.10 67.89
N GLU G 604 36.74 -8.22 68.06
CA GLU G 604 36.09 -9.54 68.08
C GLU G 604 34.76 -9.55 67.34
N ASP G 605 34.54 -8.64 66.39
CA ASP G 605 33.24 -8.57 65.74
C ASP G 605 33.08 -9.63 64.67
N LYS G 606 34.18 -10.06 64.04
CA LYS G 606 34.12 -11.05 62.97
C LYS G 606 34.88 -12.33 63.26
N LEU G 607 35.82 -12.32 64.22
CA LEU G 607 36.55 -13.55 64.56
C LEU G 607 35.63 -14.57 65.22
N ILE G 608 34.68 -14.11 66.03
CA ILE G 608 33.72 -15.01 66.67
C ILE G 608 32.77 -15.59 65.62
N GLN G 609 32.32 -14.75 64.69
CA GLN G 609 31.45 -15.21 63.61
C GLN G 609 32.18 -16.13 62.63
N SER G 610 33.51 -16.02 62.53
CA SER G 610 34.27 -16.93 61.70
C SER G 610 34.50 -18.28 62.39
N VAL G 611 34.89 -18.26 63.67
CA VAL G 611 35.23 -19.50 64.35
C VAL G 611 33.99 -20.31 64.74
N MET G 612 32.91 -19.62 65.16
CA MET G 612 31.66 -20.32 65.49
C MET G 612 31.04 -20.95 64.24
N GLY G 613 31.22 -20.34 63.07
CA GLY G 613 30.77 -20.95 61.84
C GLY G 613 31.71 -22.00 61.27
N ALA G 614 32.96 -22.02 61.73
CA ALA G 614 33.98 -22.93 61.21
C ALA G 614 33.72 -24.33 61.77
N ARG G 615 33.64 -25.31 60.86
CA ARG G 615 33.46 -26.70 61.27
C ARG G 615 34.75 -27.30 61.86
N ASN G 616 35.91 -26.86 61.36
CA ASN G 616 37.18 -27.41 61.84
C ASN G 616 38.18 -26.31 62.16
N PHE G 617 39.42 -26.68 62.46
CA PHE G 617 40.46 -25.71 62.79
C PHE G 617 41.81 -26.29 62.41
N VAL G 618 42.63 -25.51 61.72
CA VAL G 618 43.99 -25.89 61.33
C VAL G 618 44.93 -24.82 61.89
N LEU G 619 45.92 -25.26 62.66
CA LEU G 619 46.90 -24.36 63.27
C LEU G 619 48.24 -24.55 62.57
N VAL G 620 48.58 -23.60 61.70
CA VAL G 620 49.87 -23.63 61.00
C VAL G 620 50.96 -23.24 61.99
N LEU G 621 51.89 -24.17 62.24
CA LEU G 621 53.00 -23.94 63.15
C LEU G 621 54.25 -23.67 62.34
N SER G 622 54.54 -22.38 62.10
CA SER G 622 55.75 -21.96 61.44
C SER G 622 56.93 -22.08 62.42
N PRO G 623 58.18 -22.03 61.92
CA PRO G 623 59.32 -21.88 62.85
C PRO G 623 59.27 -20.56 63.59
N GLY G 624 59.03 -20.62 64.90
CA GLY G 624 58.76 -19.43 65.68
C GLY G 624 57.31 -19.00 65.66
N ALA G 625 56.38 -19.97 65.71
CA ALA G 625 54.97 -19.63 65.63
C ALA G 625 54.43 -19.14 66.98
N LEU G 626 54.69 -19.89 68.05
CA LEU G 626 54.18 -19.55 69.37
C LEU G 626 55.15 -18.69 70.17
N ASP G 627 55.99 -17.91 69.51
CA ASP G 627 56.91 -17.02 70.23
C ASP G 627 56.17 -15.83 70.81
N LYS G 628 55.28 -15.22 70.03
CA LYS G 628 54.51 -14.08 70.50
C LYS G 628 53.37 -14.47 71.43
N CYS G 629 52.98 -15.75 71.46
CA CYS G 629 51.95 -16.21 72.38
C CYS G 629 52.48 -16.43 73.79
N MET G 630 53.80 -16.49 73.97
CA MET G 630 54.40 -16.62 75.28
C MET G 630 54.32 -15.30 76.03
N GLN G 631 53.99 -15.38 77.33
CA GLN G 631 53.86 -14.24 78.24
C GLN G 631 52.83 -13.21 77.76
N ASP G 632 51.79 -13.66 77.05
CA ASP G 632 50.72 -12.78 76.58
C ASP G 632 49.54 -12.91 77.54
N HIS G 633 49.67 -12.26 78.70
CA HIS G 633 48.67 -12.33 79.75
C HIS G 633 47.61 -11.23 79.64
N ASP G 634 47.51 -10.59 78.47
CA ASP G 634 46.52 -9.55 78.26
C ASP G 634 45.62 -9.79 77.05
N CYS G 635 45.81 -10.90 76.34
CA CYS G 635 45.04 -11.31 75.16
C CYS G 635 45.10 -10.25 74.06
N LYS G 636 46.30 -10.06 73.55
CA LYS G 636 46.57 -9.06 72.53
C LYS G 636 47.00 -9.68 71.20
N ASP G 637 47.72 -10.80 71.23
CA ASP G 637 48.15 -11.44 70.00
C ASP G 637 46.98 -12.15 69.33
N TRP G 638 46.88 -12.00 68.01
CA TRP G 638 45.73 -12.50 67.27
C TRP G 638 45.72 -14.02 67.14
N VAL G 639 46.90 -14.63 67.04
CA VAL G 639 47.00 -16.09 67.04
C VAL G 639 46.59 -16.64 68.40
N HIS G 640 46.96 -15.93 69.47
CA HIS G 640 46.51 -16.29 70.81
C HIS G 640 44.99 -16.17 70.95
N LYS G 641 44.41 -15.14 70.32
CA LYS G 641 42.95 -14.98 70.32
C LYS G 641 42.29 -16.12 69.56
N ALA G 642 42.89 -16.55 68.46
CA ALA G 642 42.34 -17.67 67.68
C ALA G 642 42.42 -18.97 68.46
N ILE G 643 43.52 -19.18 69.19
CA ILE G 643 43.68 -20.41 69.98
C ILE G 643 42.71 -20.43 71.16
N VAL G 644 42.54 -19.29 71.83
CA VAL G 644 41.59 -19.20 72.96
C VAL G 644 40.15 -19.37 72.46
N THR G 645 39.82 -18.80 71.30
CA THR G 645 38.47 -18.95 70.76
C THR G 645 38.20 -20.38 70.30
N ALA G 646 39.22 -21.04 69.73
CA ALA G 646 39.05 -22.43 69.28
C ALA G 646 38.94 -23.38 70.47
N LEU G 647 39.66 -23.10 71.56
CA LEU G 647 39.51 -23.90 72.77
C LEU G 647 38.21 -23.61 73.51
N SER G 648 37.66 -22.40 73.37
CA SER G 648 36.35 -22.13 73.94
C SER G 648 35.26 -22.81 73.13
N CYS G 649 35.44 -22.91 71.81
CA CYS G 649 34.48 -23.63 70.99
C CYS G 649 34.62 -25.14 71.13
N GLY G 650 35.84 -25.64 71.28
CA GLY G 650 36.07 -27.07 71.35
C GLY G 650 36.12 -27.77 70.00
N LYS G 651 36.57 -27.07 68.96
CA LYS G 651 36.60 -27.66 67.63
C LYS G 651 37.79 -28.59 67.46
N ASN G 652 37.81 -29.30 66.33
CA ASN G 652 38.88 -30.23 66.02
C ASN G 652 40.14 -29.49 65.60
N ILE G 653 41.09 -29.34 66.52
CA ILE G 653 42.33 -28.62 66.24
C ILE G 653 43.33 -29.58 65.60
N VAL G 654 43.73 -29.30 64.37
CA VAL G 654 44.70 -30.11 63.66
C VAL G 654 45.95 -29.26 63.41
N PRO G 655 47.00 -29.41 64.21
CA PRO G 655 48.21 -28.62 63.98
C PRO G 655 49.01 -29.14 62.79
N ILE G 656 49.66 -28.21 62.11
CA ILE G 656 50.54 -28.53 60.97
C ILE G 656 51.92 -28.00 61.31
N ILE G 657 52.89 -28.91 61.45
CA ILE G 657 54.23 -28.58 61.92
C ILE G 657 55.15 -28.55 60.70
N ASP G 658 55.82 -27.42 60.50
CA ASP G 658 56.81 -27.24 59.44
C ASP G 658 58.13 -26.89 60.12
N GLY G 659 58.84 -27.92 60.58
CA GLY G 659 60.12 -27.75 61.24
C GLY G 659 60.08 -26.94 62.53
N PHE G 660 59.19 -27.30 63.45
CA PHE G 660 58.99 -26.53 64.66
C PHE G 660 58.91 -27.47 65.85
N GLU G 661 59.74 -27.22 66.86
CA GLU G 661 59.76 -28.05 68.06
C GLU G 661 58.59 -27.69 68.97
N TRP G 662 58.12 -28.66 69.73
CA TRP G 662 57.00 -28.45 70.64
C TRP G 662 57.44 -27.61 71.84
N PRO G 663 56.76 -26.50 72.14
CA PRO G 663 57.18 -25.65 73.25
C PRO G 663 56.79 -26.23 74.61
N GLU G 664 57.23 -25.51 75.65
CA GLU G 664 56.97 -25.95 77.01
C GLU G 664 55.53 -25.61 77.41
N PRO G 665 54.92 -26.44 78.26
CA PRO G 665 53.56 -26.10 78.73
C PRO G 665 53.52 -24.95 79.72
N GLN G 666 54.59 -24.77 80.50
CA GLN G 666 54.57 -23.79 81.57
C GLN G 666 54.87 -22.37 81.11
N VAL G 667 55.44 -22.19 79.91
CA VAL G 667 55.75 -20.86 79.41
C VAL G 667 54.55 -20.20 78.73
N LEU G 668 53.49 -20.94 78.47
CA LEU G 668 52.25 -20.45 77.86
C LEU G 668 51.21 -20.16 78.94
N PRO G 669 50.30 -19.21 78.68
CA PRO G 669 49.21 -18.97 79.64
C PRO G 669 48.25 -20.15 79.72
N GLU G 670 47.47 -20.17 80.80
CA GLU G 670 46.67 -21.35 81.12
C GLU G 670 45.46 -21.50 80.20
N ASP G 671 45.11 -20.46 79.44
CA ASP G 671 44.00 -20.56 78.51
C ASP G 671 44.40 -21.14 77.15
N MET G 672 45.65 -21.56 76.99
CA MET G 672 46.10 -22.17 75.74
C MET G 672 46.99 -23.39 75.93
N GLN G 673 47.10 -23.94 77.14
CA GLN G 673 47.97 -25.08 77.40
C GLN G 673 47.40 -26.41 76.89
N ALA G 674 46.15 -26.44 76.43
CA ALA G 674 45.55 -27.66 75.94
C ALA G 674 45.88 -27.95 74.48
N VAL G 675 46.59 -27.06 73.79
CA VAL G 675 46.88 -27.26 72.38
C VAL G 675 47.97 -28.31 72.17
N LEU G 676 48.75 -28.60 73.22
CA LEU G 676 49.85 -29.56 73.12
C LEU G 676 49.39 -31.02 73.19
N THR G 677 48.09 -31.26 73.34
CA THR G 677 47.56 -32.63 73.45
C THR G 677 46.77 -33.05 72.22
N PHE G 678 46.92 -32.35 71.11
CA PHE G 678 46.25 -32.68 69.86
C PHE G 678 47.22 -33.39 68.92
N ASN G 679 46.67 -34.26 68.07
CA ASN G 679 47.47 -35.06 67.13
C ASN G 679 47.88 -34.17 65.97
N GLY G 680 49.10 -33.65 66.04
CA GLY G 680 49.65 -32.85 64.96
C GLY G 680 50.15 -33.70 63.81
N ILE G 681 50.27 -33.05 62.65
CA ILE G 681 50.71 -33.71 61.43
C ILE G 681 51.94 -32.99 60.92
N LYS G 682 53.03 -33.75 60.75
CA LYS G 682 54.26 -33.19 60.20
C LYS G 682 54.11 -32.96 58.70
N TRP G 683 54.68 -31.86 58.23
CA TRP G 683 54.56 -31.46 56.83
C TRP G 683 55.80 -31.85 56.04
N SER G 684 55.59 -32.45 54.88
CA SER G 684 56.64 -32.79 53.94
C SER G 684 56.44 -31.99 52.67
N HIS G 685 57.47 -31.25 52.25
CA HIS G 685 57.34 -30.36 51.10
C HIS G 685 57.40 -31.10 49.77
N GLU G 686 57.95 -32.30 49.74
CA GLU G 686 58.07 -33.07 48.51
C GLU G 686 57.14 -34.27 48.46
N TYR G 687 56.33 -34.49 49.49
CA TYR G 687 55.35 -35.58 49.57
C TYR G 687 54.03 -35.03 50.07
N GLN G 688 53.56 -33.96 49.43
CA GLN G 688 52.45 -33.18 49.96
C GLN G 688 51.11 -33.89 49.82
N GLU G 689 50.95 -34.74 48.79
CA GLU G 689 49.64 -35.30 48.49
C GLU G 689 49.19 -36.31 49.53
N ALA G 690 50.11 -37.16 50.01
CA ALA G 690 49.77 -38.11 51.07
C ALA G 690 49.51 -37.38 52.38
N THR G 691 50.19 -36.26 52.62
CA THR G 691 49.94 -35.47 53.82
C THR G 691 48.57 -34.81 53.78
N ILE G 692 48.17 -34.31 52.61
CA ILE G 692 46.84 -33.71 52.46
C ILE G 692 45.76 -34.78 52.58
N GLU G 693 46.01 -35.99 52.07
CA GLU G 693 45.06 -37.08 52.26
C GLU G 693 44.98 -37.51 53.72
N LYS G 694 46.09 -37.42 54.46
CA LYS G 694 46.06 -37.69 55.90
C LYS G 694 45.27 -36.62 56.64
N ILE G 695 45.34 -35.37 56.17
CA ILE G 695 44.54 -34.29 56.75
C ILE G 695 43.06 -34.53 56.48
N ILE G 696 42.71 -34.91 55.25
CA ILE G 696 41.31 -35.17 54.87
C ILE G 696 40.75 -36.37 55.63
N ARG G 697 41.58 -37.38 55.90
CA ARG G 697 41.14 -38.50 56.75
C ARG G 697 41.00 -38.11 58.21
N PHE G 698 41.49 -36.94 58.63
CA PHE G 698 41.40 -36.48 60.01
C PHE G 698 40.47 -35.28 60.16
N LEU G 699 39.51 -35.14 59.26
CA LEU G 699 38.52 -34.06 59.33
C LEU G 699 37.12 -34.65 59.20
N GLN G 700 36.12 -33.79 59.38
CA GLN G 700 34.72 -34.20 59.28
C GLN G 700 34.15 -33.82 57.91
N VAL H 61 78.69 1.31 19.92
CA VAL H 61 77.50 0.53 19.63
C VAL H 61 77.91 -0.83 19.04
N GLN H 62 78.65 -0.79 17.94
CA GLN H 62 79.09 -2.00 17.26
C GLN H 62 80.43 -2.52 17.78
N ASP H 63 81.00 -1.90 18.82
CA ASP H 63 82.26 -2.39 19.37
C ASP H 63 82.04 -3.65 20.20
N ALA H 64 80.94 -3.70 20.96
CA ALA H 64 80.63 -4.87 21.77
C ALA H 64 80.29 -6.08 20.88
N LEU H 65 79.70 -5.82 19.72
CA LEU H 65 79.45 -6.89 18.75
C LEU H 65 80.76 -7.48 18.24
N GLU H 66 81.72 -6.63 17.87
CA GLU H 66 83.02 -7.10 17.40
C GLU H 66 83.85 -7.72 18.52
N ARG H 67 83.57 -7.40 19.78
CA ARG H 67 84.26 -8.06 20.88
C ARG H 67 83.60 -9.40 21.24
N ALA H 68 82.29 -9.53 20.99
CA ALA H 68 81.57 -10.70 21.47
C ALA H 68 81.33 -11.76 20.40
N LEU H 69 81.47 -11.43 19.11
CA LEU H 69 81.27 -12.45 18.08
C LEU H 69 82.40 -13.50 18.02
N PRO H 70 83.70 -13.17 17.92
CA PRO H 70 84.70 -14.26 17.80
C PRO H 70 84.90 -15.06 19.07
N GLU H 71 84.60 -14.49 20.24
CA GLU H 71 84.64 -15.26 21.48
C GLU H 71 83.57 -16.34 21.49
N LEU H 72 82.35 -16.00 21.03
CA LEU H 72 81.31 -17.02 20.91
C LEU H 72 81.58 -17.98 19.76
N GLN H 73 82.30 -17.54 18.72
CA GLN H 73 82.73 -18.46 17.67
C GLN H 73 83.67 -19.52 18.23
N GLN H 74 84.68 -19.09 19.01
CA GLN H 74 85.61 -20.03 19.63
C GLN H 74 84.90 -20.92 20.65
N ALA H 75 83.95 -20.36 21.40
CA ALA H 75 83.25 -21.13 22.41
C ALA H 75 82.30 -22.17 21.80
N LEU H 76 81.59 -21.79 20.74
CA LEU H 76 80.72 -22.75 20.07
C LEU H 76 81.51 -23.78 19.28
N SER H 77 82.71 -23.42 18.80
CA SER H 77 83.58 -24.43 18.19
C SER H 77 84.11 -25.40 19.24
N ALA H 78 84.37 -24.91 20.46
CA ALA H 78 84.79 -25.81 21.54
C ALA H 78 83.63 -26.70 22.00
N LEU H 79 82.40 -26.18 21.98
CA LEU H 79 81.24 -27.01 22.31
C LEU H 79 80.95 -28.03 21.23
N LYS H 80 81.19 -27.68 19.96
CA LYS H 80 80.95 -28.59 18.87
C LYS H 80 82.02 -29.68 18.77
N GLN H 81 83.27 -29.33 19.11
CA GLN H 81 84.39 -30.26 19.01
C GLN H 81 84.49 -31.19 20.21
N ALA H 82 84.49 -30.63 21.42
CA ALA H 82 84.67 -31.45 22.62
C ALA H 82 83.37 -32.15 22.98
N GLY H 83 83.49 -33.43 23.35
CA GLY H 83 82.35 -34.22 23.77
C GLY H 83 82.58 -34.95 25.06
N GLY H 84 83.31 -34.33 25.98
CA GLY H 84 83.63 -34.93 27.25
C GLY H 84 82.50 -34.85 28.26
N ALA H 85 82.86 -35.10 29.53
CA ALA H 85 81.89 -35.12 30.60
C ALA H 85 81.90 -33.85 31.45
N ARG H 86 83.03 -33.14 31.51
CA ARG H 86 83.12 -31.94 32.34
C ARG H 86 83.56 -30.70 31.58
N ALA H 87 84.30 -30.84 30.47
CA ALA H 87 84.70 -29.66 29.70
C ALA H 87 83.54 -29.08 28.91
N VAL H 88 82.55 -29.91 28.58
CA VAL H 88 81.37 -29.43 27.86
C VAL H 88 80.53 -28.52 28.75
N GLY H 89 80.38 -28.90 30.03
CA GLY H 89 79.69 -28.03 30.97
C GLY H 89 80.45 -26.75 31.27
N ALA H 90 81.79 -26.83 31.22
CA ALA H 90 82.60 -25.62 31.37
C ALA H 90 82.42 -24.69 30.17
N GLY H 91 82.32 -25.24 28.96
CA GLY H 91 82.04 -24.42 27.80
C GLY H 91 80.65 -23.81 27.83
N LEU H 92 79.67 -24.57 28.33
CA LEU H 92 78.33 -24.03 28.52
C LEU H 92 78.33 -22.91 29.56
N ALA H 93 79.14 -23.06 30.61
CA ALA H 93 79.27 -22.00 31.61
C ALA H 93 79.95 -20.76 31.04
N GLU H 94 80.93 -20.94 30.14
CA GLU H 94 81.57 -19.79 29.49
C GLU H 94 80.60 -19.05 28.58
N VAL H 95 79.80 -19.79 27.80
CA VAL H 95 78.81 -19.17 26.92
C VAL H 95 77.74 -18.47 27.75
N PHE H 96 77.31 -19.08 28.85
CA PHE H 96 76.27 -18.49 29.70
C PHE H 96 76.80 -17.26 30.45
N GLN H 97 78.08 -17.26 30.80
CA GLN H 97 78.68 -16.07 31.40
C GLN H 97 78.82 -14.94 30.39
N LEU H 98 79.11 -15.26 29.13
CA LEU H 98 79.15 -14.22 28.11
C LEU H 98 77.74 -13.70 27.81
N VAL H 99 76.73 -14.56 27.93
CA VAL H 99 75.34 -14.13 27.80
C VAL H 99 74.95 -13.20 28.95
N GLU H 100 75.39 -13.52 30.17
CA GLU H 100 75.15 -12.64 31.32
C GLU H 100 75.85 -11.30 31.16
N GLU H 101 77.05 -11.30 30.57
CA GLU H 101 77.73 -10.05 30.28
C GLU H 101 77.06 -9.29 29.14
N ALA H 102 76.37 -10.00 28.24
CA ALA H 102 75.70 -9.36 27.12
C ALA H 102 74.40 -8.68 27.54
N TRP H 103 73.62 -9.30 28.43
CA TRP H 103 72.33 -8.71 28.78
C TRP H 103 72.46 -7.55 29.75
N LEU H 104 73.61 -7.41 30.43
CA LEU H 104 73.78 -6.41 31.48
C LEU H 104 74.51 -5.16 31.00
N LEU H 105 74.27 -4.72 29.76
CA LEU H 105 74.83 -3.47 29.27
C LEU H 105 73.75 -2.41 29.27
N PRO H 106 73.98 -1.22 29.84
CA PRO H 106 72.93 -0.19 29.90
C PRO H 106 72.67 0.41 28.53
N ALA H 107 71.47 0.13 27.99
CA ALA H 107 70.93 0.66 26.73
C ALA H 107 71.81 0.34 25.52
N VAL H 108 72.63 -0.71 25.59
CA VAL H 108 73.49 -1.13 24.50
C VAL H 108 73.22 -2.58 24.21
N GLY H 109 73.23 -3.42 25.25
CA GLY H 109 73.21 -4.86 25.15
C GLY H 109 71.92 -5.50 24.67
N ARG H 110 70.87 -4.72 24.38
CA ARG H 110 69.64 -5.31 23.86
C ARG H 110 69.83 -5.83 22.44
N GLU H 111 70.21 -4.92 21.52
CA GLU H 111 70.50 -5.34 20.15
C GLU H 111 71.75 -6.20 20.07
N VAL H 112 72.69 -6.01 20.99
CA VAL H 112 73.89 -6.85 21.06
C VAL H 112 73.51 -8.28 21.43
N ALA H 113 72.63 -8.45 22.43
CA ALA H 113 72.18 -9.78 22.82
C ALA H 113 71.32 -10.43 21.75
N GLN H 114 70.51 -9.64 21.05
CA GLN H 114 69.75 -10.17 19.92
C GLN H 114 70.67 -10.64 18.79
N GLY H 115 71.73 -9.87 18.50
CA GLY H 115 72.68 -10.30 17.49
C GLY H 115 73.48 -11.52 17.89
N LEU H 116 73.78 -11.66 19.19
CA LEU H 116 74.50 -12.85 19.64
C LEU H 116 73.59 -14.07 19.63
N CYS H 117 72.29 -13.89 19.91
CA CYS H 117 71.35 -15.00 19.77
C CYS H 117 71.18 -15.39 18.31
N ASP H 118 71.22 -14.41 17.40
CA ASP H 118 71.21 -14.71 15.97
C ASP H 118 72.46 -15.47 15.54
N ALA H 119 73.60 -15.12 16.14
CA ALA H 119 74.85 -15.82 15.83
C ALA H 119 74.86 -17.23 16.38
N ILE H 120 74.23 -17.45 17.54
CA ILE H 120 74.08 -18.80 18.07
C ILE H 120 73.13 -19.62 17.20
N ARG H 121 72.06 -19.00 16.70
CA ARG H 121 71.09 -19.72 15.88
C ARG H 121 71.66 -20.08 14.50
N LEU H 122 72.35 -19.14 13.85
CA LEU H 122 72.89 -19.38 12.52
C LEU H 122 74.10 -20.32 12.53
N ASP H 123 74.76 -20.49 13.68
CA ASP H 123 75.85 -21.44 13.76
C ASP H 123 75.34 -22.87 13.88
N GLY H 124 74.12 -23.06 14.37
CA GLY H 124 73.59 -24.37 14.64
C GLY H 124 73.69 -24.80 16.09
N GLY H 125 73.96 -23.87 17.00
CA GLY H 125 74.10 -24.21 18.40
C GLY H 125 72.81 -24.49 19.12
N LEU H 126 71.67 -24.10 18.53
CA LEU H 126 70.38 -24.40 19.14
C LEU H 126 70.07 -25.89 19.04
N ASP H 127 70.38 -26.50 17.89
CA ASP H 127 70.28 -27.96 17.77
C ASP H 127 71.28 -28.66 18.68
N LEU H 128 72.44 -28.04 18.91
CA LEU H 128 73.41 -28.59 19.86
C LEU H 128 72.85 -28.57 21.28
N LEU H 129 72.15 -27.49 21.65
CA LEU H 129 71.53 -27.44 22.97
C LEU H 129 70.37 -28.42 23.06
N LEU H 130 69.61 -28.61 21.98
CA LEU H 130 68.56 -29.62 21.98
C LEU H 130 69.12 -31.05 22.06
N ARG H 131 70.34 -31.27 21.57
CA ARG H 131 70.98 -32.56 21.75
C ARG H 131 71.47 -32.73 23.20
N LEU H 132 72.02 -31.67 23.78
CA LEU H 132 72.52 -31.75 25.16
C LEU H 132 71.42 -31.78 26.20
N LEU H 133 70.19 -31.35 25.86
CA LEU H 133 69.05 -31.55 26.75
C LEU H 133 68.64 -33.02 26.86
N GLN H 134 68.99 -33.86 25.89
CA GLN H 134 68.75 -35.28 25.98
C GLN H 134 69.96 -36.06 26.48
N ALA H 135 70.93 -35.38 27.11
CA ALA H 135 72.09 -36.07 27.64
C ALA H 135 71.73 -36.78 28.95
N PRO H 136 72.29 -37.97 29.19
CA PRO H 136 71.98 -38.68 30.44
C PRO H 136 72.61 -38.07 31.68
N GLU H 137 73.62 -37.23 31.52
CA GLU H 137 74.25 -36.58 32.67
C GLU H 137 73.38 -35.42 33.15
N LEU H 138 73.43 -35.13 34.45
CA LEU H 138 72.54 -34.13 35.02
C LEU H 138 73.16 -32.73 34.93
N GLU H 139 74.48 -32.62 35.09
CA GLU H 139 75.15 -31.32 35.16
C GLU H 139 75.15 -30.61 33.81
N THR H 140 75.53 -31.32 32.74
CA THR H 140 75.46 -30.71 31.42
C THR H 140 74.01 -30.45 31.00
N ARG H 141 73.05 -31.22 31.54
CA ARG H 141 71.65 -30.96 31.29
C ARG H 141 71.19 -29.65 31.93
N VAL H 142 71.60 -29.40 33.19
CA VAL H 142 71.14 -28.17 33.84
C VAL H 142 71.88 -26.95 33.26
N GLN H 143 73.16 -27.08 32.86
CA GLN H 143 73.78 -25.94 32.20
C GLN H 143 73.24 -25.69 30.81
N ALA H 144 72.87 -26.74 30.06
CA ALA H 144 72.25 -26.55 28.75
C ALA H 144 70.86 -25.94 28.88
N ALA H 145 70.12 -26.32 29.92
CA ALA H 145 68.81 -25.72 30.16
C ALA H 145 68.92 -24.26 30.55
N ARG H 146 69.88 -23.92 31.44
CA ARG H 146 70.04 -22.52 31.85
C ARG H 146 70.62 -21.67 30.72
N LEU H 147 71.35 -22.28 29.79
CA LEU H 147 71.78 -21.54 28.61
C LEU H 147 70.64 -21.33 27.61
N LEU H 148 69.76 -22.34 27.48
CA LEU H 148 68.63 -22.22 26.56
C LEU H 148 67.57 -21.26 27.10
N GLU H 149 67.55 -21.05 28.42
CA GLU H 149 66.57 -20.17 29.03
C GLU H 149 66.76 -18.72 28.62
N GLN H 150 68.00 -18.25 28.51
CA GLN H 150 68.28 -16.83 28.32
C GLN H 150 68.42 -16.42 26.86
N ILE H 151 68.11 -17.29 25.91
CA ILE H 151 68.28 -16.99 24.49
C ILE H 151 66.99 -17.16 23.70
N LEU H 152 65.84 -17.19 24.37
CA LEU H 152 64.56 -17.42 23.69
C LEU H 152 64.00 -16.10 23.18
N VAL H 153 64.54 -15.65 22.04
CA VAL H 153 64.05 -14.46 21.38
C VAL H 153 63.10 -14.90 20.27
N ALA H 154 62.41 -13.93 19.65
CA ALA H 154 61.30 -14.21 18.72
C ALA H 154 61.75 -14.98 17.48
N GLU H 155 63.03 -14.87 17.11
CA GLU H 155 63.53 -15.68 16.00
C GLU H 155 63.95 -17.08 16.47
N ASN H 156 64.41 -17.21 17.72
CA ASN H 156 64.73 -18.53 18.23
C ASN H 156 63.48 -19.34 18.58
N ARG H 157 62.40 -18.65 18.98
CA ARG H 157 61.19 -19.34 19.41
C ARG H 157 60.51 -20.05 18.24
N ASP H 158 60.69 -19.54 17.02
CA ASP H 158 60.19 -20.25 15.85
C ASP H 158 60.91 -21.57 15.64
N ARG H 159 62.24 -21.57 15.84
CA ARG H 159 63.02 -22.80 15.70
C ARG H 159 62.70 -23.81 16.80
N VAL H 160 62.46 -23.31 18.02
CA VAL H 160 62.08 -24.21 19.12
C VAL H 160 60.67 -24.75 18.92
N ALA H 161 59.78 -23.94 18.33
CA ALA H 161 58.44 -24.45 17.99
C ALA H 161 58.50 -25.46 16.85
N ARG H 162 59.50 -25.33 15.96
CA ARG H 162 59.65 -26.32 14.90
C ARG H 162 60.19 -27.65 15.44
N ILE H 163 61.29 -27.62 16.17
CA ILE H 163 61.99 -28.85 16.59
C ILE H 163 61.91 -29.06 18.09
N GLY H 164 62.26 -28.05 18.88
CA GLY H 164 62.45 -28.16 20.31
C GLY H 164 61.26 -28.54 21.15
N LEU H 165 60.03 -28.52 20.60
CA LEU H 165 58.89 -29.03 21.33
C LEU H 165 58.92 -30.56 21.36
N GLY H 166 58.78 -31.11 22.57
CA GLY H 166 58.91 -32.52 22.79
C GLY H 166 60.17 -32.93 23.53
N VAL H 167 61.22 -32.11 23.48
CA VAL H 167 62.45 -32.35 24.23
C VAL H 167 62.33 -31.63 25.56
N ILE H 168 61.87 -30.38 25.51
CA ILE H 168 61.59 -29.62 26.73
C ILE H 168 60.39 -30.19 27.45
N LEU H 169 59.41 -30.69 26.69
CA LEU H 169 58.27 -31.42 27.20
C LEU H 169 58.67 -32.71 27.92
N ASN H 170 59.76 -33.34 27.49
CA ASN H 170 60.30 -34.49 28.20
C ASN H 170 60.93 -34.08 29.52
N LEU H 171 61.50 -32.87 29.57
CA LEU H 171 62.03 -32.36 30.83
C LEU H 171 60.93 -31.88 31.76
N ALA H 172 59.74 -31.61 31.21
CA ALA H 172 58.60 -31.22 32.04
C ALA H 172 58.11 -32.35 32.93
N LYS H 173 58.44 -33.60 32.61
CA LYS H 173 58.05 -34.72 33.46
C LYS H 173 58.99 -34.90 34.65
N GLU H 174 60.28 -34.65 34.47
CA GLU H 174 61.25 -34.75 35.57
C GLU H 174 61.14 -33.46 36.39
N ARG H 175 60.60 -33.58 37.60
CA ARG H 175 60.16 -32.42 38.37
C ARG H 175 60.82 -32.31 39.74
N GLU H 176 61.45 -33.38 40.23
CA GLU H 176 61.99 -33.40 41.59
C GLU H 176 63.23 -32.51 41.83
N PRO H 177 64.26 -32.46 40.97
CA PRO H 177 65.36 -31.52 41.27
C PRO H 177 64.98 -30.09 40.99
N VAL H 178 65.51 -29.17 41.81
CA VAL H 178 65.16 -27.76 41.70
C VAL H 178 65.95 -27.08 40.58
N GLU H 179 67.19 -27.50 40.36
CA GLU H 179 68.06 -26.87 39.36
C GLU H 179 67.60 -27.10 37.93
N LEU H 180 66.92 -28.21 37.65
CA LEU H 180 66.23 -28.35 36.37
C LEU H 180 65.01 -27.45 36.31
N ALA H 181 64.17 -27.50 37.36
CA ALA H 181 62.83 -26.92 37.32
C ALA H 181 62.87 -25.39 37.25
N ARG H 182 63.86 -24.77 37.90
CA ARG H 182 63.98 -23.31 37.91
C ARG H 182 64.23 -22.75 36.51
N SER H 183 64.93 -23.50 35.67
CA SER H 183 65.17 -23.09 34.30
C SER H 183 64.11 -23.58 33.32
N VAL H 184 63.57 -24.79 33.51
CA VAL H 184 62.56 -25.32 32.60
C VAL H 184 61.25 -24.54 32.75
N ALA H 185 60.97 -24.01 33.95
CA ALA H 185 59.84 -23.11 34.13
C ALA H 185 60.00 -21.83 33.33
N GLY H 186 61.22 -21.28 33.26
CA GLY H 186 61.44 -20.09 32.45
C GLY H 186 61.43 -20.37 30.96
N ILE H 187 61.90 -21.56 30.56
CA ILE H 187 61.85 -21.95 29.16
C ILE H 187 60.40 -22.08 28.69
N LEU H 188 59.57 -22.73 29.51
CA LEU H 188 58.14 -22.85 29.17
C LEU H 188 57.44 -21.49 29.26
N GLU H 189 57.85 -20.64 30.21
CA GLU H 189 57.39 -19.26 30.31
C GLU H 189 57.58 -18.50 29.00
N HIS H 190 58.80 -18.52 28.46
CA HIS H 190 59.04 -17.80 27.23
C HIS H 190 58.45 -18.52 26.01
N MET H 191 58.26 -19.84 26.09
CA MET H 191 57.63 -20.54 24.98
C MET H 191 56.11 -20.42 24.96
N PHE H 192 55.48 -19.92 26.04
CA PHE H 192 54.06 -19.62 25.91
C PHE H 192 53.79 -18.35 25.10
N LYS H 193 54.81 -17.57 24.76
CA LYS H 193 54.63 -16.30 24.06
C LYS H 193 54.74 -16.45 22.55
N HIS H 194 54.83 -17.66 22.02
CA HIS H 194 55.05 -17.83 20.58
C HIS H 194 53.76 -17.66 19.79
N SER H 195 52.80 -18.56 19.99
CA SER H 195 51.55 -18.56 19.22
C SER H 195 50.52 -19.37 19.97
N GLU H 196 49.33 -19.48 19.37
CA GLU H 196 48.27 -20.26 19.99
C GLU H 196 48.49 -21.76 19.79
N GLU H 197 49.16 -22.14 18.70
CA GLU H 197 49.43 -23.56 18.44
C GLU H 197 50.39 -24.14 19.46
N THR H 198 51.44 -23.39 19.81
CA THR H 198 52.38 -23.82 20.84
C THR H 198 51.72 -23.89 22.21
N CYS H 199 50.78 -22.96 22.48
CA CYS H 199 50.03 -23.02 23.73
C CYS H 199 49.13 -24.25 23.79
N GLN H 200 48.51 -24.61 22.66
CA GLN H 200 47.69 -25.82 22.62
C GLN H 200 48.55 -27.08 22.77
N ARG H 201 49.73 -27.08 22.16
CA ARG H 201 50.60 -28.25 22.26
C ARG H 201 51.22 -28.38 23.65
N LEU H 202 51.39 -27.28 24.38
CA LEU H 202 51.92 -27.37 25.73
C LEU H 202 50.81 -27.69 26.74
N VAL H 203 49.62 -27.13 26.58
CA VAL H 203 48.55 -27.36 27.55
C VAL H 203 47.92 -28.75 27.36
N ALA H 204 47.74 -29.19 26.12
CA ALA H 204 47.17 -30.51 25.86
C ALA H 204 48.12 -31.63 26.29
N ALA H 205 49.43 -31.38 26.21
CA ALA H 205 50.42 -32.31 26.73
C ALA H 205 50.76 -31.94 28.17
N GLY H 206 51.82 -32.52 28.72
CA GLY H 206 52.18 -32.28 30.10
C GLY H 206 53.07 -31.07 30.32
N GLY H 207 52.73 -29.95 29.71
CA GLY H 207 53.48 -28.72 29.93
C GLY H 207 52.80 -27.81 30.94
N LEU H 208 51.47 -27.83 30.97
CA LEU H 208 50.72 -27.08 31.96
C LEU H 208 50.78 -27.74 33.32
N ASP H 209 50.78 -29.09 33.35
CA ASP H 209 50.84 -29.82 34.61
C ASP H 209 52.17 -29.61 35.33
N ALA H 210 53.25 -29.39 34.58
CA ALA H 210 54.54 -29.10 35.20
C ALA H 210 54.51 -27.77 35.94
N VAL H 211 53.90 -26.75 35.34
CA VAL H 211 53.79 -25.44 35.99
C VAL H 211 52.84 -25.52 37.19
N LEU H 212 51.71 -26.23 37.03
CA LEU H 212 50.76 -26.35 38.12
C LEU H 212 51.27 -27.23 39.26
N TYR H 213 52.26 -28.10 39.00
CA TYR H 213 52.90 -28.83 40.08
C TYR H 213 54.03 -28.01 40.71
N TRP H 214 54.72 -27.21 39.90
CA TRP H 214 55.82 -26.38 40.40
C TRP H 214 55.33 -25.16 41.15
N CYS H 215 54.04 -24.82 41.07
CA CYS H 215 53.48 -23.79 41.94
C CYS H 215 53.49 -24.18 43.42
N ARG H 216 53.67 -25.45 43.75
CA ARG H 216 53.72 -25.89 45.14
C ARG H 216 55.04 -25.53 45.83
N ARG H 217 56.06 -25.14 45.07
CA ARG H 217 57.39 -24.94 45.63
C ARG H 217 57.47 -23.62 46.41
N THR H 218 58.61 -23.41 47.06
CA THR H 218 58.88 -22.21 47.83
C THR H 218 60.04 -21.39 47.26
N ASP H 219 60.52 -21.73 46.08
CA ASP H 219 61.61 -21.00 45.44
C ASP H 219 61.12 -19.64 44.98
N PRO H 220 61.69 -18.52 45.46
CA PRO H 220 61.16 -17.20 45.11
C PRO H 220 61.44 -16.74 43.68
N ALA H 221 62.14 -17.53 42.86
CA ALA H 221 62.31 -17.23 41.45
C ALA H 221 61.54 -18.19 40.55
N LEU H 222 61.45 -19.46 40.97
CA LEU H 222 60.69 -20.45 40.21
C LEU H 222 59.20 -20.12 40.23
N LEU H 223 58.69 -19.58 41.33
CA LEU H 223 57.31 -19.14 41.39
C LEU H 223 57.08 -17.90 40.52
N ARG H 224 58.09 -17.03 40.38
CA ARG H 224 58.00 -15.92 39.43
C ARG H 224 57.92 -16.43 38.00
N HIS H 225 58.73 -17.43 37.67
CA HIS H 225 58.69 -18.03 36.34
C HIS H 225 57.35 -18.72 36.08
N CYS H 226 56.77 -19.36 37.10
CA CYS H 226 55.48 -20.01 36.93
C CYS H 226 54.35 -18.99 36.79
N ALA H 227 54.42 -17.88 37.53
CA ALA H 227 53.42 -16.83 37.43
C ALA H 227 53.47 -16.17 36.05
N LEU H 228 54.68 -15.87 35.56
CA LEU H 228 54.81 -15.32 34.22
C LEU H 228 54.45 -16.32 33.13
N ALA H 229 54.68 -17.62 33.39
CA ALA H 229 54.27 -18.66 32.45
C ALA H 229 52.75 -18.73 32.33
N LEU H 230 52.04 -18.74 33.46
CA LEU H 230 50.58 -18.77 33.41
C LEU H 230 50.00 -17.47 32.86
N GLY H 231 50.65 -16.34 33.13
CA GLY H 231 50.20 -15.07 32.56
C GLY H 231 50.37 -15.02 31.05
N ASN H 232 51.51 -15.48 30.55
CA ASN H 232 51.74 -15.49 29.11
C ASN H 232 50.88 -16.53 28.41
N CYS H 233 50.59 -17.65 29.10
CA CYS H 233 49.70 -18.66 28.52
C CYS H 233 48.26 -18.17 28.50
N ALA H 234 47.86 -17.34 29.47
CA ALA H 234 46.53 -16.75 29.43
C ALA H 234 46.44 -15.64 28.39
N LEU H 235 47.53 -14.92 28.15
CA LEU H 235 47.52 -13.86 27.15
C LEU H 235 47.56 -14.41 25.72
N HIS H 236 48.37 -15.44 25.45
CA HIS H 236 48.57 -15.92 24.10
C HIS H 236 47.96 -17.27 23.82
N GLY H 237 47.09 -17.79 24.69
CA GLY H 237 46.56 -19.13 24.49
C GLY H 237 45.32 -19.20 23.62
N GLY H 238 44.24 -18.52 24.02
CA GLY H 238 42.99 -18.63 23.31
C GLY H 238 41.89 -19.28 24.13
N GLN H 239 40.77 -19.55 23.45
CA GLN H 239 39.56 -20.03 24.11
C GLN H 239 39.74 -21.43 24.68
N ALA H 240 40.16 -22.38 23.83
CA ALA H 240 40.33 -23.75 24.28
C ALA H 240 41.46 -23.88 25.30
N VAL H 241 42.48 -23.03 25.18
CA VAL H 241 43.58 -23.04 26.14
C VAL H 241 43.10 -22.54 27.50
N GLN H 242 42.29 -21.48 27.53
CA GLN H 242 41.73 -20.99 28.78
C GLN H 242 40.76 -22.00 29.39
N ARG H 243 40.01 -22.72 28.55
CA ARG H 243 39.12 -23.76 29.07
C ARG H 243 39.90 -24.91 29.68
N ARG H 244 40.97 -25.34 29.02
CA ARG H 244 41.75 -26.46 29.55
C ARG H 244 42.60 -26.03 30.74
N MET H 245 42.87 -24.74 30.89
CA MET H 245 43.51 -24.29 32.12
C MET H 245 42.52 -24.22 33.29
N VAL H 246 41.37 -23.57 33.09
CA VAL H 246 40.49 -23.30 34.22
C VAL H 246 39.65 -24.53 34.60
N GLU H 247 39.30 -25.39 33.64
CA GLU H 247 38.68 -26.67 33.99
C GLU H 247 39.64 -27.60 34.72
N LYS H 248 40.95 -27.43 34.51
CA LYS H 248 41.95 -28.08 35.33
C LYS H 248 42.41 -27.21 36.50
N ARG H 249 41.68 -26.12 36.78
CA ARG H 249 41.83 -25.29 37.98
C ARG H 249 43.20 -24.62 38.05
N ALA H 250 43.59 -23.94 36.98
CA ALA H 250 44.85 -23.20 36.97
C ALA H 250 44.76 -21.91 37.78
N ALA H 251 43.55 -21.38 38.00
CA ALA H 251 43.41 -20.16 38.77
C ALA H 251 43.58 -20.42 40.26
N GLU H 252 43.31 -21.66 40.71
CA GLU H 252 43.42 -21.97 42.13
C GLU H 252 44.86 -22.13 42.57
N TRP H 253 45.76 -22.55 41.68
CA TRP H 253 47.17 -22.66 42.05
C TRP H 253 47.87 -21.32 42.12
N LEU H 254 47.26 -20.25 41.61
CA LEU H 254 47.78 -18.90 41.74
C LEU H 254 47.48 -18.26 43.08
N PHE H 255 46.73 -18.93 43.94
CA PHE H 255 46.40 -18.37 45.25
C PHE H 255 47.58 -18.27 46.21
N PRO H 256 48.49 -19.26 46.34
CA PRO H 256 49.73 -18.98 47.10
C PRO H 256 50.67 -18.03 46.37
N LEU H 257 50.52 -17.88 45.06
CA LEU H 257 51.33 -16.95 44.30
C LEU H 257 50.78 -15.53 44.36
N ALA H 258 49.52 -15.36 44.75
CA ALA H 258 48.96 -14.03 44.90
C ALA H 258 48.99 -13.53 46.35
N PHE H 259 49.40 -14.38 47.29
CA PHE H 259 49.35 -14.02 48.71
C PHE H 259 50.73 -13.95 49.35
N SER H 260 51.75 -14.52 48.71
CA SER H 260 53.07 -14.68 49.33
C SER H 260 53.75 -13.33 49.53
N LYS H 261 53.99 -12.99 50.80
CA LYS H 261 54.51 -11.67 51.19
C LYS H 261 56.03 -11.57 51.07
N GLU H 262 56.69 -12.52 50.42
CA GLU H 262 58.12 -12.47 50.23
C GLU H 262 58.54 -11.69 49.00
N ASP H 263 57.73 -11.72 47.94
CA ASP H 263 58.00 -10.97 46.71
C ASP H 263 56.78 -10.14 46.34
N GLU H 264 57.04 -8.96 45.78
CA GLU H 264 55.97 -8.07 45.37
C GLU H 264 55.66 -8.15 43.88
N LEU H 265 56.66 -8.47 43.06
CA LEU H 265 56.41 -8.68 41.63
C LEU H 265 55.61 -9.95 41.39
N LEU H 266 55.83 -10.96 42.24
CA LEU H 266 55.23 -12.29 42.05
C LEU H 266 53.72 -12.24 42.23
N ARG H 267 53.24 -11.52 43.26
CA ARG H 267 51.81 -11.35 43.47
C ARG H 267 51.18 -10.52 42.35
N LEU H 268 51.92 -9.54 41.82
CA LEU H 268 51.41 -8.73 40.73
C LEU H 268 51.24 -9.53 39.44
N HIS H 269 52.21 -10.40 39.12
CA HIS H 269 52.06 -11.22 37.92
C HIS H 269 51.02 -12.32 38.11
N ALA H 270 50.87 -12.81 39.34
CA ALA H 270 49.80 -13.76 39.63
C ALA H 270 48.42 -13.12 39.48
N CYS H 271 48.23 -11.89 39.98
CA CYS H 271 46.97 -11.19 39.79
C CYS H 271 46.76 -10.77 38.34
N LEU H 272 47.85 -10.54 37.59
CA LEU H 272 47.72 -10.34 36.14
C LEU H 272 47.16 -11.58 35.45
N ALA H 273 47.69 -12.75 35.79
CA ALA H 273 47.17 -14.00 35.21
C ALA H 273 45.73 -14.25 35.61
N VAL H 274 45.39 -13.94 36.87
CA VAL H 274 44.01 -14.08 37.35
C VAL H 274 43.08 -13.13 36.59
N ALA H 275 43.51 -11.89 36.34
CA ALA H 275 42.68 -10.92 35.65
C ALA H 275 42.49 -11.30 34.17
N VAL H 276 43.55 -11.78 33.52
CA VAL H 276 43.43 -12.17 32.11
C VAL H 276 42.56 -13.42 31.97
N LEU H 277 42.63 -14.34 32.93
CA LEU H 277 41.66 -15.43 32.94
C LEU H 277 40.25 -14.94 33.27
N ALA H 278 40.13 -13.85 34.02
CA ALA H 278 38.83 -13.32 34.39
C ALA H 278 38.23 -12.38 33.33
N THR H 279 38.96 -12.10 32.24
CA THR H 279 38.36 -11.34 31.14
C THR H 279 37.46 -12.18 30.25
N ASN H 280 37.39 -13.49 30.45
CA ASN H 280 36.56 -14.36 29.63
C ASN H 280 35.24 -14.60 30.35
N LYS H 281 34.12 -14.37 29.63
CA LYS H 281 32.80 -14.36 30.27
C LYS H 281 32.33 -15.76 30.64
N GLU H 282 32.82 -16.79 29.97
CA GLU H 282 32.49 -18.18 30.28
C GLU H 282 33.35 -18.75 31.41
N VAL H 283 34.19 -17.92 32.03
CA VAL H 283 35.20 -18.37 32.99
C VAL H 283 35.01 -17.74 34.36
N GLU H 284 34.36 -16.57 34.44
CA GLU H 284 34.39 -15.70 35.63
C GLU H 284 33.75 -16.35 36.85
N ARG H 285 32.84 -17.30 36.65
CA ARG H 285 32.17 -17.95 37.77
C ARG H 285 33.12 -18.83 38.56
N GLU H 286 33.92 -19.65 37.87
CA GLU H 286 34.89 -20.49 38.56
C GLU H 286 36.06 -19.68 39.12
N VAL H 287 36.33 -18.51 38.55
CA VAL H 287 37.36 -17.63 39.10
C VAL H 287 36.86 -16.97 40.39
N GLU H 288 35.59 -16.57 40.43
CA GLU H 288 35.01 -16.05 41.66
C GLU H 288 34.88 -17.14 42.72
N ARG H 289 34.64 -18.39 42.29
CA ARG H 289 34.64 -19.50 43.23
C ARG H 289 36.04 -19.89 43.68
N SER H 290 37.07 -19.51 42.90
CA SER H 290 38.44 -19.78 43.32
C SER H 290 38.85 -18.89 44.48
N GLY H 291 38.40 -17.64 44.50
CA GLY H 291 38.71 -16.72 45.57
C GLY H 291 39.95 -15.88 45.37
N THR H 292 40.57 -15.93 44.19
CA THR H 292 41.78 -15.16 43.93
C THR H 292 41.50 -13.73 43.49
N LEU H 293 40.24 -13.39 43.19
CA LEU H 293 39.91 -12.01 42.84
C LEU H 293 39.83 -11.11 44.06
N ALA H 294 39.70 -11.67 45.26
CA ALA H 294 39.62 -10.86 46.47
C ALA H 294 40.97 -10.27 46.87
N LEU H 295 42.08 -10.88 46.42
CA LEU H 295 43.40 -10.39 46.76
C LEU H 295 43.98 -9.43 45.73
N VAL H 296 43.23 -9.10 44.68
CA VAL H 296 43.76 -8.26 43.62
C VAL H 296 43.72 -6.79 44.03
N GLU H 297 42.54 -6.29 44.39
CA GLU H 297 42.30 -4.88 44.69
C GLU H 297 43.05 -4.34 45.93
N PRO H 298 43.17 -5.07 47.06
CA PRO H 298 44.07 -4.54 48.12
C PRO H 298 45.53 -4.55 47.74
N LEU H 299 45.95 -5.48 46.87
CA LEU H 299 47.33 -5.49 46.39
C LEU H 299 47.62 -4.28 45.52
N VAL H 300 46.72 -3.95 44.60
CA VAL H 300 46.88 -2.79 43.73
C VAL H 300 46.76 -1.50 44.54
N ALA H 301 45.87 -1.47 45.54
CA ALA H 301 45.71 -0.28 46.36
C ALA H 301 46.88 -0.08 47.30
N SER H 302 47.57 -1.16 47.69
CA SER H 302 48.65 -1.06 48.66
C SER H 302 50.00 -0.76 48.03
N LEU H 303 50.11 -0.78 46.71
CA LEU H 303 51.38 -0.58 46.04
C LEU H 303 51.38 0.74 45.25
N ASP H 304 52.58 1.16 44.84
CA ASP H 304 52.76 2.40 44.09
C ASP H 304 53.39 2.07 42.75
N PRO H 305 52.86 2.61 41.63
CA PRO H 305 53.41 2.25 40.32
C PRO H 305 54.77 2.86 40.01
N GLY H 306 55.18 3.92 40.71
CA GLY H 306 56.47 4.53 40.45
C GLY H 306 57.64 3.66 40.86
N ARG H 307 57.51 2.96 41.99
CA ARG H 307 58.58 2.07 42.44
C ARG H 307 58.74 0.86 41.53
N PHE H 308 57.62 0.31 41.06
CA PHE H 308 57.65 -0.81 40.12
C PHE H 308 57.98 -0.36 38.70
N ALA H 309 57.88 0.93 38.40
CA ALA H 309 58.39 1.45 37.14
C ALA H 309 59.89 1.71 37.20
N ARG H 310 60.41 2.10 38.36
CA ARG H 310 61.85 2.23 38.53
C ARG H 310 62.51 0.86 38.65
N CYS H 311 61.78 -0.15 39.13
CA CYS H 311 62.35 -1.48 39.29
C CYS H 311 62.52 -2.18 37.95
N LEU H 312 61.49 -2.15 37.11
CA LEU H 312 61.56 -2.78 35.79
C LEU H 312 62.40 -1.94 34.84
N GLN H 320 62.79 -2.96 31.05
CA GLN H 320 62.72 -1.57 30.60
C GLN H 320 61.46 -1.33 29.78
N GLY H 321 60.34 -1.89 30.25
CA GLY H 321 59.07 -1.74 29.58
C GLY H 321 58.77 -2.89 28.65
N ARG H 322 57.65 -2.76 27.94
CA ARG H 322 57.23 -3.77 26.98
C ARG H 322 56.91 -3.09 25.65
N GLY H 323 56.96 -3.89 24.59
CA GLY H 323 56.77 -3.37 23.25
C GLY H 323 55.31 -3.12 22.94
N PRO H 324 55.05 -2.58 21.74
CA PRO H 324 53.67 -2.27 21.33
C PRO H 324 52.82 -3.51 21.11
N ASP H 325 53.41 -4.67 20.86
CA ASP H 325 52.63 -5.90 20.74
C ASP H 325 52.07 -6.32 22.10
N ASP H 326 52.86 -6.17 23.16
CA ASP H 326 52.40 -6.54 24.49
C ASP H 326 51.55 -5.43 25.12
N LEU H 327 51.71 -4.19 24.66
CA LEU H 327 50.84 -3.11 25.11
C LEU H 327 49.41 -3.26 24.60
N GLN H 328 49.21 -3.98 23.49
CA GLN H 328 47.86 -4.26 23.01
C GLN H 328 47.15 -5.32 23.84
N ARG H 329 47.88 -6.03 24.70
CA ARG H 329 47.25 -7.01 25.59
C ARG H 329 46.69 -6.37 26.84
N LEU H 330 47.18 -5.20 27.23
CA LEU H 330 46.72 -4.52 28.44
C LEU H 330 45.48 -3.66 28.20
N VAL H 331 45.16 -3.36 26.94
CA VAL H 331 44.02 -2.52 26.59
C VAL H 331 42.68 -3.20 26.79
N PRO H 332 42.42 -4.46 26.36
CA PRO H 332 41.09 -5.05 26.67
C PRO H 332 40.91 -5.46 28.13
N LEU H 333 41.92 -5.29 28.99
CA LEU H 333 41.71 -5.44 30.42
C LEU H 333 40.82 -4.34 30.98
N LEU H 334 40.79 -3.18 30.32
CA LEU H 334 40.02 -2.05 30.84
C LEU H 334 38.59 -2.05 30.31
N ASP H 335 38.38 -2.60 29.11
CA ASP H 335 37.07 -2.62 28.49
C ASP H 335 36.37 -3.97 28.65
N SER H 336 36.70 -4.72 29.70
CA SER H 336 36.06 -6.00 29.98
C SER H 336 35.23 -5.98 31.26
N ASN H 337 34.78 -4.79 31.69
CA ASN H 337 33.84 -4.45 32.76
C ASN H 337 33.98 -5.26 34.05
N ARG H 338 35.20 -5.66 34.39
CA ARG H 338 35.50 -6.28 35.66
C ARG H 338 36.42 -5.36 36.45
N LEU H 339 36.17 -5.23 37.76
CA LEU H 339 36.89 -4.27 38.58
C LEU H 339 38.36 -4.62 38.74
N GLU H 340 38.66 -5.91 38.96
CA GLU H 340 40.03 -6.33 39.20
C GLU H 340 40.88 -6.22 37.94
N ALA H 341 40.30 -6.57 36.78
CA ALA H 341 41.02 -6.45 35.52
C ALA H 341 41.30 -4.99 35.17
N GLN H 342 40.34 -4.10 35.48
CA GLN H 342 40.55 -2.68 35.25
C GLN H 342 41.61 -2.12 36.19
N CYS H 343 41.67 -2.62 37.43
CA CYS H 343 42.71 -2.16 38.35
C CYS H 343 44.09 -2.63 37.91
N ILE H 344 44.20 -3.89 37.48
CA ILE H 344 45.47 -4.42 36.96
C ILE H 344 45.91 -3.66 35.71
N GLY H 345 44.98 -3.40 34.79
CA GLY H 345 45.32 -2.68 33.58
C GLY H 345 45.70 -1.23 33.83
N ALA H 346 44.99 -0.56 34.75
CA ALA H 346 45.32 0.82 35.08
C ALA H 346 46.67 0.92 35.79
N PHE H 347 46.98 -0.03 36.68
CA PHE H 347 48.26 -0.04 37.37
C PHE H 347 49.42 -0.27 36.39
N TYR H 348 49.28 -1.25 35.50
CA TYR H 348 50.34 -1.57 34.56
C TYR H 348 50.52 -0.46 33.52
N LEU H 349 49.42 0.10 33.02
CA LEU H 349 49.54 1.20 32.07
C LEU H 349 50.04 2.48 32.74
N CYS H 350 49.78 2.69 34.03
CA CYS H 350 50.35 3.84 34.72
C CYS H 350 51.86 3.69 34.91
N ALA H 351 52.31 2.50 35.32
CA ALA H 351 53.74 2.27 35.49
C ALA H 351 54.48 2.34 34.15
N GLU H 352 53.93 1.72 33.12
CA GLU H 352 54.58 1.76 31.82
C GLU H 352 54.39 3.10 31.11
N ALA H 353 53.40 3.90 31.49
CA ALA H 353 53.33 5.27 31.02
C ALA H 353 54.37 6.14 31.69
N ALA H 354 54.70 5.87 32.95
CA ALA H 354 55.84 6.51 33.60
C ALA H 354 57.14 6.13 32.91
N ILE H 355 57.25 4.86 32.50
CA ILE H 355 58.43 4.39 31.77
C ILE H 355 58.55 5.09 30.42
N LYS H 356 57.47 5.14 29.65
CA LYS H 356 57.50 5.80 28.35
C LYS H 356 57.55 7.32 28.45
N SER H 357 57.18 7.92 29.59
CA SER H 357 57.36 9.34 29.82
C SER H 357 58.77 9.69 30.27
N LEU H 358 59.49 8.74 30.87
CA LEU H 358 60.93 8.91 31.04
C LEU H 358 61.65 8.95 29.69
N GLN H 359 61.17 8.16 28.72
CA GLN H 359 61.68 8.20 27.36
C GLN H 359 60.83 9.17 26.54
N GLY H 360 60.97 9.13 25.21
CA GLY H 360 60.23 10.04 24.35
C GLY H 360 59.34 9.35 23.34
N LYS H 361 58.65 8.29 23.78
CA LYS H 361 57.82 7.51 22.87
C LYS H 361 56.39 7.39 23.39
N THR H 362 55.79 8.52 23.77
CA THR H 362 54.43 8.53 24.31
C THR H 362 53.34 8.49 23.23
N LYS H 363 53.71 8.38 21.95
CA LYS H 363 52.74 8.30 20.88
C LYS H 363 52.24 6.88 20.63
N VAL H 364 52.74 5.90 21.38
CA VAL H 364 52.29 4.52 21.19
C VAL H 364 50.90 4.33 21.78
N PHE H 365 50.62 5.01 22.90
CA PHE H 365 49.31 4.90 23.54
C PHE H 365 48.22 5.58 22.71
N SER H 366 48.59 6.60 21.91
CA SER H 366 47.63 7.22 21.02
C SER H 366 47.44 6.40 19.75
N ASP H 367 48.44 5.63 19.34
CA ASP H 367 48.30 4.76 18.19
C ASP H 367 47.43 3.54 18.53
N ILE H 368 47.66 2.95 19.71
CA ILE H 368 46.86 1.81 20.12
C ILE H 368 45.49 2.24 20.62
N GLY H 369 45.41 3.22 21.52
CA GLY H 369 44.14 3.74 21.97
C GLY H 369 43.78 3.46 23.42
N ALA H 370 44.76 3.47 24.32
CA ALA H 370 44.46 3.26 25.74
C ALA H 370 44.04 4.55 26.44
N ILE H 371 44.27 5.70 25.80
CA ILE H 371 43.99 6.99 26.42
C ILE H 371 42.48 7.22 26.55
N GLN H 372 41.72 6.87 25.51
CA GLN H 372 40.26 7.00 25.59
C GLN H 372 39.66 6.01 26.56
N SER H 373 40.27 4.83 26.72
CA SER H 373 39.83 3.88 27.74
C SER H 373 40.11 4.39 29.14
N LEU H 374 41.25 5.06 29.36
CA LEU H 374 41.51 5.70 30.65
C LEU H 374 40.55 6.85 30.91
N LYS H 375 40.16 7.59 29.87
CA LYS H 375 39.16 8.64 30.03
C LYS H 375 37.79 8.05 30.38
N ARG H 376 37.45 6.89 29.80
CA ARG H 376 36.23 6.20 30.19
C ARG H 376 36.30 5.68 31.63
N LEU H 377 37.50 5.28 32.08
CA LEU H 377 37.67 4.84 33.45
C LEU H 377 37.49 6.01 34.43
N VAL H 378 38.01 7.18 34.08
CA VAL H 378 37.86 8.34 34.96
C VAL H 378 36.42 8.85 34.97
N SER H 379 35.81 8.97 33.78
CA SER H 379 34.47 9.53 33.68
C SER H 379 33.38 8.58 34.15
N TYR H 380 33.68 7.29 34.29
CA TYR H 380 32.71 6.31 34.79
C TYR H 380 33.27 5.51 35.96
N SER H 381 33.86 6.19 36.96
CA SER H 381 34.51 5.49 38.05
C SER H 381 33.56 5.24 39.21
N THR H 382 33.59 4.01 39.72
CA THR H 382 32.91 3.64 40.96
C THR H 382 33.92 3.20 42.01
N ASN H 383 35.20 3.30 41.68
CA ASN H 383 36.29 2.92 42.59
C ASN H 383 37.32 4.05 42.60
N GLY H 384 37.88 4.32 43.78
CA GLY H 384 38.87 5.37 43.90
C GLY H 384 40.25 4.98 43.43
N THR H 385 40.60 3.69 43.54
CA THR H 385 41.95 3.24 43.21
C THR H 385 42.21 3.26 41.72
N LYS H 386 41.31 2.66 40.93
CA LYS H 386 41.49 2.65 39.48
C LYS H 386 41.33 4.04 38.88
N SER H 387 40.50 4.89 39.49
CA SER H 387 40.39 6.27 39.06
C SER H 387 41.64 7.08 39.36
N ALA H 388 42.26 6.88 40.52
CA ALA H 388 43.50 7.57 40.84
C ALA H 388 44.64 7.11 39.94
N LEU H 389 44.68 5.80 39.64
CA LEU H 389 45.70 5.28 38.74
C LEU H 389 45.50 5.78 37.31
N ALA H 390 44.25 5.88 36.85
CA ALA H 390 44.00 6.39 35.51
C ALA H 390 44.28 7.88 35.42
N LYS H 391 43.99 8.65 36.48
CA LYS H 391 44.34 10.07 36.50
C LYS H 391 45.84 10.27 36.52
N ARG H 392 46.58 9.44 37.25
CA ARG H 392 48.04 9.54 37.25
C ARG H 392 48.61 9.12 35.90
N ALA H 393 48.00 8.15 35.24
CA ALA H 393 48.48 7.72 33.93
C ALA H 393 48.21 8.78 32.87
N LEU H 394 47.07 9.45 32.94
CA LEU H 394 46.79 10.54 32.01
C LEU H 394 47.57 11.81 32.35
N ARG H 395 47.99 11.97 33.61
CA ARG H 395 48.84 13.08 34.00
C ARG H 395 50.28 12.89 33.56
N LEU H 396 50.79 11.66 33.61
CA LEU H 396 52.14 11.39 33.13
C LEU H 396 52.25 11.42 31.61
N LEU H 397 51.12 11.36 30.90
CA LEU H 397 51.10 11.56 29.46
C LEU H 397 50.96 13.06 29.17
N GLY H 398 50.68 13.42 27.92
CA GLY H 398 50.63 14.80 27.50
C GLY H 398 49.26 15.41 27.34
N GLU H 399 48.22 14.80 27.90
CA GLU H 399 46.86 15.33 27.81
C GLU H 399 46.28 15.57 29.20
N GLU H 400 45.14 16.25 29.21
CA GLU H 400 44.48 16.62 30.46
C GLU H 400 43.67 15.46 31.01
N VAL H 401 43.38 15.50 32.31
CA VAL H 401 42.54 14.50 32.95
C VAL H 401 41.09 14.98 32.91
N PRO H 402 40.12 14.08 32.71
CA PRO H 402 38.71 14.49 32.76
C PRO H 402 38.18 14.47 34.19
N ARG H 403 36.96 14.95 34.33
CA ARG H 403 36.27 14.98 35.62
C ARG H 403 35.24 13.87 35.72
N PRO H 404 34.98 13.35 36.92
CA PRO H 404 33.86 12.42 37.10
C PRO H 404 32.53 13.13 36.89
N ILE H 405 31.67 12.51 36.10
CA ILE H 405 30.40 13.10 35.70
C ILE H 405 29.42 13.04 36.87
N LEU H 406 28.43 13.93 36.84
CA LEU H 406 27.36 13.88 37.81
C LEU H 406 26.37 12.78 37.40
N PRO H 407 26.10 11.80 38.26
CA PRO H 407 25.25 10.68 37.85
C PRO H 407 23.77 11.02 37.68
N SER H 408 23.31 12.14 38.25
CA SER H 408 21.90 12.53 38.14
C SER H 408 21.68 13.17 36.77
N VAL H 409 21.55 12.30 35.76
CA VAL H 409 21.38 12.69 34.36
C VAL H 409 20.04 13.40 34.09
N PRO H 410 18.88 13.01 34.68
CA PRO H 410 17.70 13.88 34.56
C PRO H 410 17.84 15.23 35.25
N SER H 411 18.80 15.41 36.17
CA SER H 411 19.07 16.69 36.78
C SER H 411 20.15 17.49 36.05
N TRP H 412 20.56 17.06 34.87
CA TRP H 412 21.58 17.78 34.12
C TRP H 412 21.01 19.02 33.45
N LYS H 413 21.78 20.11 33.49
CA LYS H 413 21.57 21.27 32.65
C LYS H 413 22.45 21.14 31.40
N GLU H 414 22.60 22.24 30.65
CA GLU H 414 23.32 22.19 29.39
C GLU H 414 24.82 22.00 29.57
N ALA H 415 25.39 22.57 30.64
CA ALA H 415 26.85 22.54 30.84
C ALA H 415 27.35 21.14 31.16
N GLU H 416 26.56 20.34 31.88
CA GLU H 416 26.93 18.95 32.14
C GLU H 416 26.89 18.12 30.86
N VAL H 417 25.95 18.43 29.96
CA VAL H 417 25.88 17.75 28.67
C VAL H 417 27.09 18.13 27.82
N GLN H 418 27.50 19.40 27.85
CA GLN H 418 28.69 19.83 27.10
C GLN H 418 29.96 19.20 27.68
N THR H 419 30.03 19.06 29.00
CA THR H 419 31.18 18.40 29.63
C THR H 419 31.23 16.93 29.27
N TRP H 420 30.06 16.26 29.25
CA TRP H 420 29.99 14.85 28.85
C TRP H 420 30.37 14.67 27.38
N LEU H 421 30.06 15.67 26.54
CA LEU H 421 30.54 15.64 25.16
C LEU H 421 32.06 15.80 25.10
N GLN H 422 32.62 16.69 25.91
CA GLN H 422 34.06 16.96 25.82
C GLN H 422 34.88 15.82 26.42
N GLN H 423 34.30 15.00 27.30
CA GLN H 423 35.11 13.99 27.96
C GLN H 423 35.20 12.67 27.19
N ILE H 424 34.30 12.38 26.26
CA ILE H 424 34.27 11.08 25.61
C ILE H 424 34.63 11.15 24.14
N GLY H 425 34.81 12.34 23.58
CA GLY H 425 35.25 12.45 22.20
C GLY H 425 34.22 12.93 21.21
N PHE H 426 33.29 13.79 21.63
CA PHE H 426 32.33 14.42 20.73
C PHE H 426 32.51 15.94 20.69
N SER H 427 33.76 16.39 20.58
CA SER H 427 34.07 17.81 20.53
C SER H 427 33.58 18.50 19.26
N LYS H 428 33.30 17.73 18.20
CA LYS H 428 32.77 18.34 16.97
C LYS H 428 31.32 18.77 17.15
N TYR H 429 30.54 18.02 17.93
CA TYR H 429 29.12 18.29 18.10
C TYR H 429 28.81 19.06 19.38
N CYS H 430 29.79 19.80 19.92
CA CYS H 430 29.51 20.62 21.10
C CYS H 430 28.69 21.86 20.74
N GLU H 431 28.96 22.47 19.59
CA GLU H 431 28.17 23.63 19.16
C GLU H 431 26.82 23.21 18.60
N SER H 432 26.66 21.92 18.27
CA SER H 432 25.38 21.45 17.73
C SER H 432 24.34 21.31 18.83
N PHE H 433 24.73 20.83 20.01
CA PHE H 433 23.74 20.65 21.08
C PHE H 433 23.46 21.95 21.80
N ARG H 434 24.39 22.92 21.76
CA ARG H 434 24.21 24.16 22.49
C ARG H 434 23.19 25.06 21.81
N GLU H 435 23.19 25.09 20.47
CA GLU H 435 22.20 25.89 19.75
C GLU H 435 20.81 25.28 19.84
N GLN H 436 20.72 23.96 20.00
CA GLN H 436 19.44 23.28 20.15
C GLN H 436 18.96 23.20 21.59
N GLN H 437 19.81 23.63 22.54
CA GLN H 437 19.50 23.68 23.98
C GLN H 437 19.13 22.29 24.52
N VAL H 438 20.01 21.32 24.28
CA VAL H 438 19.78 19.96 24.73
C VAL H 438 20.32 19.81 26.16
N ASP H 439 19.42 19.52 27.10
CA ASP H 439 19.78 19.24 28.47
C ASP H 439 19.78 17.73 28.71
N GLY H 440 19.88 17.33 29.98
CA GLY H 440 19.91 15.91 30.30
C GLY H 440 18.58 15.21 30.07
N ASP H 441 17.47 15.96 30.10
CA ASP H 441 16.17 15.37 29.84
C ASP H 441 16.00 15.06 28.35
N LEU H 442 16.58 15.91 27.49
CA LEU H 442 16.52 15.66 26.05
C LEU H 442 17.59 14.69 25.59
N LEU H 443 18.66 14.52 26.37
CA LEU H 443 19.72 13.58 26.01
C LEU H 443 19.27 12.14 26.24
N LEU H 444 18.48 11.92 27.29
CA LEU H 444 17.92 10.60 27.58
C LEU H 444 16.80 10.21 26.61
N ARG H 445 16.26 11.17 25.85
CA ARG H 445 15.13 10.92 24.97
C ARG H 445 15.47 11.35 23.53
N LEU H 446 16.65 10.97 23.05
CA LEU H 446 17.10 11.35 21.71
C LEU H 446 17.09 10.12 20.81
N THR H 447 16.69 10.31 19.56
CA THR H 447 16.42 9.22 18.64
C THR H 447 17.23 9.37 17.35
N GLU H 448 16.87 8.55 16.36
CA GLU H 448 17.56 8.54 15.07
C GLU H 448 17.30 9.82 14.29
N GLU H 449 16.03 10.23 14.22
CA GLU H 449 15.64 11.30 13.29
C GLU H 449 16.11 12.66 13.76
N GLU H 450 16.13 12.88 15.08
CA GLU H 450 16.60 14.16 15.60
C GLU H 450 18.11 14.29 15.47
N LEU H 451 18.83 13.16 15.57
CA LEU H 451 20.27 13.17 15.29
C LEU H 451 20.54 13.39 13.81
N GLN H 452 19.70 12.84 12.93
CA GLN H 452 19.97 12.94 11.50
C GLN H 452 19.63 14.33 10.94
N THR H 453 18.45 14.84 11.29
CA THR H 453 17.97 16.07 10.65
C THR H 453 18.38 17.31 11.43
N ASP H 454 18.06 17.38 12.72
CA ASP H 454 18.19 18.60 13.49
C ASP H 454 19.60 18.88 13.98
N LEU H 455 20.43 17.84 14.12
CA LEU H 455 21.73 17.97 14.77
C LEU H 455 22.90 17.90 13.81
N GLY H 456 22.65 17.68 12.52
CA GLY H 456 23.72 17.65 11.55
C GLY H 456 24.61 16.43 11.62
N MET H 457 24.15 15.35 12.27
CA MET H 457 24.90 14.11 12.36
C MET H 457 24.34 13.18 11.29
N LYS H 458 24.85 13.34 10.06
CA LYS H 458 24.29 12.63 8.91
C LYS H 458 24.74 11.19 8.85
N SER H 459 25.95 10.89 9.32
CA SER H 459 26.49 9.54 9.23
C SER H 459 25.86 8.63 10.26
N GLY H 460 25.38 7.47 9.80
CA GLY H 460 24.79 6.49 10.70
C GLY H 460 25.81 5.79 11.59
N ILE H 461 27.07 5.72 11.16
CA ILE H 461 28.12 5.14 12.00
C ILE H 461 28.44 6.06 13.17
N THR H 462 28.46 7.37 12.93
CA THR H 462 28.64 8.33 14.01
C THR H 462 27.44 8.31 14.95
N ARG H 463 26.23 8.15 14.41
CA ARG H 463 25.04 7.99 15.24
C ARG H 463 25.10 6.72 16.07
N LYS H 464 25.66 5.63 15.51
CA LYS H 464 25.72 4.37 16.24
C LYS H 464 26.78 4.43 17.33
N ARG H 465 27.89 5.14 17.08
CA ARG H 465 28.87 5.39 18.13
C ARG H 465 28.28 6.27 19.23
N PHE H 466 27.42 7.22 18.86
CA PHE H 466 26.74 8.05 19.85
C PHE H 466 25.75 7.24 20.66
N PHE H 467 25.08 6.27 20.03
CA PHE H 467 24.18 5.40 20.81
C PHE H 467 24.93 4.38 21.65
N ARG H 468 26.15 3.98 21.27
CA ARG H 468 26.97 3.18 22.17
C ARG H 468 27.37 3.98 23.40
N GLU H 469 27.80 5.24 23.19
CA GLU H 469 28.11 6.11 24.31
C GLU H 469 26.87 6.44 25.14
N LEU H 470 25.71 6.49 24.49
CA LEU H 470 24.46 6.72 25.22
C LEU H 470 24.05 5.49 26.03
N THR H 471 24.33 4.29 25.52
CA THR H 471 24.13 3.07 26.29
C THR H 471 25.05 3.04 27.52
N GLU H 472 26.32 3.44 27.33
CA GLU H 472 27.25 3.51 28.46
C GLU H 472 26.84 4.58 29.46
N LEU H 473 26.24 5.68 28.99
CA LEU H 473 25.77 6.71 29.91
C LEU H 473 24.53 6.27 30.68
N LYS H 474 23.55 5.68 29.97
CA LYS H 474 22.30 5.32 30.61
C LYS H 474 22.41 4.04 31.43
N THR H 475 23.52 3.32 31.30
CA THR H 475 23.83 2.28 32.29
C THR H 475 24.26 2.89 33.61
N PHE H 476 25.21 3.82 33.60
CA PHE H 476 25.68 4.49 34.81
C PHE H 476 24.97 5.84 34.96
N ALA H 477 23.80 5.79 35.58
CA ALA H 477 22.98 6.99 35.73
C ALA H 477 22.15 6.91 36.99
N ASN H 478 21.92 8.07 37.62
CA ASN H 478 21.08 8.17 38.80
C ASN H 478 19.69 8.62 38.37
N TYR H 479 18.69 7.79 38.67
CA TYR H 479 17.29 8.09 38.34
C TYR H 479 16.46 8.35 39.59
N SER H 480 17.06 8.95 40.62
CA SER H 480 16.36 9.15 41.89
C SER H 480 15.28 10.21 41.79
N THR H 481 15.34 11.11 40.80
CA THR H 481 14.36 12.18 40.68
C THR H 481 13.06 11.71 40.01
N CYS H 482 13.03 10.51 39.44
CA CYS H 482 11.82 10.05 38.74
C CYS H 482 11.41 8.62 39.03
N ASP H 483 12.25 7.77 39.59
CA ASP H 483 11.95 6.35 39.78
C ASP H 483 11.28 6.19 41.15
N ARG H 484 10.01 5.77 41.13
CA ARG H 484 9.25 5.64 42.36
C ARG H 484 9.33 4.23 42.96
N SER H 485 9.40 3.20 42.10
CA SER H 485 9.30 1.83 42.55
C SER H 485 10.58 1.02 42.35
N ASN H 486 11.71 1.69 42.11
CA ASN H 486 13.03 1.10 41.87
C ASN H 486 12.99 0.13 40.68
N LEU H 487 12.71 0.70 39.50
CA LEU H 487 12.62 -0.07 38.28
C LEU H 487 13.99 -0.40 37.69
N ALA H 488 15.00 0.40 38.01
CA ALA H 488 16.34 0.17 37.48
C ALA H 488 16.97 -1.09 38.07
N ASP H 489 16.69 -1.38 39.34
CA ASP H 489 17.14 -2.64 39.92
C ASP H 489 16.31 -3.83 39.45
N TRP H 490 15.08 -3.60 39.00
CA TRP H 490 14.32 -4.66 38.36
C TRP H 490 14.89 -5.00 37.00
N LEU H 491 15.32 -3.97 36.25
CA LEU H 491 15.94 -4.20 34.95
C LEU H 491 17.33 -4.79 35.10
N GLY H 492 18.05 -4.42 36.16
CA GLY H 492 19.40 -4.91 36.36
C GLY H 492 19.48 -6.34 36.84
N SER H 493 18.42 -6.85 37.47
CA SER H 493 18.39 -8.22 37.95
C SER H 493 18.23 -9.24 36.83
N LEU H 494 17.79 -8.80 35.64
CA LEU H 494 17.65 -9.70 34.50
C LEU H 494 18.92 -9.73 33.68
N ASP H 495 19.45 -8.55 33.35
CA ASP H 495 20.59 -8.35 32.47
C ASP H 495 21.10 -6.94 32.74
N PRO H 496 22.39 -6.76 33.04
CA PRO H 496 22.88 -5.39 33.33
C PRO H 496 22.86 -4.42 32.15
N ARG H 497 22.57 -4.88 30.93
CA ARG H 497 22.39 -3.98 29.80
C ARG H 497 20.93 -3.55 29.62
N PHE H 498 20.04 -4.00 30.50
CA PHE H 498 18.63 -3.59 30.45
C PHE H 498 18.36 -2.27 31.17
N ARG H 499 19.35 -1.73 31.88
CA ARG H 499 19.11 -0.54 32.68
C ARG H 499 19.10 0.74 31.85
N GLN H 500 19.37 0.65 30.54
CA GLN H 500 19.28 1.82 29.69
C GLN H 500 17.84 2.26 29.44
N TYR H 501 16.87 1.35 29.52
CA TYR H 501 15.48 1.71 29.25
C TYR H 501 14.73 2.14 30.51
N THR H 502 15.44 2.48 31.59
CA THR H 502 14.81 2.92 32.82
C THR H 502 14.05 4.23 32.61
N TYR H 503 14.68 5.20 31.94
CA TYR H 503 14.00 6.46 31.63
C TYR H 503 12.88 6.26 30.63
N GLY H 504 13.03 5.33 29.69
CA GLY H 504 12.00 5.10 28.70
C GLY H 504 10.76 4.45 29.27
N LEU H 505 10.92 3.63 30.31
CA LEU H 505 9.76 3.02 30.94
C LEU H 505 9.18 3.89 32.05
N VAL H 506 10.02 4.70 32.71
CA VAL H 506 9.51 5.58 33.75
C VAL H 506 8.79 6.79 33.14
N SER H 507 9.30 7.32 32.03
CA SER H 507 8.73 8.50 31.41
C SER H 507 7.35 8.26 30.81
N CYS H 508 6.98 7.00 30.59
CA CYS H 508 5.62 6.66 30.17
C CYS H 508 4.66 6.53 31.34
N GLY H 509 5.13 6.69 32.58
CA GLY H 509 4.28 6.60 33.74
C GLY H 509 4.19 5.23 34.38
N LEU H 510 5.13 4.34 34.09
CA LEU H 510 5.04 2.97 34.59
C LEU H 510 5.80 2.80 35.90
N ASP H 511 5.46 1.73 36.61
CA ASP H 511 6.17 1.29 37.80
C ASP H 511 6.04 -0.23 37.88
N ARG H 512 6.29 -0.79 39.07
CA ARG H 512 6.23 -2.25 39.22
C ARG H 512 4.79 -2.78 39.13
N SER H 513 3.82 -1.94 39.46
CA SER H 513 2.42 -2.38 39.54
C SER H 513 1.66 -2.17 38.24
N LEU H 514 2.32 -1.80 37.14
CA LEU H 514 1.63 -1.55 35.89
C LEU H 514 2.24 -2.24 34.68
N LEU H 515 3.27 -3.07 34.86
CA LEU H 515 3.93 -3.70 33.73
C LEU H 515 3.18 -4.92 33.19
N HIS H 516 2.18 -5.42 33.93
CA HIS H 516 1.46 -6.61 33.48
C HIS H 516 0.41 -6.31 32.42
N ARG H 517 0.11 -5.04 32.14
CA ARG H 517 -0.83 -4.68 31.11
C ARG H 517 -0.17 -3.93 29.95
N VAL H 518 1.15 -4.00 29.83
CA VAL H 518 1.89 -3.37 28.76
C VAL H 518 2.05 -4.37 27.63
N SER H 519 1.86 -3.90 26.39
CA SER H 519 2.04 -4.74 25.21
C SER H 519 3.39 -4.44 24.55
N GLU H 520 3.62 -5.13 23.42
CA GLU H 520 4.86 -4.94 22.68
C GLU H 520 4.88 -3.62 21.91
N GLN H 521 3.71 -3.18 21.42
CA GLN H 521 3.62 -1.92 20.70
C GLN H 521 3.87 -0.73 21.63
N GLN H 522 3.48 -0.85 22.90
CA GLN H 522 3.73 0.20 23.86
C GLN H 522 5.20 0.28 24.23
N LEU H 523 5.92 -0.85 24.15
CA LEU H 523 7.36 -0.81 24.38
C LEU H 523 8.11 -0.32 23.14
N LEU H 524 7.58 -0.59 21.95
CA LEU H 524 8.23 -0.15 20.72
C LEU H 524 8.05 1.34 20.49
N GLU H 525 6.80 1.80 20.47
CA GLU H 525 6.51 3.18 20.08
C GLU H 525 6.81 4.16 21.22
N ASP H 526 6.33 3.86 22.42
CA ASP H 526 6.43 4.81 23.53
C ASP H 526 7.73 4.67 24.31
N CYS H 527 8.06 3.47 24.76
CA CYS H 527 9.29 3.24 25.52
C CYS H 527 10.53 3.25 24.65
N GLY H 528 10.40 3.04 23.35
CA GLY H 528 11.53 3.13 22.45
C GLY H 528 12.51 1.98 22.53
N ILE H 529 12.02 0.76 22.68
CA ILE H 529 12.86 -0.43 22.70
C ILE H 529 12.90 -0.99 21.28
N HIS H 530 14.06 -0.84 20.62
CA HIS H 530 14.16 -1.21 19.21
C HIS H 530 14.45 -2.70 19.00
N LEU H 531 15.00 -3.38 19.99
CA LEU H 531 15.31 -4.80 19.85
C LEU H 531 14.12 -5.63 20.31
N GLY H 532 13.67 -6.54 19.45
CA GLY H 532 12.50 -7.35 19.78
C GLY H 532 12.80 -8.45 20.78
N VAL H 533 14.06 -8.88 20.86
CA VAL H 533 14.45 -9.86 21.87
C VAL H 533 14.33 -9.27 23.26
N HIS H 534 14.77 -8.01 23.42
CA HIS H 534 14.64 -7.33 24.70
C HIS H 534 13.18 -7.05 25.03
N ARG H 535 12.36 -6.76 24.02
CA ARG H 535 10.93 -6.59 24.25
C ARG H 535 10.28 -7.88 24.72
N ALA H 536 10.65 -9.01 24.11
CA ALA H 536 10.09 -10.30 24.52
C ALA H 536 10.54 -10.68 25.92
N ARG H 537 11.79 -10.39 26.27
CA ARG H 537 12.28 -10.70 27.62
C ARG H 537 11.62 -9.82 28.67
N ILE H 538 11.41 -8.54 28.37
CA ILE H 538 10.76 -7.64 29.31
C ILE H 538 9.29 -8.00 29.49
N LEU H 539 8.60 -8.39 28.40
CA LEU H 539 7.22 -8.82 28.52
C LEU H 539 7.10 -10.14 29.29
N THR H 540 8.02 -11.08 29.04
CA THR H 540 7.99 -12.36 29.75
C THR H 540 8.26 -12.17 31.23
N ALA H 541 9.26 -11.36 31.58
CA ALA H 541 9.57 -11.12 32.99
C ALA H 541 8.52 -10.24 33.67
N ALA H 542 7.78 -9.44 32.89
CA ALA H 542 6.69 -8.68 33.49
C ALA H 542 5.46 -9.54 33.72
N ARG H 543 5.29 -10.60 32.92
CA ARG H 543 4.12 -11.45 33.08
C ARG H 543 4.34 -12.57 34.10
N GLU H 544 5.54 -13.14 34.17
CA GLU H 544 5.70 -14.39 34.89
C GLU H 544 6.01 -14.23 36.38
N MET H 545 6.60 -13.11 36.81
CA MET H 545 7.01 -12.97 38.21
C MET H 545 6.40 -11.79 38.93
N LEU H 546 5.89 -10.78 38.21
CA LEU H 546 5.26 -9.65 38.88
C LEU H 546 3.84 -9.99 39.33
N HIS H 547 3.00 -10.41 38.39
CA HIS H 547 1.64 -10.80 38.72
C HIS H 547 1.24 -12.08 37.98
N THR H 561 -5.49 10.64 64.11
CA THR H 561 -5.78 10.37 65.52
C THR H 561 -4.52 9.95 66.26
N PRO H 562 -3.89 10.88 66.97
CA PRO H 562 -2.68 10.55 67.73
C PRO H 562 -3.02 9.79 69.00
N ASP H 563 -2.00 9.10 69.53
CA ASP H 563 -2.17 8.29 70.73
C ASP H 563 -1.43 8.83 71.94
N VAL H 564 -0.38 9.62 71.75
CA VAL H 564 0.41 10.17 72.86
C VAL H 564 0.45 11.68 72.70
N PHE H 565 -0.06 12.41 73.70
CA PHE H 565 0.02 13.86 73.70
C PHE H 565 1.11 14.32 74.67
N ILE H 566 1.91 15.27 74.21
CA ILE H 566 3.03 15.78 75.00
C ILE H 566 2.88 17.28 75.16
N SER H 567 2.79 17.75 76.40
CA SER H 567 2.83 19.15 76.75
C SER H 567 4.21 19.49 77.31
N TYR H 568 4.70 20.69 76.99
CA TYR H 568 6.06 21.05 77.35
C TYR H 568 6.14 22.55 77.60
N ARG H 569 7.23 22.97 78.22
CA ARG H 569 7.50 24.38 78.47
C ARG H 569 8.29 24.96 77.30
N ARG H 570 7.97 26.22 76.97
CA ARG H 570 8.54 26.90 75.81
C ARG H 570 10.04 27.10 75.92
N ASN H 571 10.56 27.31 77.13
CA ASN H 571 11.96 27.68 77.32
C ASN H 571 12.91 26.49 77.13
N SER H 572 12.79 25.47 77.97
CA SER H 572 13.74 24.36 77.98
C SER H 572 13.07 23.00 77.92
N GLY H 573 11.96 22.89 77.20
CA GLY H 573 11.26 21.61 77.12
C GLY H 573 11.04 21.10 75.70
N SER H 574 11.70 21.71 74.72
CA SER H 574 11.43 21.35 73.33
C SER H 574 12.23 20.12 72.90
N GLN H 575 13.53 20.09 73.26
CA GLN H 575 14.40 19.01 72.81
C GLN H 575 14.03 17.68 73.46
N LEU H 576 13.68 17.70 74.75
CA LEU H 576 13.26 16.48 75.43
C LEU H 576 11.93 15.96 74.88
N ALA H 577 11.01 16.86 74.55
CA ALA H 577 9.73 16.44 73.98
C ALA H 577 9.91 15.86 72.58
N SER H 578 10.78 16.48 71.76
CA SER H 578 11.05 15.94 70.43
C SER H 578 11.77 14.59 70.52
N LEU H 579 12.65 14.43 71.50
CA LEU H 579 13.35 13.17 71.68
C LEU H 579 12.41 12.06 72.15
N LEU H 580 11.46 12.39 73.04
CA LEU H 580 10.44 11.44 73.44
C LEU H 580 9.53 11.07 72.28
N LYS H 581 9.20 12.03 71.42
CA LYS H 581 8.37 11.74 70.25
C LYS H 581 9.09 10.83 69.27
N VAL H 582 10.39 11.04 69.08
CA VAL H 582 11.17 10.17 68.18
C VAL H 582 11.29 8.76 68.75
N HIS H 583 11.59 8.65 70.05
CA HIS H 583 11.75 7.32 70.65
C HIS H 583 10.42 6.60 70.80
N LEU H 584 9.30 7.32 70.77
CA LEU H 584 8.01 6.64 70.74
C LEU H 584 7.57 6.29 69.31
N GLN H 585 7.95 7.10 68.32
CA GLN H 585 7.62 6.75 66.94
C GLN H 585 8.56 5.73 66.35
N LEU H 586 9.67 5.41 67.04
CA LEU H 586 10.46 4.25 66.64
C LEU H 586 9.72 2.94 66.91
N HIS H 587 8.79 2.95 67.86
CA HIS H 587 8.01 1.77 68.20
C HIS H 587 6.57 1.84 67.70
N GLY H 588 6.27 2.77 66.79
CA GLY H 588 4.97 2.83 66.16
C GLY H 588 3.90 3.60 66.91
N PHE H 589 4.25 4.34 67.95
CA PHE H 589 3.28 5.10 68.74
C PHE H 589 3.08 6.47 68.08
N SER H 590 1.84 6.76 67.69
CA SER H 590 1.52 8.04 67.08
C SER H 590 1.49 9.13 68.14
N VAL H 591 2.35 10.14 67.97
CA VAL H 591 2.56 11.18 68.97
C VAL H 591 2.24 12.54 68.35
N PHE H 592 1.43 13.34 69.04
CA PHE H 592 1.13 14.70 68.62
C PHE H 592 2.07 15.69 69.30
N ILE H 593 2.52 16.68 68.54
CA ILE H 593 3.44 17.70 69.02
C ILE H 593 2.92 19.04 68.50
N ASP H 594 3.68 20.13 68.70
CA ASP H 594 3.39 21.51 68.29
C ASP H 594 2.16 22.06 69.00
N VAL H 595 2.23 22.13 70.34
CA VAL H 595 1.25 22.89 71.10
C VAL H 595 1.42 24.39 70.82
N GLU H 596 2.66 24.83 70.61
CA GLU H 596 2.97 26.21 70.29
C GLU H 596 2.41 26.66 68.94
N LYS H 597 2.17 25.73 68.02
CA LYS H 597 1.49 26.07 66.77
C LYS H 597 0.04 26.42 67.03
N LEU H 598 -0.60 25.79 68.02
CA LEU H 598 -1.96 26.11 68.40
C LEU H 598 -2.06 27.30 69.35
N GLU H 599 -0.94 27.95 69.67
CA GLU H 599 -0.92 29.13 70.53
C GLU H 599 -1.01 30.43 69.76
N ALA H 600 -1.58 30.39 68.55
CA ALA H 600 -1.71 31.57 67.71
C ALA H 600 -3.11 32.20 67.78
N GLY H 601 -3.75 32.13 68.96
CA GLY H 601 -5.10 32.65 69.12
C GLY H 601 -6.19 31.60 69.12
N LYS H 602 -5.86 30.35 68.82
CA LYS H 602 -6.83 29.27 68.84
C LYS H 602 -7.02 28.81 70.28
N PHE H 603 -8.17 29.13 70.87
CA PHE H 603 -8.34 29.02 72.31
C PHE H 603 -8.55 27.57 72.75
N GLU H 604 -9.66 26.96 72.32
CA GLU H 604 -9.95 25.58 72.66
C GLU H 604 -10.55 24.80 71.49
N ASP H 605 -10.34 25.23 70.25
CA ASP H 605 -10.99 24.58 69.12
C ASP H 605 -10.28 23.28 68.73
N LYS H 606 -8.98 23.19 68.95
CA LYS H 606 -8.22 22.01 68.58
C LYS H 606 -7.55 21.30 69.74
N LEU H 607 -7.37 21.95 70.89
CA LEU H 607 -6.78 21.29 72.05
C LEU H 607 -7.71 20.20 72.59
N ILE H 608 -9.02 20.45 72.57
CA ILE H 608 -9.98 19.45 73.02
C ILE H 608 -10.00 18.26 72.06
N GLN H 609 -9.96 18.55 70.75
CA GLN H 609 -9.93 17.48 69.75
C GLN H 609 -8.61 16.71 69.77
N SER H 610 -7.53 17.33 70.26
CA SER H 610 -6.26 16.61 70.40
C SER H 610 -6.26 15.73 71.65
N VAL H 611 -6.70 16.27 72.78
CA VAL H 611 -6.61 15.52 74.05
C VAL H 611 -7.67 14.43 74.12
N MET H 612 -8.88 14.69 73.64
CA MET H 612 -9.93 13.66 73.63
C MET H 612 -9.58 12.51 72.70
N GLY H 613 -8.85 12.79 71.62
CA GLY H 613 -8.37 11.73 70.75
C GLY H 613 -7.11 11.06 71.23
N ALA H 614 -6.39 11.67 72.17
CA ALA H 614 -5.12 11.15 72.67
C ALA H 614 -5.39 9.98 73.61
N ARG H 615 -4.74 8.85 73.35
CA ARG H 615 -4.87 7.69 74.22
C ARG H 615 -4.09 7.86 75.52
N ASN H 616 -2.97 8.57 75.49
CA ASN H 616 -2.15 8.76 76.68
C ASN H 616 -1.75 10.22 76.87
N PHE H 617 -0.88 10.48 77.84
CA PHE H 617 -0.43 11.84 78.13
C PHE H 617 0.96 11.79 78.73
N VAL H 618 1.86 12.61 78.21
CA VAL H 618 3.22 12.73 78.73
C VAL H 618 3.46 14.19 79.08
N LEU H 619 3.86 14.44 80.33
CA LEU H 619 4.10 15.79 80.82
C LEU H 619 5.61 15.98 81.00
N VAL H 620 6.22 16.70 80.05
CA VAL H 620 7.64 17.01 80.13
C VAL H 620 7.85 18.07 81.20
N LEU H 621 8.61 17.73 82.25
CA LEU H 621 8.90 18.64 83.35
C LEU H 621 10.32 19.15 83.17
N SER H 622 10.44 20.32 82.54
CA SER H 622 11.72 21.01 82.40
C SER H 622 12.09 21.64 83.74
N PRO H 623 13.36 22.07 83.91
CA PRO H 623 13.68 22.93 85.07
C PRO H 623 12.96 24.26 85.00
N GLY H 624 12.01 24.47 85.91
CA GLY H 624 11.13 25.61 85.83
C GLY H 624 9.91 25.38 84.95
N ALA H 625 9.33 24.19 85.00
CA ALA H 625 8.20 23.87 84.14
C ALA H 625 6.90 24.46 84.68
N LEU H 626 6.61 24.21 85.96
CA LEU H 626 5.37 24.66 86.58
C LEU H 626 5.50 26.03 87.24
N ASP H 627 6.42 26.88 86.76
CA ASP H 627 6.56 28.21 87.32
C ASP H 627 5.40 29.11 86.86
N LYS H 628 5.05 29.05 85.58
CA LYS H 628 3.95 29.86 85.06
C LYS H 628 2.58 29.31 85.42
N CYS H 629 2.50 28.05 85.84
CA CYS H 629 1.23 27.49 86.29
C CYS H 629 0.86 27.92 87.70
N MET H 630 1.81 28.45 88.47
CA MET H 630 1.52 28.95 89.81
C MET H 630 0.78 30.27 89.73
N GLN H 631 -0.22 30.44 90.60
CA GLN H 631 -1.08 31.62 90.70
C GLN H 631 -1.80 31.95 89.39
N ASP H 632 -2.12 30.94 88.58
CA ASP H 632 -2.84 31.14 87.33
C ASP H 632 -4.31 30.80 87.57
N HIS H 633 -5.00 31.74 88.21
CA HIS H 633 -6.40 31.56 88.58
C HIS H 633 -7.37 32.06 87.50
N ASP H 634 -6.88 32.25 86.27
CA ASP H 634 -7.73 32.69 85.17
C ASP H 634 -7.68 31.76 83.96
N CYS H 635 -6.90 30.68 84.02
CA CYS H 635 -6.74 29.67 82.96
C CYS H 635 -6.25 30.32 81.66
N LYS H 636 -5.03 30.84 81.75
CA LYS H 636 -4.39 31.53 80.62
C LYS H 636 -3.17 30.79 80.10
N ASP H 637 -2.42 30.12 80.98
CA ASP H 637 -1.24 29.40 80.53
C ASP H 637 -1.63 28.11 79.82
N TRP H 638 -0.95 27.84 78.70
CA TRP H 638 -1.34 26.72 77.84
C TRP H 638 -0.99 25.37 78.44
N VAL H 639 0.12 25.30 79.20
CA VAL H 639 0.46 24.07 79.91
C VAL H 639 -0.57 23.80 81.01
N HIS H 640 -1.05 24.87 81.65
CA HIS H 640 -2.12 24.74 82.63
C HIS H 640 -3.41 24.27 81.98
N LYS H 641 -3.69 24.75 80.76
CA LYS H 641 -4.86 24.29 80.02
C LYS H 641 -4.73 22.81 79.67
N ALA H 642 -3.53 22.37 79.30
CA ALA H 642 -3.31 20.97 78.99
C ALA H 642 -3.45 20.08 80.22
N ILE H 643 -2.99 20.55 81.38
CA ILE H 643 -3.10 19.77 82.60
C ILE H 643 -4.56 19.69 83.06
N VAL H 644 -5.30 20.80 82.97
CA VAL H 644 -6.72 20.80 83.34
C VAL H 644 -7.54 19.92 82.40
N THR H 645 -7.21 19.95 81.09
CA THR H 645 -7.92 19.13 80.13
C THR H 645 -7.60 17.65 80.32
N ALA H 646 -6.35 17.33 80.66
CA ALA H 646 -5.97 15.94 80.89
C ALA H 646 -6.57 15.39 82.17
N LEU H 647 -6.71 16.23 83.20
CA LEU H 647 -7.39 15.81 84.42
C LEU H 647 -8.89 15.74 84.25
N SER H 648 -9.47 16.53 83.33
CA SER H 648 -10.88 16.39 83.03
C SER H 648 -11.15 15.12 82.23
N CYS H 649 -10.22 14.73 81.36
CA CYS H 649 -10.35 13.48 80.63
C CYS H 649 -10.05 12.27 81.51
N GLY H 650 -9.08 12.38 82.41
CA GLY H 650 -8.69 11.24 83.22
C GLY H 650 -7.72 10.30 82.55
N LYS H 651 -6.88 10.78 81.65
CA LYS H 651 -5.97 9.92 80.91
C LYS H 651 -4.76 9.55 81.77
N ASN H 652 -3.95 8.64 81.25
CA ASN H 652 -2.76 8.18 81.94
C ASN H 652 -1.64 9.22 81.86
N ILE H 653 -1.47 9.99 82.92
CA ILE H 653 -0.46 11.04 82.94
C ILE H 653 0.87 10.45 83.36
N VAL H 654 1.87 10.51 82.48
CA VAL H 654 3.21 10.01 82.77
C VAL H 654 4.17 11.18 82.75
N PRO H 655 4.56 11.72 83.92
CA PRO H 655 5.51 12.83 83.94
C PRO H 655 6.92 12.37 83.64
N ILE H 656 7.68 13.26 82.99
CA ILE H 656 9.08 13.04 82.68
C ILE H 656 9.88 14.15 83.34
N ILE H 657 10.72 13.79 84.31
CA ILE H 657 11.45 14.76 85.12
C ILE H 657 12.88 14.83 84.61
N ASP H 658 13.32 16.03 84.24
CA ASP H 658 14.69 16.29 83.81
C ASP H 658 15.27 17.32 84.77
N GLY H 659 15.74 16.86 85.93
CA GLY H 659 16.34 17.71 86.94
C GLY H 659 15.40 18.75 87.52
N PHE H 660 14.22 18.33 87.96
CA PHE H 660 13.20 19.26 88.45
C PHE H 660 12.61 18.75 89.74
N GLU H 661 12.62 19.59 90.77
CA GLU H 661 12.08 19.21 92.08
C GLU H 661 10.56 19.31 92.06
N TRP H 662 9.93 18.48 92.88
CA TRP H 662 8.47 18.45 92.96
C TRP H 662 7.96 19.70 93.67
N PRO H 663 7.04 20.47 93.08
CA PRO H 663 6.56 21.69 93.71
C PRO H 663 5.57 21.41 94.84
N GLU H 664 5.17 22.50 95.50
CA GLU H 664 4.24 22.38 96.61
C GLU H 664 2.81 22.20 96.10
N PRO H 665 1.96 21.48 96.84
CA PRO H 665 0.56 21.34 96.41
C PRO H 665 -0.25 22.61 96.62
N GLN H 666 0.09 23.42 97.62
CA GLN H 666 -0.74 24.56 97.97
C GLN H 666 -0.49 25.78 97.09
N VAL H 667 0.64 25.83 96.37
CA VAL H 667 0.93 26.98 95.52
C VAL H 667 0.27 26.88 94.15
N LEU H 668 -0.29 25.72 93.80
CA LEU H 668 -0.98 25.47 92.55
C LEU H 668 -2.49 25.59 92.74
N PRO H 669 -3.22 25.97 91.70
CA PRO H 669 -4.70 26.00 91.80
C PRO H 669 -5.28 24.61 91.97
N GLU H 670 -6.53 24.56 92.45
CA GLU H 670 -7.13 23.30 92.86
C GLU H 670 -7.52 22.41 91.68
N ASP H 671 -7.55 22.96 90.47
CA ASP H 671 -7.85 22.16 89.29
C ASP H 671 -6.62 21.44 88.71
N MET H 672 -5.46 21.55 89.37
CA MET H 672 -4.27 20.86 88.91
C MET H 672 -3.45 20.21 90.02
N GLN H 673 -3.99 20.12 91.24
CA GLN H 673 -3.25 19.56 92.36
C GLN H 673 -3.14 18.04 92.33
N ALA H 674 -3.84 17.36 91.42
CA ALA H 674 -3.81 15.92 91.34
C ALA H 674 -2.64 15.39 90.52
N VAL H 675 -1.85 16.27 89.91
CA VAL H 675 -0.74 15.82 89.06
C VAL H 675 0.42 15.30 89.90
N LEU H 676 0.48 15.65 91.18
CA LEU H 676 1.58 15.24 92.05
C LEU H 676 1.44 13.82 92.56
N THR H 677 0.38 13.10 92.20
CA THR H 677 0.14 11.74 92.67
C THR H 677 0.32 10.70 91.57
N PHE H 678 0.98 11.07 90.47
CA PHE H 678 1.24 10.14 89.37
C PHE H 678 2.68 9.66 89.43
N ASN H 679 2.92 8.45 88.93
CA ASN H 679 4.23 7.82 88.97
C ASN H 679 5.08 8.44 87.85
N GLY H 680 5.92 9.41 88.23
CA GLY H 680 6.82 10.02 87.29
C GLY H 680 8.06 9.18 87.04
N ILE H 681 8.72 9.46 85.92
CA ILE H 681 9.90 8.73 85.49
C ILE H 681 11.05 9.71 85.34
N LYS H 682 12.13 9.46 86.08
CA LYS H 682 13.32 10.30 85.96
C LYS H 682 14.04 10.02 84.65
N TRP H 683 14.57 11.06 84.04
CA TRP H 683 15.22 10.98 82.74
C TRP H 683 16.74 10.92 82.90
N SER H 684 17.36 9.99 82.18
CA SER H 684 18.81 9.87 82.13
C SER H 684 19.25 10.13 80.69
N HIS H 685 20.18 11.08 80.52
CA HIS H 685 20.58 11.47 79.17
C HIS H 685 21.54 10.48 78.52
N GLU H 686 22.22 9.65 79.32
CA GLU H 686 23.18 8.69 78.79
C GLU H 686 22.70 7.25 78.88
N TYR H 687 21.49 7.02 79.40
CA TYR H 687 20.89 5.70 79.51
C TYR H 687 19.44 5.76 79.02
N GLN H 688 19.26 6.33 77.82
CA GLN H 688 17.92 6.70 77.35
C GLN H 688 17.09 5.49 76.96
N GLU H 689 17.72 4.40 76.51
CA GLU H 689 16.97 3.28 75.93
C GLU H 689 16.18 2.52 76.99
N ALA H 690 16.78 2.30 78.15
CA ALA H 690 16.07 1.64 79.25
C ALA H 690 14.95 2.52 79.79
N THR H 691 15.14 3.84 79.76
CA THR H 691 14.09 4.76 80.19
C THR H 691 12.92 4.76 79.22
N ILE H 692 13.20 4.70 77.93
CA ILE H 692 12.13 4.63 76.92
C ILE H 692 11.40 3.28 77.01
N GLU H 693 12.13 2.20 77.29
CA GLU H 693 11.47 0.92 77.51
C GLU H 693 10.62 0.92 78.78
N LYS H 694 11.04 1.67 79.81
CA LYS H 694 10.22 1.82 81.02
C LYS H 694 8.97 2.63 80.72
N ILE H 695 9.08 3.62 79.82
CA ILE H 695 7.91 4.38 79.38
C ILE H 695 6.94 3.49 78.61
N ILE H 696 7.46 2.67 77.69
CA ILE H 696 6.63 1.78 76.89
C ILE H 696 5.96 0.72 77.75
N ARG H 697 6.64 0.24 78.81
CA ARG H 697 6.00 -0.66 79.76
C ARG H 697 4.95 0.02 80.63
N PHE H 698 4.88 1.37 80.63
CA PHE H 698 3.91 2.10 81.43
C PHE H 698 2.87 2.81 80.55
N LEU H 699 2.61 2.28 79.36
CA LEU H 699 1.61 2.82 78.47
C LEU H 699 0.68 1.70 77.99
N GLN H 700 -0.36 2.09 77.28
CA GLN H 700 -1.34 1.14 76.75
C GLN H 700 -1.05 0.85 75.27
#